data_8EO8
#
_entry.id   8EO8
#
_cell.length_a   168.088
_cell.length_b   79.468
_cell.length_c   172.173
_cell.angle_alpha   90.000
_cell.angle_beta   95.530
_cell.angle_gamma   90.000
#
_symmetry.space_group_name_H-M   'P 1 21 1'
#
loop_
_entity.id
_entity.type
_entity.pdbx_description
1 polymer 'MHC class I antigen'
2 polymer Beta-2-microglobulin
3 polymer 'Nucleoprotein NP8 epitope'
4 polymer '3180 alpha chain'
5 polymer '3180 beta chain'
6 water water
#
loop_
_entity_poly.entity_id
_entity_poly.type
_entity_poly.pdbx_seq_one_letter_code
_entity_poly.pdbx_strand_id
1 'polypeptide(L)'
;GSHSMRYFYTAMSRPGRGEPRFIAVGYVDDTQFVRFDSDAASPRTEPRAPWIEQEGPEYWDRNTQIFKTNTQTYRESLRN
LRGYYNQSEAGSHIIQRMYGCDLGPDGRLLRGHDQSAYDGKDYIALNEDLSSWTAADTAAQITQRKWEAARVAEQLRAYL
EGLCVEWLRRYLENGKETLQRADPPKTHVTHHPVSDHEATLRCWALGFYPAEITLTWQRDGEDQTQDTELVETRPAGDRT
FQKWAAVVVPSGEEQRYTCHVQHEGLPKPLTLRWEP
;
A,F,K,P
2 'polypeptide(L)'
;MIQRTPKIQVYSRHPAENGKSNFLNCYVSGFHPSDIEVDLLKNGERIEKVEHSDLSFSKDWSFYLLYYTEFTPTEKDEYA
CRVNHVTLSQPKIVKWDRDM
;
B,G,L,Q
3 'polypeptide(L)' LPFDKATIM C,H,M,R
4 'polypeptide(L)'
;SAGENVEQHPSTLSVQEGDSAVIKCTYSDSASNYFPWYKQELGKRPQLIIDIRSNVGEKKDQRIAVTLNKTAKHFSLHIT
ETQPEDSAVYFCAADGGAGSYQLTFGKGTKLSVIPNIQNPDPAVYQLRDSKSSDKSVCLFTDFDSQTNVSQSKDSDVYIT
DKCVLDMRSMDFKSNSAVAWSNKSDFACANAFNNSIIPEDTFFPSP
;
D,I,N,S
5 'polypeptide(L)'
;AVVSQHPSRVICKSGTSVKIECRSLDFQATTMFWYRQFPKQSLMLMATSNEGSKATYEQGVEKDKFLINHASLTLSTLTV
TSAHPEDSSFYICSAGPTSGRTDTQYFGPGTRLTVLEDLKNVFPPEVAVFEPSEAEISHTQKATLVCLATGFYPDHVELS
WWVNGKEVHSGVCTDPQPLKEQPALNDSRYALSSRLRVSATFWQNPRNHFRCQVQFYGLSENDEWTQDRAKPVTQIVSAE
AWGRAD
;
E,J,O,T
#
# COMPACT_ATOMS: atom_id res chain seq x y z
N SER A 2 12.85 33.47 -63.58
CA SER A 2 13.10 33.52 -62.13
C SER A 2 14.48 33.01 -61.73
N HIS A 3 15.03 33.60 -60.66
CA HIS A 3 16.31 33.14 -60.15
C HIS A 3 16.22 31.78 -59.45
N SER A 4 17.31 31.02 -59.43
CA SER A 4 17.34 29.72 -58.81
C SER A 4 18.69 29.40 -58.15
N MET A 5 18.67 28.50 -57.18
CA MET A 5 19.86 27.96 -56.56
C MET A 5 19.77 26.44 -56.66
N ARG A 6 20.89 25.79 -57.03
CA ARG A 6 20.96 24.35 -57.13
C ARG A 6 22.26 23.79 -56.60
N TYR A 7 22.18 22.60 -55.98
CA TYR A 7 23.36 21.84 -55.57
C TYR A 7 23.30 20.52 -56.36
N PHE A 8 24.42 20.08 -56.94
CA PHE A 8 24.54 18.88 -57.73
C PHE A 8 25.52 17.96 -57.04
N TYR A 9 25.08 16.76 -56.61
CA TYR A 9 25.97 15.81 -55.91
C TYR A 9 26.21 14.62 -56.80
N THR A 10 27.40 14.05 -56.75
CA THR A 10 27.77 12.84 -57.48
C THR A 10 28.53 12.01 -56.50
N ALA A 11 28.00 10.80 -56.19
CA ALA A 11 28.64 9.84 -55.29
C ALA A 11 28.91 8.62 -56.18
N MET A 12 30.16 8.19 -56.25
N MET A 12 30.17 8.18 -56.27
CA MET A 12 30.54 7.05 -57.09
CA MET A 12 30.57 7.08 -57.12
C MET A 12 31.33 6.05 -56.28
C MET A 12 31.39 6.05 -56.35
N SER A 13 30.96 4.77 -56.37
CA SER A 13 31.74 3.71 -55.71
C SER A 13 32.85 3.31 -56.69
N ARG A 14 33.95 2.83 -56.17
CA ARG A 14 35.09 2.43 -56.99
C ARG A 14 35.74 1.26 -56.26
N PRO A 15 35.20 0.04 -56.50
CA PRO A 15 35.70 -1.17 -55.81
C PRO A 15 37.21 -1.36 -55.62
N GLY A 16 38.01 -1.02 -56.63
CA GLY A 16 39.46 -1.16 -56.52
C GLY A 16 40.24 0.14 -56.46
N ARG A 17 39.73 1.15 -55.68
CA ARG A 17 40.33 2.47 -55.45
C ARG A 17 39.88 3.06 -54.09
N GLY A 18 39.92 2.23 -53.07
CA GLY A 18 39.54 2.65 -51.73
C GLY A 18 38.04 2.80 -51.51
N GLU A 19 37.61 3.96 -50.93
CA GLU A 19 36.21 4.23 -50.57
C GLU A 19 35.52 5.19 -51.58
N PRO A 20 34.17 5.33 -51.56
CA PRO A 20 33.49 6.18 -52.56
C PRO A 20 33.86 7.67 -52.61
N ARG A 21 33.83 8.20 -53.81
CA ARG A 21 34.13 9.57 -54.06
C ARG A 21 32.85 10.37 -54.07
N PHE A 22 32.86 11.53 -53.36
CA PHE A 22 31.73 12.45 -53.31
C PHE A 22 32.16 13.81 -53.82
N ILE A 23 31.43 14.33 -54.79
CA ILE A 23 31.63 15.63 -55.40
C ILE A 23 30.34 16.43 -55.28
N ALA A 24 30.44 17.71 -54.88
CA ALA A 24 29.31 18.63 -54.83
C ALA A 24 29.70 19.92 -55.54
N VAL A 25 28.80 20.48 -56.32
CA VAL A 25 28.97 21.79 -56.96
C VAL A 25 27.67 22.56 -56.68
N GLY A 26 27.78 23.88 -56.51
CA GLY A 26 26.61 24.72 -56.31
C GLY A 26 26.51 25.75 -57.40
N TYR A 27 25.27 26.14 -57.78
CA TYR A 27 25.02 27.15 -58.79
C TYR A 27 23.95 28.13 -58.34
N VAL A 28 24.09 29.39 -58.78
CA VAL A 28 23.07 30.43 -58.66
C VAL A 28 22.80 30.66 -60.13
N ASP A 29 21.60 30.32 -60.60
CA ASP A 29 21.23 30.39 -62.01
C ASP A 29 22.26 29.57 -62.81
N ASP A 30 22.93 30.20 -63.80
CA ASP A 30 23.94 29.52 -64.60
C ASP A 30 25.34 29.81 -64.18
N THR A 31 25.54 30.33 -62.95
CA THR A 31 26.87 30.63 -62.43
C THR A 31 27.26 29.66 -61.29
N GLN A 32 28.36 28.92 -61.45
CA GLN A 32 28.87 28.03 -60.42
C GLN A 32 29.58 28.86 -59.35
N PHE A 33 29.35 28.59 -58.05
CA PHE A 33 29.98 29.40 -57.00
C PHE A 33 30.76 28.61 -55.96
N VAL A 34 30.60 27.26 -55.86
CA VAL A 34 31.28 26.36 -54.89
C VAL A 34 31.59 25.01 -55.47
N ARG A 35 32.56 24.32 -54.85
CA ARG A 35 32.87 22.96 -55.18
C ARG A 35 33.41 22.26 -53.93
N PHE A 36 33.27 20.95 -53.89
CA PHE A 36 33.83 20.10 -52.85
C PHE A 36 34.10 18.80 -53.53
N ASP A 37 35.23 18.19 -53.20
CA ASP A 37 35.62 16.90 -53.75
C ASP A 37 36.28 16.15 -52.61
N SER A 38 35.70 15.00 -52.20
CA SER A 38 36.21 14.19 -51.08
C SER A 38 37.56 13.55 -51.37
N ASP A 39 37.99 13.49 -52.64
CA ASP A 39 39.25 12.86 -53.07
C ASP A 39 40.50 13.72 -52.74
N ALA A 40 40.80 13.86 -51.44
CA ALA A 40 41.92 14.59 -50.85
C ALA A 40 42.08 14.12 -49.39
N ALA A 41 43.29 14.29 -48.81
CA ALA A 41 43.58 13.90 -47.42
C ALA A 41 42.75 14.74 -46.44
N SER A 42 42.67 16.05 -46.72
CA SER A 42 41.87 17.02 -45.94
C SER A 42 40.95 17.79 -46.92
N PRO A 43 39.84 17.18 -47.43
CA PRO A 43 38.99 17.91 -48.38
C PRO A 43 38.31 19.13 -47.75
N ARG A 44 38.16 20.19 -48.54
CA ARG A 44 37.56 21.44 -48.11
C ARG A 44 36.70 22.02 -49.20
N THR A 45 35.68 22.78 -48.84
CA THR A 45 34.82 23.47 -49.79
C THR A 45 35.62 24.65 -50.35
N GLU A 46 35.50 24.92 -51.65
CA GLU A 46 36.25 25.99 -52.29
C GLU A 46 35.40 26.97 -53.05
N PRO A 47 35.73 28.30 -53.03
CA PRO A 47 34.95 29.27 -53.84
C PRO A 47 35.23 29.09 -55.35
N ARG A 48 34.24 29.44 -56.19
CA ARG A 48 34.33 29.32 -57.64
C ARG A 48 33.74 30.53 -58.38
N ALA A 49 33.28 31.53 -57.61
CA ALA A 49 32.76 32.81 -58.11
C ALA A 49 33.33 33.90 -57.19
N PRO A 50 33.67 35.10 -57.73
CA PRO A 50 34.28 36.13 -56.85
C PRO A 50 33.40 36.63 -55.71
N TRP A 51 32.08 36.75 -55.91
CA TRP A 51 31.13 37.26 -54.93
C TRP A 51 30.91 36.34 -53.72
N ILE A 52 31.44 35.09 -53.73
CA ILE A 52 31.29 34.17 -52.59
C ILE A 52 32.53 34.23 -51.67
N GLU A 53 33.65 34.80 -52.18
CA GLU A 53 34.90 34.98 -51.41
C GLU A 53 34.70 35.92 -50.18
N GLN A 54 33.63 36.74 -50.20
CA GLN A 54 33.16 37.65 -49.14
C GLN A 54 32.76 36.88 -47.88
N GLU A 55 32.36 35.61 -48.03
CA GLU A 55 31.94 34.79 -46.90
C GLU A 55 33.18 34.44 -46.09
N GLY A 56 33.05 34.52 -44.79
CA GLY A 56 34.17 34.26 -43.89
C GLY A 56 34.51 32.79 -43.68
N PRO A 57 35.53 32.51 -42.83
CA PRO A 57 35.94 31.10 -42.59
C PRO A 57 34.85 30.18 -42.03
N GLU A 58 33.95 30.72 -41.19
CA GLU A 58 32.90 29.93 -40.57
C GLU A 58 31.92 29.37 -41.64
N TYR A 59 31.70 30.10 -42.74
CA TYR A 59 30.85 29.68 -43.82
C TYR A 59 31.50 28.45 -44.51
N TRP A 60 32.83 28.51 -44.73
CA TRP A 60 33.58 27.43 -45.39
C TRP A 60 33.62 26.20 -44.53
N ASP A 61 33.79 26.35 -43.21
CA ASP A 61 33.79 25.23 -42.26
C ASP A 61 32.39 24.57 -42.19
N ARG A 62 31.32 25.37 -42.23
CA ARG A 62 29.94 24.93 -42.16
C ARG A 62 29.61 24.03 -43.39
N ASN A 63 30.06 24.48 -44.58
CA ASN A 63 29.90 23.76 -45.85
C ASN A 63 30.67 22.46 -45.86
N THR A 64 31.93 22.51 -45.45
CA THR A 64 32.83 21.36 -45.37
C THR A 64 32.22 20.28 -44.48
N GLN A 65 31.70 20.66 -43.30
CA GLN A 65 31.06 19.74 -42.34
C GLN A 65 29.82 19.04 -42.98
N ILE A 66 29.00 19.79 -43.70
CA ILE A 66 27.85 19.24 -44.43
C ILE A 66 28.33 18.21 -45.49
N PHE A 67 29.35 18.55 -46.31
CA PHE A 67 29.80 17.69 -47.40
C PHE A 67 30.57 16.47 -46.88
N LYS A 68 31.16 16.56 -45.70
CA LYS A 68 31.79 15.41 -45.07
C LYS A 68 30.69 14.44 -44.55
N THR A 69 29.56 14.98 -44.07
CA THR A 69 28.44 14.16 -43.63
C THR A 69 27.91 13.39 -44.87
N ASN A 70 27.77 14.08 -45.98
CA ASN A 70 27.31 13.52 -47.23
C ASN A 70 28.23 12.42 -47.76
N THR A 71 29.55 12.57 -47.60
CA THR A 71 30.49 11.55 -48.07
C THR A 71 30.19 10.23 -47.33
N GLN A 72 30.02 10.31 -46.01
CA GLN A 72 29.73 9.18 -45.16
C GLN A 72 28.35 8.55 -45.49
N THR A 73 27.36 9.38 -45.65
CA THR A 73 25.99 9.00 -45.88
C THR A 73 25.82 8.31 -47.27
N TYR A 74 26.52 8.84 -48.30
CA TYR A 74 26.47 8.29 -49.64
C TYR A 74 27.23 7.00 -49.75
N ARG A 75 28.23 6.79 -48.90
CA ARG A 75 28.96 5.53 -48.84
C ARG A 75 27.96 4.39 -48.45
N GLU A 76 27.10 4.69 -47.45
CA GLU A 76 26.11 3.72 -46.98
C GLU A 76 24.98 3.59 -47.95
N SER A 77 24.57 4.68 -48.59
CA SER A 77 23.48 4.59 -49.57
C SER A 77 23.92 3.72 -50.78
N LEU A 78 25.18 3.93 -51.25
CA LEU A 78 25.71 3.13 -52.34
C LEU A 78 25.68 1.63 -51.99
N ARG A 79 26.06 1.29 -50.75
CA ARG A 79 26.05 -0.09 -50.27
C ARG A 79 24.61 -0.62 -50.21
N ASN A 80 23.69 0.18 -49.71
CA ASN A 80 22.28 -0.22 -49.62
C ASN A 80 21.64 -0.46 -50.99
N LEU A 81 21.90 0.43 -51.97
CA LEU A 81 21.33 0.34 -53.32
C LEU A 81 21.87 -0.87 -54.06
N ARG A 82 23.11 -1.24 -53.80
CA ARG A 82 23.75 -2.41 -54.37
C ARG A 82 23.00 -3.67 -53.89
N GLY A 83 22.58 -3.69 -52.62
CA GLY A 83 21.80 -4.76 -52.02
C GLY A 83 20.40 -4.82 -52.60
N TYR A 84 19.72 -3.67 -52.83
CA TYR A 84 18.36 -3.66 -53.41
C TYR A 84 18.30 -4.27 -54.81
N TYR A 85 19.34 -4.03 -55.60
CA TYR A 85 19.49 -4.48 -56.97
C TYR A 85 20.32 -5.75 -57.04
N ASN A 86 20.68 -6.33 -55.90
CA ASN A 86 21.47 -7.57 -55.89
C ASN A 86 22.74 -7.46 -56.83
N GLN A 87 23.43 -6.29 -56.77
CA GLN A 87 24.62 -6.06 -57.59
C GLN A 87 25.87 -6.51 -56.87
N SER A 88 26.88 -6.89 -57.64
CA SER A 88 28.17 -7.33 -57.14
C SER A 88 28.93 -6.14 -56.57
N GLU A 89 29.81 -6.41 -55.61
CA GLU A 89 30.66 -5.37 -55.02
C GLU A 89 31.86 -5.00 -55.96
N ALA A 90 32.07 -5.76 -57.05
CA ALA A 90 33.12 -5.53 -58.06
C ALA A 90 32.75 -4.42 -59.04
N GLY A 91 31.47 -4.08 -59.15
CA GLY A 91 31.03 -3.05 -60.08
C GLY A 91 31.01 -1.67 -59.47
N SER A 92 31.19 -0.65 -60.30
CA SER A 92 31.20 0.73 -59.89
C SER A 92 29.82 1.33 -60.15
N HIS A 93 29.23 2.04 -59.15
CA HIS A 93 27.90 2.62 -59.32
C HIS A 93 27.92 4.05 -58.91
N ILE A 94 26.93 4.83 -59.36
CA ILE A 94 26.81 6.27 -59.16
C ILE A 94 25.43 6.66 -58.68
N ILE A 95 25.38 7.48 -57.62
CA ILE A 95 24.16 8.13 -57.18
C ILE A 95 24.39 9.61 -57.48
N GLN A 96 23.40 10.25 -58.07
CA GLN A 96 23.43 11.68 -58.34
C GLN A 96 22.24 12.30 -57.65
N ARG A 97 22.39 13.53 -57.22
CA ARG A 97 21.29 14.24 -56.62
C ARG A 97 21.31 15.71 -57.06
N MET A 98 20.13 16.26 -57.31
CA MET A 98 19.96 17.66 -57.65
C MET A 98 18.89 18.22 -56.73
N TYR A 99 19.18 19.28 -55.98
CA TYR A 99 18.13 19.91 -55.18
C TYR A 99 18.28 21.42 -55.21
N GLY A 100 17.20 22.12 -54.88
CA GLY A 100 17.29 23.57 -54.82
C GLY A 100 15.98 24.30 -54.94
N CYS A 101 16.06 25.65 -54.94
CA CYS A 101 14.85 26.51 -54.98
C CYS A 101 14.78 27.42 -56.18
N ASP A 102 13.56 27.77 -56.61
CA ASP A 102 13.26 28.77 -57.64
C ASP A 102 12.61 29.94 -56.92
N LEU A 103 13.14 31.14 -57.13
CA LEU A 103 12.65 32.35 -56.47
C LEU A 103 11.58 33.00 -57.34
N GLY A 104 10.59 33.65 -56.73
CA GLY A 104 9.55 34.36 -57.46
C GLY A 104 9.99 35.80 -57.76
N PRO A 105 9.09 36.67 -58.33
CA PRO A 105 9.49 38.09 -58.59
C PRO A 105 9.80 38.85 -57.30
N ASP A 106 9.09 38.46 -56.25
CA ASP A 106 9.24 38.80 -54.84
C ASP A 106 10.42 37.92 -54.35
N GLY A 107 10.60 37.77 -53.04
CA GLY A 107 11.70 36.93 -52.59
C GLY A 107 11.19 35.63 -52.02
N ARG A 108 10.10 35.12 -52.63
CA ARG A 108 9.34 33.95 -52.20
C ARG A 108 9.69 32.68 -52.93
N LEU A 109 9.63 31.52 -52.19
CA LEU A 109 9.80 30.21 -52.84
C LEU A 109 8.67 30.06 -53.86
N LEU A 110 9.06 29.84 -55.13
CA LEU A 110 8.14 29.65 -56.23
C LEU A 110 7.97 28.14 -56.46
N ARG A 111 9.09 27.40 -56.42
CA ARG A 111 9.11 25.96 -56.61
C ARG A 111 10.36 25.38 -55.94
N GLY A 112 10.20 24.29 -55.19
CA GLY A 112 11.30 23.56 -54.57
C GLY A 112 11.55 22.27 -55.31
N HIS A 113 12.79 21.73 -55.25
CA HIS A 113 13.17 20.50 -55.96
C HIS A 113 14.11 19.64 -55.12
N ASP A 114 14.07 18.33 -55.36
CA ASP A 114 14.97 17.32 -54.76
C ASP A 114 14.82 16.03 -55.51
N GLN A 115 15.76 15.75 -56.40
CA GLN A 115 15.73 14.55 -57.24
C GLN A 115 16.99 13.75 -57.09
N SER A 116 16.87 12.41 -57.10
CA SER A 116 18.02 11.50 -57.07
C SER A 116 17.97 10.55 -58.25
N ALA A 117 19.14 10.10 -58.71
CA ALA A 117 19.30 9.14 -59.79
C ALA A 117 20.22 8.04 -59.37
N TYR A 118 20.06 6.85 -59.96
CA TYR A 118 20.97 5.74 -59.72
C TYR A 118 21.39 5.26 -61.08
N ASP A 119 22.71 5.18 -61.31
CA ASP A 119 23.32 4.77 -62.58
C ASP A 119 22.72 5.49 -63.79
N GLY A 120 22.46 6.79 -63.63
CA GLY A 120 21.97 7.64 -64.70
C GLY A 120 20.49 7.65 -64.95
N LYS A 121 19.70 6.97 -64.11
CA LYS A 121 18.25 6.93 -64.28
C LYS A 121 17.54 7.47 -63.06
N ASP A 122 16.39 8.13 -63.25
CA ASP A 122 15.55 8.65 -62.18
C ASP A 122 15.38 7.56 -61.11
N TYR A 123 15.51 7.94 -59.83
CA TYR A 123 15.39 6.98 -58.75
C TYR A 123 14.26 7.38 -57.85
N ILE A 124 14.35 8.53 -57.22
CA ILE A 124 13.30 9.09 -56.32
C ILE A 124 13.30 10.60 -56.46
N ALA A 125 12.12 11.23 -56.46
CA ALA A 125 12.03 12.68 -56.56
C ALA A 125 10.98 13.19 -55.63
N LEU A 126 11.22 14.34 -55.06
CA LEU A 126 10.27 14.98 -54.18
C LEU A 126 9.22 15.67 -55.06
N ASN A 127 7.94 15.48 -54.76
CA ASN A 127 6.86 16.10 -55.54
C ASN A 127 6.73 17.59 -55.26
N GLU A 128 6.04 18.30 -56.16
CA GLU A 128 5.75 19.73 -56.12
C GLU A 128 5.15 20.21 -54.80
N ASP A 129 4.32 19.38 -54.15
CA ASP A 129 3.70 19.68 -52.84
C ASP A 129 4.76 19.73 -51.71
N LEU A 130 6.00 19.22 -51.99
CA LEU A 130 7.13 19.16 -51.04
C LEU A 130 6.77 18.33 -49.82
N SER A 131 5.90 17.35 -49.99
CA SER A 131 5.46 16.52 -48.87
C SER A 131 5.30 15.04 -49.22
N SER A 132 5.50 14.67 -50.50
CA SER A 132 5.37 13.29 -50.97
C SER A 132 6.43 13.00 -52.02
N TRP A 133 6.68 11.71 -52.31
CA TRP A 133 7.70 11.26 -53.23
C TRP A 133 7.16 10.50 -54.43
N THR A 134 7.97 10.44 -55.50
CA THR A 134 7.70 9.61 -56.67
C THR A 134 8.93 8.71 -56.79
N ALA A 135 8.70 7.39 -56.63
CA ALA A 135 9.73 6.37 -56.70
C ALA A 135 9.70 5.71 -58.10
N ALA A 136 10.86 5.50 -58.72
CA ALA A 136 10.95 4.91 -60.06
C ALA A 136 10.65 3.43 -60.11
N ASP A 137 10.97 2.69 -59.03
CA ASP A 137 10.78 1.23 -58.98
C ASP A 137 10.62 0.82 -57.52
N THR A 138 10.62 -0.49 -57.21
CA THR A 138 10.44 -0.94 -55.82
C THR A 138 11.70 -0.70 -54.94
N ALA A 139 12.91 -0.68 -55.50
CA ALA A 139 14.13 -0.38 -54.73
C ALA A 139 14.01 1.05 -54.13
N ALA A 140 13.52 1.99 -54.96
CA ALA A 140 13.25 3.39 -54.66
C ALA A 140 12.13 3.56 -53.64
N GLN A 141 11.20 2.59 -53.61
CA GLN A 141 10.09 2.53 -52.61
C GLN A 141 10.62 2.06 -51.25
N ILE A 142 11.75 1.32 -51.20
CA ILE A 142 12.42 0.98 -49.92
C ILE A 142 13.02 2.30 -49.38
N THR A 143 13.75 3.06 -50.24
CA THR A 143 14.30 4.37 -49.89
C THR A 143 13.16 5.30 -49.42
N GLN A 144 12.05 5.37 -50.19
CA GLN A 144 10.88 6.19 -49.85
C GLN A 144 10.34 5.85 -48.45
N ARG A 145 10.23 4.55 -48.14
CA ARG A 145 9.75 4.12 -46.83
C ARG A 145 10.69 4.63 -45.72
N LYS A 146 12.01 4.49 -45.92
CA LYS A 146 13.00 5.01 -44.95
C LYS A 146 12.87 6.55 -44.81
N TRP A 147 12.69 7.28 -45.95
CA TRP A 147 12.60 8.75 -45.97
C TRP A 147 11.30 9.29 -45.39
N GLU A 148 10.23 8.48 -45.44
CA GLU A 148 8.94 8.87 -44.86
C GLU A 148 9.03 8.68 -43.37
N ALA A 149 9.68 7.59 -42.90
CA ALA A 149 9.86 7.34 -41.46
C ALA A 149 10.77 8.41 -40.81
N ALA A 150 11.77 8.91 -41.55
CA ALA A 150 12.73 9.94 -41.12
C ALA A 150 12.19 11.35 -41.37
N ARG A 151 11.04 11.47 -42.04
CA ARG A 151 10.35 12.73 -42.36
C ARG A 151 11.24 13.71 -43.17
N VAL A 152 12.00 13.15 -44.14
CA VAL A 152 12.90 13.88 -45.04
C VAL A 152 12.16 14.98 -45.83
N ALA A 153 10.93 14.71 -46.29
CA ALA A 153 10.14 15.70 -47.07
C ALA A 153 9.86 16.96 -46.22
N GLU A 154 9.59 16.80 -44.92
CA GLU A 154 9.34 17.89 -43.96
C GLU A 154 10.65 18.68 -43.73
N GLN A 155 11.78 17.99 -43.55
CA GLN A 155 13.09 18.63 -43.39
C GLN A 155 13.41 19.46 -44.65
N LEU A 156 13.17 18.91 -45.85
CA LEU A 156 13.41 19.61 -47.10
C LEU A 156 12.53 20.81 -47.29
N ARG A 157 11.25 20.67 -47.00
CA ARG A 157 10.28 21.76 -47.11
C ARG A 157 10.70 22.94 -46.21
N ALA A 158 11.16 22.68 -44.97
CA ALA A 158 11.60 23.75 -44.07
C ALA A 158 12.89 24.40 -44.62
N TYR A 159 13.78 23.61 -45.27
CA TYR A 159 15.01 24.14 -45.88
C TYR A 159 14.69 24.98 -47.10
N LEU A 160 13.90 24.42 -48.02
CA LEU A 160 13.54 25.08 -49.29
C LEU A 160 12.76 26.41 -49.07
N GLU A 161 11.81 26.43 -48.11
CA GLU A 161 11.02 27.61 -47.80
C GLU A 161 11.78 28.65 -46.98
N GLY A 162 12.82 28.21 -46.26
CA GLY A 162 13.61 29.06 -45.38
C GLY A 162 14.99 29.40 -45.91
N LEU A 163 16.01 28.71 -45.37
CA LEU A 163 17.42 28.93 -45.72
C LEU A 163 17.73 28.94 -47.19
N CYS A 164 17.11 28.07 -48.00
CA CYS A 164 17.43 28.05 -49.45
C CYS A 164 17.14 29.42 -50.11
N VAL A 165 15.94 29.99 -49.87
CA VAL A 165 15.58 31.26 -50.51
C VAL A 165 16.30 32.44 -49.86
N GLU A 166 16.54 32.39 -48.54
CA GLU A 166 17.28 33.44 -47.83
C GLU A 166 18.72 33.54 -48.31
N TRP A 167 19.43 32.39 -48.46
CA TRP A 167 20.80 32.40 -48.93
C TRP A 167 20.88 32.77 -50.41
N LEU A 168 19.94 32.30 -51.23
CA LEU A 168 19.87 32.68 -52.65
C LEU A 168 19.73 34.24 -52.76
N ARG A 169 18.83 34.85 -51.98
CA ARG A 169 18.63 36.32 -51.97
C ARG A 169 19.91 37.05 -51.56
N ARG A 170 20.64 36.54 -50.55
CA ARG A 170 21.92 37.10 -50.11
C ARG A 170 22.95 37.03 -51.25
N TYR A 171 23.04 35.87 -51.95
CA TYR A 171 23.97 35.68 -53.08
C TYR A 171 23.67 36.63 -54.22
N LEU A 172 22.37 36.80 -54.56
CA LEU A 172 21.90 37.69 -55.63
C LEU A 172 22.24 39.14 -55.31
N GLU A 173 22.19 39.54 -54.03
CA GLU A 173 22.57 40.87 -53.60
C GLU A 173 24.10 41.05 -53.67
N ASN A 174 24.88 40.14 -53.07
CA ASN A 174 26.36 40.17 -53.09
C ASN A 174 26.97 40.12 -54.49
N GLY A 175 26.33 39.42 -55.41
CA GLY A 175 26.81 39.35 -56.78
C GLY A 175 25.90 40.03 -57.78
N LYS A 176 25.08 41.05 -57.34
CA LYS A 176 24.10 41.74 -58.23
C LYS A 176 24.69 42.29 -59.51
N GLU A 177 25.93 42.82 -59.48
CA GLU A 177 26.54 43.41 -60.69
C GLU A 177 26.71 42.41 -61.83
N THR A 178 26.77 41.13 -61.51
CA THR A 178 26.94 40.06 -62.50
C THR A 178 25.70 39.14 -62.59
N LEU A 179 25.18 38.68 -61.45
CA LEU A 179 24.03 37.78 -61.36
C LEU A 179 22.71 38.42 -61.75
N GLN A 180 22.55 39.74 -61.54
CA GLN A 180 21.31 40.44 -61.85
C GLN A 180 21.40 41.29 -63.15
N ARG A 181 22.41 41.00 -63.98
CA ARG A 181 22.64 41.66 -65.26
C ARG A 181 22.51 40.67 -66.41
N ALA A 182 21.48 40.83 -67.25
CA ALA A 182 21.33 39.96 -68.41
C ALA A 182 22.20 40.52 -69.55
N ASP A 183 23.07 39.67 -70.12
CA ASP A 183 23.94 40.01 -71.24
C ASP A 183 23.22 39.56 -72.52
N PRO A 184 22.70 40.51 -73.34
CA PRO A 184 22.02 40.10 -74.58
C PRO A 184 22.99 39.46 -75.58
N PRO A 185 22.50 38.55 -76.45
CA PRO A 185 23.41 37.94 -77.44
C PRO A 185 23.82 38.90 -78.56
N LYS A 186 25.09 38.79 -78.98
CA LYS A 186 25.65 39.53 -80.10
C LYS A 186 25.39 38.58 -81.27
N THR A 187 24.46 38.97 -82.15
CA THR A 187 24.00 38.10 -83.24
C THR A 187 24.54 38.48 -84.63
N HIS A 188 24.58 37.48 -85.54
CA HIS A 188 25.00 37.58 -86.94
C HIS A 188 24.69 36.28 -87.70
N VAL A 189 24.48 36.39 -89.03
CA VAL A 189 24.17 35.25 -89.91
C VAL A 189 25.32 35.07 -90.89
N THR A 190 25.90 33.86 -90.95
CA THR A 190 26.98 33.49 -91.87
C THR A 190 26.41 32.61 -92.99
N HIS A 191 27.12 32.49 -94.12
CA HIS A 191 26.72 31.75 -95.31
C HIS A 191 27.85 30.78 -95.71
N HIS A 192 27.52 29.49 -95.90
CA HIS A 192 28.51 28.44 -96.24
C HIS A 192 28.06 27.47 -97.35
N PRO A 193 28.56 27.62 -98.60
CA PRO A 193 28.16 26.69 -99.67
C PRO A 193 28.61 25.25 -99.41
N VAL A 194 27.67 24.29 -99.50
CA VAL A 194 27.96 22.87 -99.26
C VAL A 194 28.11 22.12 -100.59
N SER A 195 27.46 22.66 -101.64
CA SER A 195 27.46 22.18 -103.02
C SER A 195 27.32 23.42 -103.95
N ASP A 196 27.18 23.18 -105.27
CA ASP A 196 27.05 24.25 -106.26
C ASP A 196 25.73 25.00 -106.17
N HIS A 197 24.60 24.31 -105.92
CA HIS A 197 23.32 24.99 -105.86
C HIS A 197 22.53 24.76 -104.52
N GLU A 198 23.28 24.71 -103.38
CA GLU A 198 22.78 24.65 -101.99
C GLU A 198 23.88 25.09 -100.97
N ALA A 199 23.54 26.13 -100.16
CA ALA A 199 24.39 26.76 -99.15
C ALA A 199 23.73 26.83 -97.76
N THR A 200 24.51 26.49 -96.71
CA THR A 200 24.03 26.52 -95.31
C THR A 200 24.05 27.94 -94.72
N LEU A 201 22.94 28.34 -94.10
CA LEU A 201 22.81 29.64 -93.43
C LEU A 201 22.91 29.39 -91.93
N ARG A 202 23.91 29.99 -91.27
CA ARG A 202 24.14 29.79 -89.83
C ARG A 202 23.88 31.02 -89.00
N CYS A 203 22.87 30.96 -88.14
CA CYS A 203 22.52 32.05 -87.26
C CYS A 203 23.27 31.89 -85.91
N TRP A 204 24.09 32.89 -85.56
CA TRP A 204 24.90 32.90 -84.36
C TRP A 204 24.36 33.75 -83.23
N ALA A 205 24.44 33.22 -81.97
CA ALA A 205 24.09 33.96 -80.74
C ALA A 205 25.34 33.82 -79.83
N LEU A 206 25.98 34.94 -79.50
CA LEU A 206 27.23 34.92 -78.74
C LEU A 206 27.26 35.88 -77.57
N GLY A 207 28.09 35.55 -76.56
CA GLY A 207 28.29 36.34 -75.35
C GLY A 207 27.05 36.61 -74.52
N PHE A 208 26.05 35.70 -74.56
CA PHE A 208 24.84 35.90 -73.78
C PHE A 208 24.85 35.22 -72.39
N TYR A 209 24.09 35.81 -71.45
CA TYR A 209 23.88 35.33 -70.09
C TYR A 209 22.50 35.83 -69.65
N PRO A 210 21.60 34.97 -69.11
CA PRO A 210 21.75 33.51 -68.83
C PRO A 210 21.69 32.64 -70.09
N ALA A 211 21.91 31.31 -69.91
CA ALA A 211 21.95 30.31 -70.99
C ALA A 211 20.65 30.13 -71.77
N GLU A 212 19.49 30.40 -71.15
CA GLU A 212 18.17 30.28 -71.79
C GLU A 212 18.04 31.19 -73.01
N ILE A 213 17.83 30.59 -74.18
CA ILE A 213 17.71 31.29 -75.47
C ILE A 213 16.85 30.48 -76.46
N THR A 214 16.19 31.17 -77.40
CA THR A 214 15.41 30.53 -78.48
C THR A 214 15.96 31.00 -79.83
N LEU A 215 16.38 30.05 -80.66
CA LEU A 215 16.93 30.26 -81.98
C LEU A 215 16.11 29.45 -82.99
N THR A 216 15.40 30.15 -83.89
CA THR A 216 14.55 29.52 -84.91
C THR A 216 14.75 30.10 -86.31
N TRP A 217 14.69 29.24 -87.35
CA TRP A 217 14.79 29.62 -88.76
C TRP A 217 13.40 29.59 -89.39
N GLN A 218 13.09 30.57 -90.24
CA GLN A 218 11.80 30.69 -90.94
C GLN A 218 11.90 30.93 -92.46
N ARG A 219 11.32 30.00 -93.26
CA ARG A 219 11.26 30.12 -94.73
C ARG A 219 9.97 30.91 -95.06
N ASP A 220 10.11 32.25 -95.23
CA ASP A 220 9.06 33.25 -95.49
C ASP A 220 8.18 33.57 -94.26
N GLY A 221 8.47 32.92 -93.13
CA GLY A 221 7.72 33.10 -91.89
C GLY A 221 7.15 31.82 -91.33
N GLU A 222 7.55 30.67 -91.92
CA GLU A 222 7.11 29.34 -91.49
C GLU A 222 8.24 28.59 -90.80
N ASP A 223 7.97 28.14 -89.55
CA ASP A 223 8.90 27.41 -88.69
C ASP A 223 9.55 26.23 -89.41
N GLN A 224 10.85 26.37 -89.72
CA GLN A 224 11.66 25.37 -90.42
C GLN A 224 12.28 24.37 -89.42
N THR A 225 11.61 24.16 -88.27
CA THR A 225 12.01 23.32 -87.13
C THR A 225 12.46 21.90 -87.54
N GLN A 226 11.81 21.27 -88.54
CA GLN A 226 12.18 19.92 -88.99
C GLN A 226 13.49 19.88 -89.81
N ASP A 227 13.85 21.02 -90.44
CA ASP A 227 15.05 21.16 -91.29
C ASP A 227 16.22 21.96 -90.65
N THR A 228 15.99 22.60 -89.47
CA THR A 228 16.98 23.38 -88.73
C THR A 228 17.89 22.49 -87.88
N GLU A 229 19.22 22.71 -87.97
CA GLU A 229 20.24 22.02 -87.16
C GLU A 229 20.54 22.97 -85.98
N LEU A 230 20.20 22.54 -84.75
CA LEU A 230 20.44 23.34 -83.55
C LEU A 230 21.51 22.68 -82.71
N VAL A 231 22.56 23.44 -82.41
CA VAL A 231 23.64 22.96 -81.57
C VAL A 231 23.29 23.22 -80.10
N GLU A 232 23.73 22.34 -79.22
CA GLU A 232 23.47 22.51 -77.79
C GLU A 232 24.20 23.79 -77.30
N THR A 233 23.52 24.59 -76.45
CA THR A 233 24.08 25.79 -75.85
C THR A 233 25.38 25.39 -75.16
N ARG A 234 26.44 26.17 -75.38
CA ARG A 234 27.77 25.85 -74.87
C ARG A 234 28.37 27.01 -74.11
N PRO A 235 29.20 26.72 -73.09
CA PRO A 235 29.83 27.81 -72.33
C PRO A 235 31.01 28.45 -73.10
N ALA A 236 31.12 29.79 -73.11
CA ALA A 236 32.27 30.46 -73.76
C ALA A 236 33.55 30.33 -72.90
N GLY A 237 33.38 30.07 -71.60
CA GLY A 237 34.47 29.93 -70.63
C GLY A 237 34.69 31.19 -69.79
N ASP A 238 33.93 32.27 -70.09
CA ASP A 238 34.01 33.55 -69.39
C ASP A 238 32.70 33.86 -68.63
N ARG A 239 31.88 32.81 -68.39
CA ARG A 239 30.60 32.83 -67.67
C ARG A 239 29.43 33.17 -68.63
N THR A 240 29.73 33.40 -69.94
CA THR A 240 28.73 33.63 -71.01
C THR A 240 28.55 32.38 -71.87
N PHE A 241 27.50 32.40 -72.73
CA PHE A 241 27.11 31.25 -73.55
C PHE A 241 27.05 31.54 -75.05
N GLN A 242 27.08 30.45 -75.85
CA GLN A 242 27.04 30.49 -77.31
C GLN A 242 26.07 29.44 -77.80
N LYS A 243 25.50 29.66 -78.99
CA LYS A 243 24.58 28.75 -79.67
C LYS A 243 24.45 29.18 -81.14
N TRP A 244 24.15 28.21 -82.02
CA TRP A 244 23.87 28.49 -83.42
C TRP A 244 22.79 27.55 -83.96
N ALA A 245 22.03 28.05 -84.95
CA ALA A 245 20.97 27.35 -85.67
C ALA A 245 21.32 27.42 -87.18
N ALA A 246 21.40 26.26 -87.85
CA ALA A 246 21.76 26.14 -89.28
C ALA A 246 20.68 25.54 -90.17
N VAL A 247 20.62 25.99 -91.45
CA VAL A 247 19.68 25.51 -92.48
C VAL A 247 20.37 25.33 -93.83
N VAL A 248 20.17 24.16 -94.49
CA VAL A 248 20.70 23.89 -95.83
C VAL A 248 19.69 24.55 -96.80
N VAL A 249 20.10 25.66 -97.43
CA VAL A 249 19.26 26.49 -98.29
C VAL A 249 19.68 26.43 -99.78
N PRO A 250 18.76 26.13 -100.74
CA PRO A 250 19.16 26.11 -102.16
C PRO A 250 19.60 27.49 -102.66
N SER A 251 20.72 27.53 -103.41
CA SER A 251 21.35 28.76 -103.92
C SER A 251 20.40 29.63 -104.74
N GLY A 252 20.07 30.79 -104.15
CA GLY A 252 19.16 31.76 -104.72
C GLY A 252 18.13 32.28 -103.74
N GLU A 253 17.59 31.38 -102.88
CA GLU A 253 16.58 31.73 -101.89
C GLU A 253 17.18 32.03 -100.49
N GLU A 254 18.28 32.81 -100.44
CA GLU A 254 18.92 33.19 -99.18
C GLU A 254 18.08 34.25 -98.44
N GLN A 255 17.48 35.19 -99.19
CA GLN A 255 16.64 36.28 -98.67
C GLN A 255 15.22 35.84 -98.24
N ARG A 256 14.88 34.58 -98.54
CA ARG A 256 13.62 33.90 -98.22
C ARG A 256 13.57 33.49 -96.73
N TYR A 257 14.74 33.10 -96.17
CA TYR A 257 14.93 32.62 -94.81
C TYR A 257 15.30 33.71 -93.80
N THR A 258 14.67 33.67 -92.61
CA THR A 258 14.93 34.61 -91.51
C THR A 258 15.15 33.90 -90.16
N CYS A 259 16.11 34.41 -89.37
CA CYS A 259 16.46 33.88 -88.04
C CYS A 259 15.79 34.69 -86.95
N HIS A 260 15.21 34.01 -85.96
CA HIS A 260 14.50 34.61 -84.85
C HIS A 260 15.16 34.30 -83.49
N VAL A 261 15.59 35.37 -82.78
CA VAL A 261 16.32 35.29 -81.50
C VAL A 261 15.50 35.84 -80.33
N GLN A 262 15.25 34.98 -79.31
CA GLN A 262 14.54 35.33 -78.08
C GLN A 262 15.48 35.12 -76.88
N HIS A 263 15.69 36.17 -76.07
CA HIS A 263 16.54 36.19 -74.88
C HIS A 263 16.10 37.32 -73.96
N GLU A 264 16.13 37.10 -72.63
CA GLU A 264 15.72 38.10 -71.62
C GLU A 264 16.55 39.40 -71.64
N GLY A 265 17.75 39.36 -72.20
CA GLY A 265 18.62 40.53 -72.34
C GLY A 265 18.20 41.43 -73.48
N LEU A 266 17.36 40.92 -74.42
CA LEU A 266 16.86 41.64 -75.60
C LEU A 266 15.55 42.40 -75.29
N PRO A 267 15.51 43.75 -75.51
CA PRO A 267 14.26 44.49 -75.24
C PRO A 267 13.05 43.94 -76.01
N LYS A 268 13.28 43.54 -77.27
CA LYS A 268 12.29 42.92 -78.17
C LYS A 268 12.97 41.80 -78.98
N PRO A 269 12.26 40.69 -79.35
CA PRO A 269 12.93 39.63 -80.14
C PRO A 269 13.48 40.11 -81.47
N LEU A 270 14.67 39.60 -81.84
CA LEU A 270 15.36 39.97 -83.08
C LEU A 270 14.94 39.11 -84.30
N THR A 271 14.92 39.73 -85.50
CA THR A 271 14.67 39.09 -86.80
C THR A 271 15.87 39.42 -87.69
N LEU A 272 16.62 38.37 -88.10
CA LEU A 272 17.85 38.54 -88.87
C LEU A 272 17.82 37.78 -90.19
N ARG A 273 18.67 38.20 -91.15
CA ARG A 273 18.81 37.60 -92.48
C ARG A 273 20.25 37.78 -93.00
N TRP A 274 20.65 36.96 -93.99
CA TRP A 274 21.98 37.00 -94.62
C TRP A 274 22.20 38.33 -95.34
N GLU A 275 23.21 39.10 -94.89
CA GLU A 275 23.57 40.41 -95.44
C GLU A 275 25.05 40.46 -95.88
N PRO A 276 25.35 40.64 -97.19
CA PRO A 276 24.45 40.82 -98.32
C PRO A 276 24.03 39.49 -98.98
N ILE B 2 22.40 2.14 -67.52
CA ILE B 2 22.54 2.81 -68.82
C ILE B 2 23.96 3.42 -69.06
N GLN B 3 24.21 3.76 -70.34
CA GLN B 3 25.43 4.40 -70.83
C GLN B 3 25.06 5.42 -71.87
N ARG B 4 25.79 6.56 -71.90
CA ARG B 4 25.59 7.61 -72.86
C ARG B 4 26.93 8.03 -73.41
N THR B 5 27.04 8.08 -74.75
CA THR B 5 28.32 8.42 -75.41
C THR B 5 28.48 9.95 -75.42
N PRO B 6 29.70 10.47 -75.15
CA PRO B 6 29.85 11.94 -75.14
C PRO B 6 29.64 12.65 -76.47
N LYS B 7 28.95 13.82 -76.42
CA LYS B 7 28.75 14.78 -77.50
C LYS B 7 29.93 15.73 -77.35
N ILE B 8 30.54 16.12 -78.47
CA ILE B 8 31.75 16.95 -78.47
C ILE B 8 31.58 18.15 -79.34
N GLN B 9 31.91 19.34 -78.80
CA GLN B 9 31.93 20.61 -79.52
C GLN B 9 33.29 21.21 -79.26
N VAL B 10 34.02 21.57 -80.36
CA VAL B 10 35.33 22.21 -80.29
C VAL B 10 35.13 23.60 -80.91
N TYR B 11 35.46 24.66 -80.16
CA TYR B 11 35.21 26.05 -80.61
C TYR B 11 36.10 27.01 -79.84
N SER B 12 36.11 28.27 -80.22
CA SER B 12 36.92 29.29 -79.54
C SER B 12 36.03 30.22 -78.73
N ARG B 13 36.56 30.78 -77.62
CA ARG B 13 35.80 31.73 -76.80
C ARG B 13 35.36 32.95 -77.63
N HIS B 14 36.30 33.56 -78.38
CA HIS B 14 35.99 34.75 -79.19
C HIS B 14 36.09 34.40 -80.69
N PRO B 15 35.47 35.19 -81.61
CA PRO B 15 35.66 34.92 -83.04
C PRO B 15 37.16 34.84 -83.38
N ALA B 16 37.56 33.73 -84.02
CA ALA B 16 38.95 33.47 -84.39
C ALA B 16 39.55 34.56 -85.31
N GLU B 17 40.73 35.06 -84.95
CA GLU B 17 41.48 36.07 -85.67
C GLU B 17 42.91 35.62 -85.63
N ASN B 18 43.43 35.23 -86.81
CA ASN B 18 44.81 34.74 -86.93
C ASN B 18 45.82 35.68 -86.31
N GLY B 19 46.68 35.13 -85.46
CA GLY B 19 47.69 35.87 -84.73
C GLY B 19 47.24 36.40 -83.38
N LYS B 20 45.91 36.49 -83.16
CA LYS B 20 45.33 37.04 -81.94
C LYS B 20 44.99 35.97 -80.90
N SER B 21 45.53 36.14 -79.67
CA SER B 21 45.33 35.26 -78.52
C SER B 21 43.84 35.06 -78.22
N ASN B 22 43.46 33.82 -77.94
CA ASN B 22 42.07 33.41 -77.74
C ASN B 22 42.09 32.20 -76.79
N PHE B 23 40.93 31.52 -76.66
CA PHE B 23 40.80 30.31 -75.84
C PHE B 23 40.14 29.27 -76.67
N LEU B 24 40.77 28.08 -76.68
CA LEU B 24 40.24 26.93 -77.40
C LEU B 24 39.49 26.08 -76.38
N ASN B 25 38.23 25.80 -76.71
CA ASN B 25 37.29 25.06 -75.86
C ASN B 25 36.89 23.72 -76.43
N CYS B 26 36.82 22.72 -75.55
CA CYS B 26 36.26 21.42 -75.88
C CYS B 26 35.20 21.08 -74.84
N TYR B 27 33.93 21.22 -75.25
CA TYR B 27 32.78 20.95 -74.41
C TYR B 27 32.30 19.52 -74.61
N VAL B 28 32.47 18.68 -73.57
CA VAL B 28 32.05 17.28 -73.60
C VAL B 28 30.79 17.18 -72.76
N SER B 29 29.69 16.75 -73.37
CA SER B 29 28.43 16.68 -72.67
C SER B 29 27.70 15.37 -72.98
N GLY B 30 26.54 15.16 -72.33
CA GLY B 30 25.69 14.01 -72.56
C GLY B 30 26.27 12.63 -72.32
N PHE B 31 27.36 12.53 -71.57
CA PHE B 31 27.99 11.24 -71.26
C PHE B 31 27.63 10.68 -69.85
N HIS B 32 27.70 9.34 -69.71
CA HIS B 32 27.44 8.58 -68.48
C HIS B 32 28.08 7.19 -68.64
N PRO B 33 28.88 6.65 -67.68
CA PRO B 33 29.29 7.22 -66.38
C PRO B 33 30.30 8.41 -66.50
N SER B 34 30.73 8.96 -65.37
CA SER B 34 31.53 10.18 -65.23
C SER B 34 32.99 10.11 -65.66
N ASP B 35 33.68 8.96 -65.55
CA ASP B 35 35.10 8.89 -65.92
C ASP B 35 35.24 9.20 -67.42
N ILE B 36 36.13 10.14 -67.74
CA ILE B 36 36.40 10.58 -69.11
C ILE B 36 37.84 11.11 -69.22
N GLU B 37 38.49 10.89 -70.37
CA GLU B 37 39.84 11.40 -70.64
C GLU B 37 39.69 12.34 -71.84
N VAL B 38 40.15 13.57 -71.68
CA VAL B 38 40.03 14.59 -72.73
C VAL B 38 41.39 15.25 -72.92
N ASP B 39 41.85 15.35 -74.18
CA ASP B 39 43.08 16.04 -74.57
C ASP B 39 42.80 17.06 -75.64
N LEU B 40 43.42 18.22 -75.53
CA LEU B 40 43.41 19.27 -76.54
C LEU B 40 44.69 19.05 -77.38
N LEU B 41 44.55 19.01 -78.70
CA LEU B 41 45.69 18.76 -79.61
C LEU B 41 46.03 19.92 -80.53
N LYS B 42 47.34 20.21 -80.67
CA LYS B 42 47.88 21.18 -81.63
C LYS B 42 48.74 20.36 -82.63
N ASN B 43 48.26 20.26 -83.87
CA ASN B 43 48.89 19.50 -84.95
C ASN B 43 49.15 18.03 -84.56
N GLY B 44 48.09 17.43 -83.98
CA GLY B 44 48.09 16.03 -83.51
C GLY B 44 48.87 15.77 -82.24
N GLU B 45 49.44 16.81 -81.61
CA GLU B 45 50.23 16.70 -80.36
C GLU B 45 49.52 17.33 -79.15
N ARG B 46 49.62 16.64 -78.00
CA ARG B 46 49.02 16.95 -76.70
C ARG B 46 49.47 18.31 -76.12
N ILE B 47 48.50 19.27 -75.99
CA ILE B 47 48.77 20.57 -75.35
C ILE B 47 48.88 20.26 -73.85
N GLU B 48 49.99 20.66 -73.21
CA GLU B 48 50.29 20.32 -71.80
C GLU B 48 49.54 21.13 -70.74
N LYS B 49 49.25 22.40 -70.99
CA LYS B 49 48.57 23.23 -70.00
C LYS B 49 47.08 23.39 -70.35
N VAL B 50 46.28 22.38 -69.98
CA VAL B 50 44.85 22.32 -70.23
C VAL B 50 44.10 22.23 -68.89
N GLU B 51 43.17 23.17 -68.70
CA GLU B 51 42.33 23.24 -67.51
C GLU B 51 40.93 22.72 -67.85
N HIS B 52 40.17 22.36 -66.82
CA HIS B 52 38.80 21.89 -67.00
C HIS B 52 37.89 22.38 -65.88
N SER B 53 36.61 22.53 -66.21
CA SER B 53 35.56 22.93 -65.28
C SER B 53 35.29 21.76 -64.29
N ASP B 54 34.58 22.04 -63.19
CA ASP B 54 34.23 21.00 -62.22
C ASP B 54 33.06 20.17 -62.76
N LEU B 55 33.05 18.89 -62.42
CA LEU B 55 32.01 17.94 -62.84
C LEU B 55 30.62 18.35 -62.42
N SER B 56 29.73 18.43 -63.39
CA SER B 56 28.31 18.69 -63.16
C SER B 56 27.49 17.87 -64.15
N PHE B 57 26.17 18.01 -64.11
CA PHE B 57 25.30 17.22 -64.96
C PHE B 57 24.05 17.97 -65.36
N SER B 58 23.40 17.50 -66.42
CA SER B 58 22.19 18.09 -66.98
C SER B 58 20.93 17.44 -66.36
N LYS B 59 19.75 17.94 -66.73
CA LYS B 59 18.45 17.47 -66.25
C LYS B 59 18.21 15.97 -66.53
N ASP B 60 18.86 15.39 -67.56
CA ASP B 60 18.74 13.97 -67.92
C ASP B 60 19.80 13.14 -67.23
N TRP B 61 20.57 13.76 -66.26
CA TRP B 61 21.63 13.14 -65.42
C TRP B 61 22.95 12.96 -66.12
N SER B 62 23.04 13.30 -67.42
CA SER B 62 24.30 13.09 -68.13
C SER B 62 25.27 14.19 -67.75
N PHE B 63 26.54 13.82 -67.65
CA PHE B 63 27.61 14.70 -67.25
C PHE B 63 28.07 15.65 -68.37
N TYR B 64 28.70 16.76 -67.96
CA TYR B 64 29.30 17.73 -68.88
C TYR B 64 30.54 18.34 -68.25
N LEU B 65 31.54 18.59 -69.08
CA LEU B 65 32.80 19.21 -68.70
C LEU B 65 33.29 20.13 -69.82
N LEU B 66 33.91 21.24 -69.42
CA LEU B 66 34.56 22.14 -70.37
C LEU B 66 36.07 22.05 -70.17
N TYR B 67 36.80 21.61 -71.20
CA TYR B 67 38.28 21.60 -71.22
C TYR B 67 38.71 22.80 -72.06
N TYR B 68 39.72 23.53 -71.61
CA TYR B 68 40.13 24.77 -72.27
C TYR B 68 41.60 25.13 -72.05
N THR B 69 42.15 25.86 -73.03
CA THR B 69 43.50 26.42 -73.02
C THR B 69 43.54 27.70 -73.78
N GLU B 70 44.47 28.54 -73.40
CA GLU B 70 44.79 29.77 -74.10
C GLU B 70 45.54 29.30 -75.38
N PHE B 71 45.15 29.83 -76.52
CA PHE B 71 45.83 29.50 -77.79
C PHE B 71 45.82 30.72 -78.70
N THR B 72 46.57 30.63 -79.81
CA THR B 72 46.64 31.65 -80.85
C THR B 72 46.32 30.94 -82.15
N PRO B 73 45.10 31.11 -82.68
CA PRO B 73 44.79 30.49 -83.96
C PRO B 73 45.64 31.12 -85.10
N THR B 74 46.04 30.27 -86.08
CA THR B 74 46.78 30.68 -87.28
C THR B 74 45.99 30.10 -88.44
N GLU B 75 46.36 30.47 -89.68
CA GLU B 75 45.65 29.98 -90.84
C GLU B 75 45.80 28.46 -91.04
N LYS B 76 46.98 27.89 -90.74
CA LYS B 76 47.31 26.50 -91.04
C LYS B 76 47.47 25.52 -89.87
N ASP B 77 47.65 25.99 -88.61
CA ASP B 77 47.76 25.09 -87.46
C ASP B 77 46.41 24.41 -87.22
N GLU B 78 46.46 23.10 -87.00
CA GLU B 78 45.26 22.29 -86.79
C GLU B 78 45.03 22.04 -85.31
N TYR B 79 43.83 22.36 -84.83
CA TYR B 79 43.45 22.11 -83.45
C TYR B 79 42.37 21.07 -83.36
N ALA B 80 42.45 20.23 -82.34
CA ALA B 80 41.49 19.15 -82.16
C ALA B 80 41.30 18.83 -80.69
N CYS B 81 40.29 18.01 -80.42
CA CYS B 81 39.98 17.49 -79.09
C CYS B 81 39.89 15.96 -79.22
N ARG B 82 40.66 15.24 -78.40
CA ARG B 82 40.71 13.77 -78.36
C ARG B 82 40.03 13.30 -77.05
N VAL B 83 38.94 12.53 -77.19
CA VAL B 83 38.14 12.06 -76.07
C VAL B 83 38.07 10.53 -75.99
N ASN B 84 38.31 9.99 -74.78
CA ASN B 84 38.09 8.58 -74.49
C ASN B 84 37.10 8.44 -73.28
N HIS B 85 36.17 7.47 -73.40
CA HIS B 85 35.08 7.12 -72.49
C HIS B 85 34.79 5.60 -72.72
N VAL B 86 34.16 4.89 -71.74
CA VAL B 86 33.81 3.45 -71.83
C VAL B 86 33.04 3.08 -73.09
N THR B 87 32.13 3.97 -73.52
CA THR B 87 31.28 3.79 -74.70
C THR B 87 32.08 3.90 -76.05
N LEU B 88 33.38 4.23 -75.99
CA LEU B 88 34.21 4.41 -77.17
C LEU B 88 35.29 3.35 -77.24
N SER B 89 35.28 2.58 -78.36
CA SER B 89 36.23 1.48 -78.62
C SER B 89 37.65 2.01 -78.88
N GLN B 90 37.74 3.27 -79.32
CA GLN B 90 38.98 4.00 -79.58
C GLN B 90 38.73 5.51 -79.31
N PRO B 91 39.77 6.30 -78.95
CA PRO B 91 39.57 7.75 -78.76
C PRO B 91 38.94 8.44 -79.96
N LYS B 92 37.98 9.34 -79.72
CA LYS B 92 37.30 10.09 -80.75
C LYS B 92 38.02 11.43 -80.88
N ILE B 93 38.39 11.81 -82.13
CA ILE B 93 39.07 13.07 -82.42
C ILE B 93 38.13 13.98 -83.21
N VAL B 94 37.86 15.16 -82.66
CA VAL B 94 37.01 16.17 -83.29
C VAL B 94 37.90 17.37 -83.55
N LYS B 95 38.06 17.72 -84.84
CA LYS B 95 38.87 18.83 -85.30
C LYS B 95 38.12 20.13 -85.12
N TRP B 96 38.85 21.19 -84.79
CA TRP B 96 38.28 22.52 -84.63
C TRP B 96 38.02 23.14 -86.02
N ASP B 97 36.80 23.64 -86.21
CA ASP B 97 36.35 24.35 -87.39
C ASP B 97 35.90 25.72 -86.88
N ARG B 98 36.65 26.80 -87.23
CA ARG B 98 36.39 28.16 -86.75
C ARG B 98 35.01 28.70 -87.14
N ASP B 99 34.30 28.00 -88.07
CA ASP B 99 32.96 28.39 -88.51
C ASP B 99 31.83 27.62 -87.82
N MET B 100 32.17 26.87 -86.74
CA MET B 100 31.19 26.07 -86.01
C MET B 100 31.33 26.11 -84.47
N LEU C 1 23.81 28.17 -49.62
CA LEU C 1 24.13 27.29 -48.50
C LEU C 1 23.44 25.92 -48.72
N PRO C 2 24.18 24.78 -48.64
CA PRO C 2 23.52 23.47 -48.84
C PRO C 2 22.71 23.01 -47.63
N PHE C 3 21.87 22.01 -47.83
CA PHE C 3 20.99 21.38 -46.84
C PHE C 3 21.88 20.57 -45.94
N ASP C 4 21.79 20.74 -44.62
CA ASP C 4 22.71 20.09 -43.69
C ASP C 4 22.20 18.82 -42.98
N LYS C 5 21.07 18.26 -43.42
CA LYS C 5 20.56 17.00 -42.87
C LYS C 5 20.64 15.98 -44.02
N ALA C 6 21.16 14.79 -43.76
CA ALA C 6 21.34 13.73 -44.77
C ALA C 6 20.80 12.41 -44.24
N THR C 7 20.03 11.68 -45.05
CA THR C 7 19.40 10.43 -44.61
C THR C 7 19.78 9.33 -45.54
N ILE C 8 20.38 8.25 -44.99
CA ILE C 8 20.81 7.09 -45.77
C ILE C 8 19.60 6.51 -46.58
N MET C 9 19.84 6.22 -47.88
CA MET C 9 18.88 5.64 -48.79
C MET C 9 18.59 4.13 -48.54
N SER D 1 27.38 21.45 -30.13
CA SER D 1 26.82 22.76 -30.45
C SER D 1 27.36 23.84 -29.50
N ALA D 2 27.73 25.00 -30.07
CA ALA D 2 28.32 26.13 -29.34
C ALA D 2 27.45 27.35 -29.20
N GLY D 3 26.77 27.77 -30.27
CA GLY D 3 25.96 28.99 -30.20
C GLY D 3 24.50 28.84 -29.83
N GLU D 4 24.08 27.67 -29.35
CA GLU D 4 22.68 27.43 -29.04
C GLU D 4 22.44 27.16 -27.55
N ASN D 5 21.45 27.85 -27.01
CA ASN D 5 21.06 27.77 -25.61
C ASN D 5 19.56 27.85 -25.55
N VAL D 6 18.94 26.81 -25.02
CA VAL D 6 17.51 26.70 -24.92
C VAL D 6 17.10 26.86 -23.46
N GLU D 7 16.14 27.76 -23.20
CA GLU D 7 15.65 28.02 -21.84
C GLU D 7 14.17 27.74 -21.74
N GLN D 8 13.80 26.90 -20.79
CA GLN D 8 12.43 26.46 -20.54
C GLN D 8 11.77 27.23 -19.37
N HIS D 9 10.60 27.85 -19.60
CA HIS D 9 9.85 28.62 -18.60
C HIS D 9 8.38 28.17 -18.50
N PRO D 10 7.88 27.79 -17.30
CA PRO D 10 8.55 27.69 -16.01
C PRO D 10 9.29 26.37 -15.82
N SER D 11 10.07 26.24 -14.74
CA SER D 11 10.80 25.01 -14.41
C SER D 11 9.89 23.98 -13.71
N THR D 12 8.79 24.46 -13.12
CA THR D 12 7.79 23.71 -12.37
C THR D 12 6.44 24.34 -12.63
N LEU D 13 5.39 23.52 -12.82
CA LEU D 13 4.07 24.03 -13.11
C LEU D 13 2.99 23.14 -12.51
N SER D 14 2.06 23.74 -11.75
CA SER D 14 0.93 23.03 -11.17
C SER D 14 -0.32 23.60 -11.79
N VAL D 15 -1.13 22.72 -12.34
CA VAL D 15 -2.36 23.11 -13.02
C VAL D 15 -3.51 22.26 -12.48
N GLN D 16 -4.73 22.80 -12.52
CA GLN D 16 -5.91 22.09 -12.06
C GLN D 16 -6.47 21.30 -13.22
N GLU D 17 -6.85 20.04 -12.98
CA GLU D 17 -7.44 19.19 -14.00
C GLU D 17 -8.56 19.91 -14.77
N GLY D 18 -8.48 19.86 -16.10
CA GLY D 18 -9.43 20.55 -16.97
C GLY D 18 -8.92 21.91 -17.43
N ASP D 19 -7.97 22.52 -16.69
CA ASP D 19 -7.36 23.78 -17.10
C ASP D 19 -6.28 23.52 -18.16
N SER D 20 -5.80 24.59 -18.79
CA SER D 20 -4.77 24.54 -19.82
C SER D 20 -3.39 24.76 -19.20
N ALA D 21 -2.35 24.13 -19.80
CA ALA D 21 -0.95 24.28 -19.38
C ALA D 21 -0.14 24.78 -20.56
N VAL D 22 0.70 25.81 -20.32
CA VAL D 22 1.54 26.41 -21.35
C VAL D 22 2.99 26.42 -20.86
N ILE D 23 3.90 25.86 -21.67
CA ILE D 23 5.33 25.83 -21.40
C ILE D 23 5.97 26.56 -22.56
N LYS D 24 6.78 27.58 -22.25
CA LYS D 24 7.43 28.39 -23.27
C LYS D 24 8.93 28.15 -23.25
N CYS D 25 9.52 28.02 -24.46
CA CYS D 25 10.96 27.86 -24.63
C CYS D 25 11.51 28.94 -25.51
N THR D 26 12.72 29.38 -25.21
CA THR D 26 13.42 30.40 -25.99
C THR D 26 14.72 29.77 -26.52
N TYR D 27 15.13 30.16 -27.71
CA TYR D 27 16.39 29.68 -28.32
C TYR D 27 17.17 30.87 -28.86
N SER D 28 18.46 30.69 -29.14
CA SER D 28 19.35 31.77 -29.54
C SER D 28 19.83 31.75 -30.98
N ASP D 29 19.93 30.56 -31.60
CA ASP D 29 20.54 30.42 -32.91
C ASP D 29 19.57 30.37 -34.09
N SER D 30 19.98 31.01 -35.18
CA SER D 30 19.25 31.14 -36.44
C SER D 30 19.31 29.85 -37.28
N ALA D 31 20.28 28.96 -36.99
CA ALA D 31 20.42 27.68 -37.69
C ALA D 31 19.46 26.62 -37.09
N SER D 32 18.67 27.01 -36.06
CA SER D 32 17.63 26.15 -35.47
C SER D 32 16.40 26.17 -36.36
N ASN D 33 16.02 24.98 -36.87
CA ASN D 33 14.86 24.86 -37.74
C ASN D 33 13.99 23.70 -37.31
N TYR D 34 14.43 22.94 -36.29
CA TYR D 34 13.68 21.78 -35.80
C TYR D 34 13.53 21.89 -34.28
N PHE D 35 12.28 21.78 -33.80
CA PHE D 35 11.90 22.02 -32.42
C PHE D 35 11.01 20.93 -31.83
N PRO D 36 11.61 19.88 -31.26
CA PRO D 36 10.78 18.80 -30.67
C PRO D 36 10.43 18.98 -29.19
N TRP D 37 9.38 18.27 -28.72
CA TRP D 37 8.90 18.24 -27.34
C TRP D 37 8.81 16.80 -26.88
N TYR D 38 9.43 16.50 -25.73
CA TYR D 38 9.47 15.16 -25.14
C TYR D 38 8.77 15.18 -23.81
N LYS D 39 8.09 14.08 -23.51
CA LYS D 39 7.40 13.86 -22.24
C LYS D 39 8.08 12.70 -21.56
N GLN D 40 8.61 12.94 -20.36
CA GLN D 40 9.25 11.89 -19.59
C GLN D 40 8.52 11.62 -18.24
N GLU D 41 7.91 10.43 -18.13
CA GLU D 41 7.28 9.97 -16.89
C GLU D 41 8.40 9.40 -16.01
N LEU D 42 8.23 9.45 -14.66
CA LEU D 42 9.25 9.03 -13.70
C LEU D 42 9.80 7.61 -13.97
N GLY D 43 11.13 7.51 -14.03
CA GLY D 43 11.87 6.29 -14.30
C GLY D 43 11.77 5.74 -15.71
N LYS D 44 11.07 6.47 -16.61
CA LYS D 44 10.85 6.05 -17.98
C LYS D 44 11.64 6.89 -18.99
N ARG D 45 11.56 6.56 -20.27
CA ARG D 45 12.30 7.27 -21.31
C ARG D 45 11.55 8.53 -21.78
N PRO D 46 12.27 9.59 -22.23
CA PRO D 46 11.57 10.74 -22.83
C PRO D 46 10.89 10.26 -24.12
N GLN D 47 9.61 10.57 -24.29
CA GLN D 47 8.83 10.16 -25.45
C GLN D 47 8.51 11.36 -26.27
N LEU D 48 8.70 11.29 -27.58
CA LEU D 48 8.40 12.42 -28.44
C LEU D 48 6.87 12.55 -28.53
N ILE D 49 6.34 13.73 -28.22
CA ILE D 49 4.90 13.95 -28.24
C ILE D 49 4.46 14.82 -29.41
N ILE D 50 5.27 15.83 -29.79
CA ILE D 50 5.00 16.76 -30.88
C ILE D 50 6.30 17.49 -31.20
N ASP D 51 6.38 18.05 -32.42
CA ASP D 51 7.50 18.86 -32.88
C ASP D 51 7.02 19.85 -33.90
N ILE D 52 7.85 20.83 -34.21
CA ILE D 52 7.51 21.87 -35.18
C ILE D 52 8.79 22.27 -35.91
N ARG D 53 8.66 22.78 -37.13
CA ARG D 53 9.78 23.27 -37.94
C ARG D 53 9.59 24.76 -38.24
N SER D 54 10.67 25.44 -38.62
CA SER D 54 10.72 26.90 -38.86
C SER D 54 9.75 27.47 -39.94
N ASN D 55 9.17 26.64 -40.79
CA ASN D 55 8.23 27.11 -41.85
C ASN D 55 6.75 27.05 -41.40
N VAL D 56 6.50 26.60 -40.16
CA VAL D 56 5.17 26.42 -39.58
C VAL D 56 5.05 27.31 -38.33
N GLY D 57 3.92 27.99 -38.20
CA GLY D 57 3.64 28.85 -37.05
C GLY D 57 2.95 28.11 -35.93
N GLU D 58 2.14 27.11 -36.27
CA GLU D 58 1.38 26.33 -35.31
C GLU D 58 1.05 24.95 -35.82
N LYS D 59 1.11 23.97 -34.93
CA LYS D 59 0.77 22.57 -35.23
C LYS D 59 -0.06 22.07 -34.03
N LYS D 60 -1.18 21.38 -34.32
CA LYS D 60 -2.11 20.88 -33.32
C LYS D 60 -2.38 19.40 -33.50
N ASP D 61 -2.33 18.64 -32.40
CA ASP D 61 -2.64 17.20 -32.36
C ASP D 61 -3.55 16.95 -31.18
N GLN D 62 -4.88 16.95 -31.45
CA GLN D 62 -5.96 16.77 -30.46
C GLN D 62 -5.85 17.80 -29.31
N ARG D 63 -5.53 17.36 -28.10
CA ARG D 63 -5.40 18.22 -26.91
C ARG D 63 -4.04 18.95 -26.81
N ILE D 64 -3.08 18.56 -27.65
CA ILE D 64 -1.73 19.13 -27.61
C ILE D 64 -1.48 20.02 -28.82
N ALA D 65 -0.81 21.16 -28.61
CA ALA D 65 -0.44 22.06 -29.70
C ALA D 65 0.92 22.69 -29.44
N VAL D 66 1.59 23.10 -30.51
CA VAL D 66 2.89 23.78 -30.42
C VAL D 66 2.84 25.01 -31.32
N THR D 67 3.41 26.12 -30.86
CA THR D 67 3.43 27.36 -31.63
C THR D 67 4.85 27.86 -31.69
N LEU D 68 5.22 28.51 -32.81
CA LEU D 68 6.56 29.01 -33.00
C LEU D 68 6.59 30.45 -33.48
N ASN D 69 7.47 31.26 -32.88
CA ASN D 69 7.71 32.64 -33.27
C ASN D 69 9.20 32.67 -33.60
N LYS D 70 9.52 32.52 -34.89
CA LYS D 70 10.93 32.44 -35.29
C LYS D 70 11.65 33.78 -35.27
N THR D 71 10.90 34.91 -35.36
CA THR D 71 11.51 36.24 -35.32
C THR D 71 11.94 36.56 -33.88
N ALA D 72 11.06 36.28 -32.90
CA ALA D 72 11.34 36.52 -31.48
C ALA D 72 12.18 35.38 -30.87
N LYS D 73 12.26 34.23 -31.58
CA LYS D 73 13.00 33.03 -31.17
C LYS D 73 12.42 32.37 -29.92
N HIS D 74 11.13 32.05 -29.97
CA HIS D 74 10.47 31.33 -28.89
C HIS D 74 9.39 30.43 -29.44
N PHE D 75 9.16 29.32 -28.73
CA PHE D 75 8.15 28.33 -29.11
C PHE D 75 7.50 27.80 -27.87
N SER D 76 6.22 27.45 -27.98
CA SER D 76 5.48 27.01 -26.81
C SER D 76 4.71 25.75 -27.00
N LEU D 77 4.54 24.98 -25.93
CA LEU D 77 3.71 23.79 -25.92
C LEU D 77 2.45 24.15 -25.12
N HIS D 78 1.27 23.84 -25.68
CA HIS D 78 -0.03 24.08 -25.05
C HIS D 78 -0.77 22.78 -24.88
N ILE D 79 -1.08 22.39 -23.62
CA ILE D 79 -1.87 21.18 -23.34
C ILE D 79 -3.25 21.69 -22.90
N THR D 80 -4.31 21.25 -23.57
CA THR D 80 -5.65 21.67 -23.17
C THR D 80 -6.36 20.55 -22.43
N GLU D 81 -7.34 20.94 -21.58
CA GLU D 81 -8.17 20.07 -20.73
C GLU D 81 -7.27 19.02 -20.07
N THR D 82 -6.30 19.51 -19.25
CA THR D 82 -5.28 18.67 -18.60
C THR D 82 -5.87 17.54 -17.81
N GLN D 83 -5.23 16.38 -17.93
CA GLN D 83 -5.59 15.14 -17.26
C GLN D 83 -4.45 14.80 -16.30
N PRO D 84 -4.71 14.12 -15.15
CA PRO D 84 -3.59 13.78 -14.25
C PRO D 84 -2.44 12.98 -14.89
N GLU D 85 -2.74 12.22 -15.97
CA GLU D 85 -1.76 11.42 -16.73
C GLU D 85 -0.77 12.27 -17.57
N ASP D 86 -1.01 13.59 -17.67
CA ASP D 86 -0.14 14.54 -18.34
C ASP D 86 0.98 14.94 -17.40
N SER D 87 0.89 14.55 -16.11
CA SER D 87 1.90 14.86 -15.11
C SER D 87 3.19 14.12 -15.49
N ALA D 88 4.24 14.89 -15.78
CA ALA D 88 5.54 14.39 -16.24
C ALA D 88 6.50 15.56 -16.33
N VAL D 89 7.75 15.28 -16.72
CA VAL D 89 8.75 16.29 -17.02
C VAL D 89 8.71 16.45 -18.56
N TYR D 90 8.56 17.68 -19.03
CA TYR D 90 8.49 17.99 -20.46
C TYR D 90 9.76 18.68 -20.83
N PHE D 91 10.38 18.30 -21.96
CA PHE D 91 11.62 18.89 -22.47
C PHE D 91 11.39 19.39 -23.86
N CYS D 92 11.93 20.55 -24.15
CA CYS D 92 11.91 21.11 -25.48
C CYS D 92 13.35 21.09 -25.95
N ALA D 93 13.56 21.18 -27.27
CA ALA D 93 14.91 21.23 -27.84
C ALA D 93 14.89 22.04 -29.12
N ALA D 94 16.08 22.40 -29.60
CA ALA D 94 16.34 23.10 -30.85
C ALA D 94 17.60 22.41 -31.46
N ASP D 95 17.79 22.48 -32.78
CA ASP D 95 18.91 21.81 -33.45
C ASP D 95 20.01 22.74 -33.95
N GLY D 96 19.93 24.05 -33.62
CA GLY D 96 20.89 25.06 -34.05
C GLY D 96 22.26 25.02 -33.40
N GLY D 97 23.06 26.04 -33.71
CA GLY D 97 24.40 26.19 -33.17
C GLY D 97 25.47 25.68 -34.12
N ALA D 98 26.73 26.01 -33.82
CA ALA D 98 27.88 25.64 -34.65
C ALA D 98 28.70 24.56 -33.94
N GLY D 99 29.56 23.88 -34.66
CA GLY D 99 30.37 22.82 -34.08
C GLY D 99 29.68 21.48 -34.20
N SER D 100 29.93 20.59 -33.24
CA SER D 100 29.41 19.23 -33.19
C SER D 100 27.88 19.21 -33.24
N TYR D 101 27.28 18.43 -34.14
CA TYR D 101 25.83 18.39 -34.26
C TYR D 101 25.17 17.70 -33.07
N GLN D 102 24.05 18.27 -32.60
CA GLN D 102 23.30 17.76 -31.44
C GLN D 102 22.01 18.50 -31.28
N LEU D 103 21.07 17.93 -30.57
CA LEU D 103 19.87 18.65 -30.18
C LEU D 103 20.27 19.39 -28.87
N THR D 104 19.86 20.64 -28.70
CA THR D 104 20.13 21.37 -27.45
C THR D 104 18.84 21.36 -26.66
N PHE D 105 18.84 20.66 -25.49
CA PHE D 105 17.64 20.55 -24.66
C PHE D 105 17.47 21.63 -23.61
N GLY D 106 16.22 21.93 -23.28
CA GLY D 106 15.86 22.75 -22.14
C GLY D 106 16.07 21.89 -20.90
N LYS D 107 16.13 22.50 -19.72
CA LYS D 107 16.38 21.72 -18.49
C LYS D 107 15.14 21.01 -17.93
N GLY D 108 13.99 21.18 -18.59
CA GLY D 108 12.75 20.52 -18.20
C GLY D 108 11.76 21.36 -17.43
N THR D 109 10.49 20.95 -17.48
CA THR D 109 9.38 21.52 -16.75
C THR D 109 8.64 20.36 -16.12
N LYS D 110 8.61 20.33 -14.77
CA LYS D 110 7.84 19.30 -14.05
C LYS D 110 6.40 19.80 -14.01
N LEU D 111 5.52 19.15 -14.78
CA LEU D 111 4.10 19.50 -14.81
C LEU D 111 3.34 18.60 -13.85
N SER D 112 2.53 19.20 -12.96
CA SER D 112 1.71 18.47 -11.99
C SER D 112 0.26 18.84 -12.23
N VAL D 113 -0.55 17.87 -12.65
CA VAL D 113 -1.96 18.11 -12.92
C VAL D 113 -2.73 17.62 -11.71
N ILE D 114 -3.23 18.57 -10.92
CA ILE D 114 -3.97 18.27 -9.70
C ILE D 114 -5.35 17.78 -10.08
N PRO D 115 -5.70 16.60 -9.61
CA PRO D 115 -7.03 16.06 -9.94
C PRO D 115 -8.23 16.75 -9.30
N ASN D 116 -9.33 16.83 -10.04
CA ASN D 116 -10.57 17.45 -9.54
C ASN D 116 -11.42 16.39 -8.79
N ILE D 117 -11.62 16.58 -7.46
CA ILE D 117 -12.42 15.68 -6.61
C ILE D 117 -13.81 16.31 -6.35
N GLN D 118 -14.79 15.98 -7.21
CA GLN D 118 -16.18 16.48 -7.21
C GLN D 118 -16.97 16.07 -5.96
N ASN D 119 -16.88 14.78 -5.59
CA ASN D 119 -17.58 14.26 -4.40
C ASN D 119 -16.61 13.72 -3.34
N PRO D 120 -15.89 14.60 -2.59
CA PRO D 120 -14.98 14.08 -1.55
C PRO D 120 -15.75 13.44 -0.40
N ASP D 121 -15.20 12.36 0.15
CA ASP D 121 -15.80 11.61 1.24
C ASP D 121 -14.65 11.12 2.13
N PRO D 122 -13.84 12.06 2.74
CA PRO D 122 -12.66 11.62 3.50
C PRO D 122 -12.93 10.60 4.58
N ALA D 123 -12.02 9.62 4.70
CA ALA D 123 -12.12 8.55 5.67
C ALA D 123 -10.79 7.89 5.95
N VAL D 124 -10.63 7.35 7.16
CA VAL D 124 -9.44 6.61 7.57
C VAL D 124 -9.93 5.19 7.92
N TYR D 125 -9.64 4.22 7.02
CA TYR D 125 -10.02 2.84 7.21
C TYR D 125 -8.83 2.02 7.63
N GLN D 126 -9.10 0.93 8.36
CA GLN D 126 -8.07 0.00 8.75
C GLN D 126 -8.27 -1.25 7.88
N LEU D 127 -7.17 -1.73 7.28
CA LEU D 127 -7.18 -2.84 6.34
C LEU D 127 -6.39 -3.98 6.88
N ARG D 128 -6.94 -5.19 6.72
CA ARG D 128 -6.30 -6.40 7.19
C ARG D 128 -5.74 -7.22 6.04
N ASP D 129 -4.62 -7.89 6.29
CA ASP D 129 -3.92 -8.74 5.34
C ASP D 129 -4.75 -9.96 4.92
N SER D 130 -4.58 -10.39 3.65
CA SER D 130 -5.22 -11.54 3.04
C SER D 130 -4.50 -12.83 3.45
N LYS D 131 -3.18 -12.91 3.13
CA LYS D 131 -2.26 -14.04 3.28
C LYS D 131 -2.23 -14.68 4.68
N SER D 132 -2.09 -13.86 5.74
CA SER D 132 -2.04 -14.31 7.14
C SER D 132 -2.21 -13.11 8.08
N SER D 133 -1.73 -13.28 9.34
CA SER D 133 -1.73 -12.28 10.40
C SER D 133 -0.42 -11.48 10.24
N ASP D 134 -0.37 -10.61 9.18
CA ASP D 134 0.79 -9.80 8.77
C ASP D 134 1.00 -8.40 9.45
N LYS D 135 -0.02 -7.62 9.91
CA LYS D 135 -1.48 -7.82 10.03
C LYS D 135 -2.31 -6.71 9.37
N SER D 136 -2.02 -5.40 9.69
CA SER D 136 -2.82 -4.26 9.21
C SER D 136 -2.05 -2.97 8.79
N VAL D 137 -2.75 -2.13 7.98
CA VAL D 137 -2.33 -0.81 7.48
C VAL D 137 -3.51 0.16 7.57
N CYS D 138 -3.22 1.47 7.61
CA CYS D 138 -4.21 2.54 7.65
C CYS D 138 -4.31 3.17 6.30
N LEU D 139 -5.53 3.37 5.81
CA LEU D 139 -5.76 3.97 4.52
C LEU D 139 -6.57 5.24 4.67
N PHE D 140 -5.92 6.39 4.40
CA PHE D 140 -6.62 7.66 4.36
C PHE D 140 -7.00 7.82 2.91
N THR D 141 -8.29 7.95 2.60
CA THR D 141 -8.77 8.00 1.22
C THR D 141 -9.95 8.93 1.04
N ASP D 142 -10.29 9.23 -0.23
CA ASP D 142 -11.42 9.99 -0.73
C ASP D 142 -11.43 11.48 -0.27
N PHE D 143 -10.26 11.97 0.15
CA PHE D 143 -10.08 13.37 0.51
C PHE D 143 -9.90 14.20 -0.76
N ASP D 144 -10.25 15.49 -0.73
CA ASP D 144 -10.06 16.34 -1.90
C ASP D 144 -8.57 16.73 -2.05
N SER D 145 -8.23 17.47 -3.12
CA SER D 145 -6.82 17.79 -3.41
C SER D 145 -6.25 18.94 -2.57
N GLN D 146 -7.10 19.63 -1.79
CA GLN D 146 -6.76 20.70 -0.84
C GLN D 146 -6.01 20.13 0.42
N THR D 147 -6.10 18.79 0.65
CA THR D 147 -5.51 18.07 1.79
C THR D 147 -4.01 17.76 1.58
N ASN D 148 -3.16 18.02 2.59
CA ASN D 148 -1.73 17.75 2.51
C ASN D 148 -1.32 16.67 3.49
N VAL D 149 -0.78 15.58 2.95
CA VAL D 149 -0.41 14.40 3.72
C VAL D 149 1.04 14.57 4.19
N SER D 150 1.17 15.02 5.44
CA SER D 150 2.46 15.28 6.07
C SER D 150 3.08 14.03 6.66
N GLN D 151 4.41 14.01 6.69
CA GLN D 151 5.22 12.93 7.24
C GLN D 151 5.12 12.94 8.77
N SER D 152 5.37 11.79 9.42
CA SER D 152 5.33 11.71 10.88
C SER D 152 6.70 11.92 11.50
N LYS D 153 6.73 12.49 12.73
CA LYS D 153 7.99 12.71 13.45
C LYS D 153 8.46 11.41 14.09
N ASP D 154 7.51 10.50 14.40
CA ASP D 154 7.78 9.18 14.98
C ASP D 154 8.37 8.26 13.90
N SER D 155 9.68 7.97 14.05
CA SER D 155 10.49 7.13 13.17
C SER D 155 9.89 5.74 12.89
N ASP D 156 9.08 5.26 13.82
CA ASP D 156 8.45 3.98 13.67
C ASP D 156 7.11 4.00 12.97
N VAL D 157 6.70 5.18 12.54
CA VAL D 157 5.46 5.28 11.81
C VAL D 157 5.82 5.74 10.43
N TYR D 158 5.27 5.08 9.44
CA TYR D 158 5.54 5.50 8.06
C TYR D 158 4.28 5.94 7.38
N ILE D 159 4.35 7.06 6.66
CA ILE D 159 3.22 7.62 5.91
C ILE D 159 3.71 7.88 4.48
N THR D 160 2.98 7.37 3.50
CA THR D 160 3.31 7.56 2.08
C THR D 160 2.70 8.89 1.66
N ASP D 161 3.08 9.39 0.47
CA ASP D 161 2.48 10.62 -0.05
C ASP D 161 1.11 10.28 -0.65
N LYS D 162 0.31 11.30 -1.00
CA LYS D 162 -0.98 11.07 -1.64
C LYS D 162 -0.74 10.53 -3.05
N CYS D 163 -1.75 9.84 -3.56
CA CYS D 163 -1.63 9.15 -4.83
C CYS D 163 -3.04 9.05 -5.42
N VAL D 164 -3.23 9.44 -6.69
CA VAL D 164 -4.55 9.41 -7.31
C VAL D 164 -4.74 8.22 -8.27
N LEU D 165 -5.87 7.52 -8.11
CA LEU D 165 -6.28 6.42 -8.99
C LEU D 165 -7.50 6.85 -9.81
N ASP D 166 -7.60 6.33 -11.06
CA ASP D 166 -8.73 6.66 -11.93
C ASP D 166 -9.49 5.40 -12.33
N MET D 167 -10.76 5.31 -11.92
CA MET D 167 -11.68 4.23 -12.25
C MET D 167 -12.42 4.71 -13.51
N ARG D 168 -11.71 4.66 -14.66
CA ARG D 168 -12.11 5.10 -15.99
C ARG D 168 -13.56 4.75 -16.37
N SER D 169 -13.97 3.48 -16.13
CA SER D 169 -15.30 2.92 -16.41
C SER D 169 -16.46 3.71 -15.79
N MET D 170 -16.29 4.19 -14.54
CA MET D 170 -17.37 4.93 -13.88
C MET D 170 -17.06 6.43 -13.59
N ASP D 171 -16.24 7.09 -14.47
CA ASP D 171 -15.87 8.52 -14.41
C ASP D 171 -15.48 9.01 -12.99
N PHE D 172 -14.73 8.18 -12.24
CA PHE D 172 -14.39 8.46 -10.85
C PHE D 172 -12.88 8.44 -10.56
N LYS D 173 -12.40 9.48 -9.86
CA LYS D 173 -11.00 9.64 -9.44
C LYS D 173 -10.96 9.79 -7.91
N SER D 174 -9.94 9.22 -7.26
CA SER D 174 -9.80 9.33 -5.82
C SER D 174 -8.36 9.29 -5.33
N ASN D 175 -8.10 10.06 -4.24
CA ASN D 175 -6.80 10.19 -3.57
C ASN D 175 -6.68 9.23 -2.41
N SER D 176 -5.45 8.76 -2.13
CA SER D 176 -5.18 7.83 -1.02
C SER D 176 -3.73 7.92 -0.54
N ALA D 177 -3.52 7.71 0.74
CA ALA D 177 -2.20 7.66 1.36
C ALA D 177 -2.28 6.54 2.35
N VAL D 178 -1.17 5.89 2.62
CA VAL D 178 -1.12 4.71 3.48
C VAL D 178 -0.18 4.96 4.62
N ALA D 179 -0.53 4.42 5.80
CA ALA D 179 0.31 4.51 6.97
C ALA D 179 0.36 3.15 7.66
N TRP D 180 1.48 2.86 8.29
CA TRP D 180 1.69 1.63 9.03
C TRP D 180 2.84 1.85 10.01
N SER D 181 2.97 0.97 11.00
CA SER D 181 4.05 1.00 11.99
C SER D 181 4.29 -0.42 12.47
N ASN D 182 5.55 -0.74 12.85
CA ASN D 182 5.84 -2.10 13.32
C ASN D 182 5.49 -2.28 14.80
N LYS D 183 5.33 -1.15 15.54
CA LYS D 183 4.95 -1.11 16.94
C LYS D 183 3.51 -1.64 17.11
N SER D 184 3.33 -2.50 18.11
CA SER D 184 2.06 -3.15 18.47
C SER D 184 0.98 -2.13 18.86
N ASP D 185 1.39 -1.10 19.64
CA ASP D 185 0.56 -0.01 20.18
C ASP D 185 -0.08 0.91 19.14
N PHE D 186 0.51 1.02 17.90
CA PHE D 186 0.05 1.90 16.84
C PHE D 186 -1.46 1.81 16.48
N ALA D 187 -2.13 2.98 16.52
CA ALA D 187 -3.53 3.19 16.16
C ALA D 187 -3.56 4.07 14.90
N CYS D 188 -4.58 3.89 14.05
CA CYS D 188 -4.68 4.62 12.80
C CYS D 188 -4.80 6.17 12.98
N ALA D 189 -5.13 6.65 14.21
CA ALA D 189 -5.21 8.10 14.53
C ALA D 189 -3.87 8.76 14.81
N ASN D 190 -2.83 7.96 15.11
CA ASN D 190 -1.47 8.44 15.40
C ASN D 190 -0.86 9.09 14.18
N ALA D 191 -1.11 8.50 12.99
CA ALA D 191 -0.60 8.94 11.69
C ALA D 191 -1.52 10.01 11.08
N PHE D 192 -2.79 9.67 10.86
CA PHE D 192 -3.77 10.58 10.25
C PHE D 192 -4.57 11.31 11.33
N ASN D 193 -3.93 12.28 11.94
CA ASN D 193 -4.50 13.07 13.04
C ASN D 193 -5.16 14.36 12.57
N ASN D 194 -5.72 15.16 13.50
CA ASN D 194 -6.43 16.44 13.26
C ASN D 194 -5.74 17.44 12.36
N SER D 195 -4.41 17.52 12.38
CA SER D 195 -3.65 18.46 11.57
C SER D 195 -3.70 18.14 10.07
N ILE D 196 -3.80 16.84 9.73
CA ILE D 196 -3.85 16.36 8.35
C ILE D 196 -5.30 16.22 7.83
N ILE D 197 -6.12 15.42 8.53
CA ILE D 197 -7.45 15.07 8.08
C ILE D 197 -8.50 16.21 8.22
N PRO D 198 -9.43 16.35 7.24
CA PRO D 198 -10.49 17.39 7.39
C PRO D 198 -11.46 17.06 8.54
N GLU D 199 -12.23 18.07 9.00
CA GLU D 199 -13.16 17.90 10.12
C GLU D 199 -14.35 16.97 9.79
N ASP D 200 -14.63 16.75 8.50
CA ASP D 200 -15.71 15.84 8.07
C ASP D 200 -15.24 14.38 7.85
N THR D 201 -14.00 14.01 8.29
CA THR D 201 -13.46 12.65 8.11
C THR D 201 -14.26 11.57 8.83
N PHE D 202 -14.71 10.56 8.07
CA PHE D 202 -15.39 9.38 8.59
C PHE D 202 -14.30 8.53 9.20
N PHE D 203 -14.31 8.38 10.54
CA PHE D 203 -13.26 7.65 11.22
C PHE D 203 -13.82 6.49 12.09
N PRO D 204 -14.33 5.38 11.51
CA PRO D 204 -14.88 4.30 12.35
C PRO D 204 -13.86 3.61 13.22
N SER D 205 -14.34 2.95 14.27
CA SER D 205 -13.54 2.17 15.22
C SER D 205 -13.18 0.85 14.53
N PRO D 206 -11.94 0.31 14.74
CA PRO D 206 -11.60 -0.96 14.07
C PRO D 206 -12.17 -2.18 14.80
N ALA E 1 10.46 2.90 -34.99
CA ALA E 1 11.82 3.36 -35.09
C ALA E 1 12.26 3.38 -33.65
N VAL E 2 12.29 2.21 -33.09
CA VAL E 2 12.65 2.07 -31.72
C VAL E 2 14.16 1.93 -31.56
N VAL E 3 14.62 2.36 -30.42
CA VAL E 3 15.99 2.30 -29.93
C VAL E 3 15.92 1.54 -28.64
N SER E 4 16.85 0.62 -28.43
CA SER E 4 16.84 -0.13 -27.19
C SER E 4 18.20 -0.11 -26.53
N GLN E 5 18.25 -0.59 -25.26
CA GLN E 5 19.44 -0.67 -24.44
C GLN E 5 19.53 -1.97 -23.69
N HIS E 6 20.73 -2.41 -23.44
CA HIS E 6 20.93 -3.61 -22.66
C HIS E 6 22.23 -3.46 -21.87
N PRO E 7 22.26 -3.76 -20.56
CA PRO E 7 21.13 -4.16 -19.69
C PRO E 7 20.23 -3.00 -19.32
N SER E 8 19.07 -3.26 -18.73
CA SER E 8 18.18 -2.18 -18.31
C SER E 8 18.49 -1.77 -16.82
N ARG E 9 19.08 -2.69 -16.04
CA ARG E 9 19.41 -2.52 -14.62
C ARG E 9 20.66 -3.25 -14.30
N VAL E 10 21.58 -2.60 -13.57
CA VAL E 10 22.85 -3.20 -13.18
C VAL E 10 23.09 -2.89 -11.72
N ILE E 11 23.39 -3.94 -10.94
CA ILE E 11 23.84 -3.79 -9.57
C ILE E 11 25.23 -4.41 -9.56
N CYS E 12 26.25 -3.63 -9.24
CA CYS E 12 27.59 -4.18 -9.22
C CYS E 12 28.43 -3.64 -8.06
N LYS E 13 29.51 -4.38 -7.73
CA LYS E 13 30.47 -3.98 -6.70
C LYS E 13 31.41 -2.97 -7.32
N SER E 14 31.95 -2.06 -6.48
CA SER E 14 32.93 -1.06 -6.88
C SER E 14 34.14 -1.71 -7.55
N GLY E 15 34.70 -1.02 -8.54
CA GLY E 15 35.84 -1.49 -9.31
C GLY E 15 35.51 -2.27 -10.55
N THR E 16 34.26 -2.73 -10.69
CA THR E 16 33.87 -3.46 -11.91
C THR E 16 33.64 -2.52 -13.11
N SER E 17 33.80 -3.04 -14.32
CA SER E 17 33.55 -2.30 -15.55
C SER E 17 32.16 -2.69 -16.04
N VAL E 18 31.34 -1.71 -16.38
CA VAL E 18 29.99 -1.99 -16.86
C VAL E 18 29.81 -1.48 -18.29
N LYS E 19 29.52 -2.42 -19.22
CA LYS E 19 29.29 -2.14 -20.63
C LYS E 19 27.77 -2.05 -20.87
N ILE E 20 27.31 -0.99 -21.50
CA ILE E 20 25.90 -0.73 -21.82
C ILE E 20 25.81 -0.57 -23.33
N GLU E 21 24.86 -1.27 -23.95
CA GLU E 21 24.60 -1.24 -25.40
C GLU E 21 23.48 -0.29 -25.72
N CYS E 22 23.60 0.39 -26.86
CA CYS E 22 22.54 1.24 -27.43
C CYS E 22 22.36 0.73 -28.84
N ARG E 23 21.13 0.29 -29.19
CA ARG E 23 20.86 -0.31 -30.50
C ARG E 23 19.69 0.31 -31.21
N SER E 24 19.91 0.70 -32.48
CA SER E 24 18.81 1.17 -33.31
C SER E 24 18.24 -0.16 -33.86
N LEU E 25 17.00 -0.45 -33.50
CA LEU E 25 16.36 -1.71 -33.85
C LEU E 25 15.89 -1.78 -35.28
N ASP E 26 15.48 -0.65 -35.89
CA ASP E 26 14.94 -0.75 -37.25
C ASP E 26 15.43 0.35 -38.19
N PHE E 27 16.61 0.95 -37.91
CA PHE E 27 17.21 1.93 -38.79
C PHE E 27 18.71 1.93 -38.57
N GLN E 28 19.44 2.47 -39.53
CA GLN E 28 20.90 2.63 -39.45
C GLN E 28 21.22 4.02 -38.89
N ALA E 29 22.14 4.07 -37.92
CA ALA E 29 22.51 5.33 -37.25
C ALA E 29 24.01 5.57 -37.31
N THR E 30 24.41 6.69 -37.90
CA THR E 30 25.83 7.11 -37.98
C THR E 30 26.23 7.78 -36.67
N THR E 31 25.23 8.19 -35.85
CA THR E 31 25.48 8.91 -34.61
C THR E 31 24.53 8.48 -33.51
N MET E 32 25.04 8.34 -32.29
CA MET E 32 24.25 8.08 -31.09
C MET E 32 24.69 9.03 -29.97
N PHE E 33 23.75 9.39 -29.12
CA PHE E 33 24.01 10.35 -28.04
C PHE E 33 23.79 9.65 -26.74
N TRP E 34 24.73 9.86 -25.81
CA TRP E 34 24.70 9.26 -24.49
C TRP E 34 24.48 10.34 -23.47
N TYR E 35 23.48 10.14 -22.58
CA TYR E 35 23.07 11.05 -21.53
C TYR E 35 23.11 10.36 -20.19
N ARG E 36 23.08 11.20 -19.16
CA ARG E 36 23.07 10.78 -17.77
C ARG E 36 21.99 11.60 -17.06
N GLN E 37 21.13 10.94 -16.29
CA GLN E 37 20.05 11.59 -15.50
C GLN E 37 20.14 11.18 -14.07
N PHE E 38 20.03 12.18 -13.18
CA PHE E 38 20.10 12.07 -11.72
C PHE E 38 18.69 12.39 -11.18
N PRO E 39 18.43 12.43 -9.84
CA PRO E 39 17.09 12.82 -9.34
C PRO E 39 16.62 14.19 -9.89
N LYS E 40 17.58 15.17 -10.04
CA LYS E 40 17.35 16.45 -10.70
C LYS E 40 17.34 16.01 -12.16
N GLN E 41 16.13 15.72 -12.61
CA GLN E 41 15.75 15.07 -13.86
C GLN E 41 16.21 15.71 -15.18
N SER E 42 17.17 16.65 -15.23
CA SER E 42 17.55 17.14 -16.57
C SER E 42 18.47 16.14 -17.32
N LEU E 43 18.36 16.10 -18.66
CA LEU E 43 19.15 15.25 -19.54
C LEU E 43 20.49 15.87 -19.76
N MET E 44 21.53 15.28 -19.17
CA MET E 44 22.89 15.80 -19.30
C MET E 44 23.63 15.03 -20.40
N LEU E 45 23.87 15.68 -21.55
CA LEU E 45 24.64 15.08 -22.64
C LEU E 45 26.05 14.83 -22.20
N MET E 46 26.50 13.58 -22.31
CA MET E 46 27.84 13.19 -21.91
C MET E 46 28.78 13.12 -23.09
N ALA E 47 28.34 12.49 -24.18
CA ALA E 47 29.11 12.18 -25.38
C ALA E 47 28.27 11.83 -26.57
N THR E 48 28.84 12.08 -27.75
CA THR E 48 28.30 11.77 -29.06
C THR E 48 29.21 10.73 -29.67
N SER E 49 28.61 9.57 -29.97
CA SER E 49 29.23 8.39 -30.57
C SER E 49 29.15 8.60 -32.09
N ASN E 50 30.27 8.49 -32.79
CA ASN E 50 30.32 8.74 -34.24
C ASN E 50 30.83 7.52 -34.96
N GLU E 51 30.10 7.08 -35.99
CA GLU E 51 30.53 5.92 -36.78
C GLU E 51 31.81 6.29 -37.54
N GLY E 52 32.81 5.43 -37.44
CA GLY E 52 34.11 5.61 -38.09
C GLY E 52 34.91 6.82 -37.64
N SER E 53 34.72 7.24 -36.36
CA SER E 53 35.44 8.37 -35.75
C SER E 53 35.41 8.26 -34.22
N LYS E 54 36.30 8.99 -33.53
CA LYS E 54 36.35 8.97 -32.07
C LYS E 54 35.17 9.75 -31.49
N ALA E 55 34.75 9.37 -30.27
CA ALA E 55 33.61 10.02 -29.60
C ALA E 55 33.93 11.50 -29.28
N THR E 56 32.88 12.34 -29.24
CA THR E 56 32.96 13.76 -28.91
C THR E 56 32.40 13.85 -27.50
N TYR E 57 33.25 14.16 -26.50
CA TYR E 57 32.81 14.29 -25.13
C TYR E 57 32.39 15.70 -24.76
N GLU E 58 31.39 15.83 -23.89
CA GLU E 58 30.96 17.13 -23.42
C GLU E 58 31.90 17.63 -22.31
N GLN E 59 31.85 18.96 -22.03
CA GLN E 59 32.60 19.63 -20.98
C GLN E 59 32.27 19.00 -19.63
N GLY E 60 33.30 18.65 -18.88
CA GLY E 60 33.14 18.06 -17.56
C GLY E 60 32.97 16.55 -17.52
N VAL E 61 33.24 15.86 -18.65
CA VAL E 61 33.10 14.41 -18.71
C VAL E 61 34.46 13.74 -18.63
N GLU E 62 34.68 12.98 -17.54
CA GLU E 62 35.87 12.16 -17.29
C GLU E 62 35.94 11.16 -18.48
N LYS E 63 36.77 11.46 -19.50
CA LYS E 63 36.90 10.64 -20.72
C LYS E 63 37.28 9.17 -20.44
N ASP E 64 38.33 8.93 -19.63
CA ASP E 64 38.86 7.61 -19.26
C ASP E 64 37.91 6.77 -18.40
N LYS E 65 36.95 7.44 -17.83
CA LYS E 65 35.95 6.80 -17.03
C LYS E 65 34.83 6.24 -17.93
N PHE E 66 34.44 6.97 -18.94
CA PHE E 66 33.36 6.60 -19.84
C PHE E 66 33.86 6.34 -21.24
N LEU E 67 34.14 5.07 -21.58
CA LEU E 67 34.60 4.70 -22.92
C LEU E 67 33.42 4.53 -23.90
N ILE E 68 33.42 5.28 -25.01
CA ILE E 68 32.35 5.21 -26.01
C ILE E 68 32.88 4.60 -27.30
N ASN E 69 32.21 3.55 -27.79
CA ASN E 69 32.57 2.87 -29.02
C ASN E 69 31.37 2.76 -29.96
N HIS E 70 31.54 3.26 -31.19
CA HIS E 70 30.55 3.14 -32.23
C HIS E 70 30.96 1.91 -33.00
N ALA E 71 30.36 0.81 -32.61
CA ALA E 71 30.66 -0.52 -33.11
C ALA E 71 30.21 -0.79 -34.54
N SER E 72 29.05 -0.25 -34.97
CA SER E 72 28.49 -0.46 -36.31
C SER E 72 27.43 0.60 -36.59
N LEU E 73 26.72 0.48 -37.68
CA LEU E 73 25.64 1.37 -37.97
C LEU E 73 24.37 1.18 -37.13
N THR E 74 24.37 0.26 -36.20
CA THR E 74 23.25 0.04 -35.33
C THR E 74 23.60 -0.02 -33.86
N LEU E 75 24.87 -0.14 -33.52
CA LEU E 75 25.27 -0.30 -32.14
C LEU E 75 26.35 0.66 -31.69
N SER E 76 26.13 1.21 -30.49
CA SER E 76 27.07 2.05 -29.77
C SER E 76 27.15 1.48 -28.37
N THR E 77 28.36 1.41 -27.77
CA THR E 77 28.47 0.95 -26.37
C THR E 77 29.09 2.05 -25.51
N LEU E 78 28.63 2.12 -24.25
CA LEU E 78 29.17 3.00 -23.22
C LEU E 78 29.76 2.05 -22.17
N THR E 79 31.04 2.22 -21.81
CA THR E 79 31.66 1.43 -20.75
C THR E 79 32.04 2.34 -19.57
N VAL E 80 31.48 2.09 -18.38
CA VAL E 80 31.81 2.80 -17.15
C VAL E 80 32.93 1.97 -16.52
N THR E 81 34.18 2.44 -16.61
CA THR E 81 35.35 1.71 -16.07
C THR E 81 35.53 1.95 -14.60
N SER E 82 35.99 0.92 -13.84
CA SER E 82 36.21 0.94 -12.39
C SER E 82 35.10 1.73 -11.71
N ALA E 83 33.87 1.24 -11.82
CA ALA E 83 32.73 1.98 -11.30
C ALA E 83 32.80 2.16 -9.79
N HIS E 84 32.39 3.32 -9.32
CA HIS E 84 32.37 3.65 -7.91
C HIS E 84 30.96 4.14 -7.55
N PRO E 85 30.53 4.10 -6.26
CA PRO E 85 29.15 4.53 -5.93
C PRO E 85 28.67 5.85 -6.54
N GLU E 86 29.55 6.84 -6.69
CA GLU E 86 29.26 8.16 -7.27
C GLU E 86 28.86 8.09 -8.76
N ASP E 87 29.19 6.96 -9.44
CA ASP E 87 28.87 6.70 -10.86
C ASP E 87 27.46 6.14 -11.03
N SER E 88 26.77 5.78 -9.91
CA SER E 88 25.40 5.28 -9.94
C SER E 88 24.54 6.35 -10.55
N SER E 89 23.73 5.99 -11.56
CA SER E 89 22.87 6.94 -12.25
C SER E 89 22.02 6.19 -13.30
N PHE E 90 21.20 6.97 -14.04
CA PHE E 90 20.37 6.50 -15.12
C PHE E 90 21.07 6.94 -16.42
N TYR E 91 21.59 5.96 -17.19
CA TYR E 91 22.30 6.19 -18.44
C TYR E 91 21.36 5.93 -19.62
N ILE E 92 21.15 6.92 -20.45
CA ILE E 92 20.17 6.77 -21.52
C ILE E 92 20.75 7.26 -22.84
N CYS E 93 20.49 6.52 -23.91
CA CYS E 93 20.98 6.89 -25.23
C CYS E 93 19.83 7.36 -26.13
N SER E 94 20.18 8.03 -27.22
CA SER E 94 19.26 8.36 -28.27
C SER E 94 19.96 8.20 -29.63
N ALA E 95 19.16 7.94 -30.67
CA ALA E 95 19.59 7.82 -32.06
C ALA E 95 18.41 8.16 -32.95
N GLY E 96 18.72 8.56 -34.17
CA GLY E 96 17.73 8.93 -35.17
C GLY E 96 18.23 8.56 -36.55
N PRO E 97 17.33 8.36 -37.52
CA PRO E 97 17.77 7.95 -38.88
C PRO E 97 18.45 9.05 -39.73
N THR E 98 18.18 10.30 -39.41
CA THR E 98 18.78 11.46 -40.10
C THR E 98 20.17 11.81 -39.51
N SER E 99 21.18 11.95 -40.40
CA SER E 99 22.56 12.34 -40.05
C SER E 99 22.71 13.86 -40.25
N GLY E 100 23.85 14.43 -39.88
CA GLY E 100 24.06 15.86 -40.06
C GLY E 100 23.37 16.60 -38.93
N ARG E 101 22.86 17.84 -39.20
CA ARG E 101 22.25 18.63 -38.14
C ARG E 101 21.08 17.82 -37.59
N THR E 102 21.17 17.51 -36.28
CA THR E 102 20.32 16.59 -35.55
C THR E 102 18.85 16.86 -35.78
N ASP E 103 18.12 15.76 -36.03
CA ASP E 103 16.69 15.83 -36.26
C ASP E 103 15.98 15.00 -35.21
N THR E 104 14.90 14.29 -35.56
CA THR E 104 14.14 13.45 -34.63
C THR E 104 15.02 12.43 -33.97
N GLN E 105 14.99 12.43 -32.63
CA GLN E 105 15.77 11.50 -31.80
C GLN E 105 14.86 10.59 -31.03
N TYR E 106 15.22 9.31 -30.99
CA TYR E 106 14.45 8.29 -30.30
C TYR E 106 15.29 7.77 -29.20
N PHE E 107 14.75 7.79 -27.99
CA PHE E 107 15.48 7.38 -26.80
C PHE E 107 15.35 5.94 -26.51
N GLY E 108 16.40 5.37 -25.94
CA GLY E 108 16.39 4.00 -25.46
C GLY E 108 15.62 3.95 -24.13
N PRO E 109 15.43 2.76 -23.50
CA PRO E 109 14.66 2.72 -22.23
C PRO E 109 15.41 3.27 -21.00
N GLY E 110 16.73 3.40 -21.12
CA GLY E 110 17.61 3.84 -20.05
C GLY E 110 18.20 2.65 -19.34
N THR E 111 19.29 2.86 -18.61
CA THR E 111 19.94 1.84 -17.80
C THR E 111 20.14 2.40 -16.40
N ARG E 112 19.61 1.69 -15.42
CA ARG E 112 19.78 2.13 -14.05
C ARG E 112 21.00 1.41 -13.53
N LEU E 113 22.08 2.14 -13.31
CA LEU E 113 23.31 1.55 -12.77
C LEU E 113 23.43 1.87 -11.29
N THR E 114 23.55 0.85 -10.45
CA THR E 114 23.75 1.01 -9.00
C THR E 114 25.07 0.37 -8.61
N VAL E 115 26.02 1.18 -8.17
CA VAL E 115 27.32 0.70 -7.75
C VAL E 115 27.37 0.70 -6.21
N LEU E 116 27.70 -0.47 -5.62
CA LEU E 116 27.77 -0.65 -4.16
C LEU E 116 29.17 -1.02 -3.73
N GLU E 117 29.61 -0.49 -2.58
CA GLU E 117 30.94 -0.80 -2.03
C GLU E 117 30.95 -2.24 -1.53
N ASP E 118 29.82 -2.71 -1.01
CA ASP E 118 29.64 -4.04 -0.45
C ASP E 118 28.29 -4.62 -0.85
N LEU E 119 28.33 -5.77 -1.53
CA LEU E 119 27.15 -6.49 -2.01
C LEU E 119 26.37 -7.24 -0.92
N LYS E 120 26.83 -7.18 0.35
CA LYS E 120 26.17 -7.81 1.51
C LYS E 120 24.82 -7.15 1.85
N ASN E 121 24.62 -5.89 1.42
CA ASN E 121 23.46 -5.04 1.69
C ASN E 121 22.25 -5.26 0.74
N VAL E 122 22.34 -6.21 -0.22
CA VAL E 122 21.25 -6.46 -1.18
C VAL E 122 20.15 -7.39 -0.58
N PHE E 123 18.86 -6.97 -0.65
CA PHE E 123 17.71 -7.71 -0.10
C PHE E 123 16.49 -7.68 -1.03
N PRO E 124 15.78 -8.82 -1.24
CA PRO E 124 14.55 -8.77 -2.07
C PRO E 124 13.35 -8.24 -1.26
N PRO E 125 12.20 -7.85 -1.86
CA PRO E 125 11.08 -7.40 -1.03
C PRO E 125 10.20 -8.56 -0.53
N GLU E 126 9.47 -8.29 0.56
CA GLU E 126 8.42 -9.13 1.13
C GLU E 126 7.18 -8.40 0.66
N VAL E 127 6.20 -9.11 0.10
CA VAL E 127 5.00 -8.47 -0.44
C VAL E 127 3.73 -9.00 0.25
N ALA E 128 2.80 -8.09 0.58
CA ALA E 128 1.52 -8.42 1.23
C ALA E 128 0.38 -7.63 0.62
N VAL E 129 -0.79 -8.27 0.49
CA VAL E 129 -2.02 -7.64 0.00
C VAL E 129 -2.96 -7.52 1.20
N PHE E 130 -3.56 -6.34 1.37
CA PHE E 130 -4.48 -6.02 2.44
C PHE E 130 -5.86 -5.84 1.81
N GLU E 131 -6.81 -6.66 2.30
CA GLU E 131 -8.19 -6.77 1.83
C GLU E 131 -9.01 -5.53 2.14
N PRO E 132 -9.96 -5.12 1.26
CA PRO E 132 -10.74 -3.91 1.54
C PRO E 132 -11.58 -3.99 2.80
N SER E 133 -11.71 -2.83 3.50
CA SER E 133 -12.46 -2.70 4.74
C SER E 133 -13.96 -2.77 4.49
N GLU E 134 -14.68 -3.44 5.41
CA GLU E 134 -16.14 -3.55 5.42
C GLU E 134 -16.78 -2.15 5.49
N ALA E 135 -16.16 -1.27 6.34
CA ALA E 135 -16.53 0.13 6.55
C ALA E 135 -16.48 0.87 5.23
N GLU E 136 -15.44 0.62 4.40
CA GLU E 136 -15.33 1.25 3.09
C GLU E 136 -16.42 0.78 2.14
N ILE E 137 -16.61 -0.54 2.03
CA ILE E 137 -17.65 -1.16 1.19
C ILE E 137 -19.04 -0.59 1.53
N SER E 138 -19.40 -0.57 2.84
CA SER E 138 -20.69 -0.06 3.37
C SER E 138 -20.92 1.42 3.05
N HIS E 139 -19.89 2.25 3.30
CA HIS E 139 -19.92 3.70 3.09
C HIS E 139 -19.83 4.17 1.64
N THR E 140 -18.95 3.54 0.82
CA THR E 140 -18.69 4.01 -0.54
C THR E 140 -19.25 3.16 -1.71
N GLN E 141 -19.49 1.84 -1.50
CA GLN E 141 -19.88 0.87 -2.57
C GLN E 141 -18.67 0.63 -3.53
N LYS E 142 -17.46 0.83 -2.98
CA LYS E 142 -16.16 0.64 -3.62
C LYS E 142 -15.29 -0.14 -2.63
N ALA E 143 -14.30 -0.88 -3.14
CA ALA E 143 -13.40 -1.74 -2.39
C ALA E 143 -11.94 -1.56 -2.83
N THR E 144 -11.11 -0.96 -1.95
CA THR E 144 -9.68 -0.69 -2.20
C THR E 144 -8.79 -1.76 -1.59
N LEU E 145 -7.99 -2.40 -2.46
CA LEU E 145 -7.01 -3.37 -2.03
C LEU E 145 -5.70 -2.60 -1.92
N VAL E 146 -4.89 -2.92 -0.90
CA VAL E 146 -3.61 -2.25 -0.78
C VAL E 146 -2.47 -3.27 -0.80
N CYS E 147 -1.48 -3.04 -1.66
CA CYS E 147 -0.30 -3.89 -1.71
C CYS E 147 0.85 -3.16 -1.03
N LEU E 148 1.68 -3.90 -0.29
CA LEU E 148 2.83 -3.35 0.41
C LEU E 148 4.08 -4.22 0.19
N ALA E 149 5.14 -3.63 -0.37
CA ALA E 149 6.46 -4.26 -0.60
C ALA E 149 7.43 -3.60 0.42
N THR E 150 8.09 -4.38 1.29
CA THR E 150 8.97 -3.85 2.36
C THR E 150 10.32 -4.58 2.50
N GLY E 151 11.32 -3.89 3.03
CA GLY E 151 12.67 -4.42 3.26
C GLY E 151 13.55 -4.69 2.05
N PHE E 152 13.34 -3.98 0.93
CA PHE E 152 14.17 -4.21 -0.26
C PHE E 152 15.29 -3.18 -0.42
N TYR E 153 16.42 -3.62 -0.99
CA TYR E 153 17.61 -2.82 -1.28
C TYR E 153 18.38 -3.42 -2.46
N PRO E 154 18.74 -2.63 -3.49
CA PRO E 154 18.50 -1.20 -3.67
C PRO E 154 17.11 -0.89 -4.22
N ASP E 155 16.91 0.35 -4.68
CA ASP E 155 15.65 0.86 -5.23
C ASP E 155 15.37 0.26 -6.65
N HIS E 156 15.45 -1.08 -6.81
CA HIS E 156 15.23 -1.72 -8.11
C HIS E 156 14.00 -2.63 -8.05
N VAL E 157 12.79 -2.04 -8.19
CA VAL E 157 11.52 -2.75 -8.04
C VAL E 157 10.42 -2.21 -8.96
N GLU E 158 9.58 -3.11 -9.55
CA GLU E 158 8.45 -2.67 -10.39
C GLU E 158 7.18 -3.46 -10.02
N LEU E 159 6.11 -2.71 -9.68
CA LEU E 159 4.86 -3.27 -9.15
C LEU E 159 3.70 -3.21 -10.15
N SER E 160 2.90 -4.29 -10.23
CA SER E 160 1.72 -4.31 -11.11
C SER E 160 0.58 -5.11 -10.50
N TRP E 161 -0.66 -4.81 -10.94
CA TRP E 161 -1.88 -5.47 -10.48
C TRP E 161 -2.46 -6.37 -11.56
N TRP E 162 -2.68 -7.64 -11.21
CA TRP E 162 -3.20 -8.68 -12.08
C TRP E 162 -4.55 -9.20 -11.57
N VAL E 163 -5.62 -8.89 -12.32
CA VAL E 163 -6.98 -9.34 -12.02
C VAL E 163 -7.34 -10.47 -13.00
N ASN E 164 -7.61 -11.67 -12.45
CA ASN E 164 -7.99 -12.88 -13.21
C ASN E 164 -6.93 -13.23 -14.32
N GLY E 165 -5.64 -13.18 -13.94
CA GLY E 165 -4.51 -13.48 -14.81
C GLY E 165 -4.11 -12.41 -15.82
N LYS E 166 -4.91 -11.34 -15.97
CA LYS E 166 -4.59 -10.24 -16.88
C LYS E 166 -4.17 -8.97 -16.08
N GLU E 167 -3.21 -8.20 -16.60
CA GLU E 167 -2.74 -6.95 -15.99
C GLU E 167 -3.76 -5.83 -16.15
N VAL E 168 -3.94 -5.04 -15.09
CA VAL E 168 -4.86 -3.91 -15.03
C VAL E 168 -4.14 -2.58 -14.84
N HIS E 169 -4.75 -1.48 -15.32
CA HIS E 169 -4.23 -0.12 -15.16
C HIS E 169 -5.30 0.82 -14.57
N SER E 170 -6.57 0.58 -14.89
CA SER E 170 -7.71 1.34 -14.37
C SER E 170 -7.85 1.08 -12.84
N GLY E 171 -8.19 2.15 -12.11
CA GLY E 171 -8.35 2.15 -10.66
C GLY E 171 -7.08 1.79 -9.89
N VAL E 172 -5.89 2.02 -10.50
CA VAL E 172 -4.59 1.71 -9.88
C VAL E 172 -3.81 3.00 -9.64
N CYS E 173 -3.00 2.98 -8.56
CA CYS E 173 -2.07 4.05 -8.18
C CYS E 173 -1.00 3.50 -7.22
N THR E 174 0.26 3.62 -7.62
CA THR E 174 1.44 3.14 -6.88
C THR E 174 2.20 4.38 -6.43
N ASP E 175 2.86 4.31 -5.25
CA ASP E 175 3.68 5.42 -4.73
C ASP E 175 4.73 5.81 -5.79
N PRO E 176 4.89 7.10 -6.15
CA PRO E 176 5.90 7.46 -7.17
C PRO E 176 7.30 7.03 -6.78
N GLN E 177 7.61 7.02 -5.49
CA GLN E 177 8.92 6.59 -5.00
C GLN E 177 8.83 5.82 -3.69
N PRO E 178 9.79 4.90 -3.43
CA PRO E 178 9.76 4.19 -2.16
C PRO E 178 10.19 5.09 -1.01
N LEU E 179 9.90 4.68 0.24
CA LEU E 179 10.35 5.43 1.39
C LEU E 179 11.42 4.67 2.15
N LYS E 180 12.43 5.39 2.62
CA LYS E 180 13.51 4.82 3.42
C LYS E 180 12.92 4.31 4.73
N GLU E 181 13.20 3.05 5.06
CA GLU E 181 12.70 2.42 6.30
C GLU E 181 13.40 3.01 7.53
N GLN E 182 14.51 3.72 7.30
CA GLN E 182 15.34 4.37 8.30
C GLN E 182 15.90 5.64 7.61
N PRO E 183 15.16 6.79 7.55
CA PRO E 183 15.64 7.96 6.78
C PRO E 183 16.88 8.70 7.31
N ALA E 184 17.72 8.02 8.12
CA ALA E 184 18.94 8.62 8.67
C ALA E 184 20.20 7.71 8.50
N LEU E 185 20.53 7.35 7.23
CA LEU E 185 21.69 6.51 6.84
C LEU E 185 21.86 6.44 5.31
N ASN E 186 23.08 6.09 4.84
CA ASN E 186 23.39 5.85 3.43
C ASN E 186 22.57 4.63 3.03
N ASP E 187 22.85 3.48 3.66
CA ASP E 187 22.13 2.23 3.45
C ASP E 187 20.92 2.25 4.34
N SER E 188 19.74 2.21 3.72
CA SER E 188 18.46 2.14 4.37
C SER E 188 17.62 1.36 3.43
N ARG E 189 16.97 0.30 3.93
CA ARG E 189 16.09 -0.51 3.11
C ARG E 189 14.87 0.32 2.72
N TYR E 190 14.11 -0.14 1.74
CA TYR E 190 12.98 0.62 1.23
C TYR E 190 11.63 -0.08 1.40
N ALA E 191 10.55 0.71 1.29
CA ALA E 191 9.19 0.21 1.33
C ALA E 191 8.40 0.95 0.28
N LEU E 192 7.48 0.25 -0.37
CA LEU E 192 6.65 0.84 -1.42
C LEU E 192 5.26 0.25 -1.26
N SER E 193 4.23 1.02 -1.61
CA SER E 193 2.85 0.56 -1.53
C SER E 193 2.09 0.94 -2.78
N SER E 194 0.96 0.26 -3.00
CA SER E 194 0.11 0.47 -4.17
C SER E 194 -1.32 0.22 -3.78
N ARG E 195 -2.24 0.79 -4.56
CA ARG E 195 -3.68 0.63 -4.37
C ARG E 195 -4.43 0.26 -5.67
N LEU E 196 -5.41 -0.64 -5.55
CA LEU E 196 -6.31 -1.03 -6.63
C LEU E 196 -7.73 -0.88 -6.09
N ARG E 197 -8.53 -0.02 -6.74
CA ARG E 197 -9.90 0.23 -6.33
C ARG E 197 -10.89 -0.30 -7.36
N VAL E 198 -11.77 -1.18 -6.89
CA VAL E 198 -12.81 -1.85 -7.67
C VAL E 198 -14.17 -1.56 -7.02
N SER E 199 -15.29 -1.88 -7.71
CA SER E 199 -16.61 -1.71 -7.13
C SER E 199 -16.81 -2.79 -6.05
N ALA E 200 -17.67 -2.50 -5.05
CA ALA E 200 -17.98 -3.45 -3.97
C ALA E 200 -18.50 -4.78 -4.59
N THR E 201 -19.38 -4.66 -5.62
CA THR E 201 -19.94 -5.80 -6.37
C THR E 201 -18.85 -6.71 -6.98
N PHE E 202 -17.76 -6.11 -7.53
CA PHE E 202 -16.63 -6.87 -8.09
C PHE E 202 -15.82 -7.62 -6.99
N TRP E 203 -15.56 -6.98 -5.82
CA TRP E 203 -14.80 -7.62 -4.72
C TRP E 203 -15.57 -8.77 -4.05
N GLN E 204 -16.91 -8.65 -4.01
CA GLN E 204 -17.85 -9.62 -3.40
C GLN E 204 -17.86 -10.98 -4.11
N ASN E 205 -17.67 -11.01 -5.46
CA ASN E 205 -17.65 -12.22 -6.29
C ASN E 205 -16.40 -13.10 -6.04
N PRO E 206 -16.55 -14.31 -5.43
CA PRO E 206 -15.36 -15.16 -5.14
C PRO E 206 -14.74 -15.84 -6.37
N ARG E 207 -15.24 -15.54 -7.58
CA ARG E 207 -14.69 -16.08 -8.82
C ARG E 207 -13.51 -15.19 -9.30
N ASN E 208 -13.40 -13.97 -8.72
CA ASN E 208 -12.37 -12.96 -9.00
C ASN E 208 -11.10 -13.10 -8.16
N HIS E 209 -9.98 -13.13 -8.88
CA HIS E 209 -8.61 -13.21 -8.36
C HIS E 209 -7.92 -11.82 -8.44
N PHE E 210 -7.10 -11.49 -7.42
CA PHE E 210 -6.35 -10.24 -7.36
C PHE E 210 -4.91 -10.56 -6.96
N ARG E 211 -3.94 -10.20 -7.81
CA ARG E 211 -2.53 -10.41 -7.54
C ARG E 211 -1.71 -9.11 -7.67
N CYS E 212 -0.88 -8.85 -6.67
CA CYS E 212 0.06 -7.73 -6.69
C CYS E 212 1.41 -8.35 -6.99
N GLN E 213 2.01 -7.90 -8.10
CA GLN E 213 3.29 -8.41 -8.57
C GLN E 213 4.39 -7.39 -8.30
N VAL E 214 5.53 -7.86 -7.72
CA VAL E 214 6.70 -7.02 -7.51
C VAL E 214 7.95 -7.66 -8.16
N GLN E 215 8.32 -7.14 -9.33
CA GLN E 215 9.52 -7.58 -10.03
C GLN E 215 10.71 -6.87 -9.37
N PHE E 216 11.60 -7.66 -8.74
CA PHE E 216 12.80 -7.17 -8.08
C PHE E 216 14.01 -7.46 -8.97
N TYR E 217 14.93 -6.50 -9.06
CA TYR E 217 16.16 -6.63 -9.82
C TYR E 217 17.32 -6.64 -8.84
N GLY E 218 17.97 -7.80 -8.74
CA GLY E 218 19.08 -8.02 -7.81
C GLY E 218 20.37 -8.40 -8.50
N LEU E 219 21.08 -9.37 -7.92
CA LEU E 219 22.35 -9.85 -8.46
C LEU E 219 22.14 -10.77 -9.69
N SER E 220 23.26 -11.18 -10.34
CA SER E 220 23.26 -12.10 -11.48
C SER E 220 23.99 -13.41 -11.09
N GLU E 221 24.02 -14.39 -12.02
CA GLU E 221 24.66 -15.70 -11.85
C GLU E 221 26.12 -15.65 -11.33
N ASN E 222 26.99 -14.87 -12.02
CA ASN E 222 28.43 -14.74 -11.71
C ASN E 222 28.75 -14.23 -10.29
N ASP E 223 27.93 -13.31 -9.74
CA ASP E 223 28.12 -12.74 -8.39
C ASP E 223 28.09 -13.88 -7.35
N GLU E 224 29.17 -14.03 -6.55
CA GLU E 224 29.27 -15.14 -5.59
C GLU E 224 29.28 -14.72 -4.10
N TRP E 225 28.93 -15.71 -3.24
CA TRP E 225 28.73 -15.64 -1.80
C TRP E 225 29.95 -15.94 -0.89
N THR E 226 29.83 -15.50 0.38
CA THR E 226 30.75 -15.69 1.52
C THR E 226 29.88 -15.73 2.81
N GLN E 227 28.56 -15.53 2.64
CA GLN E 227 27.57 -15.50 3.73
C GLN E 227 26.68 -16.77 3.80
N ASP E 228 25.54 -16.68 4.51
CA ASP E 228 24.59 -17.77 4.76
C ASP E 228 23.15 -17.54 4.25
N ARG E 229 22.80 -16.28 3.91
CA ARG E 229 21.47 -15.90 3.43
C ARG E 229 21.13 -16.44 2.02
N ALA E 230 19.83 -16.38 1.64
CA ALA E 230 19.34 -16.78 0.31
C ALA E 230 19.81 -15.80 -0.77
N LYS E 231 20.14 -16.31 -1.99
CA LYS E 231 20.66 -15.50 -3.11
C LYS E 231 19.70 -14.36 -3.55
N PRO E 232 20.10 -13.05 -3.43
CA PRO E 232 19.19 -11.97 -3.81
C PRO E 232 19.15 -11.73 -5.32
N VAL E 233 18.74 -12.77 -6.04
CA VAL E 233 18.66 -12.77 -7.49
C VAL E 233 17.42 -12.05 -7.97
N THR E 234 17.50 -11.51 -9.20
CA THR E 234 16.40 -10.88 -9.91
C THR E 234 15.22 -11.88 -9.84
N GLN E 235 14.08 -11.46 -9.27
CA GLN E 235 12.94 -12.34 -9.05
C GLN E 235 11.61 -11.60 -8.99
N ILE E 236 10.49 -12.36 -9.03
CA ILE E 236 9.13 -11.84 -8.85
C ILE E 236 8.67 -12.35 -7.48
N VAL E 237 8.18 -11.42 -6.63
CA VAL E 237 7.62 -11.70 -5.30
C VAL E 237 6.17 -11.20 -5.39
N SER E 238 5.21 -12.11 -5.18
CA SER E 238 3.80 -11.79 -5.28
C SER E 238 3.04 -12.06 -3.99
N ALA E 239 1.87 -11.44 -3.90
CA ALA E 239 0.87 -11.63 -2.85
C ALA E 239 -0.47 -11.52 -3.55
N GLU E 240 -1.43 -12.32 -3.09
CA GLU E 240 -2.74 -12.41 -3.70
C GLU E 240 -3.88 -12.42 -2.73
N ALA E 241 -5.06 -12.08 -3.27
CA ALA E 241 -6.37 -12.07 -2.61
C ALA E 241 -7.35 -12.80 -3.55
N TRP E 242 -8.55 -13.09 -3.02
CA TRP E 242 -9.65 -13.77 -3.70
C TRP E 242 -10.93 -13.01 -3.35
N GLY E 243 -12.00 -13.22 -4.12
CA GLY E 243 -13.28 -12.55 -3.86
C GLY E 243 -13.95 -12.99 -2.55
N ARG E 244 -14.49 -12.02 -1.80
CA ARG E 244 -15.09 -12.31 -0.51
C ARG E 244 -16.57 -11.95 -0.42
N ALA E 245 -17.42 -12.97 -0.25
CA ALA E 245 -18.86 -12.82 -0.10
C ALA E 245 -19.25 -12.86 1.39
N ASP E 246 -20.25 -12.05 1.79
CA ASP E 246 -20.72 -11.97 3.18
C ASP E 246 -22.25 -11.74 3.30
N SER F 2 -2.51 -16.23 64.28
CA SER F 2 -2.54 -15.64 62.93
C SER F 2 -3.64 -14.60 62.73
N HIS F 3 -3.41 -13.63 61.83
CA HIS F 3 -4.42 -12.68 61.47
C HIS F 3 -5.49 -13.35 60.58
N SER F 4 -6.73 -12.85 60.65
CA SER F 4 -7.82 -13.38 59.86
C SER F 4 -8.75 -12.30 59.35
N MET F 5 -9.48 -12.63 58.28
CA MET F 5 -10.54 -11.79 57.74
C MET F 5 -11.77 -12.67 57.62
N ARG F 6 -12.92 -12.13 58.04
CA ARG F 6 -14.18 -12.85 57.95
C ARG F 6 -15.33 -11.97 57.52
N TYR F 7 -16.24 -12.54 56.74
CA TYR F 7 -17.50 -11.89 56.41
C TYR F 7 -18.60 -12.77 57.01
N PHE F 8 -19.61 -12.16 57.64
CA PHE F 8 -20.73 -12.81 58.27
C PHE F 8 -21.99 -12.34 57.58
N TYR F 9 -22.75 -13.25 56.95
CA TYR F 9 -24.00 -12.88 56.25
C TYR F 9 -25.18 -13.44 56.99
N THR F 10 -26.27 -12.69 57.06
CA THR F 10 -27.53 -13.13 57.65
C THR F 10 -28.59 -12.76 56.64
N ALA F 11 -29.32 -13.76 56.13
CA ALA F 11 -30.43 -13.55 55.19
C ALA F 11 -31.68 -14.10 55.89
N MET F 12 -32.67 -13.25 56.14
CA MET F 12 -33.91 -13.60 56.83
C MET F 12 -35.18 -13.35 55.98
N SER F 13 -36.02 -14.36 55.79
CA SER F 13 -37.28 -14.12 55.06
C SER F 13 -38.29 -13.56 56.06
N ARG F 14 -39.25 -12.82 55.59
CA ARG F 14 -40.29 -12.20 56.45
C ARG F 14 -41.55 -12.14 55.62
N PRO F 15 -42.29 -13.26 55.62
CA PRO F 15 -43.48 -13.43 54.77
C PRO F 15 -44.48 -12.30 54.60
N GLY F 16 -44.74 -11.52 55.63
CA GLY F 16 -45.74 -10.47 55.47
C GLY F 16 -45.27 -9.04 55.51
N ARG F 17 -43.96 -8.81 55.78
CA ARG F 17 -43.48 -7.43 55.89
C ARG F 17 -42.25 -7.18 55.02
N GLY F 18 -42.44 -7.35 53.72
CA GLY F 18 -41.42 -7.07 52.72
C GLY F 18 -40.65 -8.27 52.21
N GLU F 19 -39.63 -8.01 51.37
CA GLU F 19 -38.78 -9.04 50.78
C GLU F 19 -37.69 -9.43 51.78
N PRO F 20 -36.89 -10.51 51.58
CA PRO F 20 -35.89 -10.87 52.60
C PRO F 20 -34.87 -9.79 52.93
N ARG F 21 -34.48 -9.78 54.20
CA ARG F 21 -33.50 -8.86 54.67
C ARG F 21 -32.13 -9.54 54.61
N PHE F 22 -31.12 -8.82 54.07
CA PHE F 22 -29.74 -9.29 53.99
C PHE F 22 -28.84 -8.30 54.72
N ILE F 23 -28.05 -8.81 55.65
CA ILE F 23 -27.10 -8.08 56.45
C ILE F 23 -25.74 -8.75 56.28
N ALA F 24 -24.71 -7.95 56.05
CA ALA F 24 -23.32 -8.42 55.97
C ALA F 24 -22.49 -7.55 56.89
N VAL F 25 -21.55 -8.15 57.58
CA VAL F 25 -20.58 -7.44 58.41
C VAL F 25 -19.23 -8.09 58.08
N GLY F 26 -18.17 -7.31 58.07
CA GLY F 26 -16.83 -7.81 57.83
C GLY F 26 -15.95 -7.48 59.02
N TYR F 27 -15.01 -8.39 59.34
CA TYR F 27 -14.07 -8.26 60.42
C TYR F 27 -12.65 -8.54 59.96
N VAL F 28 -11.68 -7.86 60.57
CA VAL F 28 -10.26 -8.16 60.49
C VAL F 28 -9.99 -8.52 61.94
N ASP F 29 -9.64 -9.79 62.20
CA ASP F 29 -9.47 -10.29 63.57
C ASP F 29 -10.74 -9.99 64.35
N ASP F 30 -10.63 -9.28 65.50
CA ASP F 30 -11.79 -8.95 66.32
C ASP F 30 -12.30 -7.53 66.09
N THR F 31 -11.90 -6.88 64.99
CA THR F 31 -12.31 -5.52 64.68
C THR F 31 -13.27 -5.51 63.48
N GLN F 32 -14.50 -5.01 63.67
CA GLN F 32 -15.47 -4.87 62.58
C GLN F 32 -15.10 -3.67 61.75
N PHE F 33 -15.10 -3.78 60.41
CA PHE F 33 -14.72 -2.63 59.58
C PHE F 33 -15.76 -2.19 58.56
N VAL F 34 -16.79 -3.01 58.29
CA VAL F 34 -17.84 -2.71 57.27
C VAL F 34 -19.16 -3.28 57.68
N ARG F 35 -20.23 -2.73 57.11
CA ARG F 35 -21.56 -3.24 57.29
C ARG F 35 -22.37 -2.92 56.05
N PHE F 36 -23.38 -3.72 55.81
CA PHE F 36 -24.36 -3.50 54.76
C PHE F 36 -25.67 -4.06 55.32
N ASP F 37 -26.78 -3.37 55.04
CA ASP F 37 -28.09 -3.79 55.47
C ASP F 37 -29.02 -3.41 54.35
N SER F 38 -29.66 -4.43 53.72
CA SER F 38 -30.55 -4.24 52.57
C SER F 38 -31.84 -3.48 52.92
N ASP F 39 -32.18 -3.35 54.22
CA ASP F 39 -33.39 -2.69 54.73
C ASP F 39 -33.34 -1.15 54.62
N ALA F 40 -33.34 -0.65 53.37
CA ALA F 40 -33.30 0.77 53.00
C ALA F 40 -33.70 0.89 51.50
N ALA F 41 -34.21 2.06 51.07
CA ALA F 41 -34.62 2.29 49.68
C ALA F 41 -33.39 2.25 48.75
N SER F 42 -32.26 2.85 49.22
CA SER F 42 -30.98 2.85 48.52
C SER F 42 -29.89 2.32 49.49
N PRO F 43 -29.81 0.98 49.76
CA PRO F 43 -28.79 0.48 50.71
C PRO F 43 -27.37 0.67 50.17
N ARG F 44 -26.43 0.95 51.08
CA ARG F 44 -25.03 1.19 50.74
C ARG F 44 -24.14 0.55 51.77
N THR F 45 -22.94 0.18 51.37
CA THR F 45 -21.95 -0.35 52.31
C THR F 45 -21.40 0.85 53.10
N GLU F 46 -21.16 0.68 54.40
CA GLU F 46 -20.69 1.76 55.25
C GLU F 46 -19.47 1.38 56.03
N PRO F 47 -18.52 2.35 56.26
CA PRO F 47 -17.33 2.05 57.07
C PRO F 47 -17.67 1.92 58.55
N ARG F 48 -16.91 1.07 59.28
CA ARG F 48 -17.11 0.85 60.71
C ARG F 48 -15.82 0.88 61.50
N ALA F 49 -14.70 1.16 60.82
CA ALA F 49 -13.37 1.31 61.42
C ALA F 49 -12.70 2.52 60.73
N PRO F 50 -11.90 3.33 61.44
CA PRO F 50 -11.27 4.51 60.80
C PRO F 50 -10.35 4.22 59.63
N TRP F 51 -9.58 3.14 59.70
CA TRP F 51 -8.62 2.76 58.68
C TRP F 51 -9.22 2.30 57.35
N ILE F 52 -10.54 2.10 57.27
CA ILE F 52 -11.19 1.70 56.01
C ILE F 52 -11.73 2.93 55.26
N GLU F 53 -11.85 4.09 55.95
CA GLU F 53 -12.29 5.37 55.35
C GLU F 53 -11.30 5.86 54.25
N GLN F 54 -10.06 5.32 54.23
CA GLN F 54 -9.00 5.59 53.23
C GLN F 54 -9.36 5.03 51.85
N GLU F 55 -10.31 4.09 51.80
CA GLU F 55 -10.70 3.49 50.53
C GLU F 55 -11.58 4.51 49.81
N GLY F 56 -11.35 4.69 48.55
CA GLY F 56 -12.14 5.65 47.79
C GLY F 56 -13.54 5.20 47.40
N PRO F 57 -14.26 6.05 46.64
CA PRO F 57 -15.68 5.75 46.29
C PRO F 57 -15.89 4.46 45.52
N GLU F 58 -14.95 4.11 44.64
CA GLU F 58 -15.03 2.92 43.80
C GLU F 58 -15.04 1.63 44.68
N TYR F 59 -14.34 1.63 45.82
CA TYR F 59 -14.30 0.52 46.77
C TYR F 59 -15.70 0.32 47.35
N TRP F 60 -16.36 1.43 47.75
CA TRP F 60 -17.71 1.41 48.35
C TRP F 60 -18.74 0.95 47.34
N ASP F 61 -18.66 1.40 46.09
CA ASP F 61 -19.56 0.98 45.02
C ASP F 61 -19.38 -0.52 44.69
N ARG F 62 -18.15 -0.99 44.67
CA ARG F 62 -17.79 -2.38 44.38
C ARG F 62 -18.41 -3.33 45.44
N ASN F 63 -18.28 -2.99 46.72
CA ASN F 63 -18.84 -3.66 47.89
C ASN F 63 -20.36 -3.68 47.80
N THR F 64 -20.99 -2.50 47.59
CA THR F 64 -22.45 -2.34 47.47
C THR F 64 -23.00 -3.26 46.39
N GLN F 65 -22.34 -3.34 45.21
CA GLN F 65 -22.74 -4.16 44.07
C GLN F 65 -22.68 -5.66 44.45
N ILE F 66 -21.65 -6.08 45.18
CA ILE F 66 -21.54 -7.45 45.68
C ILE F 66 -22.71 -7.77 46.64
N PHE F 67 -22.97 -6.89 47.62
CA PHE F 67 -24.01 -7.14 48.63
C PHE F 67 -25.43 -7.06 48.07
N LYS F 68 -25.62 -6.31 46.97
CA LYS F 68 -26.90 -6.27 46.25
C LYS F 68 -27.09 -7.59 45.47
N THR F 69 -26.00 -8.16 44.94
CA THR F 69 -26.08 -9.45 44.26
C THR F 69 -26.52 -10.51 45.29
N ASN F 70 -25.91 -10.49 46.49
CA ASN F 70 -26.23 -11.43 47.58
C ASN F 70 -27.67 -11.27 48.12
N THR F 71 -28.22 -10.05 48.11
CA THR F 71 -29.61 -9.84 48.55
C THR F 71 -30.54 -10.63 47.61
N GLN F 72 -30.28 -10.55 46.32
CA GLN F 72 -31.03 -11.23 45.28
C GLN F 72 -30.82 -12.77 45.35
N THR F 73 -29.56 -13.25 45.46
CA THR F 73 -29.36 -14.71 45.47
C THR F 73 -29.88 -15.34 46.75
N TYR F 74 -29.77 -14.64 47.90
CA TYR F 74 -30.28 -15.18 49.15
C TYR F 74 -31.79 -15.22 49.18
N ARG F 75 -32.47 -14.34 48.44
CA ARG F 75 -33.92 -14.38 48.30
C ARG F 75 -34.30 -15.73 47.62
N GLU F 76 -33.57 -16.11 46.56
CA GLU F 76 -33.84 -17.35 45.87
C GLU F 76 -33.41 -18.56 46.67
N SER F 77 -32.27 -18.48 47.37
CA SER F 77 -31.79 -19.57 48.24
C SER F 77 -32.80 -19.86 49.36
N LEU F 78 -33.40 -18.80 49.94
CA LEU F 78 -34.42 -18.95 50.98
C LEU F 78 -35.67 -19.68 50.44
N ARG F 79 -36.10 -19.32 49.23
CA ARG F 79 -37.24 -19.94 48.57
C ARG F 79 -36.94 -21.41 48.25
N ASN F 80 -35.74 -21.71 47.76
CA ASN F 80 -35.35 -23.08 47.44
C ASN F 80 -35.28 -23.97 48.66
N LEU F 81 -34.70 -23.48 49.77
CA LEU F 81 -34.57 -24.24 51.03
C LEU F 81 -35.94 -24.54 51.64
N ARG F 82 -36.88 -23.62 51.50
N ARG F 82 -36.92 -23.61 51.51
CA ARG F 82 -38.27 -23.78 51.95
CA ARG F 82 -38.30 -23.82 51.95
C ARG F 82 -38.90 -25.00 51.20
C ARG F 82 -38.83 -25.07 51.23
N GLY F 83 -38.60 -25.14 49.91
CA GLY F 83 -39.05 -26.25 49.06
C GLY F 83 -38.39 -27.57 49.44
N TYR F 84 -37.08 -27.58 49.76
CA TYR F 84 -36.38 -28.81 50.17
C TYR F 84 -36.93 -29.43 51.45
N TYR F 85 -37.31 -28.55 52.39
CA TYR F 85 -37.84 -28.92 53.68
C TYR F 85 -39.35 -28.93 53.69
N ASN F 86 -40.00 -28.67 52.53
CA ASN F 86 -41.46 -28.65 52.45
C ASN F 86 -42.08 -27.73 53.52
N GLN F 87 -41.46 -26.53 53.71
CA GLN F 87 -41.93 -25.54 54.67
C GLN F 87 -42.92 -24.59 54.04
N SER F 88 -43.83 -24.07 54.87
CA SER F 88 -44.85 -23.10 54.47
C SER F 88 -44.16 -21.76 54.20
N GLU F 89 -44.77 -20.96 53.34
CA GLU F 89 -44.35 -19.60 53.01
C GLU F 89 -44.65 -18.61 54.12
N ALA F 90 -45.55 -18.97 55.05
CA ALA F 90 -45.92 -18.13 56.19
C ALA F 90 -44.83 -18.05 57.27
N GLY F 91 -43.91 -19.00 57.28
CA GLY F 91 -42.84 -19.03 58.26
C GLY F 91 -41.63 -18.20 57.85
N SER F 92 -40.91 -17.67 58.83
CA SER F 92 -39.72 -16.87 58.63
C SER F 92 -38.50 -17.76 58.78
N HIS F 93 -37.56 -17.73 57.80
CA HIS F 93 -36.36 -18.56 57.94
C HIS F 93 -35.10 -17.76 57.80
N ILE F 94 -33.96 -18.34 58.20
CA ILE F 94 -32.70 -17.64 58.20
C ILE F 94 -31.59 -18.49 57.62
N ILE F 95 -30.84 -17.90 56.69
CA ILE F 95 -29.62 -18.52 56.21
C ILE F 95 -28.48 -17.63 56.73
N GLN F 96 -27.45 -18.23 57.28
CA GLN F 96 -26.26 -17.56 57.76
C GLN F 96 -25.07 -18.12 57.03
N ARG F 97 -24.09 -17.30 56.80
CA ARG F 97 -22.87 -17.74 56.17
C ARG F 97 -21.68 -17.04 56.80
N MET F 98 -20.60 -17.78 56.99
CA MET F 98 -19.36 -17.22 57.46
C MET F 98 -18.29 -17.73 56.50
N TYR F 99 -17.45 -16.82 55.97
CA TYR F 99 -16.33 -17.24 55.16
C TYR F 99 -15.13 -16.33 55.41
N GLY F 100 -13.97 -16.78 55.00
CA GLY F 100 -12.79 -15.95 55.06
C GLY F 100 -11.49 -16.69 55.20
N CYS F 101 -10.42 -15.92 55.36
CA CYS F 101 -9.07 -16.47 55.35
C CYS F 101 -8.32 -16.26 56.64
N ASP F 102 -7.39 -17.18 56.95
CA ASP F 102 -6.38 -17.06 58.03
C ASP F 102 -5.05 -16.84 57.32
N LEU F 103 -4.34 -15.77 57.68
CA LEU F 103 -3.08 -15.38 57.06
C LEU F 103 -1.88 -16.11 57.67
N GLY F 104 -0.97 -16.57 56.81
CA GLY F 104 0.29 -17.21 57.20
C GLY F 104 1.40 -16.18 57.38
N PRO F 105 2.53 -16.58 58.05
CA PRO F 105 3.67 -15.62 58.25
C PRO F 105 4.26 -15.03 56.97
N ASP F 106 4.12 -15.72 55.84
CA ASP F 106 4.58 -15.38 54.49
C ASP F 106 3.55 -14.56 53.70
N GLY F 107 2.44 -14.22 54.34
CA GLY F 107 1.37 -13.48 53.69
C GLY F 107 0.53 -14.32 52.74
N ARG F 108 0.67 -15.65 52.79
CA ARG F 108 -0.12 -16.57 51.98
C ARG F 108 -1.20 -17.14 52.88
N LEU F 109 -2.19 -17.76 52.25
CA LEU F 109 -3.30 -18.41 52.92
C LEU F 109 -2.81 -19.55 53.78
N LEU F 110 -3.22 -19.56 55.05
CA LEU F 110 -2.88 -20.60 56.01
C LEU F 110 -4.05 -21.60 56.08
N ARG F 111 -5.28 -21.07 56.15
CA ARG F 111 -6.50 -21.85 56.19
C ARG F 111 -7.67 -20.99 55.64
N GLY F 112 -8.53 -21.59 54.82
CA GLY F 112 -9.70 -20.93 54.26
C GLY F 112 -10.98 -21.52 54.84
N HIS F 113 -12.05 -20.72 54.88
CA HIS F 113 -13.30 -21.18 55.45
C HIS F 113 -14.45 -20.69 54.64
N ASP F 114 -15.51 -21.52 54.58
CA ASP F 114 -16.82 -21.18 54.00
C ASP F 114 -17.89 -22.10 54.56
N GLN F 115 -18.69 -21.59 55.50
CA GLN F 115 -19.73 -22.37 56.16
C GLN F 115 -21.04 -21.70 56.07
N SER F 116 -22.13 -22.48 55.86
CA SER F 116 -23.51 -21.96 55.84
C SER F 116 -24.34 -22.71 56.86
N ALA F 117 -25.36 -22.05 57.38
CA ALA F 117 -26.32 -22.60 58.31
C ALA F 117 -27.72 -22.31 57.85
N TYR F 118 -28.68 -23.15 58.23
CA TYR F 118 -30.08 -22.90 57.97
C TYR F 118 -30.77 -23.04 59.30
N ASP F 119 -31.54 -22.01 59.68
CA ASP F 119 -32.25 -21.94 60.96
C ASP F 119 -31.39 -22.30 62.17
N GLY F 120 -30.15 -21.83 62.16
CA GLY F 120 -29.23 -22.00 63.28
C GLY F 120 -28.45 -23.29 63.32
N LYS F 121 -28.60 -24.15 62.29
CA LYS F 121 -27.87 -25.41 62.29
C LYS F 121 -26.97 -25.51 61.06
N ASP F 122 -25.84 -26.16 61.21
CA ASP F 122 -24.89 -26.42 60.13
C ASP F 122 -25.66 -26.95 58.91
N TYR F 123 -25.35 -26.43 57.73
CA TYR F 123 -26.06 -26.84 56.53
C TYR F 123 -25.08 -27.41 55.53
N ILE F 124 -24.14 -26.63 55.07
CA ILE F 124 -23.08 -27.05 54.14
C ILE F 124 -21.79 -26.30 54.50
N ALA F 125 -20.63 -26.96 54.39
CA ALA F 125 -19.36 -26.31 54.70
C ALA F 125 -18.31 -26.75 53.71
N LEU F 126 -17.43 -25.84 53.32
CA LEU F 126 -16.30 -26.15 52.47
C LEU F 126 -15.25 -26.89 53.33
N ASN F 127 -14.70 -27.98 52.83
CA ASN F 127 -13.69 -28.74 53.57
C ASN F 127 -12.33 -28.05 53.53
N GLU F 128 -11.40 -28.42 54.44
CA GLU F 128 -10.03 -27.92 54.53
C GLU F 128 -9.24 -27.94 53.20
N ASP F 129 -9.48 -28.94 52.35
CA ASP F 129 -8.82 -29.04 51.02
C ASP F 129 -9.33 -27.94 50.06
N LEU F 130 -10.41 -27.22 50.43
CA LEU F 130 -11.03 -26.13 49.64
C LEU F 130 -11.46 -26.61 48.25
N SER F 131 -11.82 -27.88 48.15
CA SER F 131 -12.22 -28.47 46.88
C SER F 131 -13.38 -29.42 46.99
N SER F 132 -13.89 -29.68 48.20
CA SER F 132 -15.03 -30.57 48.43
C SER F 132 -15.90 -30.01 49.56
N TRP F 133 -17.14 -30.52 49.68
CA TRP F 133 -18.11 -30.07 50.67
C TRP F 133 -18.54 -31.11 51.68
N THR F 134 -19.08 -30.66 52.81
CA THR F 134 -19.70 -31.50 53.83
C THR F 134 -21.10 -31.00 53.99
N ALA F 135 -22.08 -31.83 53.65
CA ALA F 135 -23.49 -31.51 53.69
C ALA F 135 -24.11 -32.14 54.94
N ALA F 136 -24.95 -31.39 55.67
CA ALA F 136 -25.55 -31.84 56.91
C ALA F 136 -26.67 -32.87 56.72
N ASP F 137 -27.37 -32.82 55.58
CA ASP F 137 -28.50 -33.71 55.31
C ASP F 137 -28.70 -33.80 53.79
N THR F 138 -29.78 -34.42 53.31
CA THR F 138 -30.03 -34.58 51.87
C THR F 138 -30.43 -33.25 51.21
N ALA F 139 -31.08 -32.33 51.95
CA ALA F 139 -31.39 -30.98 51.44
C ALA F 139 -30.06 -30.24 51.11
N ALA F 140 -29.07 -30.35 51.99
CA ALA F 140 -27.74 -29.75 51.79
C ALA F 140 -26.96 -30.43 50.64
N GLN F 141 -27.31 -31.68 50.31
CA GLN F 141 -26.75 -32.45 49.18
C GLN F 141 -27.37 -31.99 47.85
N ILE F 142 -28.57 -31.40 47.84
CA ILE F 142 -29.12 -30.79 46.61
C ILE F 142 -28.29 -29.50 46.36
N THR F 143 -28.09 -28.64 47.40
CA THR F 143 -27.25 -27.45 47.30
C THR F 143 -25.83 -27.84 46.85
N GLN F 144 -25.25 -28.90 47.47
CA GLN F 144 -23.92 -29.39 47.08
C GLN F 144 -23.85 -29.75 45.59
N ARG F 145 -24.88 -30.44 45.08
CA ARG F 145 -24.93 -30.84 43.68
C ARG F 145 -24.93 -29.58 42.78
N LYS F 146 -25.74 -28.58 43.12
CA LYS F 146 -25.78 -27.29 42.39
C LYS F 146 -24.42 -26.58 42.46
N TRP F 147 -23.78 -26.58 43.65
CA TRP F 147 -22.48 -25.91 43.86
C TRP F 147 -21.30 -26.63 43.19
N GLU F 148 -21.41 -27.94 43.00
CA GLU F 148 -20.38 -28.74 42.33
C GLU F 148 -20.50 -28.48 40.85
N ALA F 149 -21.75 -28.39 40.32
CA ALA F 149 -21.98 -28.13 38.88
C ALA F 149 -21.52 -26.71 38.51
N ALA F 150 -21.68 -25.73 39.44
CA ALA F 150 -21.27 -24.34 39.27
C ALA F 150 -19.79 -24.12 39.63
N ARG F 151 -19.12 -25.14 40.18
CA ARG F 151 -17.70 -25.13 40.61
C ARG F 151 -17.39 -24.01 41.63
N VAL F 152 -18.31 -23.84 42.59
CA VAL F 152 -18.21 -22.89 43.68
C VAL F 152 -16.94 -23.08 44.52
N ALA F 153 -16.54 -24.35 44.78
CA ALA F 153 -15.33 -24.64 45.57
C ALA F 153 -14.05 -24.06 44.91
N GLU F 154 -13.98 -24.12 43.58
CA GLU F 154 -12.89 -23.57 42.75
C GLU F 154 -12.89 -22.06 42.80
N GLN F 155 -14.07 -21.43 42.67
CA GLN F 155 -14.23 -19.97 42.76
C GLN F 155 -13.76 -19.50 44.17
N LEU F 156 -14.16 -20.20 45.23
CA LEU F 156 -13.77 -19.87 46.60
C LEU F 156 -12.30 -20.03 46.84
N ARG F 157 -11.71 -21.13 46.39
CA ARG F 157 -10.29 -21.38 46.52
C ARG F 157 -9.47 -20.27 45.84
N ALA F 158 -9.87 -19.81 44.65
CA ALA F 158 -9.15 -18.71 43.97
C ALA F 158 -9.31 -17.41 44.75
N TYR F 159 -10.47 -17.20 45.38
CA TYR F 159 -10.74 -16.00 46.18
C TYR F 159 -9.91 -16.02 47.46
N LEU F 160 -10.00 -17.10 48.21
CA LEU F 160 -9.29 -17.28 49.49
C LEU F 160 -7.78 -17.20 49.36
N GLU F 161 -7.22 -17.82 48.29
CA GLU F 161 -5.78 -17.81 48.03
C GLU F 161 -5.28 -16.50 47.43
N GLY F 162 -6.18 -15.72 46.83
CA GLY F 162 -5.81 -14.49 46.17
C GLY F 162 -6.30 -13.25 46.86
N LEU F 163 -7.40 -12.68 46.37
CA LEU F 163 -7.97 -11.43 46.91
C LEU F 163 -8.19 -11.41 48.41
N CYS F 164 -8.63 -12.53 49.01
CA CYS F 164 -8.85 -12.53 50.45
C CYS F 164 -7.61 -12.17 51.24
N VAL F 165 -6.47 -12.82 50.96
CA VAL F 165 -5.24 -12.57 51.71
C VAL F 165 -4.58 -11.26 51.29
N GLU F 166 -4.72 -10.85 50.01
CA GLU F 166 -4.17 -9.57 49.54
C GLU F 166 -4.86 -8.39 50.20
N TRP F 167 -6.19 -8.41 50.30
CA TRP F 167 -6.93 -7.33 50.92
C TRP F 167 -6.71 -7.32 52.42
N LEU F 168 -6.67 -8.50 53.05
CA LEU F 168 -6.36 -8.60 54.48
C LEU F 168 -5.00 -7.94 54.77
N ARG F 169 -3.94 -8.23 53.97
CA ARG F 169 -2.60 -7.62 54.13
C ARG F 169 -2.68 -6.09 54.01
N ARG F 170 -3.44 -5.58 53.02
CA ARG F 170 -3.62 -4.16 52.81
C ARG F 170 -4.28 -3.51 54.05
N TYR F 171 -5.33 -4.15 54.60
CA TYR F 171 -6.06 -3.68 55.79
C TYR F 171 -5.14 -3.65 57.01
N LEU F 172 -4.33 -4.71 57.20
CA LEU F 172 -3.38 -4.82 58.31
C LEU F 172 -2.31 -3.75 58.25
N GLU F 173 -1.90 -3.34 57.04
CA GLU F 173 -0.95 -2.25 56.83
C GLU F 173 -1.62 -0.90 57.13
N ASN F 174 -2.80 -0.62 56.50
CA ASN F 174 -3.56 0.63 56.71
C ASN F 174 -3.99 0.86 58.15
N GLY F 175 -4.28 -0.20 58.89
CA GLY F 175 -4.65 -0.08 60.29
C GLY F 175 -3.64 -0.67 61.26
N LYS F 176 -2.33 -0.76 60.87
CA LYS F 176 -1.28 -1.38 61.70
C LYS F 176 -1.19 -0.82 63.12
N GLU F 177 -1.40 0.51 63.34
CA GLU F 177 -1.29 1.11 64.68
C GLU F 177 -2.30 0.56 65.69
N THR F 178 -3.38 -0.03 65.20
CA THR F 178 -4.42 -0.60 66.06
C THR F 178 -4.52 -2.13 65.87
N LEU F 179 -4.59 -2.60 64.61
CA LEU F 179 -4.74 -4.01 64.26
C LEU F 179 -3.52 -4.88 64.58
N GLN F 180 -2.30 -4.28 64.51
CA GLN F 180 -1.06 -5.01 64.77
C GLN F 180 -0.45 -4.69 66.16
N ARG F 181 -1.25 -4.09 67.04
CA ARG F 181 -0.86 -3.76 68.41
C ARG F 181 -1.79 -4.45 69.40
N ALA F 182 -1.26 -5.44 70.10
CA ALA F 182 -2.02 -6.12 71.13
C ALA F 182 -2.08 -5.24 72.39
N ASP F 183 -3.30 -5.04 72.93
CA ASP F 183 -3.55 -4.28 74.14
C ASP F 183 -3.60 -5.30 75.28
N PRO F 184 -2.59 -5.33 76.16
CA PRO F 184 -2.62 -6.29 77.28
C PRO F 184 -3.72 -5.97 78.28
N PRO F 185 -4.27 -6.99 78.98
CA PRO F 185 -5.32 -6.70 79.96
C PRO F 185 -4.80 -5.98 81.22
N LYS F 186 -5.58 -5.03 81.71
CA LYS F 186 -5.33 -4.32 82.98
C LYS F 186 -6.05 -5.19 83.99
N THR F 187 -5.27 -5.90 84.82
CA THR F 187 -5.78 -6.88 85.76
C THR F 187 -5.82 -6.42 87.24
N HIS F 188 -6.72 -7.05 88.02
CA HIS F 188 -6.92 -6.85 89.45
C HIS F 188 -7.85 -7.90 90.04
N VAL F 189 -7.74 -8.15 91.37
CA VAL F 189 -8.58 -9.09 92.10
C VAL F 189 -9.46 -8.32 93.07
N THR F 190 -10.75 -8.65 93.09
CA THR F 190 -11.70 -8.07 94.04
C THR F 190 -12.18 -9.17 95.00
N HIS F 191 -12.65 -8.77 96.19
CA HIS F 191 -13.14 -9.65 97.26
C HIS F 191 -14.58 -9.26 97.59
N HIS F 192 -15.49 -10.24 97.62
CA HIS F 192 -16.89 -9.99 97.92
C HIS F 192 -17.43 -11.07 98.84
N PRO F 193 -17.66 -10.75 100.14
CA PRO F 193 -18.19 -11.76 101.08
C PRO F 193 -19.60 -12.23 100.68
N VAL F 194 -19.78 -13.57 100.64
CA VAL F 194 -21.03 -14.25 100.32
C VAL F 194 -21.80 -14.54 101.64
N SER F 195 -21.04 -14.94 102.68
CA SER F 195 -21.51 -15.26 104.02
C SER F 195 -20.39 -14.89 105.01
N ASP F 196 -20.47 -15.43 106.21
CA ASP F 196 -19.52 -15.23 107.31
C ASP F 196 -18.41 -16.31 107.26
N HIS F 197 -18.62 -17.38 106.45
CA HIS F 197 -17.70 -18.50 106.29
C HIS F 197 -17.09 -18.62 104.87
N GLU F 198 -17.76 -18.02 103.86
CA GLU F 198 -17.34 -18.02 102.44
C GLU F 198 -17.17 -16.59 101.93
N ALA F 199 -16.46 -16.45 100.80
CA ALA F 199 -16.23 -15.18 100.09
C ALA F 199 -15.89 -15.45 98.62
N THR F 200 -16.28 -14.56 97.71
CA THR F 200 -15.97 -14.72 96.28
C THR F 200 -14.72 -13.91 95.93
N LEU F 201 -13.77 -14.53 95.23
CA LEU F 201 -12.58 -13.84 94.73
C LEU F 201 -12.78 -13.68 93.23
N ARG F 202 -12.83 -12.44 92.74
CA ARG F 202 -13.06 -12.15 91.33
C ARG F 202 -11.85 -11.57 90.63
N CYS F 203 -11.30 -12.35 89.68
CA CYS F 203 -10.15 -11.93 88.89
C CYS F 203 -10.63 -11.22 87.61
N TRP F 204 -10.25 -9.95 87.45
CA TRP F 204 -10.64 -9.10 86.34
C TRP F 204 -9.57 -8.95 85.28
N ALA F 205 -10.01 -8.96 84.00
CA ALA F 205 -9.17 -8.69 82.83
C ALA F 205 -9.92 -7.61 82.04
N LEU F 206 -9.33 -6.43 81.90
CA LEU F 206 -10.00 -5.29 81.25
C LEU F 206 -9.15 -4.61 80.19
N GLY F 207 -9.83 -3.95 79.25
CA GLY F 207 -9.21 -3.20 78.16
C GLY F 207 -8.28 -3.97 77.26
N PHE F 208 -8.49 -5.29 77.10
CA PHE F 208 -7.62 -6.10 76.25
C PHE F 208 -8.11 -6.27 74.80
N TYR F 209 -7.17 -6.44 73.89
CA TYR F 209 -7.39 -6.68 72.47
C TYR F 209 -6.17 -7.49 71.97
N PRO F 210 -6.37 -8.64 71.24
CA PRO F 210 -7.64 -9.27 70.82
C PRO F 210 -8.43 -9.94 71.95
N ALA F 211 -9.63 -10.46 71.64
CA ALA F 211 -10.55 -11.12 72.58
C ALA F 211 -10.03 -12.38 73.22
N GLU F 212 -9.12 -13.12 72.53
CA GLU F 212 -8.55 -14.37 73.05
C GLU F 212 -7.78 -14.15 74.37
N ILE F 213 -8.25 -14.82 75.44
CA ILE F 213 -7.64 -14.72 76.79
C ILE F 213 -7.88 -16.01 77.59
N THR F 214 -6.96 -16.32 78.53
CA THR F 214 -7.13 -17.46 79.45
C THR F 214 -7.10 -16.93 80.90
N LEU F 215 -8.18 -17.21 81.64
CA LEU F 215 -8.36 -16.81 83.04
C LEU F 215 -8.64 -18.06 83.86
N THR F 216 -7.70 -18.42 84.75
CA THR F 216 -7.82 -19.62 85.60
C THR F 216 -7.49 -19.34 87.06
N TRP F 217 -8.25 -19.99 87.97
CA TRP F 217 -8.04 -19.88 89.41
C TRP F 217 -7.35 -21.15 89.90
N GLN F 218 -6.28 -20.98 90.65
CA GLN F 218 -5.56 -22.11 91.22
C GLN F 218 -5.46 -21.99 92.73
N ARG F 219 -5.67 -23.13 93.43
CA ARG F 219 -5.56 -23.29 94.88
C ARG F 219 -4.04 -23.53 95.12
N ASP F 220 -3.21 -22.61 94.54
CA ASP F 220 -1.74 -22.60 94.46
C ASP F 220 -1.22 -23.96 93.98
N GLY F 221 -1.36 -24.19 92.67
CA GLY F 221 -0.96 -25.42 92.00
C GLY F 221 -2.12 -26.26 91.53
N GLU F 222 -3.19 -26.33 92.34
CA GLU F 222 -4.40 -27.10 92.03
C GLU F 222 -5.34 -26.27 91.14
N ASP F 223 -5.70 -26.79 89.97
CA ASP F 223 -6.62 -26.11 89.04
C ASP F 223 -8.06 -26.24 89.54
N GLN F 224 -8.75 -25.10 89.72
CA GLN F 224 -10.11 -25.04 90.25
C GLN F 224 -11.19 -25.04 89.17
N THR F 225 -10.93 -25.72 88.03
CA THR F 225 -11.79 -25.79 86.84
C THR F 225 -13.27 -26.12 87.11
N GLN F 226 -13.56 -27.03 88.06
CA GLN F 226 -14.93 -27.43 88.38
C GLN F 226 -15.64 -26.42 89.32
N ASP F 227 -14.85 -25.56 90.00
CA ASP F 227 -15.38 -24.59 90.97
C ASP F 227 -15.33 -23.11 90.50
N THR F 228 -14.60 -22.81 89.39
CA THR F 228 -14.48 -21.44 88.85
C THR F 228 -15.70 -21.03 88.00
N GLU F 229 -16.25 -19.81 88.26
CA GLU F 229 -17.32 -19.22 87.46
C GLU F 229 -16.64 -18.29 86.43
N LEU F 230 -16.73 -18.64 85.15
CA LEU F 230 -16.13 -17.86 84.06
C LEU F 230 -17.22 -17.19 83.25
N VAL F 231 -17.15 -15.87 83.13
CA VAL F 231 -18.12 -15.14 82.34
C VAL F 231 -17.65 -15.09 80.88
N GLU F 232 -18.59 -15.03 79.94
CA GLU F 232 -18.25 -14.96 78.52
C GLU F 232 -17.52 -13.62 78.27
N THR F 233 -16.45 -13.64 77.45
CA THR F 233 -15.72 -12.44 77.06
C THR F 233 -16.74 -11.48 76.43
N ARG F 234 -16.69 -10.22 76.84
CA ARG F 234 -17.67 -9.22 76.42
C ARG F 234 -17.00 -7.98 75.87
N PRO F 235 -17.65 -7.27 74.93
CA PRO F 235 -17.01 -6.07 74.36
C PRO F 235 -17.16 -4.87 75.31
N ALA F 236 -16.11 -4.06 75.48
CA ALA F 236 -16.19 -2.84 76.29
C ALA F 236 -16.95 -1.70 75.57
N GLY F 237 -17.03 -1.78 74.24
CA GLY F 237 -17.70 -0.80 73.36
C GLY F 237 -16.71 0.16 72.71
N ASP F 238 -15.43 0.04 73.06
CA ASP F 238 -14.36 0.90 72.52
C ASP F 238 -13.34 0.08 71.69
N ARG F 239 -13.76 -1.12 71.21
CA ARG F 239 -12.98 -2.07 70.40
C ARG F 239 -12.11 -3.00 71.29
N THR F 240 -12.08 -2.78 72.61
CA THR F 240 -11.40 -3.67 73.57
C THR F 240 -12.44 -4.61 74.23
N PHE F 241 -11.96 -5.61 75.01
CA PHE F 241 -12.75 -6.66 75.66
C PHE F 241 -12.54 -6.76 77.20
N GLN F 242 -13.49 -7.42 77.88
CA GLN F 242 -13.52 -7.64 79.31
C GLN F 242 -13.87 -9.09 79.57
N LYS F 243 -13.41 -9.62 80.72
CA LYS F 243 -13.70 -10.96 81.21
C LYS F 243 -13.35 -11.05 82.70
N TRP F 244 -14.03 -11.93 83.43
CA TRP F 244 -13.70 -12.22 84.82
C TRP F 244 -13.93 -13.68 85.16
N ALA F 245 -13.14 -14.16 86.14
CA ALA F 245 -13.18 -15.53 86.67
C ALA F 245 -13.35 -15.41 88.19
N ALA F 246 -14.34 -16.12 88.76
CA ALA F 246 -14.57 -16.08 90.21
C ALA F 246 -14.57 -17.45 90.91
N VAL F 247 -14.15 -17.45 92.20
CA VAL F 247 -14.17 -18.64 93.07
C VAL F 247 -14.68 -18.30 94.46
N VAL F 248 -15.57 -19.17 95.00
CA VAL F 248 -16.10 -19.07 96.35
C VAL F 248 -15.07 -19.77 97.26
N VAL F 249 -14.26 -18.96 97.95
CA VAL F 249 -13.17 -19.32 98.87
C VAL F 249 -13.64 -19.31 100.37
N PRO F 250 -13.23 -20.31 101.22
CA PRO F 250 -13.56 -20.21 102.66
C PRO F 250 -12.81 -19.02 103.28
N SER F 251 -13.49 -18.25 104.18
CA SER F 251 -12.94 -17.07 104.86
C SER F 251 -11.60 -17.36 105.54
N GLY F 252 -10.62 -16.49 105.29
CA GLY F 252 -9.27 -16.65 105.81
C GLY F 252 -8.27 -17.27 104.84
N GLU F 253 -8.64 -18.40 104.21
CA GLU F 253 -7.72 -19.09 103.29
C GLU F 253 -7.76 -18.50 101.83
N GLU F 254 -7.72 -17.15 101.70
CA GLU F 254 -7.73 -16.42 100.43
C GLU F 254 -6.35 -16.31 99.76
N GLN F 255 -5.25 -16.23 100.55
CA GLN F 255 -3.90 -16.14 99.96
C GLN F 255 -3.39 -17.47 99.35
N ARG F 256 -4.19 -18.55 99.52
CA ARG F 256 -4.00 -19.89 99.00
C ARG F 256 -4.39 -19.90 97.49
N TYR F 257 -5.21 -18.90 97.07
CA TYR F 257 -5.75 -18.76 95.73
C TYR F 257 -4.98 -17.76 94.88
N THR F 258 -4.63 -18.22 93.67
CA THR F 258 -3.86 -17.45 92.68
C THR F 258 -4.58 -17.44 91.30
N CYS F 259 -4.64 -16.25 90.64
CA CYS F 259 -5.26 -16.09 89.34
C CYS F 259 -4.23 -16.03 88.22
N HIS F 260 -4.41 -16.88 87.21
CA HIS F 260 -3.48 -16.98 86.10
C HIS F 260 -4.07 -16.37 84.82
N VAL F 261 -3.38 -15.32 84.30
CA VAL F 261 -3.78 -14.58 83.11
C VAL F 261 -2.81 -14.81 81.92
N GLN F 262 -3.35 -15.32 80.81
CA GLN F 262 -2.62 -15.56 79.56
C GLN F 262 -3.25 -14.71 78.42
N HIS F 263 -2.46 -13.87 77.78
CA HIS F 263 -2.88 -12.98 76.67
C HIS F 263 -1.63 -12.62 75.86
N GLU F 264 -1.77 -12.52 74.52
CA GLU F 264 -0.66 -12.19 73.60
C GLU F 264 -0.03 -10.81 73.83
N GLY F 265 -0.77 -9.90 74.48
CA GLY F 265 -0.26 -8.57 74.83
C GLY F 265 0.67 -8.57 76.03
N LEU F 266 0.65 -9.68 76.83
CA LEU F 266 1.47 -9.87 78.03
C LEU F 266 2.84 -10.49 77.70
N PRO F 267 3.98 -9.79 78.05
CA PRO F 267 5.33 -10.38 77.78
C PRO F 267 5.51 -11.77 78.39
N LYS F 268 4.96 -11.98 79.61
CA LYS F 268 4.97 -13.25 80.35
C LYS F 268 3.62 -13.44 81.07
N PRO F 269 3.08 -14.68 81.22
CA PRO F 269 1.78 -14.83 81.91
C PRO F 269 1.79 -14.31 83.34
N LEU F 270 0.69 -13.66 83.77
CA LEU F 270 0.55 -13.06 85.08
C LEU F 270 0.03 -14.02 86.14
N THR F 271 0.49 -13.80 87.38
CA THR F 271 0.07 -14.52 88.58
C THR F 271 -0.45 -13.44 89.55
N LEU F 272 -1.77 -13.44 89.79
CA LEU F 272 -2.48 -12.46 90.61
C LEU F 272 -2.98 -13.03 91.93
N ARG F 273 -3.01 -12.14 92.93
CA ARG F 273 -3.50 -12.42 94.28
C ARG F 273 -4.39 -11.25 94.73
N TRP F 274 -5.22 -11.50 95.78
CA TRP F 274 -6.09 -10.48 96.38
C TRP F 274 -5.22 -9.57 97.26
N GLU F 275 -5.19 -8.27 96.94
CA GLU F 275 -4.40 -7.27 97.66
C GLU F 275 -5.16 -5.94 97.84
N PRO F 276 -5.36 -5.44 99.07
CA PRO F 276 -4.89 -5.98 100.33
C PRO F 276 -5.90 -6.98 100.95
N ILE G 2 -33.12 -25.32 67.25
N ILE G 2 -35.27 -24.87 65.68
CA ILE G 2 -34.04 -24.47 66.49
CA ILE G 2 -34.22 -24.64 66.67
C ILE G 2 -34.14 -23.06 67.16
C ILE G 2 -34.26 -23.15 67.17
N GLN G 3 -34.23 -22.98 68.50
CA GLN G 3 -34.32 -21.69 69.23
C GLN G 3 -33.31 -21.66 70.38
N ARG G 4 -32.75 -20.47 70.63
N ARG G 4 -32.74 -20.47 70.63
CA ARG G 4 -31.79 -20.24 71.70
CA ARG G 4 -31.77 -20.25 71.70
C ARG G 4 -32.19 -18.96 72.40
C ARG G 4 -32.17 -18.97 72.39
N THR G 5 -32.27 -19.01 73.74
CA THR G 5 -32.70 -17.86 74.57
C THR G 5 -31.49 -16.93 74.81
N PRO G 6 -31.69 -15.60 74.82
CA PRO G 6 -30.52 -14.72 75.01
C PRO G 6 -29.87 -14.77 76.41
N LYS G 7 -28.54 -14.71 76.44
CA LYS G 7 -27.69 -14.57 77.61
C LYS G 7 -27.50 -13.04 77.72
N ILE G 8 -27.56 -12.50 78.95
CA ILE G 8 -27.50 -11.05 79.18
C ILE G 8 -26.41 -10.71 80.19
N GLN G 9 -25.57 -9.72 79.86
CA GLN G 9 -24.58 -9.15 80.74
C GLN G 9 -24.80 -7.65 80.70
N VAL G 10 -24.97 -7.02 81.90
CA VAL G 10 -25.13 -5.57 82.06
C VAL G 10 -23.89 -5.09 82.83
N TYR G 11 -23.15 -4.12 82.26
CA TYR G 11 -21.90 -3.67 82.85
C TYR G 11 -21.52 -2.30 82.30
N SER G 12 -20.49 -1.68 82.84
CA SER G 12 -20.03 -0.39 82.38
C SER G 12 -18.72 -0.53 81.61
N ARG G 13 -18.46 0.37 80.65
CA ARG G 13 -17.19 0.37 79.90
C ARG G 13 -15.98 0.50 80.84
N HIS G 14 -16.00 1.47 81.75
CA HIS G 14 -14.90 1.68 82.70
C HIS G 14 -15.34 1.36 84.14
N PRO G 15 -14.40 1.09 85.08
CA PRO G 15 -14.82 0.88 86.49
C PRO G 15 -15.69 2.05 86.97
N ALA G 16 -16.87 1.72 87.50
CA ALA G 16 -17.85 2.70 87.95
C ALA G 16 -17.31 3.63 89.06
N GLU G 17 -17.53 4.91 88.89
CA GLU G 17 -17.11 5.95 89.83
C GLU G 17 -18.27 6.91 89.90
N ASN G 18 -18.94 6.94 91.08
CA ASN G 18 -20.10 7.80 91.27
C ASN G 18 -19.81 9.23 90.89
N GLY G 19 -20.68 9.80 90.06
CA GLY G 19 -20.58 11.16 89.54
C GLY G 19 -19.81 11.31 88.25
N LYS G 20 -19.01 10.29 87.90
CA LYS G 20 -18.18 10.29 86.70
C LYS G 20 -18.82 9.60 85.50
N SER G 21 -18.92 10.34 84.37
CA SER G 21 -19.48 9.89 83.09
C SER G 21 -18.82 8.60 82.61
N ASN G 22 -19.63 7.68 82.11
CA ASN G 22 -19.18 6.35 81.70
C ASN G 22 -20.11 5.89 80.57
N PHE G 23 -20.08 4.58 80.23
CA PHE G 23 -20.98 3.97 79.25
C PHE G 23 -21.58 2.75 79.87
N LEU G 24 -22.89 2.65 79.78
CA LEU G 24 -23.62 1.50 80.29
C LEU G 24 -23.88 0.57 79.09
N ASN G 25 -23.46 -0.69 79.25
CA ASN G 25 -23.54 -1.72 78.25
C ASN G 25 -24.49 -2.85 78.60
N CYS G 26 -25.25 -3.30 77.60
CA CYS G 26 -26.05 -4.51 77.69
C CYS G 26 -25.70 -5.42 76.51
N TYR G 27 -24.94 -6.48 76.80
CA TYR G 27 -24.48 -7.45 75.82
C TYR G 27 -25.41 -8.63 75.79
N VAL G 28 -26.14 -8.79 74.66
CA VAL G 28 -27.09 -9.88 74.46
C VAL G 28 -26.47 -10.85 73.48
N SER G 29 -26.30 -12.10 73.90
CA SER G 29 -25.64 -13.10 73.07
C SER G 29 -26.29 -14.50 73.20
N GLY G 30 -25.86 -15.41 72.34
CA GLY G 30 -26.36 -16.78 72.34
C GLY G 30 -27.81 -16.96 71.96
N PHE G 31 -28.40 -15.99 71.25
CA PHE G 31 -29.80 -16.10 70.87
C PHE G 31 -30.04 -16.47 69.37
N HIS G 32 -31.19 -17.10 69.09
CA HIS G 32 -31.64 -17.49 67.76
C HIS G 32 -33.16 -17.65 67.80
N PRO G 33 -33.97 -17.07 66.90
CA PRO G 33 -33.64 -16.22 65.73
C PRO G 33 -33.16 -14.81 66.11
N SER G 34 -32.90 -13.98 65.09
CA SER G 34 -32.28 -12.66 65.18
C SER G 34 -33.14 -11.53 65.74
N ASP G 35 -34.48 -11.54 65.53
CA ASP G 35 -35.35 -10.48 66.06
C ASP G 35 -35.24 -10.41 67.58
N ILE G 36 -34.95 -9.22 68.11
CA ILE G 36 -34.79 -8.98 69.56
C ILE G 36 -35.13 -7.53 69.89
N GLU G 37 -35.73 -7.28 71.07
CA GLU G 37 -36.05 -5.92 71.54
C GLU G 37 -35.24 -5.74 72.82
N VAL G 38 -34.44 -4.69 72.87
CA VAL G 38 -33.59 -4.42 74.03
C VAL G 38 -33.77 -2.97 74.45
N ASP G 39 -33.99 -2.73 75.76
CA ASP G 39 -34.09 -1.38 76.35
C ASP G 39 -33.18 -1.26 77.52
N LEU G 40 -32.57 -0.11 77.66
CA LEU G 40 -31.73 0.25 78.80
C LEU G 40 -32.67 1.07 79.71
N LEU G 41 -32.70 0.74 81.02
CA LEU G 41 -33.58 1.42 81.99
C LEU G 41 -32.84 2.15 83.08
N LYS G 42 -33.32 3.36 83.41
CA LYS G 42 -32.86 4.17 84.54
C LYS G 42 -34.05 4.30 85.48
N ASN G 43 -33.96 3.65 86.65
CA ASN G 43 -35.01 3.60 87.68
C ASN G 43 -36.36 3.12 87.10
N GLY G 44 -36.30 2.04 86.32
CA GLY G 44 -37.46 1.44 85.68
C GLY G 44 -37.99 2.15 84.44
N GLU G 45 -37.36 3.25 84.03
CA GLU G 45 -37.78 4.05 82.87
C GLU G 45 -36.81 3.92 81.70
N ARG G 46 -37.36 3.80 80.48
CA ARG G 46 -36.64 3.64 79.24
C ARG G 46 -35.73 4.85 78.94
N ILE G 47 -34.42 4.58 78.74
CA ILE G 47 -33.45 5.60 78.31
C ILE G 47 -33.64 5.75 76.78
N GLU G 48 -33.72 6.98 76.24
CA GLU G 48 -34.01 7.18 74.80
C GLU G 48 -32.80 7.29 73.82
N LYS G 49 -31.61 7.71 74.26
CA LYS G 49 -30.45 7.87 73.35
C LYS G 49 -29.59 6.54 73.22
N VAL G 50 -30.24 5.36 73.10
CA VAL G 50 -29.59 4.04 73.09
C VAL G 50 -29.18 3.57 71.69
N GLU G 51 -27.89 3.32 71.53
CA GLU G 51 -27.33 2.83 70.29
C GLU G 51 -27.04 1.34 70.41
N HIS G 52 -26.85 0.66 69.28
CA HIS G 52 -26.51 -0.75 69.24
C HIS G 52 -25.55 -1.09 68.12
N SER G 53 -24.77 -2.15 68.33
CA SER G 53 -23.79 -2.65 67.35
C SER G 53 -24.54 -3.33 66.20
N ASP G 54 -23.85 -3.61 65.10
CA ASP G 54 -24.44 -4.31 63.95
C ASP G 54 -24.54 -5.80 64.24
N LEU G 55 -25.60 -6.43 63.71
CA LEU G 55 -25.87 -7.85 63.91
C LEU G 55 -24.76 -8.76 63.40
N SER G 56 -24.27 -9.62 64.29
CA SER G 56 -23.30 -10.65 63.95
C SER G 56 -23.60 -11.93 64.73
N PHE G 57 -22.77 -12.96 64.56
CA PHE G 57 -23.01 -14.24 65.22
C PHE G 57 -21.72 -14.95 65.57
N SER G 58 -21.83 -15.91 66.50
CA SER G 58 -20.71 -16.72 67.00
C SER G 58 -20.56 -18.01 66.18
N LYS G 59 -19.53 -18.83 66.50
CA LYS G 59 -19.22 -20.07 65.83
C LYS G 59 -20.37 -21.10 65.84
N ASP G 60 -21.26 -21.03 66.85
CA ASP G 60 -22.42 -21.92 66.99
C ASP G 60 -23.66 -21.34 66.30
N TRP G 61 -23.49 -20.21 65.55
CA TRP G 61 -24.51 -19.52 64.74
C TRP G 61 -25.42 -18.61 65.54
N SER G 62 -25.24 -18.58 66.88
CA SER G 62 -26.12 -17.74 67.69
C SER G 62 -25.69 -16.30 67.57
N PHE G 63 -26.67 -15.41 67.55
CA PHE G 63 -26.49 -13.98 67.40
C PHE G 63 -25.99 -13.26 68.66
N TYR G 64 -25.39 -12.09 68.48
CA TYR G 64 -24.95 -11.22 69.56
C TYR G 64 -25.07 -9.75 69.16
N LEU G 65 -25.47 -8.91 70.12
CA LEU G 65 -25.60 -7.46 69.95
C LEU G 65 -25.16 -6.74 71.21
N LEU G 66 -24.57 -5.55 71.05
CA LEU G 66 -24.22 -4.70 72.18
C LEU G 66 -25.09 -3.44 72.12
N TYR G 67 -25.91 -3.22 73.14
CA TYR G 67 -26.73 -2.00 73.32
C TYR G 67 -26.00 -1.13 74.35
N TYR G 68 -25.91 0.19 74.10
CA TYR G 68 -25.12 1.08 74.96
C TYR G 68 -25.58 2.55 74.94
N THR G 69 -25.33 3.23 76.07
CA THR G 69 -25.58 4.67 76.27
C THR G 69 -24.54 5.24 77.20
N GLU G 70 -24.34 6.55 77.05
CA GLU G 70 -23.50 7.36 77.94
C GLU G 70 -24.32 7.48 79.26
N PHE G 71 -23.69 7.22 80.40
CA PHE G 71 -24.44 7.32 81.65
C PHE G 71 -23.51 7.81 82.76
N THR G 72 -24.09 8.26 83.88
CA THR G 72 -23.33 8.68 85.05
C THR G 72 -23.80 7.81 86.20
N PRO G 73 -23.02 6.81 86.64
CA PRO G 73 -23.43 6.04 87.82
C PRO G 73 -23.44 6.92 89.07
N THR G 74 -24.41 6.65 89.97
CA THR G 74 -24.56 7.29 91.29
C THR G 74 -24.71 6.16 92.30
N GLU G 75 -24.66 6.49 93.59
CA GLU G 75 -24.78 5.48 94.62
C GLU G 75 -26.17 4.78 94.63
N LYS G 76 -27.25 5.53 94.35
CA LYS G 76 -28.64 5.07 94.48
C LYS G 76 -29.46 4.83 93.20
N ASP G 77 -29.07 5.42 92.04
CA ASP G 77 -29.80 5.20 90.79
C ASP G 77 -29.65 3.74 90.34
N GLU G 78 -30.77 3.13 89.94
CA GLU G 78 -30.81 1.74 89.48
C GLU G 78 -30.80 1.67 87.97
N TYR G 79 -29.86 0.89 87.42
CA TYR G 79 -29.79 0.68 85.98
C TYR G 79 -30.07 -0.75 85.64
N ALA G 80 -30.76 -0.96 84.53
CA ALA G 80 -31.13 -2.30 84.11
C ALA G 80 -31.21 -2.39 82.61
N CYS G 81 -31.31 -3.62 82.13
CA CYS G 81 -31.50 -3.93 80.73
C CYS G 81 -32.75 -4.83 80.63
N ARG G 82 -33.71 -4.44 79.79
CA ARG G 82 -34.96 -5.16 79.54
C ARG G 82 -34.90 -5.77 78.12
N VAL G 83 -34.97 -7.11 78.06
CA VAL G 83 -34.88 -7.85 76.80
C VAL G 83 -36.12 -8.68 76.50
N ASN G 84 -36.64 -8.56 75.27
CA ASN G 84 -37.70 -9.44 74.78
C ASN G 84 -37.22 -10.15 73.47
N HIS G 85 -37.56 -11.44 73.38
CA HIS G 85 -37.20 -12.40 72.33
C HIS G 85 -38.32 -13.46 72.28
N VAL G 86 -38.55 -14.16 71.10
CA VAL G 86 -39.57 -15.20 70.95
C VAL G 86 -39.55 -16.23 72.04
N THR G 87 -38.35 -16.62 72.50
CA THR G 87 -38.14 -17.63 73.53
C THR G 87 -38.56 -17.16 74.96
N LEU G 88 -38.99 -15.88 75.10
CA LEU G 88 -39.34 -15.30 76.39
C LEU G 88 -40.82 -14.94 76.42
N SER G 89 -41.54 -15.53 77.41
CA SER G 89 -42.98 -15.31 77.63
C SER G 89 -43.29 -13.88 78.09
N GLN G 90 -42.28 -13.24 78.72
CA GLN G 90 -42.34 -11.87 79.21
C GLN G 90 -40.92 -11.26 79.15
N PRO G 91 -40.80 -9.93 78.98
CA PRO G 91 -39.46 -9.30 78.99
C PRO G 91 -38.60 -9.66 80.20
N LYS G 92 -37.32 -9.99 79.98
CA LYS G 92 -36.37 -10.34 81.04
C LYS G 92 -35.63 -9.07 81.42
N ILE G 93 -35.60 -8.76 82.75
CA ILE G 93 -34.93 -7.57 83.28
C ILE G 93 -33.72 -8.01 84.09
N VAL G 94 -32.54 -7.51 83.69
CA VAL G 94 -31.28 -7.80 84.38
C VAL G 94 -30.76 -6.46 84.88
N LYS G 95 -30.64 -6.35 86.20
CA LYS G 95 -30.16 -5.14 86.88
C LYS G 95 -28.67 -5.08 86.81
N TRP G 96 -28.15 -3.86 86.70
CA TRP G 96 -26.72 -3.60 86.68
C TRP G 96 -26.12 -3.73 88.09
N ASP G 97 -25.05 -4.52 88.19
CA ASP G 97 -24.25 -4.71 89.40
C ASP G 97 -22.84 -4.28 89.02
N ARG G 98 -22.37 -3.14 89.58
CA ARG G 98 -21.05 -2.55 89.29
C ARG G 98 -19.89 -3.48 89.59
N ASP G 99 -20.13 -4.58 90.35
CA ASP G 99 -19.09 -5.56 90.68
C ASP G 99 -19.10 -6.79 89.77
N MET G 100 -19.85 -6.75 88.64
CA MET G 100 -19.95 -7.88 87.72
C MET G 100 -19.87 -7.53 86.22
N LEU H 1 -12.18 -7.14 51.47
CA LEU H 1 -13.04 -7.15 50.29
C LEU H 1 -13.82 -8.48 50.20
N PRO H 2 -15.18 -8.44 50.07
CA PRO H 2 -15.94 -9.69 50.00
C PRO H 2 -15.81 -10.40 48.65
N PHE H 3 -16.20 -11.66 48.62
CA PHE H 3 -16.22 -12.55 47.48
C PHE H 3 -17.35 -12.06 46.56
N ASP H 4 -17.10 -11.85 45.28
CA ASP H 4 -18.09 -11.26 44.38
C ASP H 4 -18.83 -12.23 43.45
N LYS H 5 -18.73 -13.53 43.70
CA LYS H 5 -19.49 -14.51 42.92
C LYS H 5 -20.47 -15.15 43.91
N ALA H 6 -21.74 -15.30 43.54
CA ALA H 6 -22.76 -15.88 44.43
C ALA H 6 -23.59 -16.89 43.66
N THR H 7 -23.84 -18.05 44.24
CA THR H 7 -24.57 -19.12 43.56
C THR H 7 -25.76 -19.49 44.39
N ILE H 8 -26.96 -19.43 43.79
CA ILE H 8 -28.22 -19.81 44.43
C ILE H 8 -28.13 -21.25 45.00
N MET H 9 -28.59 -21.44 46.26
CA MET H 9 -28.55 -22.74 46.95
C MET H 9 -29.65 -23.70 46.51
N SER I 1 -18.89 -4.16 31.78
CA SER I 1 -17.48 -4.10 32.16
C SER I 1 -16.78 -2.98 31.41
N ALA I 2 -15.95 -2.22 32.13
CA ALA I 2 -15.26 -1.04 31.61
C ALA I 2 -13.76 -1.13 31.53
N GLY I 3 -13.08 -1.61 32.56
CA GLY I 3 -11.62 -1.62 32.55
C GLY I 3 -10.91 -2.84 32.02
N GLU I 4 -11.65 -3.78 31.39
CA GLU I 4 -11.08 -5.03 30.89
C GLU I 4 -11.08 -5.11 29.37
N ASN I 5 -9.96 -5.54 28.81
CA ASN I 5 -9.76 -5.66 27.38
C ASN I 5 -8.90 -6.86 27.15
N VAL I 6 -9.45 -7.82 26.42
CA VAL I 6 -8.77 -9.08 26.14
C VAL I 6 -8.34 -9.09 24.67
N GLU I 7 -7.07 -9.41 24.44
CA GLU I 7 -6.52 -9.47 23.08
C GLU I 7 -5.97 -10.84 22.79
N GLN I 8 -6.48 -11.43 21.73
CA GLN I 8 -6.11 -12.79 21.30
C GLN I 8 -5.06 -12.74 20.17
N HIS I 9 -3.95 -13.51 20.29
CA HIS I 9 -2.86 -13.59 19.31
C HIS I 9 -2.43 -15.02 19.00
N PRO I 10 -2.42 -15.48 17.71
CA PRO I 10 -2.82 -14.77 16.49
C PRO I 10 -4.32 -14.81 16.24
N SER I 11 -4.81 -14.03 15.25
CA SER I 11 -6.20 -14.00 14.86
C SER I 11 -6.56 -15.20 13.93
N THR I 12 -5.53 -15.78 13.28
CA THR I 12 -5.64 -16.89 12.34
C THR I 12 -4.40 -17.74 12.52
N LEU I 13 -4.54 -19.05 12.51
CA LEU I 13 -3.43 -19.96 12.71
C LEU I 13 -3.61 -21.24 11.89
N SER I 14 -2.57 -21.60 11.13
CA SER I 14 -2.55 -22.84 10.35
C SER I 14 -1.46 -23.68 10.89
N VAL I 15 -1.79 -24.91 11.21
CA VAL I 15 -0.84 -25.86 11.78
C VAL I 15 -0.96 -27.17 11.00
N GLN I 16 0.14 -27.95 10.97
CA GLN I 16 0.15 -29.24 10.32
C GLN I 16 -0.28 -30.31 11.32
N GLU I 17 -1.14 -31.23 10.89
CA GLU I 17 -1.60 -32.34 11.74
C GLU I 17 -0.42 -33.02 12.46
N GLY I 18 -0.56 -33.16 13.77
CA GLY I 18 0.48 -33.74 14.62
C GLY I 18 1.33 -32.68 15.29
N ASP I 19 1.40 -31.47 14.71
CA ASP I 19 2.14 -30.37 15.33
C ASP I 19 1.31 -29.74 16.49
N SER I 20 1.97 -28.89 17.29
CA SER I 20 1.36 -28.17 18.39
C SER I 20 0.85 -26.79 17.97
N ALA I 21 -0.25 -26.33 18.59
CA ALA I 21 -0.85 -25.01 18.34
C ALA I 21 -0.91 -24.23 19.65
N VAL I 22 -0.49 -22.97 19.63
CA VAL I 22 -0.44 -22.11 20.79
C VAL I 22 -1.20 -20.82 20.50
N ILE I 23 -2.18 -20.48 21.36
CA ILE I 23 -2.96 -19.25 21.24
C ILE I 23 -2.73 -18.50 22.55
N LYS I 24 -2.26 -17.26 22.45
CA LYS I 24 -1.95 -16.46 23.63
C LYS I 24 -2.93 -15.30 23.76
N CYS I 25 -3.40 -15.06 24.99
CA CYS I 25 -4.31 -13.95 25.30
C CYS I 25 -3.71 -13.06 26.35
N THR I 26 -3.97 -11.77 26.24
CA THR I 26 -3.53 -10.78 27.23
C THR I 26 -4.76 -10.12 27.79
N TYR I 27 -4.72 -9.77 29.08
CA TYR I 27 -5.82 -9.06 29.75
C TYR I 27 -5.23 -7.85 30.53
N SER I 28 -6.08 -6.92 30.93
CA SER I 28 -5.65 -5.67 31.57
C SER I 28 -5.98 -5.51 33.03
N ASP I 29 -7.08 -6.13 33.50
CA ASP I 29 -7.60 -5.90 34.84
C ASP I 29 -7.20 -6.92 35.88
N SER I 30 -6.92 -6.41 37.08
CA SER I 30 -6.49 -7.16 38.27
C SER I 30 -7.65 -7.90 38.94
N ALA I 31 -8.91 -7.50 38.63
CA ALA I 31 -10.10 -8.16 39.19
C ALA I 31 -10.45 -9.43 38.37
N SER I 32 -9.64 -9.74 37.31
CA SER I 32 -9.80 -10.96 36.51
C SER I 32 -9.19 -12.13 37.23
N ASN I 33 -10.00 -13.14 37.54
CA ASN I 33 -9.50 -14.32 38.26
C ASN I 33 -10.03 -15.58 37.60
N TYR I 34 -10.87 -15.44 36.56
CA TYR I 34 -11.44 -16.59 35.84
C TYR I 34 -11.18 -16.41 34.35
N PHE I 35 -10.61 -17.46 33.73
CA PHE I 35 -10.15 -17.42 32.33
C PHE I 35 -10.58 -18.64 31.55
N PRO I 36 -11.76 -18.59 30.92
CA PRO I 36 -12.22 -19.74 30.13
C PRO I 36 -11.82 -19.71 28.64
N TRP I 37 -11.83 -20.89 27.99
CA TRP I 37 -11.55 -21.08 26.57
C TRP I 37 -12.72 -21.81 25.95
N TYR I 38 -13.24 -21.26 24.85
CA TYR I 38 -14.39 -21.82 24.11
C TYR I 38 -13.94 -22.18 22.70
N LYS I 39 -14.48 -23.26 22.18
CA LYS I 39 -14.25 -23.74 20.84
C LYS I 39 -15.57 -23.65 20.09
N GLN I 40 -15.58 -22.91 19.00
CA GLN I 40 -16.78 -22.77 18.18
C GLN I 40 -16.56 -23.33 16.74
N GLU I 41 -17.22 -24.43 16.43
CA GLU I 41 -17.21 -25.04 15.09
C GLU I 41 -18.22 -24.25 14.26
N LEU I 42 -18.01 -24.20 12.92
CA LEU I 42 -18.84 -23.42 11.99
C LEU I 42 -20.32 -23.68 12.15
N GLY I 43 -21.10 -22.61 12.31
CA GLY I 43 -22.55 -22.63 12.49
C GLY I 43 -23.07 -23.20 13.81
N LYS I 44 -22.14 -23.56 14.73
CA LYS I 44 -22.47 -24.15 16.02
C LYS I 44 -22.23 -23.20 17.20
N ARG I 45 -22.53 -23.64 18.40
CA ARG I 45 -22.36 -22.81 19.59
C ARG I 45 -20.92 -22.88 20.14
N PRO I 46 -20.43 -21.80 20.80
CA PRO I 46 -19.11 -21.91 21.48
C PRO I 46 -19.26 -22.92 22.62
N GLN I 47 -18.34 -23.88 22.70
CA GLN I 47 -18.34 -24.93 23.71
C GLN I 47 -17.17 -24.73 24.63
N LEU I 48 -17.38 -24.82 25.94
CA LEU I 48 -16.30 -24.66 26.89
C LEU I 48 -15.37 -25.89 26.80
N ILE I 49 -14.09 -25.67 26.58
CA ILE I 49 -13.14 -26.80 26.47
C ILE I 49 -12.21 -26.89 27.68
N ILE I 50 -11.80 -25.75 28.25
CA ILE I 50 -10.93 -25.70 29.43
C ILE I 50 -10.98 -24.28 30.00
N ASP I 51 -10.64 -24.14 31.28
CA ASP I 51 -10.55 -22.85 31.93
C ASP I 51 -9.48 -22.90 33.01
N ILE I 52 -9.10 -21.73 33.53
CA ILE I 52 -8.09 -21.64 34.57
C ILE I 52 -8.44 -20.46 35.46
N ARG I 53 -8.03 -20.51 36.73
CA ARG I 53 -8.24 -19.46 37.70
C ARG I 53 -6.88 -18.91 38.15
N SER I 54 -6.88 -17.71 38.75
CA SER I 54 -5.69 -16.96 39.18
C SER I 54 -4.78 -17.66 40.23
N ASN I 55 -5.24 -18.72 40.91
CA ASN I 55 -4.41 -19.46 41.89
C ASN I 55 -3.62 -20.64 41.27
N VAL I 56 -3.77 -20.88 39.95
CA VAL I 56 -3.18 -21.99 39.21
C VAL I 56 -2.32 -21.43 38.07
N GLY I 57 -1.13 -22.00 37.90
CA GLY I 57 -0.21 -21.60 36.85
C GLY I 57 -0.40 -22.39 35.57
N GLU I 58 -0.86 -23.63 35.69
CA GLU I 58 -1.05 -24.52 34.55
C GLU I 58 -2.07 -25.61 34.86
N LYS I 59 -2.90 -25.94 33.86
CA LYS I 59 -3.90 -26.98 33.96
C LYS I 59 -3.85 -27.74 32.63
N LYS I 60 -3.86 -29.08 32.70
CA LYS I 60 -3.75 -29.97 31.55
C LYS I 60 -4.88 -30.98 31.51
N ASP I 61 -5.50 -31.13 30.33
CA ASP I 61 -6.56 -32.11 30.07
C ASP I 61 -6.21 -32.83 28.77
N GLN I 62 -5.52 -33.98 28.89
CA GLN I 62 -5.06 -34.82 27.78
C GLN I 62 -4.18 -34.01 26.80
N ARG I 63 -4.68 -33.77 25.59
CA ARG I 63 -3.99 -33.04 24.53
C ARG I 63 -4.07 -31.51 24.67
N ILE I 64 -4.95 -31.02 25.55
CA ILE I 64 -5.15 -29.58 25.75
C ILE I 64 -4.58 -29.12 27.10
N ALA I 65 -3.95 -27.95 27.11
CA ALA I 65 -3.43 -27.37 28.33
C ALA I 65 -3.60 -25.85 28.29
N VAL I 66 -3.68 -25.25 29.47
CA VAL I 66 -3.81 -23.80 29.60
C VAL I 66 -2.79 -23.35 30.64
N THR I 67 -2.12 -22.23 30.37
CA THR I 67 -1.12 -21.71 31.30
C THR I 67 -1.46 -20.26 31.57
N LEU I 68 -1.15 -19.80 32.79
CA LEU I 68 -1.45 -18.42 33.18
C LEU I 68 -0.26 -17.74 33.83
N ASN I 69 0.01 -16.50 33.42
CA ASN I 69 1.04 -15.66 34.02
C ASN I 69 0.28 -14.44 34.52
N LYS I 70 -0.11 -14.47 35.81
CA LYS I 70 -0.93 -13.40 36.37
C LYS I 70 -0.16 -12.09 36.61
N THR I 71 1.17 -12.15 36.75
CA THR I 71 2.00 -10.95 36.94
C THR I 71 2.09 -10.18 35.63
N ALA I 72 2.39 -10.90 34.51
CA ALA I 72 2.48 -10.29 33.18
C ALA I 72 1.11 -10.07 32.54
N LYS I 73 0.05 -10.73 33.10
CA LYS I 73 -1.34 -10.66 32.64
C LYS I 73 -1.53 -11.28 31.25
N HIS I 74 -1.12 -12.53 31.12
CA HIS I 74 -1.33 -13.27 29.88
C HIS I 74 -1.54 -14.72 30.16
N PHE I 75 -2.31 -15.37 29.28
CA PHE I 75 -2.62 -16.79 29.45
C PHE I 75 -2.68 -17.45 28.09
N SER I 76 -2.33 -18.72 28.03
CA SER I 76 -2.26 -19.39 26.72
C SER I 76 -2.95 -20.72 26.66
N LEU I 77 -3.43 -21.08 25.45
CA LEU I 77 -3.99 -22.41 25.16
C LEU I 77 -2.94 -23.17 24.34
N HIS I 78 -2.69 -24.42 24.74
CA HIS I 78 -1.72 -25.30 24.08
C HIS I 78 -2.44 -26.54 23.61
N ILE I 79 -2.52 -26.72 22.29
CA ILE I 79 -3.13 -27.94 21.72
C ILE I 79 -1.97 -28.80 21.17
N THR I 80 -1.84 -29.99 21.74
CA THR I 80 -0.83 -30.97 21.43
C THR I 80 -1.37 -31.97 20.40
N GLU I 81 -0.48 -32.47 19.48
CA GLU I 81 -0.77 -33.47 18.42
C GLU I 81 -2.09 -33.15 17.75
N THR I 82 -2.14 -31.96 17.12
CA THR I 82 -3.33 -31.43 16.49
C THR I 82 -3.93 -32.37 15.49
N GLN I 83 -5.28 -32.48 15.53
CA GLN I 83 -6.12 -33.31 14.69
C GLN I 83 -6.97 -32.38 13.83
N PRO I 84 -7.37 -32.75 12.60
CA PRO I 84 -8.22 -31.85 11.78
C PRO I 84 -9.51 -31.40 12.45
N GLU I 85 -10.05 -32.20 13.41
CA GLU I 85 -11.27 -31.91 14.18
C GLU I 85 -11.09 -30.78 15.21
N ASP I 86 -9.84 -30.31 15.42
CA ASP I 86 -9.53 -29.18 16.29
C ASP I 86 -9.75 -27.88 15.53
N SER I 87 -9.96 -27.97 14.20
CA SER I 87 -10.18 -26.79 13.36
C SER I 87 -11.53 -26.16 13.78
N ALA I 88 -11.48 -24.91 14.21
CA ALA I 88 -12.63 -24.14 14.72
C ALA I 88 -12.10 -22.77 15.05
N VAL I 89 -12.98 -21.89 15.59
CA VAL I 89 -12.65 -20.57 16.12
C VAL I 89 -12.57 -20.76 17.66
N TYR I 90 -11.48 -20.32 18.27
CA TYR I 90 -11.26 -20.44 19.70
C TYR I 90 -11.35 -19.08 20.29
N PHE I 91 -12.06 -18.95 21.43
CA PHE I 91 -12.22 -17.69 22.16
C PHE I 91 -11.73 -17.84 23.57
N CYS I 92 -11.01 -16.85 24.04
CA CYS I 92 -10.58 -16.78 25.42
C CYS I 92 -11.39 -15.65 26.01
N ALA I 93 -11.48 -15.63 27.34
CA ALA I 93 -12.20 -14.55 28.06
C ALA I 93 -11.56 -14.37 29.43
N ALA I 94 -11.90 -13.25 30.06
CA ALA I 94 -11.50 -12.87 31.41
C ALA I 94 -12.77 -12.29 32.07
N ASP I 95 -12.88 -12.32 33.42
CA ASP I 95 -14.07 -11.82 34.11
C ASP I 95 -13.88 -10.49 34.84
N GLY I 96 -12.72 -9.83 34.67
CA GLY I 96 -12.41 -8.58 35.35
C GLY I 96 -13.13 -7.34 34.84
N GLY I 97 -12.69 -6.19 35.34
CA GLY I 97 -13.29 -4.91 34.98
C GLY I 97 -14.31 -4.42 35.98
N ALA I 98 -14.68 -3.15 35.87
CA ALA I 98 -15.62 -2.48 36.75
C ALA I 98 -16.93 -2.24 36.02
N GLY I 99 -17.99 -1.94 36.73
CA GLY I 99 -19.28 -1.73 36.09
C GLY I 99 -20.08 -3.02 36.02
N SER I 100 -20.94 -3.11 35.00
CA SER I 100 -21.83 -4.23 34.78
C SER I 100 -21.02 -5.53 34.61
N TYR I 101 -21.38 -6.58 35.34
CA TYR I 101 -20.66 -7.86 35.24
C TYR I 101 -20.85 -8.56 33.91
N GLN I 102 -19.76 -9.10 33.37
CA GLN I 102 -19.77 -9.83 32.09
C GLN I 102 -18.43 -10.52 31.89
N LEU I 103 -18.39 -11.48 31.00
CA LEU I 103 -17.12 -12.07 30.58
C LEU I 103 -16.64 -11.14 29.43
N THR I 104 -15.35 -10.81 29.38
CA THR I 104 -14.81 -10.02 28.27
C THR I 104 -14.10 -11.00 27.35
N PHE I 105 -14.63 -11.17 26.14
CA PHE I 105 -14.06 -12.09 25.16
C PHE I 105 -13.01 -11.48 24.23
N GLY I 106 -12.01 -12.28 23.88
CA GLY I 106 -11.05 -11.97 22.82
C GLY I 106 -11.83 -12.06 21.52
N LYS I 107 -11.27 -11.61 20.40
CA LYS I 107 -12.01 -11.58 19.13
C LYS I 107 -11.98 -12.90 18.35
N GLY I 108 -11.28 -13.90 18.86
CA GLY I 108 -11.21 -15.21 18.24
C GLY I 108 -9.94 -15.52 17.46
N THR I 109 -9.65 -16.79 17.35
CA THR I 109 -8.53 -17.33 16.56
C THR I 109 -9.10 -18.45 15.73
N LYS I 110 -9.07 -18.29 14.40
CA LYS I 110 -9.51 -19.35 13.48
C LYS I 110 -8.32 -20.31 13.32
N LEU I 111 -8.44 -21.50 13.91
CA LEU I 111 -7.38 -22.52 13.84
C LEU I 111 -7.71 -23.47 12.68
N SER I 112 -6.73 -23.71 11.80
CA SER I 112 -6.89 -24.63 10.67
C SER I 112 -5.82 -25.70 10.81
N VAL I 113 -6.25 -26.95 11.01
CA VAL I 113 -5.33 -28.06 11.15
C VAL I 113 -5.28 -28.78 9.79
N ILE I 114 -4.14 -28.64 9.08
CA ILE I 114 -3.86 -29.19 7.74
C ILE I 114 -3.67 -30.70 7.86
N PRO I 115 -4.59 -31.54 7.31
CA PRO I 115 -4.41 -33.00 7.45
C PRO I 115 -3.15 -33.54 6.75
N ASN I 116 -2.45 -34.49 7.42
CA ASN I 116 -1.24 -35.10 6.89
C ASN I 116 -1.58 -36.34 6.03
N ILE I 117 -1.55 -36.16 4.70
CA ILE I 117 -1.88 -37.21 3.73
C ILE I 117 -0.59 -38.00 3.43
N GLN I 118 -0.44 -39.15 4.12
CA GLN I 118 0.72 -40.06 4.04
C GLN I 118 0.84 -40.77 2.69
N ASN I 119 -0.29 -41.29 2.17
CA ASN I 119 -0.30 -41.98 0.88
C ASN I 119 -1.21 -41.30 -0.16
N PRO I 120 -0.80 -40.13 -0.73
CA PRO I 120 -1.65 -39.48 -1.74
C PRO I 120 -1.77 -40.31 -3.02
N ASP I 121 -2.94 -40.27 -3.63
CA ASP I 121 -3.23 -40.98 -4.87
C ASP I 121 -4.20 -40.10 -5.67
N PRO I 122 -3.79 -38.86 -6.06
CA PRO I 122 -4.73 -37.94 -6.73
C PRO I 122 -5.42 -38.51 -7.95
N ALA I 123 -6.72 -38.22 -8.10
CA ALA I 123 -7.53 -38.70 -9.21
C ALA I 123 -8.78 -37.89 -9.41
N VAL I 124 -9.27 -37.83 -10.64
CA VAL I 124 -10.50 -37.14 -11.02
C VAL I 124 -11.45 -38.21 -11.61
N TYR I 125 -12.48 -38.58 -10.83
CA TYR I 125 -13.47 -39.57 -11.22
C TYR I 125 -14.78 -38.91 -11.60
N GLN I 126 -15.53 -39.56 -12.46
CA GLN I 126 -16.85 -39.09 -12.85
C GLN I 126 -17.86 -40.01 -12.18
N LEU I 127 -18.89 -39.41 -11.58
CA LEU I 127 -19.91 -40.13 -10.82
C LEU I 127 -21.26 -39.92 -11.45
N ARG I 128 -22.03 -41.01 -11.65
CA ARG I 128 -23.37 -40.93 -12.23
C ARG I 128 -24.47 -40.89 -11.15
N ASP I 129 -25.56 -40.17 -11.46
CA ASP I 129 -26.72 -40.03 -10.59
C ASP I 129 -27.43 -41.38 -10.41
N SER I 130 -27.75 -41.69 -9.15
CA SER I 130 -28.40 -42.92 -8.73
C SER I 130 -29.82 -43.06 -9.31
N LYS I 131 -30.49 -41.94 -9.68
CA LYS I 131 -31.87 -41.99 -10.19
C LYS I 131 -32.02 -41.68 -11.69
N SER I 132 -31.02 -41.03 -12.33
CA SER I 132 -31.02 -40.71 -13.77
C SER I 132 -29.59 -40.53 -14.27
N SER I 133 -29.15 -41.40 -15.21
CA SER I 133 -27.80 -41.35 -15.79
C SER I 133 -27.56 -40.13 -16.71
N ASP I 134 -28.57 -39.23 -16.83
CA ASP I 134 -28.52 -37.98 -17.58
C ASP I 134 -27.44 -37.07 -16.93
N LYS I 135 -27.51 -36.95 -15.57
CA LYS I 135 -26.64 -36.11 -14.76
C LYS I 135 -25.47 -36.86 -14.11
N SER I 136 -24.36 -36.11 -13.97
CA SER I 136 -23.08 -36.51 -13.38
C SER I 136 -22.41 -35.36 -12.62
N VAL I 137 -21.41 -35.72 -11.80
CA VAL I 137 -20.53 -34.81 -11.08
C VAL I 137 -19.09 -35.32 -11.20
N CYS I 138 -18.11 -34.43 -11.03
CA CYS I 138 -16.70 -34.74 -11.07
C CYS I 138 -16.17 -34.71 -9.66
N LEU I 139 -15.40 -35.71 -9.27
CA LEU I 139 -14.82 -35.80 -7.95
C LEU I 139 -13.30 -35.83 -8.03
N PHE I 140 -12.66 -34.76 -7.55
CA PHE I 140 -11.22 -34.71 -7.43
C PHE I 140 -10.96 -35.17 -5.99
N THR I 141 -10.19 -36.25 -5.83
CA THR I 141 -9.95 -36.85 -4.52
C THR I 141 -8.55 -37.40 -4.34
N ASP I 142 -8.18 -37.74 -3.09
CA ASP I 142 -6.96 -38.39 -2.62
C ASP I 142 -5.67 -37.58 -2.88
N PHE I 143 -5.82 -36.27 -3.08
CA PHE I 143 -4.72 -35.37 -3.27
C PHE I 143 -4.12 -34.96 -1.93
N ASP I 144 -2.85 -34.51 -1.97
CA ASP I 144 -2.03 -33.98 -0.88
C ASP I 144 -2.68 -32.71 -0.35
N SER I 145 -2.32 -32.29 0.86
CA SER I 145 -2.88 -31.06 1.41
C SER I 145 -2.22 -29.80 0.76
N GLN I 146 -1.11 -30.03 0.00
CA GLN I 146 -0.36 -29.05 -0.83
C GLN I 146 -1.25 -28.48 -1.96
N THR I 147 -2.19 -29.27 -2.48
CA THR I 147 -3.11 -28.87 -3.55
C THR I 147 -4.05 -27.74 -3.11
N ASN I 148 -4.26 -26.75 -3.98
CA ASN I 148 -5.21 -25.64 -3.78
C ASN I 148 -6.26 -25.78 -4.88
N VAL I 149 -7.54 -25.90 -4.47
CA VAL I 149 -8.68 -26.10 -5.37
C VAL I 149 -9.30 -24.72 -5.66
N SER I 150 -8.94 -24.14 -6.79
CA SER I 150 -9.39 -22.81 -7.18
C SER I 150 -10.78 -22.80 -7.82
N GLN I 151 -11.51 -21.69 -7.67
CA GLN I 151 -12.83 -21.54 -8.25
C GLN I 151 -12.66 -21.23 -9.74
N SER I 152 -13.58 -21.72 -10.58
CA SER I 152 -13.46 -21.53 -12.01
C SER I 152 -13.84 -20.15 -12.51
N LYS I 153 -13.35 -19.82 -13.72
CA LYS I 153 -13.63 -18.57 -14.41
C LYS I 153 -15.03 -18.65 -15.04
N ASP I 154 -15.39 -19.84 -15.59
CA ASP I 154 -16.69 -20.13 -16.22
C ASP I 154 -17.81 -20.14 -15.17
N SER I 155 -18.85 -19.32 -15.42
CA SER I 155 -20.03 -19.13 -14.57
C SER I 155 -20.95 -20.34 -14.50
N ASP I 156 -21.06 -21.07 -15.63
CA ASP I 156 -21.88 -22.28 -15.76
C ASP I 156 -21.24 -23.50 -15.06
N VAL I 157 -19.99 -23.38 -14.59
CA VAL I 157 -19.31 -24.49 -13.92
C VAL I 157 -19.02 -24.14 -12.45
N TYR I 158 -19.32 -25.08 -11.56
CA TYR I 158 -19.16 -24.86 -10.11
C TYR I 158 -18.15 -25.83 -9.55
N ILE I 159 -17.26 -25.32 -8.71
CA ILE I 159 -16.23 -26.10 -8.02
C ILE I 159 -16.30 -25.77 -6.54
N THR I 160 -16.41 -26.79 -5.69
CA THR I 160 -16.48 -26.62 -4.24
C THR I 160 -15.06 -26.53 -3.73
N ASP I 161 -14.89 -26.13 -2.46
CA ASP I 161 -13.57 -26.09 -1.85
C ASP I 161 -13.19 -27.51 -1.41
N LYS I 162 -11.92 -27.72 -1.03
CA LYS I 162 -11.48 -29.04 -0.54
C LYS I 162 -12.13 -29.30 0.81
N CYS I 163 -12.21 -30.56 1.18
CA CYS I 163 -12.89 -30.99 2.39
C CYS I 163 -12.29 -32.35 2.78
N VAL I 164 -11.93 -32.52 4.05
CA VAL I 164 -11.32 -33.78 4.49
C VAL I 164 -12.32 -34.70 5.24
N LEU I 165 -12.35 -35.99 4.86
CA LEU I 165 -13.13 -37.01 5.53
C LEU I 165 -12.19 -37.98 6.30
N ASP I 166 -12.65 -38.51 7.45
CA ASP I 166 -11.86 -39.44 8.23
C ASP I 166 -12.60 -40.79 8.37
N MET I 167 -12.01 -41.85 7.81
CA MET I 167 -12.53 -43.23 7.88
C MET I 167 -11.80 -43.81 9.10
N ARG I 168 -12.25 -43.41 10.33
CA ARG I 168 -11.62 -43.73 11.64
C ARG I 168 -11.25 -45.21 11.81
N SER I 169 -12.15 -46.14 11.43
CA SER I 169 -11.94 -47.59 11.50
C SER I 169 -10.64 -48.05 10.79
N MET I 170 -10.38 -47.50 9.58
CA MET I 170 -9.22 -47.81 8.74
C MET I 170 -7.98 -46.95 9.03
N ASP I 171 -8.10 -45.93 9.92
CA ASP I 171 -7.07 -44.95 10.27
C ASP I 171 -6.59 -44.25 8.97
N PHE I 172 -7.57 -43.85 8.14
CA PHE I 172 -7.38 -43.24 6.84
C PHE I 172 -8.14 -41.92 6.69
N LYS I 173 -7.46 -40.89 6.20
CA LYS I 173 -8.01 -39.55 5.94
C LYS I 173 -7.81 -39.22 4.45
N SER I 174 -8.77 -38.52 3.84
CA SER I 174 -8.65 -38.12 2.46
C SER I 174 -9.37 -36.82 2.11
N ASN I 175 -8.76 -36.04 1.20
CA ASN I 175 -9.29 -34.78 0.69
C ASN I 175 -10.08 -35.00 -0.56
N SER I 176 -11.06 -34.13 -0.81
CA SER I 176 -11.88 -34.14 -2.01
C SER I 176 -12.52 -32.80 -2.26
N ALA I 177 -12.92 -32.57 -3.51
CA ALA I 177 -13.62 -31.39 -4.00
C ALA I 177 -14.50 -31.89 -5.12
N VAL I 178 -15.61 -31.22 -5.36
CA VAL I 178 -16.59 -31.65 -6.36
C VAL I 178 -16.78 -30.54 -7.38
N ALA I 179 -17.06 -30.93 -8.62
CA ALA I 179 -17.34 -30.00 -9.70
C ALA I 179 -18.48 -30.52 -10.51
N TRP I 180 -19.28 -29.61 -11.04
CA TRP I 180 -20.40 -29.96 -11.88
C TRP I 180 -20.77 -28.75 -12.72
N SER I 181 -21.54 -29.01 -13.76
CA SER I 181 -22.08 -28.03 -14.67
C SER I 181 -23.36 -28.58 -15.26
N ASN I 182 -24.25 -27.66 -15.62
CA ASN I 182 -25.55 -27.91 -16.23
C ASN I 182 -25.30 -28.17 -17.72
N LYS I 183 -24.26 -27.49 -18.29
CA LYS I 183 -23.82 -27.56 -19.69
C LYS I 183 -23.57 -28.99 -20.18
N SER I 184 -24.09 -29.30 -21.38
CA SER I 184 -23.90 -30.59 -22.08
C SER I 184 -22.42 -30.79 -22.51
N ASP I 185 -21.77 -29.66 -22.89
CA ASP I 185 -20.38 -29.54 -23.33
C ASP I 185 -19.36 -29.89 -22.24
N PHE I 186 -19.81 -29.92 -20.96
CA PHE I 186 -18.94 -30.12 -19.80
C PHE I 186 -18.24 -31.47 -19.73
N ALA I 187 -16.92 -31.40 -19.52
CA ALA I 187 -16.01 -32.53 -19.36
C ALA I 187 -15.28 -32.35 -18.03
N CYS I 188 -15.03 -33.44 -17.29
CA CYS I 188 -14.40 -33.34 -15.96
C CYS I 188 -13.00 -32.63 -15.97
N ALA I 189 -12.31 -32.59 -17.15
CA ALA I 189 -11.02 -31.89 -17.27
C ALA I 189 -11.12 -30.36 -17.32
N ASN I 190 -12.27 -29.80 -17.73
CA ASN I 190 -12.44 -28.34 -17.77
C ASN I 190 -12.30 -27.69 -16.38
N ALA I 191 -12.98 -28.28 -15.39
CA ALA I 191 -12.93 -27.80 -14.02
C ALA I 191 -11.62 -28.24 -13.35
N PHE I 192 -11.35 -29.56 -13.31
CA PHE I 192 -10.12 -30.10 -12.71
C PHE I 192 -9.03 -30.24 -13.79
N ASN I 193 -8.38 -29.09 -14.05
CA ASN I 193 -7.34 -28.90 -15.05
C ASN I 193 -5.95 -28.82 -14.40
N ASN I 194 -4.90 -28.63 -15.22
CA ASN I 194 -3.46 -28.53 -14.88
C ASN I 194 -3.09 -27.45 -13.85
N SER I 195 -3.94 -26.44 -13.64
CA SER I 195 -3.65 -25.41 -12.63
C SER I 195 -3.89 -25.96 -11.20
N ILE I 196 -5.05 -26.63 -11.01
CA ILE I 196 -5.46 -27.24 -9.73
C ILE I 196 -4.71 -28.57 -9.42
N ILE I 197 -4.88 -29.59 -10.30
CA ILE I 197 -4.43 -30.97 -10.08
C ILE I 197 -2.90 -31.21 -10.22
N PRO I 198 -2.31 -32.13 -9.39
CA PRO I 198 -0.87 -32.43 -9.51
C PRO I 198 -0.55 -33.26 -10.76
N GLU I 199 0.74 -33.29 -11.12
CA GLU I 199 1.23 -34.00 -12.32
C GLU I 199 1.00 -35.52 -12.27
N ASP I 200 0.92 -36.10 -11.06
CA ASP I 200 0.71 -37.54 -10.88
C ASP I 200 -0.78 -37.95 -10.82
N THR I 201 -1.71 -37.06 -11.22
CA THR I 201 -3.16 -37.35 -11.18
C THR I 201 -3.61 -38.46 -12.12
N PHE I 202 -4.31 -39.47 -11.56
CA PHE I 202 -4.92 -40.56 -12.31
C PHE I 202 -6.18 -39.96 -12.91
N PHE I 203 -6.25 -39.86 -14.24
CA PHE I 203 -7.38 -39.24 -14.91
C PHE I 203 -7.99 -40.14 -15.99
N PRO I 204 -8.72 -41.25 -15.64
CA PRO I 204 -9.35 -42.09 -16.67
C PRO I 204 -10.46 -41.36 -17.47
N SER I 205 -10.93 -41.93 -18.60
CA SER I 205 -11.95 -41.23 -19.41
C SER I 205 -13.46 -41.49 -19.05
N PRO I 206 -14.01 -42.72 -18.79
CA PRO I 206 -13.42 -44.08 -18.73
C PRO I 206 -12.67 -44.55 -19.98
N ALA J 1 -25.34 -28.45 32.62
CA ALA J 1 -25.98 -27.16 32.50
C ALA J 1 -26.18 -26.76 31.04
N VAL J 2 -27.30 -27.16 30.45
CA VAL J 2 -27.57 -26.83 29.07
C VAL J 2 -28.48 -25.59 28.93
N VAL J 3 -28.24 -24.79 27.93
CA VAL J 3 -29.02 -23.61 27.68
C VAL J 3 -29.62 -23.79 26.32
N SER J 4 -30.88 -23.47 26.13
CA SER J 4 -31.44 -23.64 24.81
C SER J 4 -32.08 -22.38 24.31
N GLN J 5 -32.45 -22.36 23.03
CA GLN J 5 -33.11 -21.26 22.36
C GLN J 5 -34.24 -21.72 21.48
N HIS J 6 -35.22 -20.86 21.30
CA HIS J 6 -36.31 -21.16 20.38
C HIS J 6 -36.78 -19.84 19.77
N PRO J 7 -36.95 -19.75 18.43
CA PRO J 7 -36.69 -20.79 17.40
C PRO J 7 -35.21 -20.91 17.09
N SER J 8 -34.82 -21.93 16.33
CA SER J 8 -33.40 -22.10 15.99
C SER J 8 -33.10 -21.47 14.61
N ARG J 9 -34.08 -21.43 13.71
CA ARG J 9 -33.97 -20.84 12.39
C ARG J 9 -35.26 -20.10 12.10
N VAL J 10 -35.17 -18.88 11.62
CA VAL J 10 -36.37 -18.10 11.34
C VAL J 10 -36.20 -17.27 10.10
N ILE J 11 -37.22 -17.27 9.25
CA ILE J 11 -37.29 -16.48 8.03
C ILE J 11 -38.49 -15.58 8.20
N CYS J 12 -38.31 -14.27 8.04
CA CYS J 12 -39.44 -13.37 8.13
C CYS J 12 -39.36 -12.22 7.12
N LYS J 13 -40.52 -11.65 6.79
CA LYS J 13 -40.62 -10.53 5.89
C LYS J 13 -40.26 -9.26 6.68
N SER J 14 -39.71 -8.25 6.02
CA SER J 14 -39.37 -6.97 6.61
C SER J 14 -40.61 -6.35 7.30
N GLY J 15 -40.37 -5.65 8.41
CA GLY J 15 -41.40 -5.01 9.20
C GLY J 15 -42.01 -5.86 10.30
N THR J 16 -41.82 -7.19 10.24
CA THR J 16 -42.33 -8.07 11.30
C THR J 16 -41.48 -8.01 12.59
N SER J 17 -42.06 -8.44 13.70
CA SER J 17 -41.36 -8.54 14.98
C SER J 17 -40.98 -10.01 15.22
N VAL J 18 -39.78 -10.27 15.66
CA VAL J 18 -39.36 -11.67 15.93
C VAL J 18 -38.91 -11.83 17.38
N LYS J 19 -39.59 -12.70 18.13
CA LYS J 19 -39.30 -13.02 19.53
C LYS J 19 -38.45 -14.30 19.61
N ILE J 20 -37.34 -14.26 20.33
CA ILE J 20 -36.40 -15.37 20.51
C ILE J 20 -36.31 -15.62 22.01
N GLU J 21 -36.40 -16.88 22.42
CA GLU J 21 -36.31 -17.32 23.82
C GLU J 21 -34.92 -17.87 24.12
N CYS J 22 -34.45 -17.61 25.34
CA CYS J 22 -33.21 -18.18 25.89
C CYS J 22 -33.62 -18.82 27.20
N ARG J 23 -33.42 -20.12 27.33
CA ARG J 23 -33.85 -20.87 28.50
C ARG J 23 -32.74 -21.66 29.16
N SER J 24 -32.57 -21.47 30.48
CA SER J 24 -31.64 -22.29 31.24
C SER J 24 -32.49 -23.56 31.57
N LEU J 25 -32.10 -24.71 31.01
CA LEU J 25 -32.87 -25.95 31.12
C LEU J 25 -32.77 -26.64 32.46
N ASP J 26 -31.61 -26.56 33.14
CA ASP J 26 -31.51 -27.25 34.42
C ASP J 26 -30.86 -26.42 35.55
N PHE J 27 -30.94 -25.08 35.46
CA PHE J 27 -30.41 -24.21 36.50
C PHE J 27 -31.14 -22.93 36.46
N GLN J 28 -31.08 -22.17 37.57
CA GLN J 28 -31.71 -20.86 37.69
C GLN J 28 -30.69 -19.80 37.32
N ALA J 29 -31.08 -18.83 36.49
CA ALA J 29 -30.16 -17.78 36.06
C ALA J 29 -30.75 -16.40 36.34
N THR J 30 -30.03 -15.59 37.13
CA THR J 30 -30.44 -14.21 37.45
C THR J 30 -30.02 -13.29 36.30
N THR J 31 -29.12 -13.78 35.41
CA THR J 31 -28.60 -12.99 34.30
C THR J 31 -28.41 -13.86 33.06
N MET J 32 -28.72 -13.28 31.88
CA MET J 32 -28.45 -13.87 30.58
C MET J 32 -27.81 -12.84 29.65
N PHE J 33 -26.95 -13.30 28.74
CA PHE J 33 -26.22 -12.41 27.84
C PHE J 33 -26.63 -12.72 26.43
N TRP J 34 -26.89 -11.66 25.65
CA TRP J 34 -27.32 -11.79 24.27
C TRP J 34 -26.24 -11.26 23.34
N TYR J 35 -25.85 -12.09 22.36
CA TYR J 35 -24.80 -11.81 21.39
C TYR J 35 -25.32 -11.91 19.99
N ARG J 36 -24.59 -11.26 19.10
N ARG J 36 -24.59 -11.25 19.10
CA ARG J 36 -24.84 -11.30 17.68
CA ARG J 36 -24.82 -11.17 17.65
C ARG J 36 -23.53 -11.73 16.98
C ARG J 36 -23.52 -11.66 16.95
N GLN J 37 -23.62 -12.67 16.05
CA GLN J 37 -22.45 -13.15 15.27
C GLN J 37 -22.74 -13.04 13.78
N PHE J 38 -21.79 -12.50 13.02
CA PHE J 38 -21.87 -12.29 11.55
C PHE J 38 -20.87 -13.25 10.89
N PRO J 39 -20.60 -13.19 9.54
CA PRO J 39 -19.52 -14.05 8.98
C PRO J 39 -18.19 -13.70 9.67
N LYS J 40 -18.05 -12.39 10.07
CA LYS J 40 -16.97 -11.86 10.90
C LYS J 40 -17.29 -12.51 12.25
N GLN J 41 -16.58 -13.62 12.50
CA GLN J 41 -16.75 -14.61 13.56
C GLN J 41 -16.82 -14.13 15.02
N SER J 42 -16.52 -12.87 15.35
CA SER J 42 -16.46 -12.49 16.76
C SER J 42 -17.85 -12.39 17.47
N LEU J 43 -17.88 -12.68 18.77
CA LEU J 43 -19.06 -12.62 19.63
C LEU J 43 -19.26 -11.18 20.08
N MET J 44 -20.25 -10.48 19.50
N MET J 44 -20.25 -10.50 19.52
CA MET J 44 -20.54 -9.11 19.86
CA MET J 44 -20.50 -9.11 19.87
C MET J 44 -21.66 -9.08 20.88
C MET J 44 -21.65 -9.02 20.84
N LEU J 45 -21.34 -8.68 22.10
CA LEU J 45 -22.32 -8.55 23.18
C LEU J 45 -23.24 -7.42 22.87
N MET J 46 -24.53 -7.69 22.89
CA MET J 46 -25.56 -6.69 22.61
C MET J 46 -26.13 -6.16 23.90
N ALA J 47 -26.53 -7.08 24.80
CA ALA J 47 -27.18 -6.72 26.04
C ALA J 47 -27.10 -7.79 27.08
N THR J 48 -27.34 -7.40 28.32
CA THR J 48 -27.39 -8.24 29.50
C THR J 48 -28.79 -8.11 30.07
N SER J 49 -29.48 -9.23 30.14
CA SER J 49 -30.81 -9.42 30.68
C SER J 49 -30.64 -9.64 32.21
N ASN J 50 -31.37 -8.88 33.03
CA ASN J 50 -31.25 -8.94 34.48
C ASN J 50 -32.56 -9.24 35.13
N GLU J 51 -32.57 -10.23 36.02
CA GLU J 51 -33.80 -10.58 36.74
C GLU J 51 -34.12 -9.45 37.73
N GLY J 52 -35.35 -8.94 37.68
CA GLY J 52 -35.81 -7.87 38.55
C GLY J 52 -35.26 -6.48 38.26
N SER J 53 -34.75 -6.26 37.03
CA SER J 53 -34.17 -4.98 36.59
C SER J 53 -34.24 -4.84 35.07
N LYS J 54 -34.10 -3.60 34.55
CA LYS J 54 -34.10 -3.36 33.10
C LYS J 54 -32.78 -3.85 32.49
N ALA J 55 -32.82 -4.22 31.21
CA ALA J 55 -31.65 -4.72 30.48
C ALA J 55 -30.56 -3.67 30.39
N THR J 56 -29.30 -4.11 30.33
CA THR J 56 -28.10 -3.26 30.20
C THR J 56 -27.66 -3.45 28.77
N TYR J 57 -27.81 -2.41 27.94
CA TYR J 57 -27.41 -2.44 26.54
C TYR J 57 -25.99 -1.99 26.33
N GLU J 58 -25.31 -2.62 25.37
CA GLU J 58 -23.96 -2.24 24.99
C GLU J 58 -24.04 -1.00 24.08
N GLN J 59 -22.95 -0.21 24.03
CA GLN J 59 -22.85 1.01 23.21
C GLN J 59 -23.06 0.65 21.77
N GLY J 60 -23.93 1.41 21.10
CA GLY J 60 -24.22 1.20 19.69
C GLY J 60 -25.33 0.22 19.40
N VAL J 61 -26.07 -0.22 20.42
CA VAL J 61 -27.21 -1.14 20.25
C VAL J 61 -28.50 -0.34 20.51
N GLU J 62 -29.37 -0.20 19.50
CA GLU J 62 -30.64 0.52 19.68
C GLU J 62 -31.62 -0.25 20.56
N LYS J 63 -31.96 0.33 21.72
CA LYS J 63 -32.85 -0.25 22.73
C LYS J 63 -34.24 -0.54 22.18
N ASP J 64 -34.71 0.32 21.23
CA ASP J 64 -36.03 0.19 20.61
C ASP J 64 -36.07 -0.89 19.55
N LYS J 65 -34.93 -1.21 18.93
CA LYS J 65 -34.83 -2.26 17.92
C LYS J 65 -34.80 -3.65 18.59
N PHE J 66 -34.06 -3.80 19.69
CA PHE J 66 -33.86 -5.06 20.39
C PHE J 66 -34.41 -5.02 21.79
N LEU J 67 -35.66 -5.48 22.00
CA LEU J 67 -36.29 -5.48 23.33
C LEU J 67 -35.86 -6.74 24.11
N ILE J 68 -35.31 -6.56 25.31
CA ILE J 68 -34.87 -7.65 26.18
C ILE J 68 -35.74 -7.71 27.41
N ASN J 69 -36.32 -8.89 27.68
CA ASN J 69 -37.16 -9.11 28.86
C ASN J 69 -36.66 -10.33 29.64
N HIS J 70 -36.37 -10.14 30.93
CA HIS J 70 -35.98 -11.25 31.79
C HIS J 70 -37.26 -11.64 32.49
N ALA J 71 -37.91 -12.62 31.87
CA ALA J 71 -39.21 -13.14 32.24
C ALA J 71 -39.23 -13.88 33.58
N SER J 72 -38.20 -14.69 33.90
CA SER J 72 -38.15 -15.47 35.14
C SER J 72 -36.70 -15.89 35.43
N LEU J 73 -36.49 -16.76 36.39
CA LEU J 73 -35.19 -17.30 36.66
C LEU J 73 -34.69 -18.35 35.65
N THR J 74 -35.43 -18.62 34.60
CA THR J 74 -35.01 -19.54 33.58
C THR J 74 -35.17 -19.00 32.15
N LEU J 75 -35.88 -17.90 31.98
CA LEU J 75 -36.14 -17.40 30.67
C LEU J 75 -35.86 -15.90 30.49
N SER J 76 -35.16 -15.62 29.39
CA SER J 76 -34.85 -14.31 28.86
C SER J 76 -35.34 -14.36 27.40
N THR J 77 -35.87 -13.25 26.95
CA THR J 77 -36.49 -13.12 25.64
C THR J 77 -35.82 -11.93 24.90
N LEU J 78 -35.47 -12.10 23.61
CA LEU J 78 -34.95 -11.01 22.74
C LEU J 78 -36.02 -10.79 21.64
N THR J 79 -36.51 -9.56 21.45
CA THR J 79 -37.46 -9.24 20.38
C THR J 79 -36.81 -8.26 19.41
N VAL J 80 -36.69 -8.65 18.15
CA VAL J 80 -36.16 -7.80 17.07
C VAL J 80 -37.41 -7.16 16.44
N THR J 81 -37.63 -5.87 16.71
CA THR J 81 -38.84 -5.14 16.24
C THR J 81 -38.61 -4.59 14.85
N SER J 82 -39.67 -4.52 14.03
CA SER J 82 -39.64 -4.04 12.62
C SER J 82 -38.37 -4.50 11.92
N ALA J 83 -38.22 -5.81 11.80
CA ALA J 83 -37.02 -6.42 11.24
C ALA J 83 -36.74 -5.97 9.82
N HIS J 84 -35.48 -5.68 9.49
CA HIS J 84 -35.08 -5.31 8.14
C HIS J 84 -33.94 -6.22 7.70
N PRO J 85 -33.68 -6.41 6.36
CA PRO J 85 -32.60 -7.33 5.95
C PRO J 85 -31.24 -7.19 6.65
N GLU J 86 -30.87 -5.97 7.05
CA GLU J 86 -29.61 -5.67 7.75
C GLU J 86 -29.56 -6.29 9.18
N ASP J 87 -30.72 -6.67 9.72
CA ASP J 87 -30.87 -7.32 11.04
C ASP J 87 -30.64 -8.83 10.97
N SER J 88 -30.54 -9.40 9.75
CA SER J 88 -30.29 -10.83 9.57
C SER J 88 -28.96 -11.14 10.19
N SER J 89 -28.93 -12.19 11.05
CA SER J 89 -27.70 -12.57 11.76
C SER J 89 -27.94 -13.83 12.57
N PHE J 90 -26.91 -14.24 13.31
CA PHE J 90 -26.93 -15.37 14.21
C PHE J 90 -27.00 -14.76 15.63
N TYR J 91 -28.13 -14.94 16.31
CA TYR J 91 -28.36 -14.41 17.67
C TYR J 91 -28.17 -15.54 18.66
N ILE J 92 -27.26 -15.35 19.60
CA ILE J 92 -26.92 -16.42 20.54
C ILE J 92 -26.88 -15.89 21.96
N CYS J 93 -27.46 -16.66 22.88
CA CYS J 93 -27.47 -16.27 24.29
C CYS J 93 -26.51 -17.14 25.10
N SER J 94 -26.17 -16.68 26.29
CA SER J 94 -25.47 -17.48 27.27
C SER J 94 -26.02 -17.17 28.68
N ALA J 95 -25.88 -18.16 29.58
CA ALA J 95 -26.28 -18.09 30.96
C ALA J 95 -25.39 -19.05 31.75
N GLY J 96 -25.27 -18.81 33.04
CA GLY J 96 -24.50 -19.65 33.93
C GLY J 96 -25.17 -19.65 35.29
N PRO J 97 -24.89 -20.66 36.12
CA PRO J 97 -25.54 -20.73 37.46
C PRO J 97 -25.01 -19.74 38.50
N THR J 98 -23.77 -19.26 38.31
CA THR J 98 -23.18 -18.30 39.24
C THR J 98 -23.56 -16.86 38.87
N SER J 99 -23.98 -16.07 39.90
CA SER J 99 -24.36 -14.66 39.77
C SER J 99 -23.19 -13.80 40.20
N GLY J 100 -23.28 -12.48 40.00
CA GLY J 100 -22.18 -11.60 40.41
C GLY J 100 -21.12 -11.62 39.33
N ARG J 101 -19.82 -11.45 39.70
CA ARG J 101 -18.74 -11.44 38.71
C ARG J 101 -18.81 -12.72 37.88
N THR J 102 -19.04 -12.56 36.58
CA THR J 102 -19.37 -13.63 35.66
C THR J 102 -18.38 -14.79 35.72
N ASP J 103 -18.95 -15.99 35.74
CA ASP J 103 -18.16 -17.21 35.79
C ASP J 103 -18.44 -18.04 34.57
N THR J 104 -18.42 -19.39 34.67
CA THR J 104 -18.72 -20.28 33.54
C THR J 104 -20.05 -19.97 32.87
N GLN J 105 -19.99 -19.76 31.55
CA GLN J 105 -21.14 -19.44 30.72
C GLN J 105 -21.43 -20.54 29.75
N TYR J 106 -22.71 -20.86 29.58
CA TYR J 106 -23.16 -21.91 28.71
C TYR J 106 -23.98 -21.29 27.66
N PHE J 107 -23.60 -21.52 26.41
CA PHE J 107 -24.26 -20.92 25.26
C PHE J 107 -25.43 -21.71 24.80
N GLY J 108 -26.43 -21.02 24.29
CA GLY J 108 -27.56 -21.64 23.63
C GLY J 108 -27.13 -22.10 22.24
N PRO J 109 -28.00 -22.76 21.43
CA PRO J 109 -27.56 -23.22 20.11
C PRO J 109 -27.42 -22.12 19.04
N GLY J 110 -27.98 -20.96 19.32
CA GLY J 110 -28.01 -19.82 18.42
C GLY J 110 -29.31 -19.83 17.63
N THR J 111 -29.72 -18.65 17.11
CA THR J 111 -30.91 -18.53 16.26
C THR J 111 -30.46 -17.82 15.00
N ARG J 112 -30.67 -18.47 13.85
CA ARG J 112 -30.35 -17.88 12.57
C ARG J 112 -31.58 -17.10 12.12
N LEU J 113 -31.48 -15.78 12.09
CA LEU J 113 -32.58 -14.96 11.63
C LEU J 113 -32.28 -14.43 10.24
N THR J 114 -33.17 -14.68 9.29
CA THR J 114 -33.06 -14.20 7.91
C THR J 114 -34.26 -13.29 7.62
N VAL J 115 -34.01 -12.03 7.38
CA VAL J 115 -35.05 -11.05 7.06
C VAL J 115 -35.02 -10.77 5.56
N LEU J 116 -36.17 -10.99 4.89
CA LEU J 116 -36.30 -10.80 3.45
C LEU J 116 -37.31 -9.70 3.14
N GLU J 117 -37.01 -8.90 2.11
CA GLU J 117 -37.92 -7.85 1.64
C GLU J 117 -39.15 -8.52 0.99
N ASP J 118 -38.95 -9.72 0.37
CA ASP J 118 -39.91 -10.54 -0.39
C ASP J 118 -39.76 -12.05 -0.12
N LEU J 119 -40.87 -12.75 0.22
CA LEU J 119 -40.91 -14.19 0.49
C LEU J 119 -41.05 -15.10 -0.78
N LYS J 120 -41.24 -14.49 -1.97
CA LYS J 120 -41.34 -15.22 -3.25
C LYS J 120 -40.00 -15.90 -3.61
N ASN J 121 -38.91 -15.36 -3.05
CA ASN J 121 -37.55 -15.81 -3.27
C ASN J 121 -37.15 -17.07 -2.47
N VAL J 122 -38.05 -17.62 -1.63
CA VAL J 122 -37.76 -18.81 -0.81
C VAL J 122 -38.01 -20.08 -1.63
N PHE J 123 -37.01 -20.98 -1.70
CA PHE J 123 -37.08 -22.24 -2.45
C PHE J 123 -36.47 -23.39 -1.67
N PRO J 124 -37.11 -24.59 -1.67
CA PRO J 124 -36.49 -25.73 -0.97
C PRO J 124 -35.40 -26.38 -1.86
N PRO J 125 -34.52 -27.26 -1.34
CA PRO J 125 -33.52 -27.87 -2.24
C PRO J 125 -34.04 -29.09 -2.98
N GLU J 126 -33.38 -29.40 -4.10
CA GLU J 126 -33.53 -30.62 -4.89
C GLU J 126 -32.30 -31.38 -4.46
N VAL J 127 -32.43 -32.65 -4.13
CA VAL J 127 -31.30 -33.45 -3.65
C VAL J 127 -31.09 -34.67 -4.54
N ALA J 128 -29.80 -34.97 -4.86
CA ALA J 128 -29.41 -36.12 -5.69
C ALA J 128 -28.19 -36.81 -5.11
N VAL J 129 -28.15 -38.16 -5.20
CA VAL J 129 -27.02 -38.97 -4.75
C VAL J 129 -26.37 -39.52 -6.03
N PHE J 130 -25.03 -39.43 -6.11
CA PHE J 130 -24.23 -39.88 -7.23
C PHE J 130 -23.42 -41.07 -6.73
N GLU J 131 -23.59 -42.21 -7.42
CA GLU J 131 -23.00 -43.51 -7.11
C GLU J 131 -21.49 -43.55 -7.34
N PRO J 132 -20.72 -44.29 -6.52
CA PRO J 132 -19.26 -44.33 -6.73
C PRO J 132 -18.81 -44.90 -8.07
N SER J 133 -17.71 -44.33 -8.62
CA SER J 133 -17.15 -44.74 -9.91
C SER J 133 -16.44 -46.08 -9.81
N GLU J 134 -16.57 -46.89 -10.88
CA GLU J 134 -15.91 -48.19 -11.01
C GLU J 134 -14.39 -48.02 -10.99
N ALA J 135 -13.92 -46.94 -11.66
CA ALA J 135 -12.52 -46.54 -11.72
C ALA J 135 -11.98 -46.31 -10.30
N GLU J 136 -12.78 -45.67 -9.42
CA GLU J 136 -12.37 -45.45 -8.03
C GLU J 136 -12.25 -46.75 -7.27
N ILE J 137 -13.30 -47.60 -7.35
CA ILE J 137 -13.36 -48.93 -6.71
C ILE J 137 -12.13 -49.78 -7.10
N SER J 138 -11.83 -49.88 -8.43
CA SER J 138 -10.69 -50.64 -8.98
C SER J 138 -9.34 -50.13 -8.50
N HIS J 139 -9.15 -48.80 -8.54
CA HIS J 139 -7.90 -48.14 -8.18
C HIS J 139 -7.64 -48.02 -6.69
N THR J 140 -8.69 -47.89 -5.87
CA THR J 140 -8.47 -47.58 -4.46
C THR J 140 -9.08 -48.58 -3.44
N GLN J 141 -10.03 -49.45 -3.83
CA GLN J 141 -10.75 -50.41 -2.95
C GLN J 141 -11.64 -49.65 -1.91
N LYS J 142 -12.05 -48.43 -2.31
CA LYS J 142 -12.92 -47.53 -1.56
C LYS J 142 -13.95 -47.01 -2.55
N ALA J 143 -15.09 -46.55 -2.03
CA ALA J 143 -16.20 -46.07 -2.83
C ALA J 143 -16.78 -44.82 -2.19
N THR J 144 -16.77 -43.70 -2.95
CA THR J 144 -17.28 -42.41 -2.50
C THR J 144 -18.61 -42.09 -3.15
N LEU J 145 -19.62 -41.86 -2.31
CA LEU J 145 -20.93 -41.42 -2.76
C LEU J 145 -20.92 -39.91 -2.62
N VAL J 146 -21.56 -39.21 -3.56
CA VAL J 146 -21.63 -37.78 -3.47
C VAL J 146 -23.07 -37.32 -3.45
N CYS J 147 -23.42 -36.48 -2.46
CA CYS J 147 -24.76 -35.91 -2.40
C CYS J 147 -24.67 -34.47 -2.86
N LEU J 148 -25.67 -34.02 -3.60
CA LEU J 148 -25.74 -32.66 -4.08
C LEU J 148 -27.13 -32.06 -3.82
N ALA J 149 -27.18 -30.94 -3.06
CA ALA J 149 -28.40 -30.19 -2.76
C ALA J 149 -28.29 -28.89 -3.55
N THR J 150 -29.30 -28.58 -4.37
CA THR J 150 -29.28 -27.43 -5.28
C THR J 150 -30.55 -26.61 -5.29
N GLY J 151 -30.44 -25.37 -5.75
CA GLY J 151 -31.55 -24.43 -5.91
C GLY J 151 -32.27 -23.98 -4.65
N PHE J 152 -31.60 -23.98 -3.48
CA PHE J 152 -32.27 -23.55 -2.27
C PHE J 152 -31.96 -22.10 -1.88
N TYR J 153 -32.94 -21.45 -1.25
CA TYR J 153 -32.86 -20.09 -0.73
C TYR J 153 -33.83 -19.91 0.45
N PRO J 154 -33.41 -19.30 1.59
CA PRO J 154 -32.05 -18.86 1.91
C PRO J 154 -31.18 -20.04 2.36
N ASP J 155 -29.99 -19.75 2.88
CA ASP J 155 -29.04 -20.74 3.35
C ASP J 155 -29.49 -21.35 4.72
N HIS J 156 -30.58 -22.13 4.69
CA HIS J 156 -31.12 -22.73 5.91
C HIS J 156 -31.24 -24.23 5.67
N VAL J 157 -30.08 -24.97 5.69
CA VAL J 157 -30.04 -26.42 5.45
C VAL J 157 -29.14 -27.17 6.42
N GLU J 158 -29.50 -28.45 6.70
CA GLU J 158 -28.70 -29.38 7.50
C GLU J 158 -28.62 -30.70 6.75
N LEU J 159 -27.40 -31.09 6.32
CA LEU J 159 -27.20 -32.31 5.55
C LEU J 159 -26.67 -33.43 6.42
N SER J 160 -27.25 -34.64 6.28
CA SER J 160 -26.80 -35.80 7.07
C SER J 160 -26.84 -37.10 6.22
N TRP J 161 -25.91 -38.04 6.52
CA TRP J 161 -25.80 -39.33 5.83
C TRP J 161 -26.37 -40.46 6.73
N TRP J 162 -27.28 -41.28 6.16
CA TRP J 162 -27.94 -42.37 6.86
C TRP J 162 -27.66 -43.69 6.17
N VAL J 163 -26.89 -44.56 6.85
CA VAL J 163 -26.56 -45.89 6.37
C VAL J 163 -27.40 -46.92 7.16
N ASN J 164 -28.27 -47.66 6.41
CA ASN J 164 -29.16 -48.69 6.96
C ASN J 164 -30.05 -48.15 8.13
N GLY J 165 -30.66 -46.97 7.88
CA GLY J 165 -31.55 -46.26 8.80
C GLY J 165 -30.89 -45.58 9.98
N LYS J 166 -29.54 -45.65 10.09
CA LYS J 166 -28.75 -45.03 11.17
C LYS J 166 -27.82 -43.93 10.64
N GLU J 167 -27.76 -42.78 11.36
CA GLU J 167 -26.90 -41.66 10.98
C GLU J 167 -25.43 -41.98 11.18
N VAL J 168 -24.61 -41.61 10.19
CA VAL J 168 -23.17 -41.84 10.22
C VAL J 168 -22.38 -40.52 10.23
N HIS J 169 -21.17 -40.54 10.80
CA HIS J 169 -20.26 -39.40 10.84
C HIS J 169 -18.87 -39.77 10.30
N SER J 170 -18.47 -41.05 10.44
CA SER J 170 -17.20 -41.57 9.92
C SER J 170 -17.24 -41.57 8.37
N GLY J 171 -16.12 -41.21 7.75
CA GLY J 171 -15.96 -41.12 6.30
C GLY J 171 -16.86 -40.10 5.61
N VAL J 172 -17.33 -39.07 6.36
CA VAL J 172 -18.22 -38.02 5.85
C VAL J 172 -17.49 -36.68 5.88
N CYS J 173 -17.81 -35.83 4.89
CA CYS J 173 -17.33 -34.46 4.78
C CYS J 173 -18.27 -33.65 3.87
N THR J 174 -18.84 -32.59 4.44
CA THR J 174 -19.81 -31.71 3.78
C THR J 174 -19.12 -30.37 3.57
N ASP J 175 -19.45 -29.66 2.47
CA ASP J 175 -18.85 -28.36 2.18
C ASP J 175 -19.10 -27.41 3.37
N PRO J 176 -18.08 -26.68 3.89
CA PRO J 176 -18.33 -25.79 5.04
C PRO J 176 -19.39 -24.73 4.73
N GLN J 177 -19.43 -24.27 3.47
CA GLN J 177 -20.41 -23.27 3.03
C GLN J 177 -20.99 -23.59 1.66
N PRO J 178 -22.18 -23.17 1.35
CA PRO J 178 -22.68 -23.45 0.02
C PRO J 178 -22.18 -22.42 -0.96
N LEU J 179 -22.45 -22.64 -2.22
CA LEU J 179 -22.03 -21.70 -3.23
C LEU J 179 -23.20 -21.15 -3.99
N LYS J 180 -23.06 -19.89 -4.36
CA LYS J 180 -24.06 -19.19 -5.10
C LYS J 180 -24.14 -19.76 -6.49
N GLU J 181 -25.34 -20.08 -6.90
CA GLU J 181 -25.61 -20.62 -8.23
C GLU J 181 -25.44 -19.57 -9.32
N GLN J 182 -25.46 -18.30 -8.93
CA GLN J 182 -25.25 -17.15 -9.79
C GLN J 182 -24.58 -16.11 -8.89
N PRO J 183 -23.23 -16.11 -8.80
CA PRO J 183 -22.55 -15.17 -7.88
C PRO J 183 -22.65 -13.67 -8.24
N ALA J 184 -23.71 -13.27 -8.99
CA ALA J 184 -23.98 -11.90 -9.41
C ALA J 184 -25.20 -11.28 -8.66
N LEU J 185 -26.27 -12.05 -8.42
CA LEU J 185 -27.46 -11.55 -7.69
C LEU J 185 -27.32 -11.75 -6.18
N ASN J 186 -27.93 -10.85 -5.40
CA ASN J 186 -27.95 -10.90 -3.93
C ASN J 186 -28.88 -12.04 -3.48
N ASP J 187 -30.07 -12.16 -4.13
CA ASP J 187 -31.08 -13.18 -3.83
C ASP J 187 -30.80 -14.53 -4.56
N SER J 188 -29.52 -14.76 -4.93
CA SER J 188 -29.03 -15.95 -5.64
C SER J 188 -29.23 -17.23 -4.85
N ARG J 189 -29.69 -18.29 -5.54
CA ARG J 189 -29.92 -19.60 -4.95
C ARG J 189 -28.61 -20.31 -4.67
N TYR J 190 -28.64 -21.31 -3.80
CA TYR J 190 -27.45 -21.99 -3.33
C TYR J 190 -27.36 -23.46 -3.69
N ALA J 191 -26.15 -23.98 -3.63
CA ALA J 191 -25.85 -25.38 -3.86
C ALA J 191 -24.87 -25.83 -2.83
N LEU J 192 -25.01 -27.06 -2.36
CA LEU J 192 -24.12 -27.62 -1.37
C LEU J 192 -23.90 -29.07 -1.74
N SER J 193 -22.73 -29.62 -1.43
CA SER J 193 -22.43 -31.02 -1.70
C SER J 193 -21.79 -31.66 -0.49
N SER J 194 -21.84 -32.99 -0.44
CA SER J 194 -21.30 -33.78 0.64
C SER J 194 -20.77 -35.07 0.05
N ARG J 195 -19.80 -35.70 0.73
CA ARG J 195 -19.25 -37.01 0.34
C ARG J 195 -19.31 -37.99 1.52
N LEU J 196 -19.61 -39.26 1.22
CA LEU J 196 -19.56 -40.37 2.15
C LEU J 196 -18.67 -41.43 1.50
N ARG J 197 -17.58 -41.79 2.17
CA ARG J 197 -16.65 -42.78 1.64
C ARG J 197 -16.67 -44.04 2.50
N VAL J 198 -16.93 -45.16 1.83
CA VAL J 198 -17.01 -46.50 2.42
C VAL J 198 -16.01 -47.43 1.71
N SER J 199 -15.76 -48.64 2.23
CA SER J 199 -14.90 -49.61 1.54
C SER J 199 -15.67 -50.15 0.30
N ALA J 200 -14.94 -50.60 -0.74
CA ALA J 200 -15.53 -51.15 -1.97
C ALA J 200 -16.43 -52.36 -1.59
N THR J 201 -15.97 -53.21 -0.63
CA THR J 201 -16.72 -54.37 -0.10
C THR J 201 -18.07 -53.97 0.50
N PHE J 202 -18.13 -52.83 1.24
CA PHE J 202 -19.37 -52.31 1.81
C PHE J 202 -20.36 -51.81 0.73
N TRP J 203 -19.88 -51.07 -0.31
CA TRP J 203 -20.76 -50.57 -1.40
C TRP J 203 -21.29 -51.71 -2.31
N GLN J 204 -20.50 -52.78 -2.48
CA GLN J 204 -20.84 -53.92 -3.34
C GLN J 204 -21.80 -54.91 -2.68
N ASN J 205 -22.31 -54.59 -1.47
CA ASN J 205 -23.35 -55.36 -0.78
C ASN J 205 -24.72 -54.66 -1.06
N PRO J 206 -25.62 -55.28 -1.87
CA PRO J 206 -26.91 -54.63 -2.20
C PRO J 206 -27.95 -54.58 -1.06
N ARG J 207 -27.57 -55.10 0.11
CA ARG J 207 -28.40 -55.07 1.32
C ARG J 207 -28.20 -53.72 2.00
N ASN J 208 -27.03 -53.06 1.73
CA ASN J 208 -26.67 -51.75 2.26
C ASN J 208 -27.41 -50.61 1.56
N HIS J 209 -28.15 -49.82 2.37
CA HIS J 209 -28.93 -48.66 1.96
C HIS J 209 -28.21 -47.37 2.39
N PHE J 210 -28.16 -46.39 1.49
CA PHE J 210 -27.46 -45.12 1.68
C PHE J 210 -28.43 -43.99 1.41
N ARG J 211 -28.61 -43.10 2.38
CA ARG J 211 -29.50 -41.96 2.22
C ARG J 211 -28.81 -40.64 2.60
N CYS J 212 -28.96 -39.65 1.73
CA CYS J 212 -28.50 -38.30 2.01
C CYS J 212 -29.75 -37.51 2.40
N GLN J 213 -29.76 -36.95 3.59
CA GLN J 213 -30.91 -36.20 4.10
C GLN J 213 -30.58 -34.72 4.17
N VAL J 214 -31.45 -33.87 3.62
CA VAL J 214 -31.30 -32.43 3.68
C VAL J 214 -32.52 -31.80 4.38
N GLN J 215 -32.31 -31.40 5.63
CA GLN J 215 -33.34 -30.69 6.40
C GLN J 215 -33.29 -29.22 5.96
N PHE J 216 -34.38 -28.75 5.35
CA PHE J 216 -34.54 -27.37 4.93
C PHE J 216 -35.44 -26.61 5.91
N TYR J 217 -35.08 -25.36 6.22
CA TYR J 217 -35.87 -24.49 7.10
C TYR J 217 -36.40 -23.35 6.26
N GLY J 218 -37.72 -23.33 6.07
CA GLY J 218 -38.39 -22.35 5.24
C GLY J 218 -39.47 -21.57 5.96
N LEU J 219 -40.65 -21.51 5.33
CA LEU J 219 -41.83 -20.85 5.86
C LEU J 219 -42.57 -21.75 6.86
N SER J 220 -43.57 -21.18 7.58
CA SER J 220 -44.44 -21.89 8.52
C SER J 220 -45.90 -21.71 8.04
N GLU J 221 -46.89 -22.11 8.88
CA GLU J 221 -48.32 -21.95 8.54
C GLU J 221 -48.73 -20.47 8.54
N ASN J 222 -48.18 -19.68 9.50
CA ASN J 222 -48.45 -18.25 9.69
C ASN J 222 -48.04 -17.36 8.48
N ASP J 223 -47.31 -17.94 7.48
CA ASP J 223 -46.84 -17.21 6.29
C ASP J 223 -47.87 -17.20 5.16
N GLU J 224 -48.04 -16.05 4.50
CA GLU J 224 -48.99 -15.85 3.40
C GLU J 224 -48.40 -16.26 2.04
N TRP J 225 -48.91 -17.38 1.49
CA TRP J 225 -48.46 -17.93 0.21
C TRP J 225 -49.54 -17.84 -0.88
N THR J 226 -49.37 -16.87 -1.79
CA THR J 226 -50.28 -16.60 -2.91
C THR J 226 -49.62 -16.95 -4.27
N GLN J 227 -48.60 -17.82 -4.24
CA GLN J 227 -47.85 -18.22 -5.45
C GLN J 227 -48.32 -19.57 -5.99
N ASP J 228 -48.12 -19.77 -7.31
CA ASP J 228 -48.49 -20.97 -8.07
C ASP J 228 -47.86 -22.26 -7.52
N ARG J 229 -46.51 -22.32 -7.47
CA ARG J 229 -45.78 -23.49 -6.97
C ARG J 229 -45.95 -23.67 -5.46
N ALA J 230 -45.81 -24.92 -4.97
CA ALA J 230 -45.98 -25.33 -3.56
C ALA J 230 -45.19 -24.51 -2.57
N LYS J 231 -45.84 -24.17 -1.43
CA LYS J 231 -45.32 -23.39 -0.31
C LYS J 231 -43.97 -23.95 0.21
N PRO J 232 -42.90 -23.11 0.19
CA PRO J 232 -41.57 -23.61 0.60
C PRO J 232 -41.41 -23.70 2.11
N VAL J 233 -42.16 -24.63 2.71
CA VAL J 233 -42.22 -24.90 4.14
C VAL J 233 -40.98 -25.68 4.62
N THR J 234 -40.72 -25.64 5.94
CA THR J 234 -39.67 -26.40 6.60
C THR J 234 -39.95 -27.88 6.28
N GLN J 235 -38.96 -28.57 5.66
CA GLN J 235 -39.12 -29.95 5.20
C GLN J 235 -37.81 -30.72 5.10
N ILE J 236 -37.90 -32.05 4.92
CA ILE J 236 -36.76 -32.94 4.66
C ILE J 236 -36.89 -33.37 3.19
N VAL J 237 -35.81 -33.19 2.40
CA VAL J 237 -35.70 -33.61 1.01
C VAL J 237 -34.53 -34.60 0.98
N SER J 238 -34.81 -35.84 0.56
CA SER J 238 -33.82 -36.90 0.54
C SER J 238 -33.62 -37.48 -0.87
N ALA J 239 -32.48 -38.17 -1.02
CA ALA J 239 -32.09 -38.94 -2.18
C ALA J 239 -31.33 -40.14 -1.62
N GLU J 240 -31.50 -41.29 -2.26
CA GLU J 240 -30.93 -42.54 -1.81
C GLU J 240 -30.32 -43.39 -2.91
N ALA J 241 -29.54 -44.39 -2.48
CA ALA J 241 -28.90 -45.40 -3.30
C ALA J 241 -28.73 -46.67 -2.48
N TRP J 242 -28.82 -47.81 -3.14
CA TRP J 242 -28.58 -49.12 -2.54
C TRP J 242 -27.24 -49.62 -3.08
N GLY J 243 -26.62 -50.54 -2.35
CA GLY J 243 -25.36 -51.13 -2.76
C GLY J 243 -25.45 -51.88 -4.09
N ARG J 244 -24.34 -52.04 -4.80
CA ARG J 244 -24.37 -52.69 -6.09
C ARG J 244 -23.22 -53.65 -6.32
N ALA J 245 -23.54 -54.95 -6.42
CA ALA J 245 -22.58 -56.01 -6.73
C ALA J 245 -22.46 -55.99 -8.26
N ASP J 246 -21.22 -55.78 -8.79
CA ASP J 246 -20.97 -55.72 -10.24
C ASP J 246 -19.70 -56.50 -10.66
N SER K 2 -17.55 20.41 14.52
CA SER K 2 -16.98 19.81 15.73
C SER K 2 -17.77 20.06 17.02
N HIS K 3 -17.88 19.01 17.84
CA HIS K 3 -18.51 19.10 19.14
C HIS K 3 -17.55 19.80 20.11
N SER K 4 -18.14 20.46 21.12
CA SER K 4 -17.35 21.21 22.10
C SER K 4 -17.92 21.13 23.49
N MET K 5 -17.04 21.30 24.48
CA MET K 5 -17.42 21.45 25.87
C MET K 5 -16.85 22.78 26.36
N ARG K 6 -17.67 23.53 27.09
CA ARG K 6 -17.28 24.83 27.63
C ARG K 6 -17.80 25.04 29.03
N TYR K 7 -16.98 25.69 29.85
CA TYR K 7 -17.41 26.13 31.18
C TYR K 7 -17.31 27.65 31.15
N PHE K 8 -18.32 28.34 31.68
CA PHE K 8 -18.40 29.80 31.73
C PHE K 8 -18.46 30.21 33.19
N TYR K 9 -17.47 30.99 33.68
CA TYR K 9 -17.46 31.44 35.08
C TYR K 9 -17.72 32.93 35.13
N THR K 10 -18.45 33.39 36.15
CA THR K 10 -18.65 34.80 36.44
C THR K 10 -18.38 34.97 37.92
N ALA K 11 -17.40 35.81 38.26
CA ALA K 11 -17.05 36.12 39.64
C ALA K 11 -17.27 37.64 39.79
N MET K 12 -18.14 38.05 40.73
CA MET K 12 -18.53 39.45 40.93
C MET K 12 -18.27 39.89 42.37
N SER K 13 -17.52 41.00 42.56
CA SER K 13 -17.42 41.53 43.94
C SER K 13 -18.64 42.42 44.17
N ARG K 14 -19.05 42.59 45.41
CA ARG K 14 -20.23 43.41 45.75
C ARG K 14 -19.96 44.00 47.13
N PRO K 15 -18.98 44.92 47.29
CA PRO K 15 -18.64 45.38 48.67
C PRO K 15 -19.81 45.90 49.48
N GLY K 16 -19.89 45.45 50.72
CA GLY K 16 -20.99 45.80 51.63
C GLY K 16 -22.33 45.15 51.28
N ARG K 17 -22.29 44.09 50.44
CA ARG K 17 -23.46 43.31 50.01
C ARG K 17 -23.13 41.81 50.12
N GLY K 18 -21.96 41.54 50.70
CA GLY K 18 -21.45 40.19 50.92
C GLY K 18 -20.09 39.93 50.32
N GLU K 19 -19.62 38.69 50.46
CA GLU K 19 -18.38 38.23 49.86
C GLU K 19 -18.65 37.99 48.35
N PRO K 20 -17.65 37.97 47.47
CA PRO K 20 -17.94 37.81 46.03
C PRO K 20 -18.78 36.59 45.64
N ARG K 21 -19.59 36.78 44.62
CA ARG K 21 -20.45 35.75 44.14
C ARG K 21 -19.76 35.07 42.96
N PHE K 22 -19.79 33.72 42.93
CA PHE K 22 -19.24 32.90 41.87
C PHE K 22 -20.34 32.04 41.26
N ILE K 23 -20.50 32.14 39.95
CA ILE K 23 -21.45 31.37 39.15
C ILE K 23 -20.67 30.62 38.04
N ALA K 24 -20.96 29.33 37.86
CA ALA K 24 -20.39 28.51 36.81
C ALA K 24 -21.54 27.79 36.09
N VAL K 25 -21.43 27.70 34.77
CA VAL K 25 -22.38 26.95 33.94
C VAL K 25 -21.52 26.15 32.97
N GLY K 26 -21.95 24.94 32.65
CA GLY K 26 -21.26 24.06 31.72
C GLY K 26 -22.14 23.75 30.54
N TYR K 27 -21.58 23.71 29.32
CA TYR K 27 -22.28 23.43 28.08
C TYR K 27 -21.57 22.34 27.26
N VAL K 28 -22.36 21.52 26.56
CA VAL K 28 -21.91 20.59 25.54
C VAL K 28 -22.59 21.22 24.32
N ASP K 29 -21.80 21.78 23.40
CA ASP K 29 -22.33 22.51 22.24
C ASP K 29 -23.27 23.62 22.73
N ASP K 30 -24.57 23.64 22.30
CA ASP K 30 -25.52 24.66 22.75
C ASP K 30 -26.45 24.16 23.85
N THR K 31 -26.10 23.07 24.53
CA THR K 31 -26.94 22.51 25.59
C THR K 31 -26.25 22.68 26.94
N GLN K 32 -26.90 23.39 27.88
CA GLN K 32 -26.39 23.58 29.23
C GLN K 32 -26.65 22.31 30.00
N PHE K 33 -25.67 21.82 30.78
CA PHE K 33 -25.90 20.57 31.52
C PHE K 33 -25.66 20.67 33.00
N VAL K 34 -24.97 21.74 33.48
CA VAL K 34 -24.68 21.96 34.91
C VAL K 34 -24.75 23.43 35.28
N ARG K 35 -24.92 23.70 36.58
CA ARG K 35 -24.86 25.05 37.13
C ARG K 35 -24.37 24.96 38.56
N PHE K 36 -23.76 26.06 39.03
CA PHE K 36 -23.35 26.22 40.41
C PHE K 36 -23.43 27.72 40.65
N ASP K 37 -23.92 28.09 41.83
CA ASP K 37 -24.06 29.47 42.25
C ASP K 37 -23.70 29.49 43.72
N SER K 38 -22.64 30.21 44.08
CA SER K 38 -22.16 30.30 45.48
C SER K 38 -23.14 31.01 46.44
N ASP K 39 -24.10 31.77 45.89
CA ASP K 39 -25.09 32.53 46.67
C ASP K 39 -26.24 31.66 47.27
N ALA K 40 -25.89 30.79 48.20
CA ALA K 40 -26.78 29.87 48.92
C ALA K 40 -26.04 29.45 50.19
N ALA K 41 -26.79 29.00 51.23
CA ALA K 41 -26.20 28.58 52.52
C ALA K 41 -25.31 27.34 52.31
N SER K 42 -25.80 26.38 51.48
CA SER K 42 -25.08 25.16 51.11
C SER K 42 -25.11 25.05 49.57
N PRO K 43 -24.27 25.83 48.84
CA PRO K 43 -24.28 25.74 47.36
C PRO K 43 -23.81 24.37 46.89
N ARG K 44 -24.45 23.89 45.84
CA ARG K 44 -24.26 22.55 45.28
C ARG K 44 -24.32 22.67 43.77
N THR K 45 -23.58 21.79 43.08
CA THR K 45 -23.69 21.71 41.62
C THR K 45 -25.01 21.01 41.33
N GLU K 46 -25.72 21.48 40.30
CA GLU K 46 -27.00 20.91 39.94
C GLU K 46 -27.10 20.50 38.50
N PRO K 47 -27.83 19.38 38.18
CA PRO K 47 -28.02 19.00 36.77
C PRO K 47 -28.96 19.98 36.05
N ARG K 48 -28.75 20.14 34.75
CA ARG K 48 -29.56 21.04 33.91
C ARG K 48 -29.92 20.38 32.59
N ALA K 49 -29.50 19.12 32.38
CA ALA K 49 -29.85 18.32 31.20
C ALA K 49 -30.22 16.91 31.66
N PRO K 50 -31.20 16.21 31.02
CA PRO K 50 -31.58 14.86 31.49
C PRO K 50 -30.49 13.81 31.47
N TRP K 51 -29.63 13.82 30.44
CA TRP K 51 -28.56 12.83 30.27
C TRP K 51 -27.41 12.94 31.30
N ILE K 52 -27.44 13.96 32.22
CA ILE K 52 -26.39 14.12 33.23
C ILE K 52 -26.88 13.64 34.58
N GLU K 53 -28.21 13.44 34.70
CA GLU K 53 -28.82 12.92 35.93
C GLU K 53 -28.34 11.51 36.27
N GLN K 54 -27.86 10.75 35.25
CA GLN K 54 -27.26 9.41 35.31
C GLN K 54 -26.05 9.42 36.26
N GLU K 55 -25.34 10.58 36.36
CA GLU K 55 -24.12 10.65 37.16
C GLU K 55 -24.44 10.50 38.62
N GLY K 56 -23.62 9.73 39.31
CA GLY K 56 -23.80 9.43 40.72
C GLY K 56 -23.43 10.55 41.68
N PRO K 57 -23.68 10.34 43.00
CA PRO K 57 -23.36 11.38 43.99
C PRO K 57 -21.89 11.85 44.02
N GLU K 58 -20.93 10.96 43.74
CA GLU K 58 -19.52 11.30 43.76
C GLU K 58 -19.17 12.35 42.68
N TYR K 59 -19.85 12.27 41.53
CA TYR K 59 -19.66 13.21 40.43
C TYR K 59 -20.09 14.62 40.89
N TRP K 60 -21.24 14.70 41.59
CA TRP K 60 -21.79 15.97 42.08
C TRP K 60 -20.93 16.57 43.16
N ASP K 61 -20.43 15.76 44.09
CA ASP K 61 -19.50 16.19 45.12
C ASP K 61 -18.18 16.69 44.55
N ARG K 62 -17.66 16.01 43.52
CA ARG K 62 -16.38 16.33 42.86
C ARG K 62 -16.49 17.73 42.21
N ASN K 63 -17.61 18.01 41.52
CA ASN K 63 -17.92 19.28 40.88
C ASN K 63 -18.07 20.38 41.90
N THR K 64 -18.85 20.13 42.97
CA THR K 64 -19.10 21.08 44.07
C THR K 64 -17.78 21.52 44.70
N GLN K 65 -16.86 20.56 44.93
CA GLN K 65 -15.56 20.80 45.53
C GLN K 65 -14.73 21.72 44.61
N ILE K 66 -14.77 21.47 43.29
CA ILE K 66 -14.06 22.30 42.33
C ILE K 66 -14.59 23.76 42.37
N PHE K 67 -15.95 23.92 42.35
CA PHE K 67 -16.56 25.24 42.30
C PHE K 67 -16.43 26.01 43.63
N LYS K 68 -16.33 25.30 44.75
CA LYS K 68 -16.06 25.92 46.04
C LYS K 68 -14.61 26.43 46.08
N THR K 69 -13.67 25.69 45.44
CA THR K 69 -12.27 26.14 45.37
C THR K 69 -12.25 27.44 44.52
N ASN K 70 -12.98 27.47 43.40
CA ASN K 70 -13.09 28.64 42.52
C ASN K 70 -13.70 29.86 43.20
N THR K 71 -14.67 29.68 44.10
CA THR K 71 -15.26 30.78 44.85
C THR K 71 -14.19 31.49 45.66
N GLN K 72 -13.37 30.70 46.36
CA GLN K 72 -12.29 31.17 47.18
C GLN K 72 -11.17 31.86 46.35
N THR K 73 -10.71 31.24 45.26
CA THR K 73 -9.61 31.84 44.47
C THR K 73 -10.07 33.08 43.71
N TYR K 74 -11.33 33.12 43.24
CA TYR K 74 -11.82 34.30 42.55
C TYR K 74 -12.00 35.47 43.47
N ARG K 75 -12.28 35.20 44.75
CA ARG K 75 -12.35 36.25 45.78
C ARG K 75 -10.97 36.96 45.87
N GLU K 76 -9.87 36.16 45.87
CA GLU K 76 -8.53 36.70 45.94
C GLU K 76 -8.09 37.32 44.62
N SER K 77 -8.47 36.73 43.47
CA SER K 77 -8.17 37.30 42.14
C SER K 77 -8.84 38.66 41.97
N LEU K 78 -10.09 38.82 42.47
CA LEU K 78 -10.78 40.11 42.39
C LEU K 78 -10.05 41.18 43.22
N ARG K 79 -9.59 40.80 44.41
CA ARG K 79 -8.86 41.70 45.30
C ARG K 79 -7.53 42.09 44.67
N ASN K 80 -6.84 41.14 44.05
CA ASN K 80 -5.55 41.40 43.42
C ASN K 80 -5.69 42.34 42.20
N LEU K 81 -6.70 42.11 41.33
CA LEU K 81 -6.92 42.93 40.15
C LEU K 81 -7.28 44.38 40.51
N ARG K 82 -8.00 44.56 41.60
CA ARG K 82 -8.35 45.86 42.17
C ARG K 82 -7.06 46.63 42.55
N GLY K 83 -6.09 45.93 43.12
CA GLY K 83 -4.79 46.49 43.46
C GLY K 83 -3.96 46.83 42.22
N TYR K 84 -3.96 45.98 41.15
CA TYR K 84 -3.20 46.26 39.91
C TYR K 84 -3.65 47.54 39.22
N TYR K 85 -4.96 47.78 39.23
CA TYR K 85 -5.62 48.95 38.63
C TYR K 85 -5.84 50.07 39.64
N ASN K 86 -5.34 49.91 40.89
CA ASN K 86 -5.47 50.92 41.94
C ASN K 86 -6.94 51.39 42.07
N GLN K 87 -7.89 50.43 42.05
CA GLN K 87 -9.33 50.71 42.18
C GLN K 87 -9.74 50.73 43.62
N SER K 88 -10.81 51.47 43.91
CA SER K 88 -11.39 51.59 45.25
C SER K 88 -11.99 50.25 45.73
N GLU K 89 -12.04 50.07 47.05
CA GLU K 89 -12.65 48.89 47.67
C GLU K 89 -14.15 48.97 47.71
N ALA K 90 -14.73 50.10 47.35
CA ALA K 90 -16.15 50.32 47.37
C ALA K 90 -16.83 49.92 46.01
N GLY K 91 -16.05 49.80 44.94
CA GLY K 91 -16.61 49.46 43.64
C GLY K 91 -16.78 47.96 43.42
N SER K 92 -17.75 47.61 42.58
CA SER K 92 -18.09 46.28 42.19
C SER K 92 -17.40 45.95 40.86
N HIS K 93 -16.78 44.78 40.79
CA HIS K 93 -16.01 44.39 39.60
C HIS K 93 -16.29 42.94 39.26
N ILE K 94 -16.05 42.57 38.02
CA ILE K 94 -16.37 41.24 37.52
C ILE K 94 -15.21 40.63 36.77
N ILE K 95 -14.93 39.34 37.08
CA ILE K 95 -14.00 38.54 36.29
C ILE K 95 -14.89 37.47 35.62
N GLN K 96 -14.69 37.25 34.34
CA GLN K 96 -15.37 36.23 33.57
C GLN K 96 -14.30 35.32 32.97
N ARG K 97 -14.63 34.06 32.84
CA ARG K 97 -13.72 33.13 32.22
C ARG K 97 -14.49 32.13 31.37
N MET K 98 -13.89 31.76 30.27
CA MET K 98 -14.44 30.69 29.45
C MET K 98 -13.31 29.77 29.12
N TYR K 99 -13.51 28.47 29.28
CA TYR K 99 -12.50 27.50 28.85
C TYR K 99 -13.16 26.27 28.33
N GLY K 100 -12.38 25.43 27.64
CA GLY K 100 -12.86 24.18 27.12
C GLY K 100 -12.18 23.61 25.89
N CYS K 101 -12.76 22.54 25.39
CA CYS K 101 -12.21 21.78 24.29
C CYS K 101 -13.13 21.62 23.11
N ASP K 102 -12.54 21.52 21.90
CA ASP K 102 -13.22 21.20 20.65
C ASP K 102 -12.75 19.80 20.26
N LEU K 103 -13.68 18.88 20.02
CA LEU K 103 -13.40 17.50 19.63
C LEU K 103 -13.08 17.36 18.13
N GLY K 104 -11.97 16.70 17.80
CA GLY K 104 -11.55 16.47 16.41
C GLY K 104 -12.09 15.16 15.85
N PRO K 105 -12.01 14.97 14.51
CA PRO K 105 -12.53 13.73 13.88
C PRO K 105 -11.91 12.43 14.38
N ASP K 106 -10.64 12.48 14.87
CA ASP K 106 -9.91 11.33 15.43
C ASP K 106 -10.26 11.01 16.89
N GLY K 107 -11.21 11.76 17.47
CA GLY K 107 -11.62 11.57 18.86
C GLY K 107 -10.69 12.19 19.89
N ARG K 108 -9.71 13.00 19.40
CA ARG K 108 -8.73 13.72 20.22
C ARG K 108 -9.02 15.21 20.15
N LEU K 109 -8.31 15.98 20.96
CA LEU K 109 -8.44 17.42 21.02
C LEU K 109 -8.12 18.05 19.67
N LEU K 110 -9.02 18.91 19.18
CA LEU K 110 -8.82 19.65 17.95
C LEU K 110 -8.25 21.06 18.31
N ARG K 111 -8.85 21.71 19.32
CA ARG K 111 -8.49 23.04 19.77
C ARG K 111 -8.92 23.21 21.23
N GLY K 112 -8.04 23.77 22.05
CA GLY K 112 -8.32 24.04 23.45
C GLY K 112 -8.47 25.53 23.67
N HIS K 113 -9.24 25.96 24.67
CA HIS K 113 -9.44 27.41 24.93
C HIS K 113 -9.40 27.70 26.41
N ASP K 114 -8.88 28.90 26.76
CA ASP K 114 -8.91 29.45 28.12
C ASP K 114 -8.78 30.95 28.05
N GLN K 115 -9.89 31.68 28.21
CA GLN K 115 -9.85 33.14 28.14
C GLN K 115 -10.50 33.78 29.35
N SER K 116 -9.93 34.90 29.82
CA SER K 116 -10.48 35.64 30.97
C SER K 116 -10.68 37.09 30.60
N ALA K 117 -11.65 37.73 31.25
CA ALA K 117 -11.97 39.14 31.06
C ALA K 117 -12.08 39.81 32.40
N TYR K 118 -11.80 41.12 32.44
CA TYR K 118 -12.00 41.94 33.61
C TYR K 118 -12.94 43.08 33.22
N ASP K 119 -14.02 43.28 33.97
CA ASP K 119 -15.04 44.31 33.69
C ASP K 119 -15.49 44.34 32.21
N GLY K 120 -15.64 43.18 31.60
CA GLY K 120 -16.10 43.02 30.21
C GLY K 120 -15.06 43.19 29.13
N LYS K 121 -13.79 43.34 29.49
CA LYS K 121 -12.74 43.48 28.48
C LYS K 121 -11.73 42.36 28.60
N ASP K 122 -11.24 41.88 27.46
CA ASP K 122 -10.20 40.85 27.36
C ASP K 122 -9.09 41.15 28.37
N TYR K 123 -8.64 40.12 29.09
CA TYR K 123 -7.62 40.32 30.13
C TYR K 123 -6.40 39.46 29.85
N ILE K 124 -6.58 38.15 29.81
CA ILE K 124 -5.51 37.17 29.53
C ILE K 124 -6.14 35.98 28.82
N ALA K 125 -5.43 35.40 27.85
CA ALA K 125 -5.93 34.26 27.09
C ALA K 125 -4.81 33.30 26.82
N LEU K 126 -5.12 32.01 26.90
CA LEU K 126 -4.17 30.94 26.57
C LEU K 126 -4.07 30.91 25.04
N ASN K 127 -2.84 30.86 24.52
CA ASN K 127 -2.61 30.78 23.07
C ASN K 127 -2.94 29.40 22.53
N GLU K 128 -3.10 29.29 21.21
CA GLU K 128 -3.37 28.04 20.47
C GLU K 128 -2.40 26.89 20.78
N ASP K 129 -1.15 27.20 21.03
CA ASP K 129 -0.10 26.22 21.36
C ASP K 129 -0.35 25.60 22.75
N LEU K 130 -1.27 26.22 23.57
CA LEU K 130 -1.64 25.79 24.94
C LEU K 130 -0.41 25.75 25.84
N SER K 131 0.54 26.66 25.58
CA SER K 131 1.75 26.69 26.38
C SER K 131 2.24 28.10 26.68
N SER K 132 1.56 29.13 26.15
CA SER K 132 1.92 30.53 26.34
C SER K 132 0.65 31.39 26.46
N TRP K 133 0.80 32.64 26.94
CA TRP K 133 -0.32 33.54 27.16
C TRP K 133 -0.26 34.82 26.37
N THR K 134 -1.42 35.46 26.18
CA THR K 134 -1.53 36.79 25.59
C THR K 134 -2.20 37.64 26.64
N ALA K 135 -1.46 38.62 27.16
CA ALA K 135 -1.89 39.55 28.20
C ALA K 135 -2.34 40.86 27.54
N ALA K 136 -3.49 41.40 27.95
CA ALA K 136 -4.04 42.62 27.37
C ALA K 136 -3.24 43.89 27.75
N ASP K 137 -2.57 43.92 28.93
CA ASP K 137 -1.87 45.10 29.45
C ASP K 137 -0.84 44.63 30.48
N THR K 138 -0.22 45.55 31.25
CA THR K 138 0.78 45.19 32.26
C THR K 138 0.18 44.54 33.51
N ALA K 139 -1.07 44.83 33.85
CA ALA K 139 -1.77 44.19 34.97
C ALA K 139 -1.92 42.70 34.66
N ALA K 140 -2.34 42.33 33.44
CA ALA K 140 -2.44 40.96 32.97
C ALA K 140 -1.08 40.26 32.85
N GLN K 141 0.00 41.01 32.70
CA GLN K 141 1.38 40.50 32.69
C GLN K 141 1.85 40.15 34.10
N ILE K 142 1.22 40.73 35.15
CA ILE K 142 1.48 40.31 36.54
C ILE K 142 0.80 38.95 36.71
N THR K 143 -0.48 38.82 36.32
CA THR K 143 -1.21 37.54 36.34
C THR K 143 -0.43 36.47 35.53
N GLN K 144 0.05 36.83 34.31
CA GLN K 144 0.83 35.95 33.46
C GLN K 144 2.08 35.44 34.18
N ARG K 145 2.81 36.34 34.85
CA ARG K 145 4.01 35.97 35.60
C ARG K 145 3.67 34.96 36.71
N LYS K 146 2.56 35.19 37.45
CA LYS K 146 2.09 34.27 38.49
C LYS K 146 1.70 32.91 37.89
N TRP K 147 1.01 32.92 36.74
CA TRP K 147 0.55 31.71 36.04
C TRP K 147 1.67 30.92 35.36
N GLU K 148 2.77 31.61 34.99
CA GLU K 148 3.92 30.95 34.40
C GLU K 148 4.71 30.29 35.51
N ALA K 149 4.81 30.92 36.69
CA ALA K 149 5.54 30.36 37.84
C ALA K 149 4.79 29.13 38.38
N ALA K 150 3.43 29.16 38.32
CA ALA K 150 2.56 28.05 38.75
C ALA K 150 2.37 27.00 37.65
N ARG K 151 2.86 27.28 36.42
CA ARG K 151 2.78 26.40 35.24
C ARG K 151 1.34 26.02 34.88
N VAL K 152 0.44 27.02 34.99
CA VAL K 152 -1.00 26.91 34.67
C VAL K 152 -1.22 26.39 33.23
N ALA K 153 -0.43 26.87 32.25
CA ALA K 153 -0.59 26.45 30.85
C ALA K 153 -0.37 24.92 30.67
N GLU K 154 0.59 24.35 31.42
CA GLU K 154 0.89 22.91 31.44
C GLU K 154 -0.28 22.14 32.07
N GLN K 155 -0.80 22.61 33.22
CA GLN K 155 -1.93 22.01 33.90
C GLN K 155 -3.15 22.02 32.92
N LEU K 156 -3.41 23.14 32.23
CA LEU K 156 -4.53 23.26 31.29
C LEU K 156 -4.37 22.34 30.10
N ARG K 157 -3.16 22.29 29.52
CA ARG K 157 -2.88 21.42 28.40
C ARG K 157 -3.14 19.94 28.76
N ALA K 158 -2.73 19.48 29.97
CA ALA K 158 -3.01 18.11 30.38
C ALA K 158 -4.52 17.89 30.56
N TYR K 159 -5.26 18.92 31.06
CA TYR K 159 -6.71 18.82 31.24
C TYR K 159 -7.43 18.75 29.89
N LEU K 160 -7.13 19.71 29.01
CA LEU K 160 -7.75 19.85 27.69
C LEU K 160 -7.53 18.61 26.80
N GLU K 161 -6.30 18.06 26.81
CA GLU K 161 -5.94 16.88 26.03
C GLU K 161 -6.43 15.57 26.63
N GLY K 162 -6.68 15.56 27.94
CA GLY K 162 -7.12 14.37 28.66
C GLY K 162 -8.58 14.39 29.05
N LEU K 163 -8.85 14.69 30.32
CA LEU K 163 -10.18 14.72 30.91
C LEU K 163 -11.22 15.51 30.15
N CYS K 164 -10.89 16.68 29.63
CA CYS K 164 -11.87 17.49 28.90
C CYS K 164 -12.49 16.70 27.71
N VAL K 165 -11.65 16.10 26.84
CA VAL K 165 -12.15 15.38 25.66
C VAL K 165 -12.77 14.04 26.05
N GLU K 166 -12.24 13.37 27.09
CA GLU K 166 -12.80 12.09 27.57
C GLU K 166 -14.20 12.29 28.13
N TRP K 167 -14.42 13.32 28.94
CA TRP K 167 -15.73 13.57 29.53
C TRP K 167 -16.71 14.08 28.47
N LEU K 168 -16.24 14.90 27.52
CA LEU K 168 -17.07 15.37 26.41
C LEU K 168 -17.58 14.14 25.61
N ARG K 169 -16.69 13.18 25.28
CA ARG K 169 -17.06 11.94 24.54
C ARG K 169 -18.09 11.14 25.32
N ARG K 170 -17.93 11.03 26.66
CA ARG K 170 -18.88 10.31 27.51
C ARG K 170 -20.26 11.01 27.47
N TYR K 171 -20.29 12.35 27.55
CA TYR K 171 -21.53 13.14 27.52
C TYR K 171 -22.24 12.98 26.20
N LEU K 172 -21.48 13.04 25.07
CA LEU K 172 -22.00 12.88 23.71
C LEU K 172 -22.62 11.50 23.51
N GLU K 173 -22.05 10.46 24.15
CA GLU K 173 -22.60 9.11 24.09
C GLU K 173 -23.86 9.03 24.95
N ASN K 174 -23.80 9.43 26.24
CA ASN K 174 -24.96 9.40 27.15
C ASN K 174 -26.16 10.23 26.68
N GLY K 175 -25.92 11.31 25.96
CA GLY K 175 -26.98 12.14 25.44
C GLY K 175 -27.06 12.15 23.93
N LYS K 176 -26.57 11.08 23.25
CA LYS K 176 -26.58 11.01 21.78
C LYS K 176 -27.93 11.26 21.13
N GLU K 177 -29.06 10.83 21.74
CA GLU K 177 -30.40 11.01 21.16
C GLU K 177 -30.77 12.46 20.95
N THR K 178 -30.17 13.38 21.75
CA THR K 178 -30.42 14.82 21.66
C THR K 178 -29.21 15.58 21.17
N LEU K 179 -28.01 15.32 21.74
CA LEU K 179 -26.75 16.01 21.42
C LEU K 179 -26.20 15.70 20.03
N GLN K 180 -26.44 14.48 19.51
CA GLN K 180 -25.92 14.05 18.22
C GLN K 180 -26.98 14.02 17.09
N ARG K 181 -28.23 14.49 17.36
CA ARG K 181 -29.35 14.58 16.39
C ARG K 181 -29.76 16.04 16.23
N ALA K 182 -29.44 16.65 15.09
CA ALA K 182 -29.79 18.04 14.80
C ALA K 182 -31.31 18.13 14.56
N ASP K 183 -31.98 19.10 15.21
CA ASP K 183 -33.42 19.36 15.09
C ASP K 183 -33.60 20.42 14.02
N PRO K 184 -34.11 20.04 12.81
CA PRO K 184 -34.28 21.05 11.75
C PRO K 184 -35.35 22.07 12.13
N PRO K 185 -35.26 23.32 11.62
CA PRO K 185 -36.31 24.30 11.93
C PRO K 185 -37.65 23.99 11.25
N LYS K 186 -38.73 24.23 11.98
CA LYS K 186 -40.10 24.10 11.48
C LYS K 186 -40.36 25.53 10.97
N THR K 187 -40.42 25.66 9.65
CA THR K 187 -40.54 26.95 8.98
C THR K 187 -41.92 27.26 8.43
N HIS K 188 -42.22 28.57 8.31
CA HIS K 188 -43.43 29.15 7.77
C HIS K 188 -43.28 30.65 7.59
N VAL K 189 -44.11 31.21 6.71
CA VAL K 189 -44.09 32.63 6.41
C VAL K 189 -45.44 33.25 6.80
N THR K 190 -45.39 34.43 7.45
CA THR K 190 -46.60 35.10 7.94
C THR K 190 -46.93 36.37 7.18
N HIS K 191 -48.24 36.54 6.99
CA HIS K 191 -48.97 37.59 6.32
C HIS K 191 -49.26 38.74 7.31
N HIS K 192 -48.67 39.94 7.09
CA HIS K 192 -48.88 41.10 7.97
C HIS K 192 -49.04 42.42 7.21
N PRO K 193 -50.22 42.71 6.63
CA PRO K 193 -50.38 43.98 5.89
C PRO K 193 -50.31 45.23 6.78
N VAL K 194 -49.56 46.27 6.33
CA VAL K 194 -49.41 47.54 7.05
C VAL K 194 -49.71 48.72 6.13
N THR K 200 -46.09 43.34 5.23
CA THR K 200 -44.92 42.71 5.85
C THR K 200 -44.97 41.19 5.73
N LEU K 201 -43.90 40.60 5.17
CA LEU K 201 -43.76 39.15 5.07
C LEU K 201 -42.64 38.74 6.03
N ARG K 202 -42.97 37.86 7.00
CA ARG K 202 -42.04 37.42 8.02
C ARG K 202 -41.78 35.94 7.94
N CYS K 203 -40.51 35.58 7.89
CA CYS K 203 -40.07 34.20 7.78
C CYS K 203 -39.66 33.68 9.14
N TRP K 204 -40.32 32.61 9.58
CA TRP K 204 -40.11 31.99 10.89
C TRP K 204 -39.30 30.72 10.83
N ALA K 205 -38.36 30.55 11.78
CA ALA K 205 -37.57 29.33 11.99
C ALA K 205 -37.77 28.97 13.48
N LEU K 206 -38.38 27.81 13.73
CA LEU K 206 -38.74 27.40 15.08
C LEU K 206 -38.32 26.00 15.43
N GLY K 207 -38.12 25.75 16.73
CA GLY K 207 -37.75 24.45 17.29
C GLY K 207 -36.47 23.85 16.75
N PHE K 208 -35.51 24.70 16.32
CA PHE K 208 -34.25 24.18 15.79
C PHE K 208 -33.14 24.07 16.85
N TYR K 209 -32.23 23.11 16.61
CA TYR K 209 -31.05 22.83 17.41
C TYR K 209 -30.00 22.21 16.49
N PRO K 210 -28.73 22.71 16.46
CA PRO K 210 -28.15 23.82 17.25
C PRO K 210 -28.60 25.22 16.85
N ALA K 211 -28.15 26.25 17.59
CA ALA K 211 -28.50 27.66 17.38
C ALA K 211 -28.08 28.26 16.04
N GLU K 212 -26.99 27.73 15.44
CA GLU K 212 -26.46 28.23 14.16
C GLU K 212 -27.49 28.07 13.01
N ILE K 213 -27.89 29.20 12.42
CA ILE K 213 -28.88 29.29 11.33
C ILE K 213 -28.65 30.52 10.44
N THR K 214 -29.03 30.44 9.16
CA THR K 214 -28.98 31.57 8.21
C THR K 214 -30.39 31.79 7.63
N LEU K 215 -30.91 33.01 7.79
CA LEU K 215 -32.24 33.43 7.32
C LEU K 215 -32.08 34.65 6.43
N THR K 216 -32.41 34.50 5.13
CA THR K 216 -32.31 35.60 4.14
C THR K 216 -33.56 35.75 3.28
N TRP K 217 -33.98 37.01 3.03
CA TRP K 217 -35.14 37.31 2.16
C TRP K 217 -34.67 37.69 0.76
N GLN K 226 -29.77 43.23 3.09
CA GLN K 226 -30.36 44.46 2.58
C GLN K 226 -31.36 45.05 3.61
N ASP K 227 -32.61 45.38 3.19
CA ASP K 227 -33.67 45.93 4.05
C ASP K 227 -34.49 44.82 4.77
N THR K 228 -33.78 43.78 5.25
CA THR K 228 -34.33 42.65 6.00
C THR K 228 -34.10 42.94 7.48
N GLU K 229 -35.17 42.84 8.30
CA GLU K 229 -35.07 42.99 9.74
C GLU K 229 -34.83 41.60 10.31
N LEU K 230 -33.65 41.37 10.91
CA LEU K 230 -33.28 40.08 11.50
C LEU K 230 -33.23 40.18 13.00
N VAL K 231 -34.02 39.32 13.68
CA VAL K 231 -34.03 39.28 15.14
C VAL K 231 -32.87 38.37 15.60
N GLU K 232 -32.26 38.66 16.75
CA GLU K 232 -31.20 37.82 17.31
C GLU K 232 -31.82 36.46 17.66
N THR K 233 -31.08 35.35 17.37
CA THR K 233 -31.52 33.99 17.70
C THR K 233 -31.82 33.96 19.20
N ARG K 234 -32.95 33.35 19.56
CA ARG K 234 -33.43 33.35 20.93
C ARG K 234 -33.77 31.95 21.40
N PRO K 235 -33.60 31.66 22.71
CA PRO K 235 -33.96 30.31 23.20
C PRO K 235 -35.47 30.14 23.37
N ALA K 236 -36.02 28.99 22.99
CA ALA K 236 -37.45 28.71 23.17
C ALA K 236 -37.77 28.38 24.64
N GLY K 237 -36.75 27.92 25.38
CA GLY K 237 -36.84 27.55 26.79
C GLY K 237 -36.88 26.05 26.99
N ASP K 238 -36.98 25.29 25.88
CA ASP K 238 -37.05 23.82 25.89
C ASP K 238 -35.80 23.20 25.21
N ARG K 239 -34.69 23.97 25.12
CA ARG K 239 -33.39 23.59 24.53
C ARG K 239 -33.30 23.80 23.03
N THR K 240 -34.38 24.33 22.42
CA THR K 240 -34.40 24.62 21.00
C THR K 240 -34.40 26.15 20.86
N PHE K 241 -34.16 26.62 19.63
CA PHE K 241 -34.02 28.03 19.32
C PHE K 241 -35.07 28.53 18.28
N GLN K 242 -35.23 29.86 18.24
CA GLN K 242 -36.15 30.56 17.36
C GLN K 242 -35.42 31.75 16.73
N LYS K 243 -35.89 32.17 15.55
CA LYS K 243 -35.39 33.32 14.81
C LYS K 243 -36.41 33.68 13.70
N TRP K 244 -36.47 34.95 13.35
CA TRP K 244 -37.29 35.40 12.24
C TRP K 244 -36.59 36.52 11.48
N ALA K 245 -36.90 36.60 10.17
CA ALA K 245 -36.40 37.60 9.23
C ALA K 245 -37.65 38.25 8.58
N ALA K 246 -37.77 39.59 8.65
CA ALA K 246 -38.91 40.35 8.10
C ALA K 246 -38.47 41.22 6.92
N VAL K 247 -39.18 41.09 5.81
CA VAL K 247 -38.84 41.86 4.63
C VAL K 247 -39.64 43.13 4.37
N VAL K 248 -40.96 43.02 4.28
CA VAL K 248 -41.87 44.12 3.97
C VAL K 248 -41.72 44.75 2.58
N THR K 258 -36.44 34.40 -2.31
CA THR K 258 -37.58 34.34 -1.38
C THR K 258 -36.91 34.18 0.02
N CYS K 259 -37.54 33.47 0.97
CA CYS K 259 -36.88 33.24 2.25
C CYS K 259 -36.06 31.94 2.18
N HIS K 260 -34.73 32.07 2.32
CA HIS K 260 -33.82 30.93 2.26
C HIS K 260 -33.20 30.63 3.61
N VAL K 261 -33.54 29.44 4.16
CA VAL K 261 -33.06 29.03 5.48
C VAL K 261 -32.04 27.88 5.36
N GLN K 262 -30.85 28.13 5.93
CA GLN K 262 -29.70 27.22 6.03
C GLN K 262 -29.54 26.75 7.50
N HIS K 263 -29.55 25.42 7.72
CA HIS K 263 -29.39 24.77 9.02
C HIS K 263 -28.89 23.35 8.81
N GLU K 264 -28.00 22.86 9.71
CA GLU K 264 -27.41 21.52 9.61
C GLU K 264 -28.40 20.36 9.73
N GLY K 265 -29.58 20.65 10.29
CA GLY K 265 -30.67 19.67 10.41
C GLY K 265 -31.43 19.46 9.11
N LEU K 266 -31.28 20.41 8.15
CA LEU K 266 -31.93 20.38 6.84
C LEU K 266 -31.07 19.62 5.79
N PRO K 267 -31.61 18.56 5.13
CA PRO K 267 -30.82 17.82 4.12
C PRO K 267 -30.25 18.73 3.02
N LYS K 268 -31.06 19.72 2.58
CA LYS K 268 -30.68 20.76 1.62
C LYS K 268 -31.37 22.09 2.00
N PRO K 269 -30.75 23.27 1.73
CA PRO K 269 -31.40 24.55 2.12
C PRO K 269 -32.80 24.73 1.55
N LEU K 270 -33.70 25.33 2.37
CA LEU K 270 -35.10 25.55 2.03
C LEU K 270 -35.36 26.84 1.29
N THR K 271 -36.44 26.80 0.51
CA THR K 271 -36.98 27.92 -0.26
C THR K 271 -38.48 28.04 0.05
N LEU K 272 -38.93 29.27 0.41
CA LEU K 272 -40.34 29.55 0.71
C LEU K 272 -40.69 31.04 0.69
N ARG K 273 -41.94 31.34 0.30
CA ARG K 273 -42.60 32.65 0.24
C ARG K 273 -44.09 32.44 0.59
N TRP K 274 -44.86 33.53 0.87
CA TRP K 274 -46.26 33.49 1.30
C TRP K 274 -47.12 32.46 0.54
N GLU K 275 -47.52 31.40 1.26
CA GLU K 275 -48.30 30.26 0.79
C GLU K 275 -49.31 29.84 1.89
N PRO K 276 -50.65 29.91 1.68
CA PRO K 276 -51.39 30.34 0.48
C PRO K 276 -51.78 31.83 0.51
N MET L 1 -16.67 51.92 34.14
CA MET L 1 -16.05 50.96 33.23
C MET L 1 -16.96 50.72 32.00
N ILE L 2 -16.78 49.57 31.33
CA ILE L 2 -17.62 49.17 30.20
C ILE L 2 -19.09 48.96 30.69
N GLN L 3 -20.03 49.53 29.93
CA GLN L 3 -21.46 49.33 30.17
C GLN L 3 -22.17 49.06 28.87
N ARG L 4 -23.06 48.07 28.90
CA ARG L 4 -23.86 47.67 27.75
C ARG L 4 -25.31 47.54 28.21
N THR L 5 -26.22 48.21 27.50
CA THR L 5 -27.63 48.24 27.83
C THR L 5 -28.30 46.91 27.36
N PRO L 6 -29.25 46.36 28.13
CA PRO L 6 -29.88 45.11 27.67
C PRO L 6 -30.78 45.24 26.44
N LYS L 7 -30.72 44.22 25.55
CA LYS L 7 -31.61 44.05 24.39
C LYS L 7 -32.74 43.17 24.95
N ILE L 8 -34.00 43.43 24.58
CA ILE L 8 -35.17 42.73 25.12
C ILE L 8 -36.04 42.15 24.03
N GLN L 9 -36.41 40.87 24.16
CA GLN L 9 -37.35 40.17 23.29
C GLN L 9 -38.36 39.49 24.19
N VAL L 10 -39.66 39.76 23.95
CA VAL L 10 -40.81 39.15 24.67
C VAL L 10 -41.55 38.30 23.64
N TYR L 11 -41.70 37.00 23.93
CA TYR L 11 -42.30 36.04 23.00
C TYR L 11 -42.78 34.82 23.71
N SER L 12 -43.45 33.94 22.99
CA SER L 12 -43.94 32.72 23.60
C SER L 12 -43.15 31.53 23.07
N ARG L 13 -43.08 30.44 23.85
CA ARG L 13 -42.38 29.23 23.42
C ARG L 13 -43.03 28.66 22.13
N HIS L 14 -44.37 28.50 22.13
CA HIS L 14 -45.09 27.95 20.98
C HIS L 14 -45.98 29.02 20.36
N PRO L 15 -46.42 28.87 19.06
CA PRO L 15 -47.36 29.86 18.49
C PRO L 15 -48.59 29.99 19.40
N ALA L 16 -48.91 31.23 19.79
CA ALA L 16 -50.02 31.55 20.69
C ALA L 16 -51.36 31.08 20.15
N GLU L 17 -52.12 30.41 21.02
CA GLU L 17 -53.44 29.88 20.73
C GLU L 17 -54.28 30.17 21.95
N ASN L 18 -55.26 31.07 21.80
CA ASN L 18 -56.11 31.48 22.90
C ASN L 18 -56.73 30.29 23.61
N GLY L 19 -56.58 30.27 24.93
CA GLY L 19 -57.09 29.20 25.79
C GLY L 19 -56.14 28.03 25.99
N LYS L 20 -55.09 27.95 25.15
CA LYS L 20 -54.09 26.87 25.21
C LYS L 20 -52.82 27.27 25.98
N SER L 21 -52.49 26.49 27.02
CA SER L 21 -51.29 26.65 27.87
C SER L 21 -50.02 26.74 27.03
N ASN L 22 -49.14 27.66 27.43
CA ASN L 22 -47.91 27.98 26.72
C ASN L 22 -46.90 28.50 27.74
N PHE L 23 -45.77 29.08 27.27
CA PHE L 23 -44.76 29.71 28.11
C PHE L 23 -44.47 31.09 27.58
N LEU L 24 -44.53 32.08 28.47
CA LEU L 24 -44.17 33.45 28.12
C LEU L 24 -42.70 33.65 28.49
N ASN L 25 -41.91 34.12 27.52
CA ASN L 25 -40.46 34.34 27.61
C ASN L 25 -40.05 35.78 27.49
N CYS L 26 -39.08 36.20 28.33
CA CYS L 26 -38.43 37.48 28.22
C CYS L 26 -36.92 37.24 28.19
N TYR L 27 -36.33 37.37 27.00
CA TYR L 27 -34.90 37.17 26.76
C TYR L 27 -34.17 38.50 26.84
N VAL L 28 -33.32 38.65 27.87
CA VAL L 28 -32.52 39.84 28.08
C VAL L 28 -31.05 39.50 27.74
N SER L 29 -30.42 40.29 26.85
CA SER L 29 -29.06 39.98 26.42
C SER L 29 -28.24 41.22 26.07
N GLY L 30 -26.96 40.98 25.79
CA GLY L 30 -26.03 42.05 25.47
C GLY L 30 -25.78 43.06 26.57
N PHE L 31 -26.09 42.70 27.87
CA PHE L 31 -25.89 43.65 28.96
C PHE L 31 -24.58 43.40 29.74
N HIS L 32 -24.04 44.45 30.37
CA HIS L 32 -22.87 44.44 31.22
C HIS L 32 -22.95 45.70 32.12
N PRO L 33 -22.81 45.62 33.46
CA PRO L 33 -22.53 44.44 34.31
C PRO L 33 -23.75 43.51 34.44
N SER L 34 -23.60 42.44 35.21
CA SER L 34 -24.56 41.35 35.38
C SER L 34 -25.85 41.69 36.16
N ASP L 35 -25.82 42.61 37.15
CA ASP L 35 -27.01 42.94 37.95
C ASP L 35 -28.12 43.45 37.04
N ILE L 36 -29.31 42.83 37.12
CA ILE L 36 -30.48 43.16 36.32
C ILE L 36 -31.76 42.77 37.08
N GLU L 37 -32.83 43.57 36.92
CA GLU L 37 -34.14 43.28 37.52
C GLU L 37 -35.10 43.09 36.36
N VAL L 38 -35.74 41.94 36.30
CA VAL L 38 -36.66 41.61 35.23
C VAL L 38 -37.95 41.10 35.87
N ASP L 39 -39.08 41.68 35.43
CA ASP L 39 -40.42 41.26 35.86
C ASP L 39 -41.27 40.97 34.66
N LEU L 40 -42.05 39.91 34.76
CA LEU L 40 -43.05 39.53 33.77
C LEU L 40 -44.35 40.14 34.32
N LEU L 41 -45.10 40.87 33.48
CA LEU L 41 -46.35 41.53 33.87
C LEU L 41 -47.57 40.98 33.15
N LYS L 42 -48.66 40.73 33.93
CA LYS L 42 -49.96 40.32 33.43
C LYS L 42 -50.92 41.46 33.80
N ASN L 43 -51.39 42.19 32.76
CA ASN L 43 -52.29 43.35 32.89
C ASN L 43 -51.71 44.42 33.83
N GLY L 44 -50.41 44.73 33.62
CA GLY L 44 -49.66 45.72 34.38
C GLY L 44 -49.22 45.29 35.77
N GLU L 45 -49.57 44.05 36.19
CA GLU L 45 -49.22 43.51 37.51
C GLU L 45 -48.18 42.40 37.44
N ARG L 46 -47.24 42.44 38.40
CA ARG L 46 -46.14 41.49 38.52
C ARG L 46 -46.62 40.04 38.70
N ILE L 47 -46.16 39.14 37.82
CA ILE L 47 -46.44 37.70 37.89
C ILE L 47 -45.51 37.17 38.99
N GLU L 48 -46.08 36.43 39.96
CA GLU L 48 -45.36 35.90 41.11
C GLU L 48 -44.45 34.74 40.77
N LYS L 49 -44.96 33.69 40.09
CA LYS L 49 -44.12 32.51 39.82
C LYS L 49 -43.33 32.58 38.50
N VAL L 50 -42.23 33.36 38.50
CA VAL L 50 -41.32 33.57 37.36
C VAL L 50 -39.97 32.96 37.64
N GLU L 51 -39.55 32.09 36.73
CA GLU L 51 -38.25 31.42 36.80
C GLU L 51 -37.30 32.07 35.80
N HIS L 52 -36.01 31.86 36.00
CA HIS L 52 -34.99 32.39 35.11
C HIS L 52 -33.85 31.40 34.92
N SER L 53 -33.20 31.48 33.75
CA SER L 53 -32.08 30.66 33.39
C SER L 53 -30.85 31.08 34.22
N ASP L 54 -29.80 30.26 34.19
CA ASP L 54 -28.57 30.53 34.93
C ASP L 54 -27.75 31.50 34.13
N LEU L 55 -27.07 32.41 34.81
CA LEU L 55 -26.26 33.46 34.18
C LEU L 55 -25.15 32.90 33.33
N SER L 56 -25.13 33.37 32.08
CA SER L 56 -24.10 33.03 31.12
C SER L 56 -23.80 34.26 30.26
N PHE L 57 -22.85 34.13 29.33
CA PHE L 57 -22.44 35.27 28.53
C PHE L 57 -22.04 34.84 27.14
N SER L 58 -22.00 35.81 26.22
CA SER L 58 -21.66 35.62 24.81
C SER L 58 -20.16 35.82 24.58
N LYS L 59 -19.69 35.60 23.35
CA LYS L 59 -18.28 35.74 22.95
C LYS L 59 -17.68 37.14 23.22
N ASP L 60 -18.54 38.20 23.22
CA ASP L 60 -18.12 39.58 23.50
C ASP L 60 -18.18 39.90 25.01
N TRP L 61 -18.45 38.86 25.88
CA TRP L 61 -18.52 38.93 27.35
C TRP L 61 -19.84 39.50 27.88
N SER L 62 -20.77 39.90 26.99
CA SER L 62 -22.04 40.44 27.49
C SER L 62 -22.94 39.31 27.96
N PHE L 63 -23.66 39.57 29.06
CA PHE L 63 -24.52 38.61 29.71
C PHE L 63 -25.85 38.39 28.99
N TYR L 64 -26.50 37.25 29.30
CA TYR L 64 -27.83 36.94 28.81
C TYR L 64 -28.58 36.10 29.82
N LEU L 65 -29.90 36.36 29.93
CA LEU L 65 -30.80 35.63 30.80
C LEU L 65 -32.16 35.43 30.15
N LEU L 66 -32.78 34.30 30.41
CA LEU L 66 -34.14 34.03 29.97
C LEU L 66 -35.03 33.94 31.21
N TYR L 67 -36.03 34.86 31.29
CA TYR L 67 -37.07 34.84 32.33
C TYR L 67 -38.31 34.24 31.69
N TYR L 68 -39.02 33.37 32.42
CA TYR L 68 -40.17 32.65 31.86
C TYR L 68 -41.21 32.18 32.89
N THR L 69 -42.47 32.04 32.45
CA THR L 69 -43.60 31.49 33.23
C THR L 69 -44.54 30.76 32.29
N GLU L 70 -45.24 29.76 32.82
CA GLU L 70 -46.32 29.07 32.14
C GLU L 70 -47.43 30.10 32.09
N PHE L 71 -48.16 30.19 30.98
CA PHE L 71 -49.29 31.12 30.86
C PHE L 71 -50.31 30.60 29.83
N THR L 72 -51.54 31.16 29.86
CA THR L 72 -52.60 30.80 28.91
C THR L 72 -53.00 32.10 28.21
N PRO L 73 -52.53 32.34 26.97
CA PRO L 73 -52.92 33.59 26.28
C PRO L 73 -54.43 33.64 25.92
N THR L 74 -55.08 34.82 26.12
CA THR L 74 -56.48 35.10 25.72
C THR L 74 -56.41 36.28 24.77
N GLU L 75 -57.55 36.85 24.33
CA GLU L 75 -57.51 38.03 23.45
C GLU L 75 -57.44 39.33 24.24
N LYS L 76 -57.93 39.33 25.49
CA LYS L 76 -58.00 40.51 26.36
C LYS L 76 -56.78 40.74 27.25
N ASP L 77 -56.14 39.65 27.72
CA ASP L 77 -55.01 39.78 28.66
C ASP L 77 -53.74 40.31 28.01
N GLU L 78 -53.19 41.37 28.61
CA GLU L 78 -51.95 42.00 28.16
C GLU L 78 -50.73 41.49 28.93
N TYR L 79 -49.68 41.11 28.18
CA TYR L 79 -48.43 40.65 28.78
C TYR L 79 -47.27 41.55 28.42
N ALA L 80 -46.38 41.75 29.38
CA ALA L 80 -45.21 42.60 29.15
C ALA L 80 -44.04 42.11 30.01
N CYS L 81 -42.86 42.67 29.72
CA CYS L 81 -41.63 42.43 30.44
C CYS L 81 -41.09 43.80 30.85
N ARG L 82 -40.83 43.99 32.15
CA ARG L 82 -40.31 45.21 32.75
C ARG L 82 -38.86 44.96 33.19
N VAL L 83 -37.92 45.72 32.62
CA VAL L 83 -36.49 45.55 32.85
C VAL L 83 -35.83 46.80 33.41
N ASN L 84 -35.04 46.63 34.49
CA ASN L 84 -34.18 47.68 35.02
C ASN L 84 -32.73 47.17 35.12
N HIS L 85 -31.78 48.07 34.82
CA HIS L 85 -30.33 47.88 34.76
C HIS L 85 -29.71 49.24 35.04
N VAL L 86 -28.40 49.31 35.43
CA VAL L 86 -27.68 50.56 35.68
C VAL L 86 -27.74 51.54 34.51
N THR L 87 -27.69 51.01 33.29
CA THR L 87 -27.68 51.77 32.05
C THR L 87 -29.06 52.42 31.72
N LEU L 88 -30.12 52.10 32.54
CA LEU L 88 -31.47 52.60 32.31
C LEU L 88 -31.88 53.55 33.41
N SER L 89 -32.25 54.79 33.04
CA SER L 89 -32.71 55.85 33.96
C SER L 89 -34.08 55.54 34.56
N GLN L 90 -34.86 54.71 33.86
CA GLN L 90 -36.16 54.23 34.32
C GLN L 90 -36.41 52.82 33.73
N PRO L 91 -37.20 51.95 34.42
CA PRO L 91 -37.52 50.63 33.86
C PRO L 91 -38.08 50.67 32.44
N LYS L 92 -37.60 49.77 31.57
CA LYS L 92 -38.05 49.67 30.20
C LYS L 92 -39.13 48.57 30.16
N ILE L 93 -40.30 48.90 29.57
CA ILE L 93 -41.42 47.96 29.41
C ILE L 93 -41.58 47.60 27.95
N VAL L 94 -41.51 46.31 27.66
CA VAL L 94 -41.67 45.77 26.30
C VAL L 94 -42.90 44.87 26.37
N LYS L 95 -43.92 45.23 25.60
CA LYS L 95 -45.18 44.49 25.55
C LYS L 95 -45.03 43.29 24.65
N TRP L 96 -45.72 42.20 25.01
CA TRP L 96 -45.72 41.00 24.21
C TRP L 96 -46.63 41.19 22.98
N ASP L 97 -46.10 40.86 21.80
CA ASP L 97 -46.82 40.86 20.53
C ASP L 97 -46.70 39.42 20.02
N ARG L 98 -47.83 38.69 19.99
CA ARG L 98 -47.91 37.28 19.58
C ARG L 98 -47.40 37.03 18.16
N ASP L 99 -47.22 38.08 17.34
CA ASP L 99 -46.72 37.98 15.97
C ASP L 99 -45.23 38.30 15.83
N MET L 100 -44.49 38.37 16.97
CA MET L 100 -43.08 38.70 16.96
C MET L 100 -42.20 37.85 17.90
N LEU M 1 -16.84 17.62 32.71
CA LEU M 1 -16.24 17.71 34.02
C LEU M 1 -15.35 18.96 34.05
N PRO M 2 -15.45 19.86 35.06
CA PRO M 2 -14.62 21.07 35.02
C PRO M 2 -13.17 20.81 35.46
N PHE M 3 -12.28 21.79 35.17
CA PHE M 3 -10.85 21.79 35.49
C PHE M 3 -10.73 21.95 36.98
N ASP M 4 -10.00 21.08 37.69
CA ASP M 4 -10.00 21.13 39.16
C ASP M 4 -8.83 21.82 39.83
N LYS M 5 -8.00 22.53 39.07
CA LYS M 5 -6.87 23.29 39.64
C LYS M 5 -7.17 24.76 39.41
N ALA M 6 -6.99 25.61 40.44
CA ALA M 6 -7.26 27.04 40.32
C ALA M 6 -6.09 27.84 40.87
N THR M 7 -5.62 28.83 40.15
CA THR M 7 -4.49 29.65 40.57
C THR M 7 -4.93 31.11 40.63
N ILE M 8 -4.76 31.74 41.79
CA ILE M 8 -5.03 33.14 42.04
C ILE M 8 -4.28 34.04 41.00
N MET M 9 -5.03 34.97 40.40
CA MET M 9 -4.55 35.95 39.41
C MET M 9 -3.70 37.08 40.03
N SER N 1 -7.41 12.25 50.51
CA SER N 1 -7.19 11.51 49.23
C SER N 1 -7.39 9.97 49.28
N ALA N 2 -8.65 9.60 49.34
CA ALA N 2 -9.15 8.23 49.34
C ALA N 2 -9.10 7.69 47.89
N GLY N 3 -8.62 6.45 47.72
CA GLY N 3 -8.52 5.83 46.39
C GLY N 3 -7.21 6.01 45.67
N GLU N 4 -6.28 6.81 46.22
CA GLU N 4 -4.94 6.93 45.63
C GLU N 4 -3.91 6.32 46.55
N ASN N 5 -3.05 5.48 46.01
CA ASN N 5 -2.01 4.77 46.74
C ASN N 5 -0.83 4.65 45.81
N VAL N 6 0.28 5.24 46.23
CA VAL N 6 1.50 5.27 45.42
C VAL N 6 2.52 4.34 46.05
N GLU N 7 3.10 3.45 45.24
CA GLU N 7 4.13 2.52 45.71
C GLU N 7 5.43 2.70 44.96
N GLN N 8 6.50 2.83 45.69
CA GLN N 8 7.84 3.00 45.18
C GLN N 8 8.63 1.68 45.11
N HIS N 9 9.32 1.40 43.98
CA HIS N 9 10.15 0.20 43.84
C HIS N 9 11.50 0.51 43.18
N PRO N 10 12.65 0.19 43.81
CA PRO N 10 12.84 -0.43 45.14
C PRO N 10 12.80 0.59 46.27
N SER N 11 12.80 0.13 47.51
CA SER N 11 12.83 0.97 48.71
C SER N 11 14.27 1.44 49.03
N THR N 12 15.27 0.72 48.53
CA THR N 12 16.71 0.96 48.72
C THR N 12 17.41 0.60 47.41
N LEU N 13 18.38 1.41 46.99
CA LEU N 13 19.09 1.16 45.76
C LEU N 13 20.55 1.60 45.87
N SER N 14 21.48 0.69 45.53
CA SER N 14 22.90 0.98 45.52
C SER N 14 23.36 0.84 44.09
N VAL N 15 24.00 1.88 43.58
CA VAL N 15 24.49 1.92 42.21
C VAL N 15 25.96 2.37 42.23
N GLN N 16 26.73 1.95 41.22
CA GLN N 16 28.13 2.32 41.11
C GLN N 16 28.24 3.62 40.35
N GLU N 17 29.08 4.55 40.83
CA GLU N 17 29.32 5.83 40.17
C GLU N 17 29.51 5.65 38.66
N GLY N 18 28.75 6.42 37.87
CA GLY N 18 28.78 6.35 36.41
C GLY N 18 27.71 5.46 35.84
N ASP N 19 27.18 4.51 36.64
CA ASP N 19 26.07 3.66 36.19
C ASP N 19 24.72 4.43 36.26
N SER N 20 23.67 3.84 35.66
CA SER N 20 22.33 4.38 35.65
C SER N 20 21.50 3.84 36.83
N ALA N 21 20.56 4.67 37.33
CA ALA N 21 19.66 4.30 38.43
C ALA N 21 18.21 4.49 37.95
N VAL N 22 17.36 3.49 38.18
CA VAL N 22 15.96 3.54 37.80
C VAL N 22 15.07 3.29 39.03
N ILE N 23 14.12 4.21 39.30
CA ILE N 23 13.16 4.08 40.39
C ILE N 23 11.78 4.09 39.71
N LYS N 24 10.97 3.07 39.99
CA LYS N 24 9.65 2.94 39.40
C LYS N 24 8.57 3.14 40.45
N CYS N 25 7.52 3.88 40.11
CA CYS N 25 6.35 4.12 40.96
C CYS N 25 5.10 3.68 40.31
N THR N 26 4.17 3.17 41.09
CA THR N 26 2.85 2.75 40.60
C THR N 26 1.80 3.57 41.32
N TYR N 27 0.71 3.91 40.63
CA TYR N 27 -0.42 4.65 41.23
C TYR N 27 -1.73 3.94 40.86
N SER N 28 -2.82 4.26 41.56
CA SER N 28 -4.10 3.56 41.39
C SER N 28 -5.22 4.37 40.78
N ASP N 29 -5.22 5.70 40.95
CA ASP N 29 -6.34 6.55 40.56
C ASP N 29 -6.20 7.23 39.21
N SER N 30 -7.32 7.28 38.50
CA SER N 30 -7.48 7.85 37.16
C SER N 30 -7.52 9.39 37.19
N ALA N 31 -7.81 9.99 38.37
CA ALA N 31 -7.83 11.44 38.54
C ALA N 31 -6.40 12.00 38.75
N SER N 32 -5.37 11.12 38.75
CA SER N 32 -3.96 11.50 38.84
C SER N 32 -3.47 11.96 37.49
N ASN N 33 -3.06 13.24 37.38
CA ASN N 33 -2.56 13.78 36.13
C ASN N 33 -1.25 14.50 36.33
N TYR N 34 -0.78 14.61 37.58
CA TYR N 34 0.46 15.32 37.93
C TYR N 34 1.33 14.39 38.78
N PHE N 35 2.60 14.22 38.34
CA PHE N 35 3.54 13.25 38.93
C PHE N 35 4.90 13.85 39.19
N PRO N 36 5.10 14.46 40.38
CA PRO N 36 6.42 15.03 40.71
C PRO N 36 7.40 14.06 41.37
N TRP N 37 8.71 14.40 41.31
CA TRP N 37 9.81 13.68 41.94
C TRP N 37 10.60 14.66 42.79
N TYR N 38 10.83 14.29 44.06
CA TYR N 38 11.57 15.07 45.03
C TYR N 38 12.80 14.33 45.47
N LYS N 39 13.88 15.08 45.70
CA LYS N 39 15.14 14.57 46.21
C LYS N 39 15.36 15.16 47.60
N GLN N 40 15.49 14.32 48.61
CA GLN N 40 15.74 14.77 49.97
C GLN N 40 17.09 14.29 50.52
N GLU N 41 18.04 15.22 50.70
CA GLU N 41 19.35 14.96 51.31
C GLU N 41 19.13 14.93 52.82
N LEU N 42 19.97 14.19 53.55
CA LEU N 42 19.88 14.00 55.00
C LEU N 42 19.81 15.33 55.77
N GLY N 43 18.80 15.46 56.63
CA GLY N 43 18.50 16.66 57.44
C GLY N 43 17.99 17.87 56.68
N LYS N 44 17.77 17.73 55.36
CA LYS N 44 17.35 18.81 54.49
C LYS N 44 15.92 18.64 53.97
N ARG N 45 15.45 19.62 53.19
CA ARG N 45 14.09 19.57 52.66
C ARG N 45 13.97 18.77 51.36
N PRO N 46 12.81 18.14 51.08
CA PRO N 46 12.65 17.50 49.76
C PRO N 46 12.66 18.61 48.70
N GLN N 47 13.46 18.43 47.65
CA GLN N 47 13.60 19.43 46.58
C GLN N 47 13.02 18.87 45.33
N LEU N 48 12.21 19.66 44.61
CA LEU N 48 11.63 19.18 43.36
C LEU N 48 12.73 19.09 42.32
N ILE N 49 12.89 17.93 41.70
CA ILE N 49 13.94 17.76 40.68
C ILE N 49 13.36 17.66 39.25
N ILE N 50 12.17 17.04 39.09
CA ILE N 50 11.49 16.86 37.81
C ILE N 50 10.05 16.41 38.09
N ASP N 51 9.18 16.60 37.11
CA ASP N 51 7.79 16.15 37.18
C ASP N 51 7.28 15.88 35.78
N ILE N 52 6.13 15.22 35.68
CA ILE N 52 5.54 14.89 34.40
C ILE N 52 4.01 14.93 34.57
N ARG N 53 3.29 15.18 33.47
CA ARG N 53 1.84 15.21 33.45
C ARG N 53 1.32 14.11 32.49
N SER N 54 0.04 13.77 32.63
CA SER N 54 -0.62 12.68 31.91
C SER N 54 -0.65 12.77 30.35
N ASN N 55 -0.35 13.92 29.76
CA ASN N 55 -0.36 14.07 28.30
C ASN N 55 1.06 13.90 27.68
N VAL N 56 2.05 13.60 28.52
CA VAL N 56 3.46 13.43 28.13
C VAL N 56 3.92 12.01 28.51
N GLY N 57 4.63 11.36 27.60
CA GLY N 57 5.15 10.01 27.83
C GLY N 57 6.54 10.03 28.41
N GLU N 58 7.33 11.07 28.10
CA GLU N 58 8.70 11.20 28.57
C GLU N 58 9.16 12.65 28.63
N LYS N 59 9.94 12.99 29.66
CA LYS N 59 10.52 14.32 29.84
C LYS N 59 11.97 14.08 30.31
N LYS N 60 12.92 14.80 29.71
CA LYS N 60 14.35 14.68 30.01
C LYS N 60 14.97 16.04 30.35
N ASP N 61 15.75 16.09 31.42
CA ASP N 61 16.49 17.27 31.88
C ASP N 61 17.92 16.82 32.21
N GLN N 62 18.82 16.96 31.21
CA GLN N 62 20.24 16.60 31.29
C GLN N 62 20.40 15.11 31.66
N ARG N 63 20.92 14.83 32.86
CA ARG N 63 21.17 13.50 33.38
C ARG N 63 19.92 12.82 33.97
N ILE N 64 18.85 13.59 34.18
CA ILE N 64 17.61 13.07 34.78
C ILE N 64 16.49 12.97 33.74
N ALA N 65 15.73 11.88 33.78
CA ALA N 65 14.58 11.67 32.91
C ALA N 65 13.44 11.03 33.67
N VAL N 66 12.20 11.28 33.22
CA VAL N 66 11.01 10.69 33.80
C VAL N 66 10.16 10.14 32.65
N THR N 67 9.57 8.96 32.84
CA THR N 67 8.71 8.33 31.82
C THR N 67 7.40 7.96 32.48
N LEU N 68 6.31 8.03 31.72
CA LEU N 68 4.99 7.72 32.25
C LEU N 68 4.20 6.76 31.35
N ASN N 69 3.56 5.75 31.99
CA ASN N 69 2.70 4.81 31.30
C ASN N 69 1.36 4.98 31.99
N LYS N 70 0.48 5.82 31.42
CA LYS N 70 -0.79 6.12 32.07
C LYS N 70 -1.82 4.97 31.96
N THR N 71 -1.67 4.09 30.96
CA THR N 71 -2.57 2.94 30.80
C THR N 71 -2.29 1.90 31.85
N ALA N 72 -0.99 1.59 32.07
CA ALA N 72 -0.56 0.63 33.08
C ALA N 72 -0.49 1.25 34.49
N LYS N 73 -0.52 2.61 34.57
CA LYS N 73 -0.47 3.40 35.81
C LYS N 73 0.87 3.24 36.55
N HIS N 74 1.96 3.54 35.83
CA HIS N 74 3.29 3.53 36.43
C HIS N 74 4.17 4.56 35.78
N PHE N 75 5.12 5.09 36.55
CA PHE N 75 6.02 6.13 36.06
C PHE N 75 7.38 5.91 36.66
N SER N 76 8.43 6.27 35.93
CA SER N 76 9.78 6.01 36.41
C SER N 76 10.71 7.18 36.34
N LEU N 77 11.68 7.23 37.25
CA LEU N 77 12.77 8.19 37.28
C LEU N 77 14.03 7.43 36.79
N HIS N 78 14.79 8.07 35.88
CA HIS N 78 16.01 7.55 35.30
C HIS N 78 17.12 8.56 35.59
N ILE N 79 18.14 8.13 36.37
CA ILE N 79 19.33 8.95 36.66
C ILE N 79 20.46 8.34 35.86
N THR N 80 21.02 9.14 34.97
CA THR N 80 22.11 8.77 34.09
C THR N 80 23.47 9.26 34.67
N GLU N 81 24.56 8.46 34.47
CA GLU N 81 25.94 8.74 34.90
C GLU N 81 25.95 9.25 36.34
N THR N 82 25.43 8.42 37.25
CA THR N 82 25.30 8.79 38.66
C THR N 82 26.58 9.32 39.26
N GLN N 83 26.43 10.28 40.14
CA GLN N 83 27.49 10.95 40.87
C GLN N 83 27.22 10.70 42.35
N PRO N 84 28.24 10.64 43.24
CA PRO N 84 27.96 10.43 44.68
C PRO N 84 26.99 11.42 45.31
N GLU N 85 26.91 12.65 44.76
CA GLU N 85 26.04 13.75 45.19
C GLU N 85 24.54 13.49 44.91
N ASP N 86 24.22 12.43 44.13
CA ASP N 86 22.86 11.99 43.83
C ASP N 86 22.33 11.12 44.97
N SER N 87 23.21 10.74 45.90
CA SER N 87 22.83 9.93 47.05
C SER N 87 21.88 10.75 47.92
N ALA N 88 20.63 10.25 48.06
CA ALA N 88 19.53 10.91 48.81
C ALA N 88 18.35 9.95 48.85
N VAL N 89 17.27 10.39 49.50
CA VAL N 89 15.98 9.70 49.49
C VAL N 89 15.16 10.39 48.37
N TYR N 90 14.62 9.62 47.44
CA TYR N 90 13.84 10.14 46.33
C TYR N 90 12.41 9.76 46.57
N PHE N 91 11.48 10.71 46.37
CA PHE N 91 10.04 10.49 46.55
C PHE N 91 9.32 10.83 45.29
N CYS N 92 8.38 10.00 44.93
CA CYS N 92 7.49 10.25 43.81
C CYS N 92 6.12 10.51 44.45
N ALA N 93 5.25 11.16 43.72
CA ALA N 93 3.90 11.43 44.19
C ALA N 93 2.95 11.44 42.99
N ALA N 94 1.63 11.42 43.25
CA ALA N 94 0.53 11.52 42.32
C ALA N 94 -0.53 12.44 42.99
N ASP N 95 -1.39 13.12 42.19
CA ASP N 95 -2.37 14.06 42.76
C ASP N 95 -3.82 13.57 42.74
N GLY N 96 -4.04 12.31 42.38
CA GLY N 96 -5.38 11.73 42.28
C GLY N 96 -6.06 11.40 43.58
N GLY N 97 -7.19 10.71 43.48
CA GLY N 97 -7.98 10.31 44.65
C GLY N 97 -9.12 11.26 44.90
N ALA N 98 -10.05 10.85 45.75
CA ALA N 98 -11.22 11.64 46.06
C ALA N 98 -11.10 12.19 47.47
N GLY N 99 -11.98 13.09 47.84
CA GLY N 99 -11.92 13.71 49.16
C GLY N 99 -11.03 14.94 49.15
N SER N 100 -10.50 15.26 50.33
CA SER N 100 -9.59 16.37 50.59
C SER N 100 -8.37 16.33 49.61
N TYR N 101 -8.06 17.43 48.95
CA TYR N 101 -6.95 17.49 48.02
C TYR N 101 -5.58 17.39 48.71
N GLN N 102 -4.67 16.65 48.12
CA GLN N 102 -3.31 16.44 48.62
C GLN N 102 -2.52 15.68 47.58
N LEU N 103 -1.22 15.71 47.70
CA LEU N 103 -0.33 14.89 46.88
C LEU N 103 -0.21 13.58 47.67
N THR N 104 -0.27 12.44 47.00
CA THR N 104 -0.06 11.15 47.67
C THR N 104 1.36 10.72 47.35
N PHE N 105 2.23 10.69 48.37
CA PHE N 105 3.64 10.33 48.20
C PHE N 105 3.95 8.84 48.36
N GLY N 106 4.98 8.39 47.65
CA GLY N 106 5.53 7.06 47.81
C GLY N 106 6.28 7.05 49.14
N LYS N 107 6.75 5.89 49.59
CA LYS N 107 7.41 5.88 50.90
C LYS N 107 8.90 6.20 50.83
N GLY N 108 9.43 6.42 49.62
CA GLY N 108 10.82 6.79 49.42
C GLY N 108 11.73 5.66 48.96
N THR N 109 12.81 6.05 48.28
CA THR N 109 13.87 5.17 47.81
C THR N 109 15.17 5.79 48.27
N LYS N 110 15.91 5.10 49.16
CA LYS N 110 17.23 5.56 49.58
C LYS N 110 18.22 5.15 48.49
N LEU N 111 18.70 6.12 47.69
CA LEU N 111 19.68 5.87 46.63
C LEU N 111 21.09 6.11 47.18
N SER N 112 21.98 5.13 46.99
CA SER N 112 23.39 5.23 47.42
C SER N 112 24.26 5.07 46.19
N VAL N 113 24.97 6.14 45.81
CA VAL N 113 25.87 6.09 44.66
C VAL N 113 27.30 5.84 45.21
N ILE N 114 27.82 4.62 44.97
CA ILE N 114 29.13 4.12 45.43
C ILE N 114 30.24 4.82 44.64
N PRO N 115 31.07 5.68 45.26
CA PRO N 115 32.13 6.36 44.48
C PRO N 115 33.18 5.41 43.89
N ASN N 116 33.70 5.79 42.72
CA ASN N 116 34.73 5.00 42.06
C ASN N 116 36.13 5.39 42.58
N ILE N 117 36.82 4.45 43.27
CA ILE N 117 38.18 4.66 43.78
C ILE N 117 39.12 4.00 42.75
N GLN N 118 39.82 4.82 41.95
CA GLN N 118 40.70 4.32 40.89
C GLN N 118 41.97 3.63 41.40
N ASN N 119 42.71 4.30 42.30
CA ASN N 119 43.94 3.75 42.84
C ASN N 119 43.87 3.60 44.36
N PRO N 120 43.14 2.58 44.91
CA PRO N 120 43.08 2.42 46.38
C PRO N 120 44.46 2.15 46.98
N ASP N 121 44.71 2.75 48.15
CA ASP N 121 45.98 2.67 48.87
C ASP N 121 45.64 2.64 50.37
N PRO N 122 44.90 1.62 50.83
CA PRO N 122 44.45 1.63 52.24
C PRO N 122 45.56 1.81 53.26
N ALA N 123 45.28 2.61 54.29
CA ALA N 123 46.24 2.92 55.36
C ALA N 123 45.55 3.38 56.60
N VAL N 124 46.18 3.12 57.75
CA VAL N 124 45.70 3.55 59.06
C VAL N 124 46.81 4.45 59.63
N TYR N 125 46.56 5.77 59.63
CA TYR N 125 47.48 6.78 60.15
C TYR N 125 47.07 7.24 61.51
N GLN N 126 48.05 7.66 62.32
CA GLN N 126 47.78 8.20 63.64
C GLN N 126 48.01 9.70 63.55
N LEU N 127 47.06 10.46 64.12
CA LEU N 127 47.05 11.92 64.06
C LEU N 127 47.10 12.45 65.46
N ARG N 128 48.03 13.34 65.76
CA ARG N 128 48.09 13.87 67.13
C ARG N 128 47.35 15.18 67.19
N ASP N 129 46.71 15.46 68.34
CA ASP N 129 46.00 16.70 68.64
C ASP N 129 46.98 17.88 68.48
N SER N 130 46.52 18.98 67.86
CA SER N 130 47.35 20.17 67.64
C SER N 130 47.68 20.89 68.96
N LYS N 131 46.81 20.77 69.97
CA LYS N 131 46.97 21.39 71.28
C LYS N 131 47.63 20.42 72.23
N SER N 132 46.96 19.28 72.50
CA SER N 132 47.45 18.26 73.42
C SER N 132 48.28 17.18 72.74
N SER N 133 49.30 16.73 73.48
CA SER N 133 50.11 15.58 73.09
C SER N 133 49.50 14.48 73.96
N ASP N 134 49.73 13.20 73.61
CA ASP N 134 49.15 12.05 74.32
C ASP N 134 47.64 11.91 74.05
N LYS N 135 47.13 12.77 73.12
CA LYS N 135 45.76 12.77 72.60
C LYS N 135 45.84 12.61 71.08
N SER N 136 45.26 11.52 70.57
CA SER N 136 45.31 11.19 69.15
C SER N 136 44.04 10.50 68.66
N VAL N 137 43.96 10.38 67.36
CA VAL N 137 42.90 9.66 66.68
C VAL N 137 43.55 8.82 65.57
N CYS N 138 42.84 7.76 65.16
CA CYS N 138 43.25 6.86 64.08
C CYS N 138 42.41 7.19 62.85
N LEU N 139 43.07 7.33 61.70
CA LEU N 139 42.39 7.61 60.44
C LEU N 139 42.61 6.50 59.45
N PHE N 140 41.53 5.76 59.14
CA PHE N 140 41.57 4.73 58.12
C PHE N 140 41.14 5.44 56.85
N THR N 141 41.99 5.45 55.82
CA THR N 141 41.74 6.19 54.58
C THR N 141 42.25 5.46 53.35
N ASP N 142 41.83 5.94 52.16
CA ASP N 142 42.22 5.52 50.80
C ASP N 142 41.84 4.07 50.46
N PHE N 143 40.89 3.50 51.21
CA PHE N 143 40.37 2.17 50.94
C PHE N 143 39.33 2.25 49.83
N ASP N 144 39.11 1.13 49.12
CA ASP N 144 38.10 1.09 48.07
C ASP N 144 36.69 1.09 48.67
N SER N 145 35.71 1.47 47.87
CA SER N 145 34.31 1.60 48.28
C SER N 145 33.64 0.25 48.64
N GLN N 146 34.26 -0.89 48.32
CA GLN N 146 33.74 -2.20 48.71
C GLN N 146 34.18 -2.62 50.15
N THR N 147 34.96 -1.75 50.85
CA THR N 147 35.46 -2.01 52.22
C THR N 147 34.39 -1.69 53.27
N ASN N 148 34.25 -2.59 54.27
CA ASN N 148 33.31 -2.40 55.37
C ASN N 148 34.00 -1.73 56.55
N VAL N 149 33.33 -0.73 57.15
CA VAL N 149 33.88 -0.15 58.36
C VAL N 149 32.93 -0.54 59.44
N SER N 150 33.18 -1.71 60.00
CA SER N 150 32.34 -2.25 61.07
C SER N 150 32.92 -1.88 62.42
N GLN N 151 32.00 -1.67 63.36
CA GLN N 151 32.21 -1.29 64.76
C GLN N 151 33.11 -2.26 65.52
N SER N 152 33.70 -1.77 66.60
CA SER N 152 34.57 -2.56 67.48
C SER N 152 33.74 -3.25 68.57
N LYS N 153 34.17 -4.47 68.95
CA LYS N 153 33.60 -5.31 70.01
C LYS N 153 33.84 -4.64 71.38
N ASP N 154 34.85 -3.74 71.44
CA ASP N 154 35.22 -2.97 72.63
C ASP N 154 34.29 -1.75 72.78
N SER N 155 33.65 -1.63 73.95
CA SER N 155 32.71 -0.55 74.31
C SER N 155 33.40 0.82 74.45
N ASP N 156 34.71 0.80 74.75
CA ASP N 156 35.53 2.00 74.96
C ASP N 156 36.22 2.53 73.68
N VAL N 157 35.99 1.89 72.52
CA VAL N 157 36.57 2.30 71.23
C VAL N 157 35.44 2.74 70.30
N TYR N 158 35.50 4.00 69.83
CA TYR N 158 34.51 4.56 68.92
C TYR N 158 35.07 4.55 67.52
N ILE N 159 34.29 4.03 66.55
CA ILE N 159 34.64 3.99 65.13
C ILE N 159 33.47 4.59 64.36
N THR N 160 33.74 5.62 63.54
CA THR N 160 32.73 6.29 62.73
C THR N 160 32.50 5.47 61.47
N ASP N 161 31.46 5.80 60.71
CA ASP N 161 31.20 5.12 59.44
C ASP N 161 32.13 5.76 58.38
N LYS N 162 32.20 5.16 57.18
CA LYS N 162 32.99 5.70 56.10
C LYS N 162 32.34 6.98 55.59
N CYS N 163 33.12 7.81 54.94
CA CYS N 163 32.71 9.11 54.48
C CYS N 163 33.61 9.46 53.28
N VAL N 164 33.04 9.93 52.16
CA VAL N 164 33.84 10.26 50.99
C VAL N 164 34.02 11.79 50.85
N LEU N 165 35.28 12.24 50.66
CA LEU N 165 35.61 13.62 50.41
C LEU N 165 36.04 13.78 48.95
N ASP N 166 35.75 14.95 48.37
CA ASP N 166 36.08 15.21 46.98
C ASP N 166 36.98 16.44 46.89
N MET N 167 38.21 16.24 46.41
CA MET N 167 39.19 17.32 46.18
C MET N 167 38.97 17.70 44.71
N ARG N 168 37.89 18.47 44.47
CA ARG N 168 37.36 18.92 43.17
C ARG N 168 38.43 19.37 42.17
N SER N 169 39.36 20.23 42.61
CA SER N 169 40.47 20.79 41.82
C SER N 169 41.38 19.70 41.19
N MET N 170 41.72 18.67 41.98
CA MET N 170 42.60 17.57 41.59
C MET N 170 41.87 16.40 40.92
N ASP N 171 40.51 16.43 40.86
CA ASP N 171 39.64 15.38 40.31
C ASP N 171 39.93 14.05 41.06
N PHE N 172 40.00 14.17 42.40
CA PHE N 172 40.36 13.10 43.32
C PHE N 172 39.32 12.94 44.43
N LYS N 173 38.88 11.69 44.67
CA LYS N 173 37.91 11.32 45.69
C LYS N 173 38.57 10.27 46.60
N SER N 174 38.27 10.31 47.92
CA SER N 174 38.80 9.31 48.86
C SER N 174 37.87 9.06 50.03
N ASN N 175 37.79 7.81 50.51
CA ASN N 175 37.01 7.41 51.67
C ASN N 175 37.86 7.45 52.91
N SER N 176 37.24 7.62 54.06
CA SER N 176 37.93 7.61 55.36
C SER N 176 36.95 7.37 56.45
N ALA N 177 37.42 6.89 57.59
CA ALA N 177 36.67 6.64 58.81
C ALA N 177 37.64 6.96 59.93
N VAL N 178 37.13 7.32 61.10
CA VAL N 178 37.95 7.74 62.23
C VAL N 178 37.68 6.85 63.42
N ALA N 179 38.72 6.60 64.23
CA ALA N 179 38.59 5.83 65.44
C ALA N 179 39.37 6.48 66.56
N TRP N 180 38.86 6.38 67.77
CA TRP N 180 39.50 6.93 68.96
C TRP N 180 38.96 6.19 70.18
N SER N 181 39.66 6.31 71.28
CA SER N 181 39.33 5.71 72.55
C SER N 181 40.01 6.59 73.58
N ASN N 182 39.46 6.68 74.79
CA ASN N 182 40.14 7.50 75.78
C ASN N 182 40.82 6.61 76.86
N LYS N 183 41.36 5.46 76.39
CA LYS N 183 42.07 4.48 77.21
C LYS N 183 43.51 4.30 76.70
N SER N 184 44.49 4.30 77.64
CA SER N 184 45.93 4.15 77.39
C SER N 184 46.30 2.88 76.63
N ASP N 185 45.51 1.80 76.84
CA ASP N 185 45.65 0.50 76.20
C ASP N 185 45.21 0.49 74.71
N PHE N 186 44.91 1.69 74.13
CA PHE N 186 44.47 1.80 72.74
C PHE N 186 45.59 2.07 71.74
N ALA N 187 45.61 1.24 70.70
CA ALA N 187 46.58 1.33 69.61
C ALA N 187 45.81 1.33 68.31
N CYS N 188 46.28 2.10 67.33
CA CYS N 188 45.66 2.23 66.00
C CYS N 188 45.80 0.96 65.20
N ALA N 189 46.98 0.29 65.36
CA ALA N 189 47.44 -0.92 64.65
C ALA N 189 46.32 -1.86 64.23
N ASN N 190 45.54 -2.29 65.22
CA ASN N 190 44.42 -3.21 65.05
C ASN N 190 43.05 -2.61 65.45
N ALA N 191 42.91 -1.25 65.37
CA ALA N 191 41.68 -0.52 65.71
C ALA N 191 40.54 -0.82 64.74
N PHE N 192 40.86 -0.99 63.44
CA PHE N 192 39.88 -1.28 62.37
C PHE N 192 39.86 -2.78 61.96
N ASN N 193 40.42 -3.66 62.81
CA ASN N 193 40.52 -5.09 62.55
C ASN N 193 39.89 -5.92 63.69
N ASN N 194 38.73 -5.45 64.21
CA ASN N 194 38.03 -6.08 65.31
C ASN N 194 36.51 -6.01 65.08
N SER N 195 36.10 -6.36 63.86
CA SER N 195 34.71 -6.30 63.45
C SER N 195 33.80 -7.37 64.14
N ILE N 196 32.52 -6.99 64.34
CA ILE N 196 31.47 -7.77 65.00
C ILE N 196 30.89 -8.87 64.10
N ILE N 197 30.55 -10.01 64.70
CA ILE N 197 29.90 -11.14 64.03
C ILE N 197 28.67 -11.56 64.88
N PRO N 198 27.65 -12.27 64.35
CA PRO N 198 26.54 -12.70 65.22
C PRO N 198 27.07 -13.72 66.24
N GLU N 199 26.91 -13.42 67.54
CA GLU N 199 27.43 -14.28 68.61
C GLU N 199 26.56 -15.53 68.80
N ALA O 1 9.85 30.37 44.08
CA ALA O 1 8.67 30.08 44.90
C ALA O 1 9.13 29.39 46.20
N VAL O 2 9.76 30.15 47.06
CA VAL O 2 10.31 29.59 48.29
C VAL O 2 9.26 29.69 49.46
N VAL O 3 9.35 28.71 50.32
CA VAL O 3 8.50 28.50 51.50
C VAL O 3 9.50 28.43 52.63
N SER O 4 9.22 29.09 53.72
CA SER O 4 10.14 29.03 54.84
C SER O 4 9.43 28.68 56.12
N GLN O 5 10.19 28.38 57.17
CA GLN O 5 9.68 28.06 58.49
C GLN O 5 10.45 28.80 59.55
N HIS O 6 9.79 29.09 60.66
CA HIS O 6 10.46 29.63 61.82
C HIS O 6 9.81 29.05 63.08
N PRO O 7 10.59 28.55 64.08
CA PRO O 7 12.05 28.41 64.12
C PRO O 7 12.52 27.21 63.32
N SER O 8 13.81 27.08 63.12
CA SER O 8 14.40 25.95 62.41
C SER O 8 14.77 24.81 63.39
N ARG O 9 15.03 25.17 64.67
CA ARG O 9 15.43 24.25 65.74
C ARG O 9 14.84 24.70 67.03
N VAL O 10 14.34 23.75 67.82
CA VAL O 10 13.76 24.04 69.12
C VAL O 10 14.24 23.00 70.12
N ILE O 11 14.76 23.45 71.24
CA ILE O 11 15.10 22.59 72.39
C ILE O 11 14.24 23.12 73.52
N CYS O 12 13.36 22.28 74.03
CA CYS O 12 12.51 22.75 75.12
C CYS O 12 12.25 21.67 76.16
N LYS O 13 11.84 22.12 77.35
CA LYS O 13 11.48 21.24 78.43
C LYS O 13 10.06 20.76 78.21
N SER O 14 9.76 19.56 78.71
CA SER O 14 8.42 18.96 78.66
C SER O 14 7.37 19.91 79.25
N GLY O 15 6.17 19.88 78.68
CA GLY O 15 5.07 20.74 79.12
C GLY O 15 4.95 22.05 78.35
N THR O 16 6.02 22.48 77.67
CA THR O 16 5.96 23.73 76.92
C THR O 16 5.19 23.60 75.58
N SER O 17 4.63 24.70 75.10
CA SER O 17 3.91 24.75 73.83
C SER O 17 4.87 25.31 72.79
N VAL O 18 4.97 24.65 71.63
CA VAL O 18 5.88 25.14 70.59
C VAL O 18 5.11 25.50 69.31
N LYS O 19 5.17 26.77 68.91
CA LYS O 19 4.51 27.30 67.71
C LYS O 19 5.52 27.34 66.57
N ILE O 20 5.18 26.74 65.42
CA ILE O 20 6.04 26.70 64.22
C ILE O 20 5.28 27.42 63.12
N GLU O 21 5.94 28.33 62.42
CA GLU O 21 5.37 29.09 61.32
C GLU O 21 5.76 28.49 59.99
N CYS O 22 4.85 28.53 59.03
CA CYS O 22 5.10 28.12 57.64
C CYS O 22 4.68 29.32 56.80
N ARG O 23 5.62 29.87 56.02
CA ARG O 23 5.35 31.07 55.24
C ARG O 23 5.68 30.91 53.78
N SER O 24 4.73 31.22 52.86
CA SER O 24 5.02 31.23 51.42
C SER O 24 5.59 32.67 51.20
N LEU O 25 6.88 32.73 50.90
CA LEU O 25 7.64 33.97 50.78
C LEU O 25 7.29 34.81 49.55
N ASP O 26 6.94 34.18 48.43
CA ASP O 26 6.65 35.00 47.24
C ASP O 26 5.40 34.59 46.48
N PHE O 27 4.43 33.98 47.17
CA PHE O 27 3.16 33.62 46.55
C PHE O 27 2.12 33.50 47.61
N GLN O 28 0.86 33.61 47.21
CA GLN O 28 -0.29 33.45 48.09
C GLN O 28 -0.74 31.97 48.08
N ALA O 29 -1.00 31.40 49.24
CA ALA O 29 -1.38 30.00 49.38
C ALA O 29 -2.68 29.88 50.17
N THR O 30 -3.70 29.26 49.57
CA THR O 30 -4.96 28.97 50.26
C THR O 30 -4.81 27.72 51.12
N THR O 31 -3.77 26.90 50.85
CA THR O 31 -3.59 25.62 51.54
C THR O 31 -2.13 25.37 51.83
N MET O 32 -1.85 24.82 53.03
CA MET O 32 -0.52 24.38 53.45
C MET O 32 -0.62 22.99 54.08
N PHE O 33 0.40 22.17 53.91
CA PHE O 33 0.44 20.80 54.38
C PHE O 33 1.53 20.66 55.40
N TRP O 34 1.23 19.99 56.51
CA TRP O 34 2.14 19.77 57.62
C TRP O 34 2.47 18.30 57.73
N TYR O 35 3.77 17.99 57.77
CA TYR O 35 4.33 16.65 57.81
C TYR O 35 5.24 16.50 59.00
N ARG O 36 5.41 15.23 59.42
CA ARG O 36 6.32 14.80 60.47
C ARG O 36 7.25 13.73 59.85
N GLN O 37 8.56 13.83 60.06
CA GLN O 37 9.54 12.83 59.62
C GLN O 37 10.30 12.40 60.88
N PHE O 38 10.03 11.18 61.36
CA PHE O 38 10.57 10.57 62.60
C PHE O 38 11.86 9.79 62.21
N PRO O 39 12.47 8.81 63.00
CA PRO O 39 13.62 8.06 62.44
C PRO O 39 13.27 7.42 61.08
N LYS O 40 11.94 7.27 60.79
CA LYS O 40 11.33 6.79 59.56
C LYS O 40 11.53 7.86 58.49
N GLN O 41 12.18 7.48 57.39
CA GLN O 41 12.52 8.40 56.30
C GLN O 41 11.30 8.98 55.56
N SER O 42 10.14 8.33 55.65
CA SER O 42 8.96 8.74 54.89
C SER O 42 8.24 10.00 55.47
N LEU O 43 7.62 10.76 54.56
CA LEU O 43 6.86 11.97 54.83
C LEU O 43 5.48 11.60 55.31
N MET O 44 5.21 11.78 56.61
CA MET O 44 3.92 11.44 57.21
C MET O 44 3.05 12.70 57.26
N LEU O 45 2.01 12.77 56.41
CA LEU O 45 1.09 13.91 56.41
C LEU O 45 0.31 13.90 57.70
N MET O 46 0.31 15.02 58.43
CA MET O 46 -0.42 15.19 59.70
C MET O 46 -1.73 15.91 59.46
N ALA O 47 -1.65 17.06 58.76
CA ALA O 47 -2.82 17.89 58.53
C ALA O 47 -2.65 18.80 57.38
N THR O 48 -3.79 19.30 56.88
CA THR O 48 -3.93 20.26 55.80
C THR O 48 -4.58 21.49 56.40
N SER O 49 -3.87 22.62 56.33
CA SER O 49 -4.26 23.95 56.76
C SER O 49 -5.06 24.58 55.61
N ASN O 50 -6.26 25.06 55.87
CA ASN O 50 -7.14 25.63 54.84
C ASN O 50 -7.49 27.05 55.16
N GLU O 51 -7.29 27.95 54.21
CA GLU O 51 -7.67 29.35 54.42
C GLU O 51 -9.21 29.44 54.49
N GLY O 52 -9.71 30.11 55.52
CA GLY O 52 -11.14 30.31 55.75
C GLY O 52 -11.93 29.10 56.20
N SER O 53 -11.22 28.04 56.69
CA SER O 53 -11.83 26.79 57.18
C SER O 53 -10.95 26.12 58.23
N LYS O 54 -11.52 25.19 59.00
CA LYS O 54 -10.74 24.46 60.00
C LYS O 54 -9.84 23.43 59.31
N ALA O 55 -8.72 23.10 59.95
CA ALA O 55 -7.74 22.15 59.43
C ALA O 55 -8.37 20.75 59.24
N THR O 56 -7.85 19.99 58.27
CA THR O 56 -8.24 18.63 57.95
C THR O 56 -7.11 17.77 58.51
N TYR O 57 -7.39 17.03 59.57
CA TYR O 57 -6.41 16.14 60.19
C TYR O 57 -6.41 14.74 59.59
N GLU O 58 -5.21 14.15 59.50
CA GLU O 58 -5.08 12.79 59.02
C GLU O 58 -5.48 11.81 60.15
N GLN O 59 -5.78 10.55 59.78
CA GLN O 59 -6.19 9.50 60.73
C GLN O 59 -5.05 9.24 61.70
N GLY O 60 -5.38 9.25 62.98
CA GLY O 60 -4.43 8.98 64.03
C GLY O 60 -3.68 10.18 64.56
N VAL O 61 -4.08 11.41 64.16
CA VAL O 61 -3.43 12.65 64.59
C VAL O 61 -4.38 13.33 65.61
N GLU O 62 -3.90 13.53 66.85
CA GLU O 62 -4.70 14.19 67.91
C GLU O 62 -4.82 15.69 67.65
N LYS O 63 -6.03 16.16 67.37
CA LYS O 63 -6.35 17.55 67.08
C LYS O 63 -5.94 18.51 68.22
N ASP O 64 -6.04 18.04 69.48
CA ASP O 64 -5.70 18.82 70.67
C ASP O 64 -4.21 18.90 70.91
N LYS O 65 -3.43 17.92 70.44
CA LYS O 65 -1.99 17.94 70.59
C LYS O 65 -1.34 18.89 69.54
N PHE O 66 -1.84 18.84 68.29
CA PHE O 66 -1.32 19.62 67.16
C PHE O 66 -2.32 20.63 66.65
N LEU O 67 -2.24 21.89 67.12
CA LEU O 67 -3.17 22.92 66.68
C LEU O 67 -2.68 23.55 65.37
N ILE O 68 -3.53 23.55 64.34
CA ILE O 68 -3.21 24.14 63.04
C ILE O 68 -4.08 25.35 62.78
N ASN O 69 -3.46 26.48 62.47
CA ASN O 69 -4.15 27.73 62.17
C ASN O 69 -3.66 28.32 60.84
N HIS O 70 -4.58 28.54 59.89
CA HIS O 70 -4.22 29.20 58.63
C HIS O 70 -4.47 30.65 58.91
N ALA O 71 -3.39 31.37 59.18
CA ALA O 71 -3.45 32.76 59.61
C ALA O 71 -3.86 33.73 58.51
N SER O 72 -3.37 33.53 57.30
CA SER O 72 -3.62 34.41 56.15
C SER O 72 -3.27 33.64 54.87
N LEU O 73 -3.23 34.33 53.75
CA LEU O 73 -2.85 33.77 52.50
C LEU O 73 -1.36 33.48 52.34
N THR O 74 -0.58 33.70 53.37
CA THR O 74 0.84 33.40 53.35
C THR O 74 1.34 32.67 54.59
N LEU O 75 0.56 32.61 55.64
CA LEU O 75 1.02 31.98 56.84
C LEU O 75 0.11 30.90 57.42
N SER O 76 0.73 29.81 57.81
CA SER O 76 0.05 28.76 58.55
C SER O 76 0.93 28.42 59.77
N THR O 77 0.31 28.21 60.94
CA THR O 77 1.10 27.83 62.12
C THR O 77 0.68 26.45 62.64
N LEU O 78 1.66 25.71 63.16
CA LEU O 78 1.46 24.43 63.82
C LEU O 78 1.89 24.66 65.29
N THR O 79 1.02 24.34 66.26
CA THR O 79 1.35 24.43 67.68
C THR O 79 1.35 23.03 68.30
N VAL O 80 2.48 22.59 68.84
CA VAL O 80 2.59 21.32 69.54
C VAL O 80 2.36 21.70 71.03
N THR O 81 1.17 21.39 71.56
CA THR O 81 0.81 21.73 72.94
C THR O 81 1.36 20.72 73.94
N SER O 82 1.75 21.16 75.15
CA SER O 82 2.32 20.36 76.24
C SER O 82 3.28 19.31 75.66
N ALA O 83 4.37 19.77 75.06
CA ALA O 83 5.33 18.90 74.39
C ALA O 83 5.96 17.91 75.32
N HIS O 84 6.07 16.65 74.88
CA HIS O 84 6.69 15.58 75.65
C HIS O 84 7.79 14.94 74.80
N PRO O 85 8.79 14.24 75.40
CA PRO O 85 9.89 13.69 74.59
C PRO O 85 9.49 12.91 73.33
N GLU O 86 8.36 12.19 73.37
CA GLU O 86 7.84 11.41 72.24
C GLU O 86 7.41 12.28 71.04
N ASP O 87 7.22 13.60 71.26
CA ASP O 87 6.83 14.58 70.24
C ASP O 87 8.04 15.10 69.48
N SER O 88 9.29 14.79 69.95
CA SER O 88 10.52 15.21 69.29
C SER O 88 10.53 14.63 67.90
N SER O 89 10.72 15.49 66.88
CA SER O 89 10.69 15.05 65.48
C SER O 89 11.10 16.20 64.56
N PHE O 90 11.09 15.93 63.27
CA PHE O 90 11.36 16.90 62.21
C PHE O 90 9.99 17.26 61.61
N TYR O 91 9.54 18.51 61.82
CA TYR O 91 8.23 19.02 61.34
C TYR O 91 8.47 19.85 60.12
N ILE O 92 7.85 19.48 59.01
CA ILE O 92 8.09 20.17 57.76
C ILE O 92 6.78 20.49 57.05
N CYS O 93 6.67 21.69 56.49
CA CYS O 93 5.46 22.11 55.77
C CYS O 93 5.72 22.21 54.27
N SER O 94 4.64 22.28 53.49
CA SER O 94 4.69 22.56 52.06
C SER O 94 3.51 23.41 51.68
N ALA O 95 3.69 24.16 50.59
CA ALA O 95 2.66 25.03 50.00
C ALA O 95 3.01 25.22 48.53
N GLY O 96 2.01 25.57 47.76
CA GLY O 96 2.18 25.80 46.34
C GLY O 96 1.20 26.85 45.88
N PRO O 97 1.47 27.52 44.76
CA PRO O 97 0.57 28.60 44.30
C PRO O 97 -0.78 28.16 43.71
N THR O 98 -0.87 26.90 43.27
CA THR O 98 -2.09 26.35 42.70
C THR O 98 -3.00 25.76 43.80
N SER O 99 -4.28 26.16 43.79
CA SER O 99 -5.32 25.63 44.71
C SER O 99 -6.10 24.48 44.02
N GLY O 100 -6.98 23.80 44.73
CA GLY O 100 -7.71 22.71 44.11
C GLY O 100 -6.85 21.46 44.10
N ARG O 101 -7.02 20.58 43.10
CA ARG O 101 -6.26 19.33 43.04
C ARG O 101 -4.79 19.65 43.09
N THR O 102 -4.09 19.14 44.11
CA THR O 102 -2.73 19.54 44.45
C THR O 102 -1.76 19.45 43.27
N ASP O 103 -0.96 20.52 43.11
CA ASP O 103 0.01 20.58 42.05
C ASP O 103 1.39 20.70 42.65
N THR O 104 2.34 21.44 42.02
CA THR O 104 3.69 21.60 42.54
C THR O 104 3.69 22.15 43.97
N GLN O 105 4.41 21.46 44.85
CA GLN O 105 4.54 21.78 46.26
C GLN O 105 5.97 22.12 46.58
N TYR O 106 6.15 23.18 47.38
CA TYR O 106 7.44 23.69 47.78
C TYR O 106 7.54 23.54 49.25
N PHE O 107 8.57 22.82 49.69
CA PHE O 107 8.74 22.50 51.10
C PHE O 107 9.50 23.59 51.82
N GLY O 108 9.16 23.77 53.08
CA GLY O 108 9.91 24.63 53.98
C GLY O 108 11.20 23.93 54.39
N PRO O 109 12.10 24.56 55.18
CA PRO O 109 13.37 23.89 55.52
C PRO O 109 13.24 22.76 56.55
N GLY O 110 12.12 22.73 57.25
CA GLY O 110 11.87 21.79 58.34
C GLY O 110 12.24 22.42 59.68
N THR O 111 11.65 21.91 60.77
CA THR O 111 11.93 22.36 62.15
C THR O 111 12.29 21.15 62.98
N ARG O 112 13.50 21.11 63.52
CA ARG O 112 13.92 20.02 64.37
C ARG O 112 13.49 20.34 65.78
N LEU O 113 12.47 19.63 66.29
CA LEU O 113 12.00 19.85 67.64
C LEU O 113 12.56 18.75 68.57
N THR O 114 13.27 19.14 69.65
CA THR O 114 13.79 18.24 70.66
C THR O 114 13.18 18.59 72.00
N VAL O 115 12.38 17.68 72.55
CA VAL O 115 11.73 17.86 73.86
C VAL O 115 12.49 17.02 74.90
N LEU O 116 12.95 17.66 75.98
CA LEU O 116 13.69 17.02 77.06
C LEU O 116 12.95 17.11 78.37
N GLU O 117 13.01 16.05 79.19
CA GLU O 117 12.39 16.03 80.52
C GLU O 117 13.14 16.97 81.44
N ASP O 118 14.47 17.03 81.28
CA ASP O 118 15.35 17.88 82.09
C ASP O 118 16.45 18.52 81.24
N LEU O 119 16.61 19.86 81.38
CA LEU O 119 17.61 20.64 80.64
C LEU O 119 19.04 20.57 81.21
N LYS O 120 19.26 19.84 82.34
CA LYS O 120 20.61 19.68 82.93
C LYS O 120 21.45 18.73 82.05
N ASN O 121 20.75 17.93 81.22
CA ASN O 121 21.30 16.98 80.25
C ASN O 121 21.99 17.73 79.09
N VAL O 122 21.60 19.00 78.85
CA VAL O 122 22.17 19.82 77.76
C VAL O 122 23.65 20.11 78.05
N PHE O 123 24.53 19.66 77.16
CA PHE O 123 25.98 19.90 77.27
C PHE O 123 26.52 20.39 75.94
N PRO O 124 27.40 21.43 75.95
CA PRO O 124 27.99 21.88 74.68
C PRO O 124 29.16 20.96 74.25
N PRO O 125 29.65 21.00 72.98
CA PRO O 125 30.77 20.12 72.63
C PRO O 125 32.14 20.66 73.04
N GLU O 126 33.11 19.76 73.17
CA GLU O 126 34.54 20.02 73.31
C GLU O 126 35.03 19.70 71.89
N VAL O 127 35.85 20.56 71.31
CA VAL O 127 36.31 20.37 69.94
C VAL O 127 37.84 20.30 69.90
N ALA O 128 38.39 19.37 69.07
CA ALA O 128 39.84 19.21 68.89
C ALA O 128 40.17 18.96 67.42
N VAL O 129 41.29 19.52 66.96
CA VAL O 129 41.83 19.32 65.61
C VAL O 129 43.07 18.44 65.74
N PHE O 130 43.17 17.41 64.89
CA PHE O 130 44.27 16.46 64.86
C PHE O 130 45.02 16.71 63.56
N GLU O 131 46.34 16.96 63.70
CA GLU O 131 47.24 17.33 62.61
C GLU O 131 47.57 16.18 61.68
N PRO O 132 47.77 16.41 60.36
CA PRO O 132 48.07 15.28 59.46
C PRO O 132 49.37 14.53 59.75
N SER O 133 49.38 13.21 59.48
CA SER O 133 50.54 12.33 59.69
C SER O 133 51.62 12.55 58.63
N GLU O 134 52.89 12.49 59.06
CA GLU O 134 54.05 12.59 58.17
C GLU O 134 54.07 11.43 57.18
N ALA O 135 53.64 10.25 57.65
CA ALA O 135 53.53 9.04 56.83
C ALA O 135 52.55 9.27 55.67
N GLU O 136 51.43 9.97 55.96
CA GLU O 136 50.47 10.29 54.90
C GLU O 136 51.07 11.27 53.89
N ILE O 137 51.68 12.36 54.42
CA ILE O 137 52.34 13.40 53.64
C ILE O 137 53.40 12.79 52.72
N SER O 138 54.40 12.03 53.28
CA SER O 138 55.48 11.36 52.50
C SER O 138 54.92 10.47 51.43
N HIS O 139 53.93 9.63 51.77
CA HIS O 139 53.38 8.68 50.82
C HIS O 139 52.46 9.26 49.73
N THR O 140 51.49 10.12 50.11
CA THR O 140 50.41 10.59 49.21
C THR O 140 50.60 11.96 48.60
N GLN O 141 51.39 12.86 49.25
CA GLN O 141 51.57 14.27 48.83
C GLN O 141 50.23 15.02 49.13
N LYS O 142 49.46 14.51 50.12
CA LYS O 142 48.20 15.06 50.62
C LYS O 142 48.30 15.02 52.12
N ALA O 143 47.52 15.88 52.80
CA ALA O 143 47.49 16.01 54.24
C ALA O 143 46.03 16.15 54.71
N THR O 144 45.61 15.22 55.58
CA THR O 144 44.26 15.17 56.14
C THR O 144 44.24 15.62 57.60
N LEU O 145 43.45 16.66 57.86
CA LEU O 145 43.24 17.15 59.22
C LEU O 145 41.96 16.51 59.67
N VAL O 146 41.88 16.17 60.95
CA VAL O 146 40.64 15.61 61.48
C VAL O 146 40.14 16.46 62.63
N CYS O 147 38.86 16.84 62.57
CA CYS O 147 38.20 17.54 63.65
C CYS O 147 37.31 16.57 64.39
N LEU O 148 37.26 16.69 65.70
CA LEU O 148 36.44 15.86 66.55
C LEU O 148 35.68 16.70 67.60
N ALA O 149 34.35 16.61 67.58
CA ALA O 149 33.44 17.28 68.53
C ALA O 149 32.88 16.19 69.41
N THR O 150 33.00 16.34 70.74
CA THR O 150 32.61 15.31 71.69
C THR O 150 31.83 15.84 72.91
N GLY O 151 31.11 14.93 73.57
CA GLY O 151 30.35 15.19 74.79
C GLY O 151 29.19 16.16 74.68
N PHE O 152 28.58 16.29 73.49
CA PHE O 152 27.46 17.21 73.34
C PHE O 152 26.12 16.55 73.41
N TYR O 153 25.14 17.27 74.00
CA TYR O 153 23.75 16.84 74.11
C TYR O 153 22.81 18.07 74.14
N PRO O 154 21.75 18.18 73.31
CA PRO O 154 21.30 17.19 72.32
C PRO O 154 22.17 17.21 71.07
N ASP O 155 21.64 16.64 70.03
CA ASP O 155 22.19 16.37 68.71
C ASP O 155 22.26 17.61 67.77
N HIS O 156 22.08 18.84 68.30
CA HIS O 156 21.99 20.08 67.50
C HIS O 156 23.34 20.79 67.27
N VAL O 157 24.04 20.41 66.19
CA VAL O 157 25.38 20.92 65.84
C VAL O 157 25.58 21.12 64.34
N GLU O 158 26.45 22.07 63.98
CA GLU O 158 26.81 22.35 62.59
C GLU O 158 28.32 22.59 62.53
N LEU O 159 29.02 21.72 61.80
CA LEU O 159 30.47 21.75 61.69
C LEU O 159 30.94 22.37 60.40
N SER O 160 31.88 23.32 60.51
CA SER O 160 32.43 23.97 59.33
C SER O 160 33.94 24.11 59.45
N TRP O 161 34.63 24.13 58.30
CA TRP O 161 36.10 24.30 58.22
C TRP O 161 36.41 25.67 57.65
N TRP O 162 37.37 26.35 58.28
CA TRP O 162 37.80 27.69 57.93
C TRP O 162 39.32 27.74 57.71
N VAL O 163 39.72 27.97 56.47
CA VAL O 163 41.12 28.10 56.08
C VAL O 163 41.45 29.60 55.88
N ASN O 164 42.37 30.14 56.67
CA ASN O 164 42.80 31.55 56.63
C ASN O 164 41.60 32.54 56.71
N GLY O 165 40.70 32.29 57.69
CA GLY O 165 39.49 33.07 57.95
C GLY O 165 38.34 32.91 56.97
N LYS O 166 38.50 32.04 55.94
CA LYS O 166 37.48 31.78 54.91
C LYS O 166 36.96 30.34 54.96
N GLU O 167 35.63 30.16 54.86
CA GLU O 167 35.01 28.84 54.89
C GLU O 167 35.29 28.05 53.64
N VAL O 168 35.61 26.76 53.83
CA VAL O 168 35.88 25.84 52.71
C VAL O 168 34.88 24.70 52.65
N HIS O 169 34.66 24.15 51.44
CA HIS O 169 33.78 23.00 51.20
C HIS O 169 34.49 21.88 50.43
N SER O 170 35.46 22.24 49.56
CA SER O 170 36.26 21.28 48.80
C SER O 170 37.18 20.50 49.75
N GLY O 171 37.35 19.19 49.49
CA GLY O 171 38.17 18.29 50.29
C GLY O 171 37.66 18.08 51.71
N VAL O 172 36.36 18.32 51.93
CA VAL O 172 35.73 18.17 53.25
C VAL O 172 34.71 17.04 53.23
N CYS O 173 34.60 16.32 54.35
CA CYS O 173 33.60 15.31 54.57
C CYS O 173 33.38 15.12 56.08
N THR O 174 32.16 15.36 56.51
CA THR O 174 31.69 15.28 57.88
C THR O 174 30.80 14.05 57.99
N ASP O 175 30.83 13.36 59.15
CA ASP O 175 30.01 12.18 59.42
C ASP O 175 28.52 12.56 59.17
N PRO O 176 27.73 11.78 58.41
CA PRO O 176 26.33 12.16 58.18
C PRO O 176 25.54 12.27 59.48
N GLN O 177 25.94 11.49 60.46
CA GLN O 177 25.33 11.46 61.75
C GLN O 177 26.35 11.30 62.84
N PRO O 178 25.98 11.80 64.07
CA PRO O 178 26.96 11.61 65.12
C PRO O 178 26.84 10.25 65.73
N LEU O 179 27.58 10.00 66.78
CA LEU O 179 27.51 8.71 67.42
C LEU O 179 27.33 8.85 68.92
N LYS O 180 26.65 7.88 69.49
CA LYS O 180 26.30 7.87 70.92
C LYS O 180 27.57 7.46 71.70
N GLU O 181 28.00 8.29 72.65
CA GLU O 181 29.19 8.03 73.46
C GLU O 181 28.98 6.88 74.45
N GLN O 182 27.71 6.59 74.77
CA GLN O 182 27.26 5.53 75.65
C GLN O 182 25.96 4.98 75.02
N PRO O 183 26.04 4.07 73.99
CA PRO O 183 24.80 3.59 73.33
C PRO O 183 23.84 2.78 74.22
N ALA O 184 24.21 2.56 75.50
CA ALA O 184 23.44 1.83 76.52
C ALA O 184 22.51 2.80 77.30
N LEU O 185 22.79 4.12 77.17
CA LEU O 185 22.01 5.19 77.80
C LEU O 185 21.05 5.79 76.75
N ASN O 186 19.89 6.28 77.21
CA ASN O 186 18.88 6.91 76.33
C ASN O 186 19.22 8.40 76.16
N ASP O 187 19.71 9.03 77.25
CA ASP O 187 20.12 10.43 77.33
C ASP O 187 21.63 10.60 77.02
N SER O 188 22.21 9.64 76.26
CA SER O 188 23.63 9.60 75.87
C SER O 188 24.10 10.85 75.13
N ARG O 189 25.29 11.33 75.50
CA ARG O 189 25.97 12.43 74.85
C ARG O 189 26.53 11.92 73.50
N TYR O 190 26.84 12.83 72.57
CA TYR O 190 27.25 12.54 71.20
C TYR O 190 28.67 12.97 70.83
N ALA O 191 29.18 12.37 69.74
CA ALA O 191 30.46 12.70 69.15
C ALA O 191 30.29 12.75 67.65
N LEU O 192 30.98 13.67 67.00
CA LEU O 192 30.95 13.82 65.57
C LEU O 192 32.35 14.16 65.11
N SER O 193 32.72 13.72 63.91
CA SER O 193 34.03 14.01 63.35
C SER O 193 33.92 14.47 61.91
N SER O 194 34.95 15.15 61.44
CA SER O 194 35.02 15.66 60.08
C SER O 194 36.50 15.64 59.65
N ARG O 195 36.75 15.52 58.33
CA ARG O 195 38.07 15.54 57.73
C ARG O 195 38.15 16.64 56.69
N LEU O 196 39.31 17.32 56.63
CA LEU O 196 39.66 18.28 55.61
C LEU O 196 40.98 17.79 55.00
N ARG O 197 41.00 17.55 53.69
CA ARG O 197 42.18 17.08 52.99
C ARG O 197 42.66 18.10 52.00
N VAL O 198 43.92 18.52 52.18
CA VAL O 198 44.61 19.54 51.39
C VAL O 198 45.91 18.90 50.82
N SER O 199 46.59 19.59 49.88
CA SER O 199 47.85 19.09 49.35
C SER O 199 48.93 19.23 50.44
N ALA O 200 49.98 18.37 50.39
CA ALA O 200 51.09 18.43 51.36
C ALA O 200 51.74 19.83 51.32
N THR O 201 51.90 20.40 50.10
CA THR O 201 52.45 21.76 49.84
C THR O 201 51.65 22.83 50.61
N PHE O 202 50.30 22.72 50.63
CA PHE O 202 49.43 23.65 51.37
C PHE O 202 49.60 23.53 52.90
N TRP O 203 49.64 22.29 53.47
CA TRP O 203 49.80 22.10 54.92
C TRP O 203 51.19 22.52 55.41
N GLN O 204 52.18 22.33 54.56
CA GLN O 204 53.59 22.62 54.82
C GLN O 204 53.93 24.07 54.50
N ASN O 205 53.35 24.94 55.33
CA ASN O 205 53.45 26.40 55.30
C ASN O 205 52.93 26.87 56.65
N PRO O 206 53.79 27.43 57.53
CA PRO O 206 53.29 27.85 58.87
C PRO O 206 52.43 29.11 58.87
N ARG O 207 52.18 29.69 57.69
CA ARG O 207 51.37 30.90 57.48
C ARG O 207 49.87 30.55 57.32
N ASN O 208 49.59 29.34 56.82
CA ASN O 208 48.24 28.82 56.60
C ASN O 208 47.59 28.42 57.91
N HIS O 209 46.40 28.96 58.16
CA HIS O 209 45.62 28.73 59.38
C HIS O 209 44.41 27.82 59.09
N PHE O 210 44.17 26.84 59.99
CA PHE O 210 43.07 25.89 59.83
C PHE O 210 42.22 25.88 61.08
N ARG O 211 40.92 26.11 60.91
CA ARG O 211 39.98 26.12 62.03
C ARG O 211 38.77 25.25 61.79
N CYS O 212 38.42 24.46 62.78
CA CYS O 212 37.21 23.65 62.75
C CYS O 212 36.24 24.36 63.68
N GLN O 213 35.08 24.76 63.17
CA GLN O 213 34.07 25.48 63.96
C GLN O 213 32.82 24.61 64.14
N VAL O 214 32.38 24.44 65.38
CA VAL O 214 31.19 23.70 65.71
C VAL O 214 30.15 24.61 66.35
N GLN O 215 29.10 24.93 65.57
CA GLN O 215 27.96 25.71 66.06
C GLN O 215 27.06 24.76 66.83
N PHE O 216 26.90 25.02 68.12
CA PHE O 216 26.05 24.25 69.01
C PHE O 216 24.78 25.04 69.30
N TYR O 217 23.63 24.34 69.30
CA TYR O 217 22.33 24.93 69.61
C TYR O 217 21.86 24.33 70.92
N GLY O 218 21.80 25.17 71.95
CA GLY O 218 21.41 24.73 73.29
C GLY O 218 20.26 25.54 73.85
N LEU O 219 20.45 26.04 75.07
CA LEU O 219 19.47 26.84 75.80
C LEU O 219 19.47 28.30 75.33
N SER O 220 18.31 28.98 75.51
CA SER O 220 18.08 30.39 75.15
C SER O 220 18.06 31.25 76.43
N GLU O 221 17.88 32.59 76.28
CA GLU O 221 17.83 33.52 77.41
C GLU O 221 16.67 33.23 78.37
N ASN O 222 15.52 32.78 77.82
CA ASN O 222 14.30 32.44 78.56
C ASN O 222 14.51 31.25 79.50
N ASP O 223 15.04 30.11 78.97
CA ASP O 223 15.35 28.87 79.70
C ASP O 223 16.18 29.22 80.94
N GLU O 224 15.75 28.78 82.13
CA GLU O 224 16.46 29.12 83.37
C GLU O 224 17.43 28.05 83.83
N TRP O 225 18.62 28.52 84.21
CA TRP O 225 19.74 27.70 84.69
C TRP O 225 19.95 27.93 86.18
N THR O 226 20.02 26.83 86.95
CA THR O 226 20.18 26.83 88.41
C THR O 226 21.46 26.11 88.87
N GLN O 227 22.02 25.25 87.99
CA GLN O 227 23.23 24.45 88.21
C GLN O 227 24.50 25.30 88.40
N ASP O 228 25.52 24.71 89.02
CA ASP O 228 26.82 25.35 89.30
C ASP O 228 27.61 25.72 88.04
N ARG O 229 27.72 24.77 87.07
CA ARG O 229 28.46 24.93 85.80
C ARG O 229 27.84 25.96 84.86
N ALA O 230 28.61 26.41 83.84
CA ALA O 230 28.20 27.39 82.84
C ALA O 230 26.97 26.89 82.06
N LYS O 231 25.98 27.78 81.90
CA LYS O 231 24.73 27.51 81.21
C LYS O 231 24.99 27.08 79.73
N PRO O 232 24.49 25.88 79.32
CA PRO O 232 24.80 25.36 77.97
C PRO O 232 24.00 26.03 76.87
N VAL O 233 24.29 27.31 76.66
CA VAL O 233 23.66 28.20 75.70
C VAL O 233 24.16 27.92 74.27
N THR O 234 23.39 28.36 73.27
CA THR O 234 23.74 28.29 71.87
C THR O 234 25.09 29.03 71.73
N GLN O 235 26.11 28.33 71.20
CA GLN O 235 27.47 28.88 71.09
C GLN O 235 28.29 28.22 69.95
N ILE O 236 29.44 28.83 69.62
CA ILE O 236 30.43 28.30 68.69
C ILE O 236 31.61 27.84 69.54
N VAL O 237 32.06 26.58 69.35
CA VAL O 237 33.24 26.00 70.00
C VAL O 237 34.18 25.62 68.86
N SER O 238 35.41 26.16 68.91
CA SER O 238 36.40 25.95 67.86
C SER O 238 37.71 25.34 68.38
N ALA O 239 38.48 24.79 67.44
CA ALA O 239 39.83 24.26 67.62
C ALA O 239 40.56 24.57 66.34
N GLU O 240 41.85 24.89 66.45
CA GLU O 240 42.68 25.30 65.32
C GLU O 240 44.06 24.65 65.28
N ALA O 241 44.68 24.67 64.10
CA ALA O 241 46.00 24.11 63.84
C ALA O 241 46.70 25.03 62.88
N TRP O 242 48.03 25.07 62.94
CA TRP O 242 48.81 25.97 62.10
C TRP O 242 49.49 25.31 60.90
N GLY O 243 50.19 24.23 61.08
CA GLY O 243 50.87 23.67 59.92
C GLY O 243 52.32 24.07 59.89
N ARG O 244 53.18 23.18 59.36
CA ARG O 244 54.63 23.37 59.33
C ARG O 244 55.30 22.68 58.16
N ALA O 245 56.40 23.28 57.66
CA ALA O 245 57.18 22.77 56.53
C ALA O 245 58.05 21.58 56.93
N ASP O 246 58.92 21.08 55.99
CA ASP O 246 59.89 19.97 56.17
C ASP O 246 59.20 18.59 56.14
N SER P 2 5.81 -35.59 -15.76
CA SER P 2 4.98 -35.48 -16.97
C SER P 2 5.71 -35.90 -18.26
N HIS P 3 4.97 -36.42 -19.23
CA HIS P 3 5.53 -36.75 -20.54
C HIS P 3 5.84 -35.47 -21.34
N SER P 4 6.85 -35.53 -22.20
CA SER P 4 7.25 -34.38 -23.01
C SER P 4 7.69 -34.76 -24.41
N MET P 5 7.59 -33.80 -25.34
CA MET P 5 8.14 -33.91 -26.68
C MET P 5 9.05 -32.71 -26.90
N ARG P 6 10.23 -32.97 -27.47
CA ARG P 6 11.20 -31.93 -27.75
C ARG P 6 11.86 -32.12 -29.07
N TYR P 7 12.14 -31.01 -29.75
CA TYR P 7 12.97 -30.99 -30.95
C TYR P 7 14.21 -30.16 -30.62
N PHE P 8 15.38 -30.64 -31.02
CA PHE P 8 16.67 -29.98 -30.77
C PHE P 8 17.31 -29.70 -32.13
N TYR P 9 17.54 -28.41 -32.46
CA TYR P 9 18.12 -28.01 -33.75
C TYR P 9 19.50 -27.48 -33.51
N THR P 10 20.46 -27.80 -34.42
CA THR P 10 21.80 -27.26 -34.40
C THR P 10 22.06 -26.78 -35.83
N ALA P 11 22.31 -25.49 -35.98
CA ALA P 11 22.64 -24.88 -37.28
C ALA P 11 24.03 -24.33 -37.12
N MET P 12 24.96 -24.79 -37.95
CA MET P 12 26.38 -24.41 -37.87
C MET P 12 26.84 -23.80 -39.19
N SER P 13 27.38 -22.57 -39.16
CA SER P 13 27.93 -22.02 -40.38
C SER P 13 29.35 -22.63 -40.62
N ARG P 14 29.75 -22.72 -41.87
CA ARG P 14 31.08 -23.26 -42.24
C ARG P 14 31.72 -22.32 -43.26
N PRO P 15 32.73 -21.55 -42.79
CA PRO P 15 33.41 -20.54 -43.63
C PRO P 15 33.40 -20.66 -45.16
N GLY P 16 33.89 -21.75 -45.73
CA GLY P 16 33.96 -21.84 -47.19
C GLY P 16 32.69 -22.24 -47.96
N ARG P 17 31.54 -22.32 -47.26
CA ARG P 17 30.30 -22.82 -47.85
C ARG P 17 29.12 -21.87 -47.71
N GLY P 18 28.29 -21.81 -48.77
CA GLY P 18 27.07 -20.99 -48.81
C GLY P 18 26.00 -21.57 -47.91
N GLU P 19 25.99 -22.92 -47.78
CA GLU P 19 25.06 -23.64 -46.94
C GLU P 19 25.64 -24.02 -45.56
N PRO P 20 24.89 -23.79 -44.50
CA PRO P 20 25.35 -24.24 -43.18
C PRO P 20 24.85 -25.66 -42.98
N ARG P 21 25.35 -26.33 -41.97
CA ARG P 21 24.84 -27.65 -41.69
C ARG P 21 23.70 -27.50 -40.69
N PHE P 22 22.55 -28.14 -40.96
CA PHE P 22 21.39 -28.17 -40.08
C PHE P 22 21.10 -29.61 -39.67
N ILE P 23 21.02 -29.84 -38.35
CA ILE P 23 20.73 -31.13 -37.75
C ILE P 23 19.54 -30.93 -36.81
N ALA P 24 18.55 -31.84 -36.88
CA ALA P 24 17.38 -31.85 -36.01
C ALA P 24 17.23 -33.25 -35.46
N VAL P 25 16.90 -33.35 -34.17
CA VAL P 25 16.63 -34.62 -33.52
C VAL P 25 15.37 -34.37 -32.71
N GLY P 26 14.50 -35.38 -32.64
CA GLY P 26 13.27 -35.29 -31.89
C GLY P 26 13.23 -36.35 -30.80
N TYR P 27 12.70 -35.99 -29.62
CA TYR P 27 12.59 -36.88 -28.45
C TYR P 27 11.18 -36.90 -27.89
N VAL P 28 10.77 -38.07 -27.38
CA VAL P 28 9.57 -38.25 -26.57
C VAL P 28 10.24 -38.66 -25.25
N ASP P 29 10.15 -37.80 -24.23
CA ASP P 29 10.81 -38.01 -22.94
C ASP P 29 12.30 -38.21 -23.20
N ASP P 30 12.89 -39.35 -22.76
CA ASP P 30 14.31 -39.61 -22.98
C ASP P 30 14.56 -40.55 -24.14
N THR P 31 13.58 -40.74 -25.01
CA THR P 31 13.73 -41.62 -26.19
C THR P 31 13.77 -40.79 -27.49
N GLN P 32 14.86 -40.90 -28.26
CA GLN P 32 15.00 -40.24 -29.56
C GLN P 32 14.19 -41.02 -30.56
N PHE P 33 13.41 -40.33 -31.41
CA PHE P 33 12.60 -41.08 -32.40
C PHE P 33 12.82 -40.66 -33.86
N VAL P 34 13.47 -39.51 -34.14
CA VAL P 34 13.72 -39.08 -35.53
C VAL P 34 15.01 -38.28 -35.59
N ARG P 35 15.56 -38.14 -36.79
CA ARG P 35 16.74 -37.35 -37.04
C ARG P 35 16.66 -36.81 -38.47
N PHE P 36 17.35 -35.70 -38.69
CA PHE P 36 17.50 -35.12 -40.02
C PHE P 36 18.84 -34.46 -39.98
N ASP P 37 19.59 -34.59 -41.07
CA ASP P 37 20.91 -33.99 -41.23
C ASP P 37 20.97 -33.49 -42.67
N SER P 38 21.11 -32.17 -42.84
CA SER P 38 21.15 -31.53 -44.16
C SER P 38 22.41 -31.92 -44.97
N ASP P 39 23.45 -32.47 -44.32
CA ASP P 39 24.71 -32.85 -44.96
C ASP P 39 24.62 -34.14 -45.82
N ALA P 40 23.86 -34.04 -46.93
CA ALA P 40 23.64 -35.09 -47.94
C ALA P 40 23.07 -34.42 -49.20
N ALA P 41 23.22 -35.05 -50.39
CA ALA P 41 22.71 -34.50 -51.66
C ALA P 41 21.19 -34.42 -51.65
N SER P 42 20.53 -35.48 -51.10
CA SER P 42 19.08 -35.57 -50.92
C SER P 42 18.80 -35.95 -49.43
N PRO P 43 18.92 -34.98 -48.48
CA PRO P 43 18.65 -35.31 -47.08
C PRO P 43 17.17 -35.67 -46.82
N ARG P 44 16.94 -36.62 -45.91
CA ARG P 44 15.59 -37.08 -45.58
C ARG P 44 15.49 -37.29 -44.07
N THR P 45 14.31 -37.16 -43.52
CA THR P 45 14.06 -37.45 -42.11
C THR P 45 14.10 -39.00 -41.96
N GLU P 46 14.68 -39.48 -40.87
CA GLU P 46 14.80 -40.92 -40.67
C GLU P 46 14.28 -41.37 -39.32
N PRO P 47 13.67 -42.58 -39.23
CA PRO P 47 13.21 -43.09 -37.93
C PRO P 47 14.37 -43.51 -37.03
N ARG P 48 14.20 -43.35 -35.71
CA ARG P 48 15.23 -43.71 -34.73
C ARG P 48 14.65 -44.50 -33.55
N ALA P 49 13.35 -44.81 -33.59
CA ALA P 49 12.65 -45.63 -32.59
C ALA P 49 11.72 -46.57 -33.35
N PRO P 50 11.52 -47.82 -32.88
CA PRO P 50 10.64 -48.76 -33.64
C PRO P 50 9.19 -48.34 -33.82
N TRP P 51 8.59 -47.70 -32.81
CA TRP P 51 7.19 -47.27 -32.83
C TRP P 51 6.86 -46.10 -33.81
N ILE P 52 7.88 -45.47 -34.43
CA ILE P 52 7.67 -44.39 -35.41
C ILE P 52 7.71 -44.92 -36.84
N GLU P 53 8.25 -46.16 -37.03
CA GLU P 53 8.33 -46.83 -38.35
C GLU P 53 6.96 -47.09 -38.96
N GLN P 54 5.90 -47.17 -38.10
CA GLN P 54 4.48 -47.30 -38.41
C GLN P 54 4.01 -46.16 -39.32
N GLU P 55 4.61 -44.96 -39.17
CA GLU P 55 4.18 -43.77 -39.93
C GLU P 55 4.49 -43.96 -41.39
N GLY P 56 3.53 -43.58 -42.21
CA GLY P 56 3.59 -43.72 -43.65
C GLY P 56 4.48 -42.72 -44.36
N PRO P 57 4.61 -42.86 -45.70
CA PRO P 57 5.48 -41.95 -46.47
C PRO P 57 5.17 -40.46 -46.35
N GLU P 58 3.89 -40.10 -46.23
CA GLU P 58 3.46 -38.72 -46.16
C GLU P 58 3.97 -38.04 -44.89
N TYR P 59 4.10 -38.79 -43.80
CA TYR P 59 4.62 -38.30 -42.54
C TYR P 59 6.09 -37.92 -42.72
N TRP P 60 6.86 -38.80 -43.39
CA TRP P 60 8.31 -38.59 -43.64
C TRP P 60 8.54 -37.42 -44.57
N ASP P 61 7.73 -37.28 -45.62
CA ASP P 61 7.80 -36.15 -46.55
C ASP P 61 7.46 -34.83 -45.86
N ARG P 62 6.47 -34.83 -44.97
CA ARG P 62 6.01 -33.65 -44.22
C ARG P 62 7.14 -33.12 -43.33
N ASN P 63 7.85 -34.03 -42.61
CA ASN P 63 9.00 -33.72 -41.76
C ASN P 63 10.15 -33.19 -42.59
N THR P 64 10.51 -33.90 -43.67
CA THR P 64 11.59 -33.52 -44.58
C THR P 64 11.39 -32.10 -45.08
N GLN P 65 10.18 -31.75 -45.49
CA GLN P 65 9.81 -30.44 -46.02
C GLN P 65 10.01 -29.36 -44.92
N ILE P 66 9.63 -29.66 -43.69
CA ILE P 66 9.82 -28.75 -42.55
C ILE P 66 11.34 -28.51 -42.30
N PHE P 67 12.14 -29.59 -42.27
CA PHE P 67 13.56 -29.48 -41.97
C PHE P 67 14.36 -28.85 -43.12
N LYS P 68 13.86 -28.96 -44.35
CA LYS P 68 14.48 -28.27 -45.49
C LYS P 68 14.17 -26.77 -45.41
N THR P 69 12.97 -26.40 -44.89
CA THR P 69 12.61 -24.99 -44.68
C THR P 69 13.57 -24.42 -43.64
N ASN P 70 13.78 -25.14 -42.53
CA ASN P 70 14.70 -24.76 -41.46
C ASN P 70 16.15 -24.60 -41.92
N THR P 71 16.62 -25.46 -42.83
CA THR P 71 17.99 -25.34 -43.35
C THR P 71 18.18 -23.97 -44.02
N GLN P 72 17.20 -23.57 -44.84
CA GLN P 72 17.17 -22.30 -45.52
C GLN P 72 17.04 -21.11 -44.55
N THR P 73 16.11 -21.15 -43.59
CA THR P 73 15.94 -20.00 -42.67
C THR P 73 17.10 -19.86 -41.70
N TYR P 74 17.71 -20.99 -41.28
CA TYR P 74 18.89 -20.91 -40.40
C TYR P 74 20.10 -20.37 -41.11
N ARG P 75 20.19 -20.59 -42.43
CA ARG P 75 21.27 -20.02 -43.25
C ARG P 75 21.17 -18.46 -43.17
N GLU P 76 19.95 -17.93 -43.31
CA GLU P 76 19.74 -16.49 -43.25
C GLU P 76 19.86 -15.95 -41.82
N SER P 77 19.35 -16.69 -40.83
CA SER P 77 19.50 -16.30 -39.40
C SER P 77 20.99 -16.23 -38.99
N LEU P 78 21.83 -17.16 -39.49
CA LEU P 78 23.27 -17.13 -39.18
C LEU P 78 23.92 -15.88 -39.80
N ARG P 79 23.52 -15.53 -41.04
CA ARG P 79 24.05 -14.34 -41.72
C ARG P 79 23.60 -13.06 -41.00
N ASN P 80 22.35 -13.02 -40.55
CA ASN P 80 21.84 -11.85 -39.85
C ASN P 80 22.50 -11.64 -38.48
N LEU P 81 22.73 -12.73 -37.71
CA LEU P 81 23.36 -12.66 -36.40
C LEU P 81 24.81 -12.22 -36.48
N ARG P 82 25.53 -12.61 -37.54
CA ARG P 82 26.90 -12.11 -37.67
C ARG P 82 26.91 -10.62 -38.02
N GLY P 83 25.86 -10.10 -38.70
CA GLY P 83 25.73 -8.68 -38.92
C GLY P 83 25.42 -7.92 -37.63
N TYR P 84 24.55 -8.47 -36.75
CA TYR P 84 24.22 -7.82 -35.45
C TYR P 84 25.45 -7.67 -34.55
N TYR P 85 26.32 -8.67 -34.56
CA TYR P 85 27.54 -8.76 -33.76
C TYR P 85 28.76 -8.31 -34.51
N ASN P 86 28.58 -7.78 -35.74
CA ASN P 86 29.68 -7.32 -36.58
C ASN P 86 30.83 -8.37 -36.66
N GLN P 87 30.44 -9.64 -36.86
CA GLN P 87 31.38 -10.75 -36.99
C GLN P 87 31.75 -10.99 -38.43
N SER P 88 32.95 -11.53 -38.64
CA SER P 88 33.48 -11.84 -39.95
C SER P 88 32.79 -13.06 -40.51
N GLU P 89 32.79 -13.17 -41.85
CA GLU P 89 32.29 -14.29 -42.66
C GLU P 89 33.16 -15.54 -42.45
N ALA P 90 34.46 -15.33 -42.16
CA ALA P 90 35.49 -16.36 -41.97
C ALA P 90 35.29 -17.23 -40.73
N GLY P 91 34.52 -16.74 -39.75
CA GLY P 91 34.28 -17.52 -38.53
C GLY P 91 33.10 -18.47 -38.64
N SER P 92 33.17 -19.56 -37.90
CA SER P 92 32.12 -20.55 -37.82
C SER P 92 31.28 -20.26 -36.55
N HIS P 93 29.95 -20.25 -36.70
CA HIS P 93 29.04 -19.92 -35.61
C HIS P 93 27.91 -20.89 -35.53
N ILE P 94 27.33 -21.03 -34.32
CA ILE P 94 26.25 -21.99 -34.10
C ILE P 94 25.01 -21.38 -33.48
N ILE P 95 23.86 -21.72 -34.09
CA ILE P 95 22.57 -21.42 -33.49
C ILE P 95 21.99 -22.77 -33.06
N GLN P 96 21.52 -22.84 -31.82
CA GLN P 96 20.86 -24.02 -31.28
C GLN P 96 19.47 -23.62 -30.86
N ARG P 97 18.55 -24.53 -30.99
CA ARG P 97 17.20 -24.26 -30.59
C ARG P 97 16.58 -25.49 -29.97
N MET P 98 15.79 -25.26 -28.94
CA MET P 98 15.04 -26.31 -28.33
C MET P 98 13.58 -25.83 -28.17
N TYR P 99 12.62 -26.67 -28.54
CA TYR P 99 11.22 -26.32 -28.33
C TYR P 99 10.42 -27.59 -28.11
N GLY P 100 9.19 -27.43 -27.63
CA GLY P 100 8.28 -28.54 -27.42
C GLY P 100 7.33 -28.38 -26.24
N CYS P 101 6.59 -29.44 -25.98
CA CYS P 101 5.53 -29.43 -25.00
C CYS P 101 5.69 -30.42 -23.88
N ASP P 102 5.13 -30.08 -22.71
CA ASP P 102 4.99 -30.99 -21.55
C ASP P 102 3.50 -31.30 -21.46
N LEU P 103 3.14 -32.59 -21.54
CA LEU P 103 1.75 -33.08 -21.45
C LEU P 103 1.24 -33.10 -19.98
N GLY P 104 0.13 -32.42 -19.76
CA GLY P 104 -0.53 -32.32 -18.45
C GLY P 104 -1.38 -33.52 -18.15
N PRO P 105 -1.72 -33.76 -16.85
CA PRO P 105 -2.57 -34.92 -16.49
C PRO P 105 -3.96 -34.98 -17.11
N ASP P 106 -4.52 -33.81 -17.54
CA ASP P 106 -5.81 -33.68 -18.23
C ASP P 106 -5.75 -33.95 -19.73
N GLY P 107 -4.58 -34.33 -20.25
CA GLY P 107 -4.38 -34.60 -21.67
C GLY P 107 -4.18 -33.36 -22.51
N ARG P 108 -3.99 -32.21 -21.87
CA ARG P 108 -3.75 -30.92 -22.51
C ARG P 108 -2.35 -30.43 -22.17
N LEU P 109 -1.92 -29.34 -22.82
CA LEU P 109 -0.62 -28.74 -22.59
C LEU P 109 -0.46 -28.30 -21.14
N LEU P 110 0.64 -28.71 -20.51
CA LEU P 110 0.98 -28.30 -19.16
C LEU P 110 1.92 -27.05 -19.24
N ARG P 111 2.95 -27.14 -20.09
CA ARG P 111 3.96 -26.12 -20.27
C ARG P 111 4.57 -26.23 -21.68
N GLY P 112 4.77 -25.09 -22.33
CA GLY P 112 5.37 -24.99 -23.65
C GLY P 112 6.76 -24.37 -23.59
N HIS P 113 7.64 -24.73 -24.53
CA HIS P 113 9.00 -24.17 -24.50
C HIS P 113 9.46 -23.81 -25.87
N ASP P 114 10.29 -22.77 -25.98
CA ASP P 114 11.01 -22.39 -27.21
C ASP P 114 12.19 -21.51 -26.85
N GLN P 115 13.39 -22.09 -26.87
CA GLN P 115 14.61 -21.36 -26.52
C GLN P 115 15.63 -21.46 -27.61
N SER P 116 16.36 -20.40 -27.84
CA SER P 116 17.45 -20.36 -28.83
C SER P 116 18.73 -19.86 -28.18
N ALA P 117 19.87 -20.32 -28.70
CA ALA P 117 21.19 -19.93 -28.24
C ALA P 117 22.05 -19.54 -29.43
N TYR P 118 23.04 -18.68 -29.20
CA TYR P 118 24.01 -18.28 -30.21
C TYR P 118 25.36 -18.55 -29.59
N ASP P 119 26.20 -19.32 -30.29
CA ASP P 119 27.55 -19.72 -29.85
C ASP P 119 27.56 -20.27 -28.40
N GLY P 120 26.54 -21.05 -28.05
CA GLY P 120 26.43 -21.68 -26.74
C GLY P 120 25.89 -20.86 -25.61
N LYS P 121 25.39 -19.65 -25.90
CA LYS P 121 24.82 -18.78 -24.86
C LYS P 121 23.38 -18.45 -25.18
N ASP P 122 22.54 -18.36 -24.14
CA ASP P 122 21.14 -17.97 -24.25
C ASP P 122 21.02 -16.75 -25.17
N TYR P 123 20.05 -16.78 -26.09
CA TYR P 123 19.89 -15.69 -27.05
C TYR P 123 18.51 -15.11 -26.92
N ILE P 124 17.45 -15.91 -27.14
CA ILE P 124 16.05 -15.50 -27.04
C ILE P 124 15.25 -16.68 -26.57
N ALA P 125 14.24 -16.45 -25.71
CA ALA P 125 13.41 -17.55 -25.20
C ALA P 125 11.99 -17.09 -25.10
N LEU P 126 11.06 -17.98 -25.43
CA LEU P 126 9.64 -17.72 -25.29
C LEU P 126 9.31 -17.82 -23.78
N ASN P 127 8.58 -16.85 -23.23
CA ASN P 127 8.19 -16.86 -21.84
C ASN P 127 7.07 -17.88 -21.58
N GLU P 128 6.86 -18.25 -20.31
CA GLU P 128 5.83 -19.17 -19.81
C GLU P 128 4.41 -18.87 -20.31
N ASP P 129 4.08 -17.58 -20.48
CA ASP P 129 2.77 -17.13 -20.98
C ASP P 129 2.57 -17.50 -22.47
N LEU P 130 3.69 -17.90 -23.18
CA LEU P 130 3.72 -18.28 -24.60
C LEU P 130 3.21 -17.13 -25.47
N SER P 131 3.46 -15.89 -25.03
CA SER P 131 3.00 -14.73 -25.77
C SER P 131 4.01 -13.60 -25.78
N SER P 132 5.13 -13.74 -25.08
CA SER P 132 6.17 -12.71 -25.00
C SER P 132 7.56 -13.36 -24.97
N TRP P 133 8.61 -12.57 -25.20
CA TRP P 133 9.99 -13.07 -25.29
C TRP P 133 10.92 -12.47 -24.28
N THR P 134 12.03 -13.17 -23.98
CA THR P 134 13.12 -12.66 -23.15
C THR P 134 14.36 -12.72 -24.05
N ALA P 135 14.91 -11.55 -24.37
CA ALA P 135 16.08 -11.36 -25.21
C ALA P 135 17.31 -11.16 -24.34
N ALA P 136 18.43 -11.82 -24.68
CA ALA P 136 19.66 -11.78 -23.88
C ALA P 136 20.42 -10.46 -23.99
N ASP P 137 20.29 -9.74 -25.12
CA ASP P 137 21.00 -8.49 -25.38
C ASP P 137 20.23 -7.70 -26.46
N THR P 138 20.82 -6.63 -27.02
CA THR P 138 20.16 -5.82 -28.04
C THR P 138 20.09 -6.51 -29.42
N ALA P 139 21.02 -7.41 -29.71
CA ALA P 139 20.99 -8.18 -30.97
C ALA P 139 19.72 -9.10 -30.95
N ALA P 140 19.44 -9.76 -29.81
CA ALA P 140 18.27 -10.61 -29.63
C ALA P 140 16.98 -9.80 -29.62
N GLN P 141 17.06 -8.50 -29.32
CA GLN P 141 15.93 -7.55 -29.36
C GLN P 141 15.60 -7.17 -30.79
N ILE P 142 16.57 -7.27 -31.75
CA ILE P 142 16.28 -7.08 -33.18
C ILE P 142 15.48 -8.32 -33.61
N THR P 143 15.97 -9.55 -33.29
CA THR P 143 15.25 -10.81 -33.56
C THR P 143 13.84 -10.74 -32.95
N GLN P 144 13.74 -10.31 -31.67
CA GLN P 144 12.44 -10.18 -30.98
C GLN P 144 11.48 -9.26 -31.74
N ARG P 145 11.97 -8.10 -32.20
CA ARG P 145 11.16 -7.15 -32.98
C ARG P 145 10.66 -7.81 -34.26
N LYS P 146 11.52 -8.56 -34.98
CA LYS P 146 11.12 -9.28 -36.20
C LYS P 146 10.06 -10.37 -35.86
N TRP P 147 10.26 -11.09 -34.73
CA TRP P 147 9.35 -12.18 -34.31
C TRP P 147 8.01 -11.68 -33.78
N GLU P 148 7.99 -10.45 -33.25
CA GLU P 148 6.76 -9.84 -32.75
C GLU P 148 5.95 -9.35 -33.95
N ALA P 149 6.63 -8.82 -34.99
CA ALA P 149 5.95 -8.33 -36.19
C ALA P 149 5.38 -9.52 -37.00
N ALA P 150 6.07 -10.69 -36.99
CA ALA P 150 5.65 -11.91 -37.66
C ALA P 150 4.69 -12.74 -36.79
N ARG P 151 4.47 -12.34 -35.52
CA ARG P 151 3.57 -12.98 -34.54
C ARG P 151 3.96 -14.45 -34.29
N VAL P 152 5.27 -14.70 -34.21
CA VAL P 152 5.85 -16.05 -33.95
C VAL P 152 5.32 -16.65 -32.66
N ALA P 153 5.17 -15.84 -31.59
CA ALA P 153 4.69 -16.36 -30.29
C ALA P 153 3.26 -16.95 -30.40
N GLU P 154 2.41 -16.33 -31.24
CA GLU P 154 1.02 -16.77 -31.52
C GLU P 154 1.03 -18.07 -32.32
N GLN P 155 1.89 -18.15 -33.35
CA GLN P 155 2.09 -19.36 -34.15
C GLN P 155 2.52 -20.51 -33.25
N LEU P 156 3.50 -20.25 -32.36
CA LEU P 156 4.01 -21.29 -31.44
C LEU P 156 2.97 -21.74 -30.43
N ARG P 157 2.23 -20.79 -29.86
CA ARG P 157 1.19 -21.11 -28.91
C ARG P 157 0.11 -22.03 -29.54
N ALA P 158 -0.29 -21.77 -30.80
CA ALA P 158 -1.27 -22.65 -31.47
C ALA P 158 -0.65 -24.02 -31.75
N TYR P 159 0.66 -24.08 -32.05
CA TYR P 159 1.34 -25.36 -32.28
C TYR P 159 1.44 -26.17 -30.97
N LEU P 160 1.97 -25.54 -29.91
CA LEU P 160 2.18 -26.17 -28.61
C LEU P 160 0.88 -26.68 -27.96
N GLU P 161 -0.21 -25.91 -28.06
CA GLU P 161 -1.52 -26.26 -27.51
C GLU P 161 -2.28 -27.28 -28.37
N GLY P 162 -1.94 -27.35 -29.65
CA GLY P 162 -2.61 -28.23 -30.60
C GLY P 162 -1.80 -29.42 -31.02
N LEU P 163 -1.22 -29.34 -32.21
CA LEU P 163 -0.44 -30.41 -32.82
C LEU P 163 0.64 -31.00 -31.94
N CYS P 164 1.38 -30.20 -31.17
CA CYS P 164 2.45 -30.73 -30.32
C CYS P 164 1.91 -31.79 -29.33
N VAL P 165 0.82 -31.48 -28.59
CA VAL P 165 0.27 -32.40 -27.60
C VAL P 165 -0.49 -33.55 -28.26
N GLU P 166 -1.17 -33.29 -29.39
CA GLU P 166 -1.88 -34.35 -30.13
C GLU P 166 -0.92 -35.40 -30.67
N TRP P 167 0.20 -34.99 -31.27
CA TRP P 167 1.19 -35.93 -31.80
C TRP P 167 1.94 -36.64 -30.67
N LEU P 168 2.26 -35.93 -29.59
CA LEU P 168 2.88 -36.55 -28.42
C LEU P 168 1.97 -37.70 -27.88
N ARG P 169 0.65 -37.44 -27.73
CA ARG P 169 -0.33 -38.46 -27.27
C ARG P 169 -0.36 -39.66 -28.21
N ARG P 170 -0.29 -39.41 -29.54
CA ARG P 170 -0.28 -40.48 -30.55
C ARG P 170 0.97 -41.35 -30.38
N TYR P 171 2.14 -40.70 -30.19
CA TYR P 171 3.43 -41.38 -30.00
C TYR P 171 3.43 -42.22 -28.74
N LEU P 172 2.91 -41.67 -27.63
CA LEU P 172 2.81 -42.35 -26.34
C LEU P 172 1.92 -43.59 -26.42
N GLU P 173 0.86 -43.53 -27.24
CA GLU P 173 -0.01 -44.67 -27.48
C GLU P 173 0.70 -45.72 -28.34
N ASN P 174 1.26 -45.32 -29.51
CA ASN P 174 1.95 -46.23 -30.43
C ASN P 174 3.17 -46.93 -29.82
N GLY P 175 3.85 -46.27 -28.88
CA GLY P 175 5.00 -46.84 -28.20
C GLY P 175 4.78 -47.05 -26.72
N LYS P 176 3.51 -47.25 -26.27
CA LYS P 176 3.17 -47.43 -24.85
C LYS P 176 3.95 -48.55 -24.14
N GLU P 177 4.25 -49.67 -24.85
CA GLU P 177 5.00 -50.82 -24.30
C GLU P 177 6.36 -50.42 -23.73
N THR P 178 6.95 -49.35 -24.28
CA THR P 178 8.29 -48.89 -23.89
C THR P 178 8.25 -47.48 -23.27
N LEU P 179 7.51 -46.53 -23.87
CA LEU P 179 7.41 -45.14 -23.42
C LEU P 179 6.61 -44.96 -22.13
N GLN P 180 5.62 -45.84 -21.90
CA GLN P 180 4.76 -45.72 -20.73
C GLN P 180 5.06 -46.74 -19.62
N ARG P 181 6.21 -47.41 -19.74
CA ARG P 181 6.68 -48.40 -18.78
C ARG P 181 8.06 -47.96 -18.29
N ALA P 182 8.11 -47.51 -17.03
CA ALA P 182 9.34 -47.15 -16.37
C ALA P 182 10.12 -48.46 -16.05
N ASP P 183 11.40 -48.51 -16.44
CA ASP P 183 12.31 -49.62 -16.20
C ASP P 183 13.07 -49.30 -14.91
N PRO P 184 12.77 -49.99 -13.79
CA PRO P 184 13.49 -49.69 -12.54
C PRO P 184 14.97 -50.08 -12.64
N PRO P 185 15.86 -49.41 -11.88
CA PRO P 185 17.28 -49.77 -11.96
C PRO P 185 17.58 -51.11 -11.30
N LYS P 186 18.50 -51.89 -11.90
CA LYS P 186 19.01 -53.13 -11.36
C LYS P 186 20.22 -52.65 -10.57
N THR P 187 20.10 -52.70 -9.24
CA THR P 187 21.11 -52.16 -8.33
C THR P 187 21.99 -53.22 -7.65
N HIS P 188 23.20 -52.80 -7.26
CA HIS P 188 24.21 -53.57 -6.54
C HIS P 188 25.33 -52.68 -6.04
N VAL P 189 25.96 -53.08 -4.91
CA VAL P 189 27.11 -52.38 -4.33
C VAL P 189 28.36 -53.24 -4.56
N THR P 190 29.44 -52.62 -5.08
CA THR P 190 30.74 -53.26 -5.29
C THR P 190 31.73 -52.70 -4.26
N HIS P 191 32.76 -53.51 -3.96
CA HIS P 191 33.81 -53.23 -2.99
C HIS P 191 35.17 -53.32 -3.69
N HIS P 192 35.97 -52.24 -3.61
CA HIS P 192 37.31 -52.15 -4.23
C HIS P 192 38.28 -51.54 -3.21
N PRO P 193 39.10 -52.35 -2.49
CA PRO P 193 40.03 -51.73 -1.52
C PRO P 193 41.06 -50.85 -2.24
N VAL P 194 41.08 -49.54 -1.92
CA VAL P 194 41.98 -48.56 -2.55
C VAL P 194 43.34 -48.58 -1.84
N SER P 195 43.34 -48.31 -0.53
CA SER P 195 44.52 -48.37 0.33
C SER P 195 44.43 -49.66 1.20
N ASP P 196 45.42 -49.87 2.07
CA ASP P 196 45.44 -51.05 2.95
C ASP P 196 44.48 -50.85 4.14
N HIS P 197 44.07 -49.58 4.37
CA HIS P 197 43.15 -49.12 5.42
C HIS P 197 41.94 -48.36 4.85
N GLU P 198 41.79 -48.35 3.50
CA GLU P 198 40.69 -47.68 2.79
C GLU P 198 40.07 -48.61 1.74
N ALA P 199 38.76 -48.43 1.50
CA ALA P 199 38.01 -49.21 0.53
C ALA P 199 37.00 -48.35 -0.23
N THR P 200 36.74 -48.69 -1.51
CA THR P 200 35.75 -47.97 -2.30
C THR P 200 34.43 -48.74 -2.25
N LEU P 201 33.36 -48.02 -1.89
CA LEU P 201 32.03 -48.60 -1.96
C LEU P 201 31.33 -47.91 -3.15
N ARG P 202 31.04 -48.68 -4.20
CA ARG P 202 30.41 -48.15 -5.41
C ARG P 202 29.01 -48.67 -5.59
N CYS P 203 28.03 -47.77 -5.51
CA CYS P 203 26.63 -48.10 -5.69
C CYS P 203 26.26 -47.96 -7.18
N TRP P 204 25.82 -49.06 -7.79
CA TRP P 204 25.44 -49.11 -9.19
C TRP P 204 23.96 -49.07 -9.45
N ALA P 205 23.53 -48.30 -10.47
CA ALA P 205 22.15 -48.25 -10.96
C ALA P 205 22.24 -48.53 -12.46
N LEU P 206 21.65 -49.64 -12.91
CA LEU P 206 21.77 -50.07 -14.30
C LEU P 206 20.43 -50.40 -14.95
N GLY P 207 20.38 -50.29 -16.28
CA GLY P 207 19.22 -50.62 -17.09
C GLY P 207 17.94 -49.86 -16.76
N PHE P 208 18.08 -48.63 -16.23
CA PHE P 208 16.89 -47.85 -15.89
C PHE P 208 16.44 -46.89 -17.00
N TYR P 209 15.14 -46.60 -17.00
CA TYR P 209 14.47 -45.68 -17.90
C TYR P 209 13.22 -45.14 -17.17
N PRO P 210 12.97 -43.81 -17.12
CA PRO P 210 13.76 -42.69 -17.69
C PRO P 210 15.07 -42.39 -16.98
N ALA P 211 15.86 -41.45 -17.51
CA ALA P 211 17.17 -41.04 -17.02
C ALA P 211 17.19 -40.43 -15.62
N GLU P 212 16.08 -39.79 -15.21
CA GLU P 212 15.97 -39.16 -13.89
C GLU P 212 16.13 -40.19 -12.76
N ILE P 213 17.16 -39.99 -11.91
CA ILE P 213 17.51 -40.87 -10.79
C ILE P 213 18.24 -40.08 -9.68
N THR P 214 18.12 -40.54 -8.43
CA THR P 214 18.84 -39.97 -7.28
C THR P 214 19.63 -41.10 -6.59
N LEU P 215 20.95 -40.90 -6.48
CA LEU P 215 21.89 -41.84 -5.87
C LEU P 215 22.66 -41.09 -4.78
N THR P 216 22.44 -41.46 -3.50
CA THR P 216 23.09 -40.82 -2.35
C THR P 216 23.69 -41.81 -1.35
N TRP P 217 24.88 -41.49 -0.81
CA TRP P 217 25.55 -42.30 0.20
C TRP P 217 25.42 -41.62 1.57
N GLN P 218 25.19 -42.40 2.63
CA GLN P 218 25.12 -41.88 4.01
C GLN P 218 25.80 -42.83 4.96
N ARG P 219 26.67 -42.31 5.87
CA ARG P 219 27.43 -43.18 6.78
C ARG P 219 26.62 -43.68 8.00
N ASP P 220 25.65 -42.91 8.54
CA ASP P 220 24.88 -43.35 9.71
C ASP P 220 23.38 -42.99 9.63
N GLY P 221 23.04 -42.19 8.62
CA GLY P 221 21.70 -41.67 8.38
C GLY P 221 21.76 -40.24 7.89
N GLU P 222 22.98 -39.66 7.93
CA GLU P 222 23.31 -38.31 7.49
C GLU P 222 24.12 -38.38 6.19
N ASP P 223 23.57 -37.78 5.13
CA ASP P 223 24.11 -37.74 3.77
C ASP P 223 25.51 -37.16 3.66
N GLN P 224 26.46 -38.01 3.20
CA GLN P 224 27.87 -37.67 2.97
C GLN P 224 27.91 -37.05 1.57
N THR P 225 27.67 -35.72 1.51
CA THR P 225 27.54 -34.95 0.27
C THR P 225 28.87 -34.60 -0.42
N GLN P 226 29.90 -34.16 0.34
CA GLN P 226 31.20 -33.74 -0.21
C GLN P 226 32.17 -34.88 -0.53
N ASP P 227 32.10 -36.00 0.22
CA ASP P 227 32.99 -37.16 0.04
C ASP P 227 32.49 -38.17 -1.01
N THR P 228 31.24 -38.02 -1.48
CA THR P 228 30.65 -38.90 -2.50
C THR P 228 31.04 -38.44 -3.92
N GLU P 229 31.42 -39.42 -4.76
CA GLU P 229 31.78 -39.19 -6.16
C GLU P 229 30.59 -39.67 -7.00
N LEU P 230 29.94 -38.74 -7.70
CA LEU P 230 28.80 -39.06 -8.56
C LEU P 230 29.15 -38.89 -10.00
N VAL P 231 28.97 -39.95 -10.79
CA VAL P 231 29.24 -39.89 -12.21
C VAL P 231 27.98 -39.40 -12.93
N GLU P 232 28.16 -38.66 -14.05
CA GLU P 232 27.04 -38.18 -14.84
C GLU P 232 26.27 -39.39 -15.40
N THR P 233 24.93 -39.34 -15.38
CA THR P 233 24.06 -40.37 -15.94
C THR P 233 24.47 -40.56 -17.41
N ARG P 234 24.61 -41.81 -17.83
CA ARG P 234 25.12 -42.12 -19.16
C ARG P 234 24.21 -43.10 -19.87
N PRO P 235 24.14 -43.03 -21.21
CA PRO P 235 23.28 -43.98 -21.92
C PRO P 235 23.95 -45.36 -22.07
N ALA P 236 23.18 -46.44 -21.89
CA ALA P 236 23.73 -47.79 -22.09
C ALA P 236 23.88 -48.12 -23.60
N GLY P 237 23.09 -47.43 -24.43
CA GLY P 237 23.09 -47.59 -25.88
C GLY P 237 21.91 -48.39 -26.36
N ASP P 238 21.11 -48.94 -25.43
CA ASP P 238 19.92 -49.75 -25.71
C ASP P 238 18.64 -49.04 -25.25
N ARG P 239 18.71 -47.69 -25.09
CA ARG P 239 17.63 -46.77 -24.67
C ARG P 239 17.48 -46.69 -23.15
N THR P 240 18.29 -47.44 -22.37
CA THR P 240 18.33 -47.38 -20.91
C THR P 240 19.56 -46.62 -20.48
N PHE P 241 19.62 -46.28 -19.19
CA PHE P 241 20.67 -45.47 -18.58
C PHE P 241 21.42 -46.16 -17.43
N GLN P 242 22.60 -45.61 -17.11
CA GLN P 242 23.48 -46.09 -16.05
C GLN P 242 23.99 -44.91 -15.24
N LYS P 243 24.35 -45.16 -13.97
CA LYS P 243 24.91 -44.19 -13.04
C LYS P 243 25.51 -44.93 -11.83
N TRP P 244 26.53 -44.33 -11.22
CA TRP P 244 27.09 -44.85 -9.99
C TRP P 244 27.52 -43.72 -9.06
N ALA P 245 27.48 -44.03 -7.75
CA ALA P 245 27.87 -43.14 -6.64
C ALA P 245 28.91 -43.90 -5.80
N ALA P 246 30.07 -43.30 -5.60
CA ALA P 246 31.15 -43.96 -4.86
C ALA P 246 31.56 -43.19 -3.63
N VAL P 247 31.81 -43.92 -2.52
CA VAL P 247 32.24 -43.39 -1.22
C VAL P 247 33.49 -44.13 -0.75
N VAL P 248 34.50 -43.37 -0.27
CA VAL P 248 35.75 -43.96 0.21
C VAL P 248 35.62 -44.16 1.71
N VAL P 249 35.49 -45.42 2.11
CA VAL P 249 35.26 -45.89 3.47
C VAL P 249 36.54 -46.45 4.16
N PRO P 250 36.81 -46.12 5.48
CA PRO P 250 37.95 -46.75 6.16
C PRO P 250 37.67 -48.26 6.34
N SER P 251 38.70 -49.11 6.12
CA SER P 251 38.61 -50.57 6.18
C SER P 251 37.91 -51.08 7.44
N GLY P 252 36.96 -51.99 7.24
CA GLY P 252 36.16 -52.61 8.30
C GLY P 252 34.90 -51.86 8.66
N GLU P 253 34.94 -50.50 8.57
CA GLU P 253 33.88 -49.54 8.90
C GLU P 253 32.80 -49.36 7.75
N GLU P 254 32.68 -50.36 6.85
CA GLU P 254 31.78 -50.28 5.67
C GLU P 254 30.32 -50.71 5.90
N GLN P 255 30.02 -51.48 6.97
CA GLN P 255 28.65 -51.98 7.23
C GLN P 255 27.64 -50.87 7.61
N ARG P 256 28.15 -49.69 8.04
CA ARG P 256 27.34 -48.53 8.42
C ARG P 256 26.86 -47.68 7.22
N TYR P 257 27.60 -47.72 6.09
CA TYR P 257 27.30 -46.97 4.86
C TYR P 257 26.13 -47.57 4.09
N THR P 258 25.14 -46.73 3.77
CA THR P 258 23.95 -47.08 3.01
C THR P 258 23.74 -46.17 1.80
N CYS P 259 23.52 -46.79 0.63
CA CYS P 259 23.25 -46.10 -0.64
C CYS P 259 21.74 -46.02 -0.85
N HIS P 260 21.21 -44.82 -1.10
CA HIS P 260 19.78 -44.64 -1.34
C HIS P 260 19.46 -44.36 -2.82
N VAL P 261 18.55 -45.17 -3.38
CA VAL P 261 18.14 -45.11 -4.78
C VAL P 261 16.68 -44.65 -4.92
N GLN P 262 16.48 -43.53 -5.65
CA GLN P 262 15.16 -42.95 -5.96
C GLN P 262 14.97 -42.94 -7.48
N HIS P 263 13.91 -43.62 -7.97
CA HIS P 263 13.56 -43.73 -9.40
C HIS P 263 12.07 -44.03 -9.50
N GLU P 264 11.39 -43.46 -10.53
CA GLU P 264 9.95 -43.64 -10.73
C GLU P 264 9.53 -45.09 -11.03
N GLY P 265 10.47 -45.92 -11.46
CA GLY P 265 10.23 -47.34 -11.72
C GLY P 265 10.18 -48.18 -10.46
N LEU P 266 10.71 -47.63 -9.34
CA LEU P 266 10.74 -48.28 -8.03
C LEU P 266 9.45 -48.00 -7.22
N PRO P 267 8.69 -49.06 -6.78
CA PRO P 267 7.47 -48.81 -5.99
C PRO P 267 7.70 -47.94 -4.74
N LYS P 268 8.86 -48.16 -4.08
CA LYS P 268 9.32 -47.40 -2.91
C LYS P 268 10.86 -47.21 -3.00
N PRO P 269 11.44 -46.08 -2.52
CA PRO P 269 12.91 -45.92 -2.61
C PRO P 269 13.69 -47.02 -1.88
N LEU P 270 14.84 -47.44 -2.42
CA LEU P 270 15.57 -48.51 -1.76
C LEU P 270 16.89 -48.07 -1.17
N THR P 271 17.25 -48.68 -0.03
CA THR P 271 18.49 -48.45 0.70
C THR P 271 19.28 -49.74 0.56
N LEU P 272 20.51 -49.60 0.10
CA LEU P 272 21.38 -50.72 -0.22
C LEU P 272 22.71 -50.65 0.51
N ARG P 273 23.30 -51.81 0.77
CA ARG P 273 24.59 -51.94 1.43
C ARG P 273 25.43 -53.02 0.73
N TRP P 274 26.72 -53.15 1.12
CA TRP P 274 27.60 -54.17 0.55
C TRP P 274 27.28 -55.55 1.16
N GLU P 275 27.11 -56.56 0.28
CA GLU P 275 26.82 -57.95 0.62
C GLU P 275 27.54 -58.89 -0.37
N PRO P 276 28.52 -59.73 0.07
CA PRO P 276 28.94 -59.96 1.45
C PRO P 276 30.13 -59.09 1.86
N ILE Q 2 32.04 -19.81 -23.74
CA ILE Q 2 32.02 -19.96 -25.20
C ILE Q 2 32.50 -21.37 -25.63
N GLN Q 3 33.66 -21.82 -25.11
CA GLN Q 3 34.26 -23.13 -25.45
C GLN Q 3 34.44 -24.04 -24.22
N ARG Q 4 33.65 -25.14 -24.19
CA ARG Q 4 33.64 -26.14 -23.12
C ARG Q 4 34.38 -27.40 -23.53
N THR Q 5 35.21 -27.94 -22.63
CA THR Q 5 36.01 -29.12 -22.92
C THR Q 5 35.18 -30.42 -22.70
N PRO Q 6 35.34 -31.45 -23.55
CA PRO Q 6 34.54 -32.67 -23.35
C PRO Q 6 34.88 -33.49 -22.09
N LYS Q 7 33.83 -34.04 -21.46
CA LYS Q 7 33.88 -34.99 -20.34
C LYS Q 7 33.81 -36.36 -21.03
N ILE Q 8 34.57 -37.37 -20.53
CA ILE Q 8 34.66 -38.68 -21.19
C ILE Q 8 34.40 -39.82 -20.22
N GLN Q 9 33.58 -40.78 -20.64
CA GLN Q 9 33.28 -42.00 -19.91
C GLN Q 9 33.39 -43.14 -20.88
N VAL Q 10 34.21 -44.15 -20.54
CA VAL Q 10 34.39 -45.38 -21.33
C VAL Q 10 33.82 -46.51 -20.47
N TYR Q 11 32.91 -47.30 -21.04
CA TYR Q 11 32.21 -48.37 -20.31
C TYR Q 11 31.55 -49.34 -21.27
N SER Q 12 31.01 -50.45 -20.78
CA SER Q 12 30.31 -51.43 -21.60
C SER Q 12 28.79 -51.34 -21.37
N ARG Q 13 27.98 -51.69 -22.39
CA ARG Q 13 26.52 -51.70 -22.25
C ARG Q 13 26.08 -52.63 -21.11
N HIS Q 14 26.60 -53.88 -21.07
CA HIS Q 14 26.25 -54.84 -20.03
C HIS Q 14 27.46 -55.13 -19.13
N PRO Q 15 27.28 -55.66 -17.90
CA PRO Q 15 28.47 -56.01 -17.07
C PRO Q 15 29.40 -56.94 -17.85
N ALA Q 16 30.69 -56.57 -17.95
CA ALA Q 16 31.69 -57.30 -18.71
C ALA Q 16 31.84 -58.77 -18.26
N GLU Q 17 31.75 -59.69 -19.23
CA GLU Q 17 31.89 -61.12 -19.03
C GLU Q 17 32.74 -61.60 -20.18
N ASN Q 18 33.97 -62.02 -19.87
CA ASN Q 18 34.93 -62.48 -20.86
C ASN Q 18 34.32 -63.60 -21.70
N GLY Q 19 34.43 -63.46 -23.03
CA GLY Q 19 33.86 -64.42 -23.97
C GLY Q 19 32.42 -64.14 -24.39
N LYS Q 20 31.72 -63.27 -23.66
CA LYS Q 20 30.33 -62.92 -23.94
C LYS Q 20 30.22 -61.59 -24.72
N SER Q 21 29.52 -61.63 -25.87
CA SER Q 21 29.28 -60.46 -26.73
C SER Q 21 28.62 -59.32 -25.94
N ASN Q 22 29.12 -58.10 -26.17
CA ASN Q 22 28.73 -56.89 -25.47
C ASN Q 22 28.89 -55.69 -26.44
N PHE Q 23 28.87 -54.46 -25.89
CA PHE Q 23 29.07 -53.21 -26.62
C PHE Q 23 29.99 -52.32 -25.80
N LEU Q 24 31.04 -51.77 -26.43
CA LEU Q 24 31.98 -50.84 -25.77
C LEU Q 24 31.49 -49.44 -26.14
N ASN Q 25 31.32 -48.58 -25.13
CA ASN Q 25 30.79 -47.23 -25.23
C ASN Q 25 31.78 -46.17 -24.82
N CYS Q 26 31.79 -45.06 -25.58
CA CYS Q 26 32.51 -43.85 -25.23
C CYS Q 26 31.56 -42.67 -25.31
N TYR Q 27 31.13 -42.19 -24.14
CA TYR Q 27 30.20 -41.09 -24.00
C TYR Q 27 30.96 -39.79 -23.82
N VAL Q 28 30.85 -38.89 -24.82
CA VAL Q 28 31.50 -37.58 -24.79
C VAL Q 28 30.40 -36.52 -24.57
N SER Q 29 30.54 -35.69 -23.53
CA SER Q 29 29.51 -34.71 -23.20
C SER Q 29 30.10 -33.43 -22.65
N GLY Q 30 29.26 -32.40 -22.51
CA GLY Q 30 29.64 -31.11 -21.94
C GLY Q 30 30.57 -30.26 -22.79
N PHE Q 31 30.67 -30.54 -24.11
CA PHE Q 31 31.56 -29.74 -24.96
C PHE Q 31 30.82 -28.73 -25.86
N HIS Q 32 31.57 -27.73 -26.34
CA HIS Q 32 31.13 -26.67 -27.24
C HIS Q 32 32.39 -26.06 -27.87
N PRO Q 33 32.51 -25.85 -29.20
CA PRO Q 33 31.54 -26.13 -30.28
C PRO Q 33 31.39 -27.65 -30.56
N SER Q 34 30.56 -27.99 -31.55
CA SER Q 34 30.13 -29.35 -31.91
C SER Q 34 31.17 -30.26 -32.57
N ASP Q 35 32.11 -29.72 -33.36
CA ASP Q 35 33.11 -30.56 -34.06
C ASP Q 35 33.94 -31.32 -33.02
N ILE Q 36 34.05 -32.64 -33.19
CA ILE Q 36 34.80 -33.52 -32.29
C ILE Q 36 35.30 -34.75 -33.05
N GLU Q 37 36.47 -35.28 -32.65
CA GLU Q 37 37.07 -36.48 -33.25
C GLU Q 37 37.13 -37.51 -32.14
N VAL Q 38 36.47 -38.66 -32.33
CA VAL Q 38 36.46 -39.70 -31.30
C VAL Q 38 36.84 -41.02 -31.96
N ASP Q 39 37.80 -41.75 -31.35
CA ASP Q 39 38.24 -43.08 -31.79
C ASP Q 39 38.18 -44.06 -30.66
N LEU Q 40 37.69 -45.26 -30.96
CA LEU Q 40 37.68 -46.39 -30.03
C LEU Q 40 38.96 -47.19 -30.38
N LEU Q 41 39.77 -47.52 -29.36
CA LEU Q 41 41.04 -48.26 -29.55
C LEU Q 41 41.05 -49.65 -28.91
N LYS Q 42 41.54 -50.65 -29.67
CA LYS Q 42 41.75 -52.03 -29.22
C LYS Q 42 43.26 -52.28 -29.28
N ASN Q 43 43.88 -52.42 -28.10
CA ASN Q 43 45.33 -52.61 -27.92
C ASN Q 43 46.14 -51.50 -28.63
N GLY Q 44 45.71 -50.25 -28.42
CA GLY Q 44 46.32 -49.04 -28.97
C GLY Q 44 46.03 -48.75 -30.43
N GLU Q 45 45.23 -49.63 -31.10
CA GLU Q 45 44.87 -49.51 -32.52
C GLU Q 45 43.41 -49.15 -32.74
N ARG Q 46 43.16 -48.25 -33.71
CA ARG Q 46 41.84 -47.76 -34.09
C ARG Q 46 40.90 -48.87 -34.56
N ILE Q 47 39.72 -48.97 -33.91
CA ILE Q 47 38.66 -49.92 -34.31
C ILE Q 47 37.93 -49.25 -35.50
N GLU Q 48 37.67 -50.02 -36.56
CA GLU Q 48 37.07 -49.52 -37.79
C GLU Q 48 35.52 -49.43 -37.81
N LYS Q 49 34.82 -50.44 -37.25
CA LYS Q 49 33.34 -50.45 -37.24
C LYS Q 49 32.73 -49.67 -36.04
N VAL Q 50 32.97 -48.36 -35.98
CA VAL Q 50 32.45 -47.56 -34.87
C VAL Q 50 31.29 -46.68 -35.31
N GLU Q 51 30.14 -46.86 -34.65
CA GLU Q 51 28.94 -46.07 -34.87
C GLU Q 51 28.83 -44.99 -33.79
N HIS Q 52 28.02 -43.97 -34.05
CA HIS Q 52 27.79 -42.89 -33.12
C HIS Q 52 26.36 -42.39 -33.18
N SER Q 53 25.87 -41.87 -32.04
CA SER Q 53 24.54 -41.34 -31.91
C SER Q 53 24.46 -39.98 -32.67
N ASP Q 54 23.23 -39.50 -32.88
CA ASP Q 54 22.98 -38.23 -33.56
C ASP Q 54 23.23 -37.10 -32.58
N LEU Q 55 23.81 -36.00 -33.09
CA LEU Q 55 24.14 -34.83 -32.31
C LEU Q 55 22.95 -34.21 -31.60
N SER Q 56 23.09 -34.08 -30.27
CA SER Q 56 22.14 -33.42 -29.41
C SER Q 56 22.87 -32.63 -28.34
N PHE Q 57 22.11 -31.94 -27.47
CA PHE Q 57 22.72 -31.09 -26.47
C PHE Q 57 21.91 -31.06 -25.19
N SER Q 58 22.55 -30.62 -24.11
CA SER Q 58 21.96 -30.53 -22.75
C SER Q 58 21.36 -29.15 -22.50
N LYS Q 59 20.74 -28.95 -21.31
CA LYS Q 59 20.11 -27.70 -20.86
C LYS Q 59 21.02 -26.47 -20.95
N ASP Q 60 22.34 -26.67 -20.77
CA ASP Q 60 23.33 -25.60 -20.80
C ASP Q 60 23.90 -25.40 -22.22
N TRP Q 61 23.30 -26.06 -23.23
CA TRP Q 61 23.64 -25.98 -24.67
C TRP Q 61 24.87 -26.79 -25.06
N SER Q 62 25.50 -27.49 -24.10
CA SER Q 62 26.70 -28.27 -24.45
C SER Q 62 26.29 -29.56 -25.10
N PHE Q 63 27.06 -29.97 -26.08
CA PHE Q 63 26.80 -31.15 -26.89
C PHE Q 63 27.15 -32.47 -26.20
N TYR Q 64 26.56 -33.57 -26.69
CA TYR Q 64 26.87 -34.91 -26.25
C TYR Q 64 26.72 -35.90 -27.39
N LEU Q 65 27.61 -36.91 -27.41
CA LEU Q 65 27.62 -37.99 -28.38
C LEU Q 65 28.01 -39.30 -27.75
N LEU Q 66 27.40 -40.39 -28.22
CA LEU Q 66 27.78 -41.73 -27.81
C LEU Q 66 28.41 -42.46 -28.99
N TYR Q 67 29.67 -42.85 -28.86
CA TYR Q 67 30.41 -43.68 -29.85
C TYR Q 67 30.42 -45.10 -29.30
N TYR Q 68 30.18 -46.10 -30.16
CA TYR Q 68 30.04 -47.48 -29.74
C TYR Q 68 30.37 -48.53 -30.80
N THR Q 69 30.79 -49.71 -30.35
CA THR Q 69 31.09 -50.90 -31.17
C THR Q 69 30.72 -52.18 -30.45
N GLU Q 70 30.17 -53.16 -31.21
CA GLU Q 70 29.88 -54.51 -30.74
C GLU Q 70 31.25 -55.13 -30.59
N PHE Q 71 31.47 -55.82 -29.47
CA PHE Q 71 32.75 -56.42 -29.13
C PHE Q 71 32.56 -57.52 -28.11
N THR Q 72 33.61 -58.37 -27.95
CA THR Q 72 33.66 -59.47 -26.99
C THR Q 72 34.83 -59.15 -26.04
N PRO Q 73 34.57 -58.77 -24.78
CA PRO Q 73 35.69 -58.52 -23.86
C PRO Q 73 36.43 -59.82 -23.52
N THR Q 74 37.74 -59.71 -23.32
CA THR Q 74 38.62 -60.81 -22.91
C THR Q 74 39.40 -60.34 -21.68
N GLU Q 75 40.10 -61.25 -21.04
CA GLU Q 75 40.87 -60.94 -19.85
C GLU Q 75 42.06 -60.01 -20.14
N LYS Q 76 42.69 -60.15 -21.33
CA LYS Q 76 43.91 -59.39 -21.64
C LYS Q 76 43.83 -58.26 -22.70
N ASP Q 77 42.76 -58.19 -23.52
CA ASP Q 77 42.64 -57.12 -24.49
C ASP Q 77 42.37 -55.79 -23.80
N GLU Q 78 43.12 -54.75 -24.18
CA GLU Q 78 43.01 -53.40 -23.62
C GLU Q 78 42.18 -52.49 -24.54
N TYR Q 79 41.19 -51.79 -23.95
CA TYR Q 79 40.34 -50.88 -24.71
C TYR Q 79 40.48 -49.45 -24.21
N ALA Q 80 40.38 -48.49 -25.14
CA ALA Q 80 40.44 -47.06 -24.80
C ALA Q 80 39.64 -46.22 -25.76
N CYS Q 81 39.43 -44.96 -25.40
CA CYS Q 81 38.75 -43.97 -26.21
C CYS Q 81 39.70 -42.77 -26.34
N ARG Q 82 39.98 -42.35 -27.60
CA ARG Q 82 40.85 -41.22 -27.94
C ARG Q 82 39.96 -40.07 -28.48
N VAL Q 83 40.01 -38.92 -27.80
CA VAL Q 83 39.18 -37.76 -28.14
C VAL Q 83 40.01 -36.52 -28.43
N ASN Q 84 39.69 -35.83 -29.55
CA ASN Q 84 40.29 -34.53 -29.84
C ASN Q 84 39.14 -33.50 -30.09
N HIS Q 85 39.35 -32.25 -29.60
CA HIS Q 85 38.44 -31.12 -29.64
C HIS Q 85 39.30 -29.82 -29.67
N VAL Q 86 38.76 -28.65 -30.13
CA VAL Q 86 39.48 -27.36 -30.19
C VAL Q 86 39.97 -26.90 -28.82
N THR Q 87 39.34 -27.38 -27.75
CA THR Q 87 39.73 -27.02 -26.38
C THR Q 87 40.91 -27.90 -25.87
N LEU Q 88 41.33 -28.92 -26.64
CA LEU Q 88 42.39 -29.87 -26.27
C LEU Q 88 43.64 -29.65 -27.11
N SER Q 89 44.78 -29.35 -26.43
CA SER Q 89 46.09 -29.15 -27.03
C SER Q 89 46.65 -30.44 -27.63
N GLN Q 90 46.18 -31.60 -27.14
CA GLN Q 90 46.56 -32.92 -27.63
C GLN Q 90 45.39 -33.90 -27.40
N PRO Q 91 45.22 -34.96 -28.24
CA PRO Q 91 44.13 -35.94 -27.99
C PRO Q 91 44.17 -36.54 -26.58
N LYS Q 92 43.00 -36.65 -25.94
CA LYS Q 92 42.85 -37.21 -24.60
C LYS Q 92 42.49 -38.68 -24.74
N ILE Q 93 43.25 -39.55 -24.03
CA ILE Q 93 43.01 -41.00 -24.05
C ILE Q 93 42.49 -41.45 -22.68
N VAL Q 94 41.31 -42.08 -22.69
CA VAL Q 94 40.69 -42.60 -21.47
C VAL Q 94 40.57 -44.12 -21.68
N LYS Q 95 41.25 -44.89 -20.80
CA LYS Q 95 41.26 -46.35 -20.85
C LYS Q 95 40.00 -46.90 -20.26
N TRP Q 96 39.51 -48.02 -20.81
CA TRP Q 96 38.33 -48.70 -20.31
C TRP Q 96 38.68 -49.47 -19.03
N ASP Q 97 37.89 -49.24 -17.98
CA ASP Q 97 37.98 -49.93 -16.69
C ASP Q 97 36.62 -50.58 -16.50
N ARG Q 98 36.58 -51.93 -16.60
CA ARG Q 98 35.38 -52.77 -16.49
C ARG Q 98 34.63 -52.58 -15.17
N ASP Q 99 35.29 -51.95 -14.16
CA ASP Q 99 34.66 -51.69 -12.85
C ASP Q 99 34.14 -50.26 -12.69
N MET Q 100 34.02 -49.50 -13.81
CA MET Q 100 33.57 -48.11 -13.76
C MET Q 100 32.62 -47.66 -14.89
N LEU R 1 5.76 -34.63 -34.25
CA LEU R 1 5.73 -33.83 -35.47
C LEU R 1 6.33 -32.41 -35.18
N PRO R 2 7.34 -31.94 -35.95
CA PRO R 2 7.92 -30.64 -35.70
C PRO R 2 7.01 -29.46 -36.13
N PHE R 3 7.35 -28.24 -35.67
CA PHE R 3 6.66 -26.98 -35.97
C PHE R 3 7.01 -26.64 -37.43
N ASP R 4 6.02 -26.37 -38.29
CA ASP R 4 6.32 -26.15 -39.72
C ASP R 4 6.38 -24.71 -40.18
N LYS R 5 6.38 -23.74 -39.26
CA LYS R 5 6.50 -22.31 -39.62
C LYS R 5 7.88 -21.86 -39.10
N ALA R 6 8.65 -21.15 -39.91
CA ALA R 6 9.98 -20.71 -39.52
C ALA R 6 10.19 -19.27 -39.92
N THR R 7 10.68 -18.46 -39.02
CA THR R 7 10.90 -17.03 -39.24
C THR R 7 12.38 -16.70 -39.03
N ILE R 8 12.98 -16.11 -40.05
CA ILE R 8 14.38 -15.71 -40.04
C ILE R 8 14.63 -14.76 -38.83
N MET R 9 15.74 -14.99 -38.09
CA MET R 9 16.15 -14.18 -36.95
C MET R 9 16.75 -12.81 -37.34
N SER S 1 -2.05 -26.62 -50.02
CA SER S 1 -2.69 -26.87 -51.31
C SER S 1 -3.54 -28.12 -51.34
N ALA S 2 -2.93 -29.33 -51.70
CA ALA S 2 -3.74 -30.55 -51.89
C ALA S 2 -4.41 -31.01 -50.58
N GLY S 3 -5.72 -31.12 -50.59
CA GLY S 3 -6.46 -31.54 -49.43
C GLY S 3 -7.17 -30.40 -48.75
N GLU S 4 -6.82 -29.16 -49.09
CA GLU S 4 -7.51 -28.04 -48.47
C GLU S 4 -8.41 -27.35 -49.47
N ASN S 5 -9.62 -27.05 -49.05
CA ASN S 5 -10.65 -26.43 -49.87
C ASN S 5 -11.49 -25.59 -48.94
N VAL S 6 -11.50 -24.30 -49.20
CA VAL S 6 -12.21 -23.33 -48.40
C VAL S 6 -13.42 -22.85 -49.18
N GLU S 7 -14.60 -22.86 -48.52
CA GLU S 7 -15.84 -22.40 -49.16
C GLU S 7 -16.48 -21.28 -48.36
N GLN S 8 -16.84 -20.17 -49.04
CA GLN S 8 -17.49 -18.99 -48.42
C GLN S 8 -18.97 -18.98 -48.66
N HIS S 9 -19.72 -18.74 -47.60
CA HIS S 9 -21.18 -18.65 -47.67
C HIS S 9 -21.66 -17.39 -46.96
N PRO S 10 -22.42 -16.48 -47.63
CA PRO S 10 -22.85 -16.51 -49.05
C PRO S 10 -21.81 -15.93 -49.98
N SER S 11 -22.01 -16.03 -51.29
CA SER S 11 -21.12 -15.47 -52.31
C SER S 11 -21.38 -13.97 -52.54
N THR S 12 -22.59 -13.51 -52.16
CA THR S 12 -23.08 -12.13 -52.28
C THR S 12 -23.96 -11.84 -51.08
N LEU S 13 -23.82 -10.65 -50.50
CA LEU S 13 -24.61 -10.28 -49.33
C LEU S 13 -24.96 -8.79 -49.35
N SER S 14 -26.25 -8.48 -49.19
CA SER S 14 -26.74 -7.10 -49.10
C SER S 14 -27.31 -6.90 -47.72
N VAL S 15 -26.84 -5.89 -47.04
CA VAL S 15 -27.27 -5.58 -45.68
C VAL S 15 -27.63 -4.08 -45.61
N GLN S 16 -28.52 -3.72 -44.68
CA GLN S 16 -28.93 -2.33 -44.49
C GLN S 16 -27.99 -1.67 -43.49
N GLU S 17 -27.57 -0.43 -43.77
CA GLU S 17 -26.69 0.33 -42.88
C GLU S 17 -27.19 0.26 -41.42
N GLY S 18 -26.29 -0.11 -40.51
CA GLY S 18 -26.59 -0.27 -39.08
C GLY S 18 -26.89 -1.70 -38.71
N ASP S 19 -27.29 -2.54 -39.68
CA ASP S 19 -27.53 -3.96 -39.41
C ASP S 19 -26.18 -4.72 -39.35
N SER S 20 -26.23 -5.98 -38.87
CA SER S 20 -25.09 -6.87 -38.78
C SER S 20 -24.94 -7.72 -40.04
N ALA S 21 -23.70 -8.10 -40.40
CA ALA S 21 -23.37 -8.96 -41.54
C ALA S 21 -22.51 -10.12 -41.04
N VAL S 22 -22.85 -11.33 -41.48
CA VAL S 22 -22.15 -12.55 -41.10
C VAL S 22 -21.71 -13.31 -42.35
N ILE S 23 -20.42 -13.66 -42.44
CA ILE S 23 -19.89 -14.46 -43.55
C ILE S 23 -19.29 -15.70 -42.90
N LYS S 24 -19.70 -16.88 -43.35
CA LYS S 24 -19.21 -18.15 -42.82
C LYS S 24 -18.35 -18.87 -43.83
N CYS S 25 -17.22 -19.44 -43.36
CA CYS S 25 -16.30 -20.22 -44.17
C CYS S 25 -16.14 -21.60 -43.62
N THR S 26 -15.99 -22.57 -44.48
CA THR S 26 -15.75 -23.96 -44.10
C THR S 26 -14.42 -24.40 -44.69
N TYR S 27 -13.68 -25.22 -43.98
CA TYR S 27 -12.40 -25.76 -44.46
C TYR S 27 -12.38 -27.29 -44.24
N SER S 28 -11.45 -27.99 -44.89
CA SER S 28 -11.41 -29.45 -44.87
C SER S 28 -10.27 -30.08 -44.13
N ASP S 29 -9.10 -29.41 -44.08
CA ASP S 29 -7.86 -30.00 -43.57
C ASP S 29 -7.55 -29.69 -42.12
N SER S 30 -7.02 -30.70 -41.46
CA SER S 30 -6.64 -30.71 -40.04
C SER S 30 -5.32 -29.98 -39.78
N ALA S 31 -4.50 -29.79 -40.84
CA ALA S 31 -3.24 -29.07 -40.74
C ALA S 31 -3.45 -27.55 -40.83
N SER S 32 -4.74 -27.11 -40.96
CA SER S 32 -5.09 -25.68 -40.96
C SER S 32 -5.14 -25.19 -39.53
N ASN S 33 -4.32 -24.20 -39.19
CA ASN S 33 -4.32 -23.64 -37.84
C ASN S 33 -4.32 -22.15 -37.88
N TYR S 34 -4.26 -21.55 -39.10
CA TYR S 34 -4.22 -20.09 -39.27
C TYR S 34 -5.33 -19.70 -40.26
N PHE S 35 -6.18 -18.73 -39.85
CA PHE S 35 -7.39 -18.33 -40.58
C PHE S 35 -7.54 -16.84 -40.70
N PRO S 36 -6.98 -16.25 -41.78
CA PRO S 36 -7.12 -14.81 -41.97
C PRO S 36 -8.34 -14.36 -42.77
N TRP S 37 -8.73 -13.07 -42.63
CA TRP S 37 -9.82 -12.42 -43.36
C TRP S 37 -9.27 -11.17 -44.02
N TYR S 38 -9.52 -11.03 -45.33
CA TYR S 38 -9.09 -9.89 -46.15
C TYR S 38 -10.29 -9.14 -46.68
N LYS S 39 -10.15 -7.82 -46.76
CA LYS S 39 -11.15 -6.93 -47.32
C LYS S 39 -10.55 -6.30 -48.59
N GLN S 40 -11.18 -6.51 -49.74
CA GLN S 40 -10.73 -5.93 -50.99
C GLN S 40 -11.76 -4.96 -51.61
N GLU S 41 -11.41 -3.65 -51.62
CA GLU S 41 -12.22 -2.61 -52.26
C GLU S 41 -11.92 -2.64 -53.76
N LEU S 42 -12.86 -2.22 -54.61
CA LEU S 42 -12.71 -2.26 -56.08
C LEU S 42 -11.43 -1.58 -56.57
N GLY S 43 -10.68 -2.30 -57.41
CA GLY S 43 -9.39 -1.87 -57.98
C GLY S 43 -8.23 -1.80 -57.01
N LYS S 44 -8.45 -2.15 -55.72
CA LYS S 44 -7.45 -2.06 -54.67
C LYS S 44 -6.94 -3.43 -54.20
N ARG S 45 -5.99 -3.44 -53.27
CA ARG S 45 -5.41 -4.68 -52.77
C ARG S 45 -6.24 -5.31 -51.66
N PRO S 46 -6.22 -6.64 -51.50
CA PRO S 46 -6.87 -7.24 -50.32
C PRO S 46 -6.10 -6.79 -49.08
N GLN S 47 -6.82 -6.29 -48.07
CA GLN S 47 -6.20 -5.81 -46.83
C GLN S 47 -6.57 -6.73 -45.72
N LEU S 48 -5.59 -7.13 -44.90
CA LEU S 48 -5.86 -7.99 -43.76
C LEU S 48 -6.63 -7.20 -42.70
N ILE S 49 -7.81 -7.71 -42.30
CA ILE S 49 -8.64 -7.01 -41.33
C ILE S 49 -8.63 -7.69 -39.96
N ILE S 50 -8.59 -9.03 -39.94
CA ILE S 50 -8.57 -9.83 -38.70
C ILE S 50 -8.18 -11.24 -39.08
N ASP S 51 -7.70 -12.02 -38.10
CA ASP S 51 -7.37 -13.41 -38.28
C ASP S 51 -7.56 -14.15 -36.96
N ILE S 52 -7.54 -15.47 -37.00
CA ILE S 52 -7.71 -16.28 -35.80
C ILE S 52 -6.87 -17.55 -35.98
N ARG S 53 -6.46 -18.16 -34.87
CA ARG S 53 -5.71 -19.43 -34.88
C ARG S 53 -6.54 -20.51 -34.17
N SER S 54 -6.18 -21.77 -34.38
CA SER S 54 -6.87 -22.97 -33.90
C SER S 54 -7.02 -23.10 -32.36
N ASN S 55 -6.27 -22.34 -31.54
CA ASN S 55 -6.37 -22.44 -30.08
C ASN S 55 -7.31 -21.37 -29.48
N VAL S 56 -7.96 -20.57 -30.33
CA VAL S 56 -8.84 -19.45 -29.95
C VAL S 56 -10.21 -19.70 -30.56
N GLY S 57 -11.26 -19.50 -29.75
CA GLY S 57 -12.64 -19.69 -30.18
C GLY S 57 -13.24 -18.43 -30.77
N GLU S 58 -12.79 -17.27 -30.29
CA GLU S 58 -13.31 -15.97 -30.72
C GLU S 58 -12.32 -14.86 -30.52
N LYS S 59 -12.27 -13.93 -31.45
CA LYS S 59 -11.41 -12.74 -31.38
C LYS S 59 -12.25 -11.55 -31.87
N LYS S 60 -12.18 -10.43 -31.16
CA LYS S 60 -12.99 -9.23 -31.46
C LYS S 60 -12.13 -7.98 -31.53
N ASP S 61 -12.33 -7.17 -32.57
CA ASP S 61 -11.67 -5.90 -32.79
C ASP S 61 -12.74 -4.86 -33.17
N GLN S 62 -13.22 -4.13 -32.15
CA GLN S 62 -14.25 -3.08 -32.24
C GLN S 62 -15.55 -3.64 -32.86
N ARG S 63 -15.90 -3.20 -34.08
CA ARG S 63 -17.09 -3.60 -34.82
C ARG S 63 -16.97 -4.96 -35.52
N ILE S 64 -15.75 -5.51 -35.64
CA ILE S 64 -15.57 -6.80 -36.30
C ILE S 64 -15.10 -7.87 -35.30
N ALA S 65 -15.49 -9.11 -35.56
CA ALA S 65 -15.17 -10.25 -34.75
C ALA S 65 -15.05 -11.47 -35.66
N VAL S 66 -14.33 -12.48 -35.19
CA VAL S 66 -14.15 -13.75 -35.90
C VAL S 66 -14.34 -14.87 -34.89
N THR S 67 -15.05 -15.91 -35.29
CA THR S 67 -15.28 -17.07 -34.42
C THR S 67 -14.84 -18.31 -35.15
N LEU S 68 -14.35 -19.29 -34.41
CA LEU S 68 -13.86 -20.52 -35.00
C LEU S 68 -14.41 -21.75 -34.28
N ASN S 69 -14.84 -22.74 -35.07
CA ASN S 69 -15.29 -24.04 -34.58
C ASN S 69 -14.37 -25.04 -35.25
N LYS S 70 -13.29 -25.42 -34.56
CA LYS S 70 -12.32 -26.32 -35.18
C LYS S 70 -12.79 -27.77 -35.30
N THR S 71 -13.75 -28.19 -34.47
CA THR S 71 -14.29 -29.57 -34.54
C THR S 71 -15.16 -29.71 -35.78
N ALA S 72 -16.05 -28.73 -36.02
CA ALA S 72 -16.93 -28.72 -37.18
C ALA S 72 -16.23 -28.19 -38.45
N LYS S 73 -15.04 -27.56 -38.27
CA LYS S 73 -14.20 -26.98 -39.34
C LYS S 73 -14.91 -25.82 -40.06
N HIS S 74 -15.32 -24.83 -39.30
CA HIS S 74 -15.92 -23.62 -39.85
C HIS S 74 -15.58 -22.43 -39.02
N PHE S 75 -15.51 -21.27 -39.68
CA PHE S 75 -15.15 -20.03 -39.01
C PHE S 75 -15.94 -18.90 -39.63
N SER S 76 -16.29 -17.89 -38.83
CA SER S 76 -17.13 -16.81 -39.34
C SER S 76 -16.62 -15.43 -39.04
N LEU S 77 -16.92 -14.49 -39.93
CA LEU S 77 -16.66 -13.05 -39.76
C LEU S 77 -18.00 -12.36 -39.41
N HIS S 78 -18.01 -11.54 -38.36
CA HIS S 78 -19.18 -10.81 -37.87
C HIS S 78 -18.88 -9.31 -37.92
N ILE S 79 -19.62 -8.55 -38.78
CA ILE S 79 -19.50 -7.09 -38.88
C ILE S 79 -20.76 -6.46 -38.25
N THR S 80 -20.54 -5.75 -37.17
CA THR S 80 -21.54 -5.08 -36.35
C THR S 80 -21.71 -3.62 -36.84
N GLU S 81 -22.97 -3.08 -36.74
CA GLU S 81 -23.35 -1.71 -37.14
C GLU S 81 -22.70 -1.31 -38.45
N THR S 82 -22.99 -2.09 -39.51
CA THR S 82 -22.42 -1.86 -40.82
C THR S 82 -22.50 -0.41 -41.28
N GLN S 83 -21.48 0.00 -42.03
CA GLN S 83 -21.34 1.32 -42.61
C GLN S 83 -21.18 1.12 -44.11
N PRO S 84 -21.59 2.08 -44.99
CA PRO S 84 -21.40 1.87 -46.44
C PRO S 84 -19.96 1.59 -46.88
N GLU S 85 -18.97 2.06 -46.10
CA GLU S 85 -17.53 1.90 -46.32
C GLU S 85 -17.04 0.46 -46.09
N ASP S 86 -17.91 -0.42 -45.53
CA ASP S 86 -17.63 -1.85 -45.34
C ASP S 86 -17.91 -2.59 -46.62
N SER S 87 -18.55 -1.93 -47.60
CA SER S 87 -18.86 -2.55 -48.88
C SER S 87 -17.55 -2.87 -49.61
N ALA S 88 -17.32 -4.18 -49.87
CA ALA S 88 -16.11 -4.73 -50.48
C ALA S 88 -16.30 -6.21 -50.71
N VAL S 89 -15.27 -6.86 -51.29
CA VAL S 89 -15.21 -8.30 -51.42
C VAL S 89 -14.38 -8.78 -50.22
N TYR S 90 -14.89 -9.73 -49.45
CA TYR S 90 -14.22 -10.27 -48.26
C TYR S 90 -13.78 -11.66 -48.60
N PHE S 91 -12.53 -12.01 -48.25
CA PHE S 91 -11.96 -13.33 -48.49
C PHE S 91 -11.48 -13.90 -47.19
N CYS S 92 -11.73 -15.18 -47.00
CA CYS S 92 -11.23 -15.92 -45.87
C CYS S 92 -10.21 -16.88 -46.45
N ALA S 93 -9.32 -17.41 -45.61
CA ALA S 93 -8.31 -18.38 -46.04
C ALA S 93 -7.99 -19.32 -44.88
N ALA S 94 -7.30 -20.40 -45.19
CA ALA S 94 -6.82 -21.42 -44.27
C ALA S 94 -5.42 -21.82 -44.78
N ASP S 95 -4.52 -22.27 -43.91
CA ASP S 95 -3.14 -22.61 -44.31
C ASP S 95 -2.83 -24.11 -44.41
N GLY S 96 -3.86 -24.96 -44.30
CA GLY S 96 -3.71 -26.42 -44.33
C GLY S 96 -3.45 -27.03 -45.68
N GLY S 97 -3.46 -28.35 -45.73
CA GLY S 97 -3.22 -29.08 -46.98
C GLY S 97 -1.79 -29.59 -47.07
N ALA S 98 -1.53 -30.49 -48.00
CA ALA S 98 -0.22 -31.09 -48.19
C ALA S 98 0.41 -30.61 -49.49
N GLY S 99 1.69 -30.83 -49.64
CA GLY S 99 2.41 -30.35 -50.81
C GLY S 99 2.99 -28.94 -50.59
N SER S 100 3.12 -28.20 -51.66
CA SER S 100 3.63 -26.85 -51.70
C SER S 100 2.86 -25.93 -50.73
N TYR S 101 3.57 -25.16 -49.89
CA TYR S 101 2.92 -24.27 -48.94
C TYR S 101 2.21 -23.09 -49.61
N GLN S 102 1.01 -22.77 -49.14
CA GLN S 102 0.19 -21.68 -49.64
C GLN S 102 -0.99 -21.44 -48.72
N LEU S 103 -1.62 -20.26 -48.84
CA LEU S 103 -2.86 -20.01 -48.15
C LEU S 103 -3.92 -20.49 -49.13
N THR S 104 -4.98 -21.16 -48.67
CA THR S 104 -6.07 -21.56 -49.57
C THR S 104 -7.21 -20.55 -49.34
N PHE S 105 -7.53 -19.73 -50.35
CA PHE S 105 -8.58 -18.72 -50.25
C PHE S 105 -9.97 -19.21 -50.67
N GLY S 106 -10.99 -18.71 -49.98
CA GLY S 106 -12.39 -18.86 -50.40
C GLY S 106 -12.54 -18.00 -51.65
N LYS S 107 -13.65 -18.14 -52.41
CA LYS S 107 -13.82 -17.41 -53.67
C LYS S 107 -14.33 -15.97 -53.52
N GLY S 108 -14.58 -15.54 -52.28
CA GLY S 108 -15.05 -14.19 -51.99
C GLY S 108 -16.53 -14.04 -51.71
N THR S 109 -16.86 -12.99 -50.97
CA THR S 109 -18.22 -12.57 -50.65
C THR S 109 -18.29 -11.08 -50.96
N LYS S 110 -19.12 -10.70 -51.94
CA LYS S 110 -19.33 -9.29 -52.26
C LYS S 110 -20.35 -8.76 -51.25
N LEU S 111 -19.91 -7.93 -50.30
CA LEU S 111 -20.77 -7.32 -49.29
C LEU S 111 -21.21 -5.93 -49.78
N SER S 112 -22.52 -5.66 -49.76
CA SER S 112 -23.09 -4.37 -50.16
C SER S 112 -23.86 -3.81 -48.99
N VAL S 113 -23.39 -2.70 -48.43
CA VAL S 113 -24.06 -2.05 -47.30
C VAL S 113 -24.89 -0.90 -47.87
N ILE S 114 -26.23 -1.08 -47.85
CA ILE S 114 -27.24 -0.15 -48.38
C ILE S 114 -27.32 1.08 -47.46
N PRO S 115 -26.93 2.30 -47.93
CA PRO S 115 -26.99 3.47 -47.03
C PRO S 115 -28.40 3.86 -46.59
N ASN S 116 -28.52 4.37 -45.36
CA ASN S 116 -29.80 4.80 -44.83
C ASN S 116 -30.12 6.26 -45.25
N ILE S 117 -31.14 6.41 -46.14
CA ILE S 117 -31.64 7.71 -46.63
C ILE S 117 -32.88 8.01 -45.75
N GLN S 118 -32.75 8.93 -44.77
CA GLN S 118 -33.82 9.26 -43.83
C GLN S 118 -34.94 10.11 -44.44
N ASN S 119 -34.55 11.17 -45.19
CA ASN S 119 -35.51 12.08 -45.80
C ASN S 119 -35.37 12.13 -47.33
N PRO S 120 -35.84 11.08 -48.06
CA PRO S 120 -35.77 11.12 -49.53
C PRO S 120 -36.62 12.24 -50.13
N ASP S 121 -36.12 12.84 -51.22
CA ASP S 121 -36.75 13.95 -51.92
C ASP S 121 -36.40 13.80 -53.41
N PRO S 122 -36.83 12.70 -54.06
CA PRO S 122 -36.41 12.44 -55.44
C PRO S 122 -36.67 13.58 -56.42
N ALA S 123 -35.72 13.82 -57.35
CA ALA S 123 -35.82 14.86 -58.37
C ALA S 123 -34.88 14.63 -59.53
N VAL S 124 -35.26 15.12 -60.72
CA VAL S 124 -34.46 15.05 -61.93
C VAL S 124 -34.17 16.51 -62.38
N TYR S 125 -32.92 16.97 -62.16
CA TYR S 125 -32.47 18.31 -62.51
C TYR S 125 -31.64 18.31 -63.78
N GLN S 126 -31.68 19.44 -64.50
CA GLN S 126 -30.88 19.59 -65.71
C GLN S 126 -29.74 20.53 -65.36
N LEU S 127 -28.53 20.17 -65.77
CA LEU S 127 -27.31 20.89 -65.45
C LEU S 127 -26.67 21.35 -66.74
N ARG S 128 -26.38 22.65 -66.88
CA ARG S 128 -25.79 23.15 -68.12
C ARG S 128 -24.26 23.15 -68.09
N ASP S 129 -23.61 22.93 -69.27
CA ASP S 129 -22.14 22.94 -69.42
C ASP S 129 -21.61 24.36 -69.18
N SER S 130 -20.54 24.47 -68.37
CA SER S 130 -19.92 25.77 -68.05
C SER S 130 -19.18 26.42 -69.25
N LYS S 131 -18.64 25.62 -70.21
CA LYS S 131 -17.90 26.13 -71.38
C LYS S 131 -18.85 26.61 -72.48
N SER S 132 -19.54 25.67 -73.14
CA SER S 132 -20.52 26.00 -74.18
C SER S 132 -21.87 25.44 -73.79
N SER S 133 -22.72 26.32 -73.24
CA SER S 133 -24.09 26.16 -72.74
C SER S 133 -25.02 25.22 -73.57
N ASP S 134 -24.68 24.92 -74.85
CA ASP S 134 -25.51 24.01 -75.66
C ASP S 134 -25.55 22.57 -75.10
N LYS S 135 -24.44 22.11 -74.48
CA LYS S 135 -24.32 20.79 -73.87
C LYS S 135 -24.90 20.77 -72.45
N SER S 136 -25.63 19.69 -72.10
CA SER S 136 -26.23 19.51 -70.77
C SER S 136 -26.28 18.02 -70.32
N VAL S 137 -26.50 17.78 -69.01
CA VAL S 137 -26.63 16.46 -68.39
C VAL S 137 -27.84 16.46 -67.45
N CYS S 138 -28.40 15.27 -67.21
CA CYS S 138 -29.54 15.07 -66.33
C CYS S 138 -29.04 14.42 -65.04
N LEU S 139 -29.48 14.95 -63.91
CA LEU S 139 -29.09 14.43 -62.61
C LEU S 139 -30.30 13.96 -61.83
N PHE S 140 -30.40 12.63 -61.62
CA PHE S 140 -31.44 12.06 -60.78
C PHE S 140 -30.81 11.96 -59.41
N THR S 141 -31.40 12.58 -58.40
CA THR S 141 -30.83 12.64 -57.06
C THR S 141 -31.88 12.60 -55.95
N ASP S 142 -31.43 12.39 -54.71
CA ASP S 142 -32.15 12.39 -53.43
C ASP S 142 -33.23 11.29 -53.33
N PHE S 143 -33.13 10.26 -54.19
CA PHE S 143 -34.01 9.10 -54.14
C PHE S 143 -33.55 8.14 -53.02
N ASP S 144 -34.50 7.34 -52.48
CA ASP S 144 -34.20 6.38 -51.42
C ASP S 144 -33.32 5.20 -51.94
N SER S 145 -32.68 4.49 -51.02
CA SER S 145 -31.74 3.40 -51.35
C SER S 145 -32.37 2.13 -51.93
N GLN S 146 -33.67 1.89 -51.74
CA GLN S 146 -34.35 0.74 -52.34
C GLN S 146 -34.74 1.06 -53.80
N THR S 147 -34.32 2.24 -54.33
CA THR S 147 -34.59 2.67 -55.71
C THR S 147 -33.48 2.17 -56.61
N ASN S 148 -33.86 1.71 -57.81
CA ASN S 148 -32.91 1.21 -58.78
C ASN S 148 -32.89 2.06 -60.03
N VAL S 149 -31.69 2.23 -60.58
CA VAL S 149 -31.43 3.04 -61.78
C VAL S 149 -31.05 2.09 -62.91
N SER S 150 -32.00 1.80 -63.78
CA SER S 150 -31.76 0.89 -64.91
C SER S 150 -31.33 1.66 -66.15
N GLN S 151 -30.69 0.96 -67.08
CA GLN S 151 -30.23 1.47 -68.36
C GLN S 151 -31.42 1.90 -69.23
N SER S 152 -31.18 2.78 -70.21
CA SER S 152 -32.26 3.25 -71.08
C SER S 152 -32.47 2.35 -72.29
N LYS S 153 -33.74 2.29 -72.75
CA LYS S 153 -34.19 1.54 -73.92
C LYS S 153 -33.47 2.08 -75.18
N ASP S 154 -33.20 3.40 -75.22
CA ASP S 154 -32.50 4.09 -76.31
C ASP S 154 -31.00 3.80 -76.21
N SER S 155 -30.39 3.38 -77.33
CA SER S 155 -28.96 3.04 -77.43
C SER S 155 -28.00 4.22 -77.30
N ASP S 156 -28.30 5.37 -77.94
CA ASP S 156 -27.44 6.56 -77.91
C ASP S 156 -27.71 7.45 -76.65
N VAL S 157 -28.26 6.84 -75.59
CA VAL S 157 -28.54 7.48 -74.30
C VAL S 157 -27.76 6.73 -73.20
N TYR S 158 -26.91 7.46 -72.44
CA TYR S 158 -26.10 6.84 -71.39
C TYR S 158 -26.60 7.19 -70.01
N ILE S 159 -26.74 6.17 -69.16
CA ILE S 159 -27.19 6.32 -67.77
C ILE S 159 -26.18 5.58 -66.89
N THR S 160 -25.62 6.28 -65.90
CA THR S 160 -24.66 5.72 -64.95
C THR S 160 -25.46 5.00 -63.85
N ASP S 161 -24.78 4.19 -63.03
CA ASP S 161 -25.43 3.52 -61.91
C ASP S 161 -25.56 4.54 -60.78
N LYS S 162 -26.29 4.20 -59.70
CA LYS S 162 -26.41 5.07 -58.55
C LYS S 162 -25.06 5.15 -57.84
N CYS S 163 -24.87 6.22 -57.08
CA CYS S 163 -23.63 6.51 -56.42
C CYS S 163 -24.00 7.35 -55.19
N VAL S 164 -23.50 6.98 -54.00
CA VAL S 164 -23.84 7.71 -52.77
C VAL S 164 -22.69 8.65 -52.36
N LEU S 165 -23.01 9.94 -52.12
CA LEU S 165 -22.07 10.92 -51.62
C LEU S 165 -22.38 11.25 -50.17
N ASP S 166 -21.35 11.57 -49.39
CA ASP S 166 -21.52 11.88 -47.98
C ASP S 166 -20.98 13.29 -47.70
N MET S 167 -21.87 14.19 -47.25
CA MET S 167 -21.52 15.55 -46.84
C MET S 167 -21.33 15.44 -45.33
N ARG S 168 -20.15 14.91 -44.94
CA ARG S 168 -19.69 14.58 -43.58
C ARG S 168 -20.03 15.64 -42.53
N SER S 169 -19.77 16.93 -42.84
CA SER S 169 -20.02 18.09 -41.98
C SER S 169 -21.48 18.24 -41.55
N MET S 170 -22.42 18.05 -42.49
CA MET S 170 -23.86 18.16 -42.30
C MET S 170 -24.54 16.87 -41.82
N ASP S 171 -23.79 15.74 -41.76
CA ASP S 171 -24.29 14.39 -41.41
C ASP S 171 -25.44 14.02 -42.38
N PHE S 172 -25.18 14.26 -43.68
CA PHE S 172 -26.11 14.07 -44.77
C PHE S 172 -25.52 13.21 -45.88
N LYS S 173 -26.28 12.17 -46.31
CA LYS S 173 -25.93 11.25 -47.39
C LYS S 173 -27.01 11.34 -48.48
N SER S 174 -26.63 11.21 -49.76
CA SER S 174 -27.58 11.24 -50.86
C SER S 174 -27.12 10.42 -52.07
N ASN S 175 -28.07 9.72 -52.75
CA ASN S 175 -27.82 8.94 -53.95
C ASN S 175 -28.06 9.77 -55.17
N SER S 176 -27.40 9.41 -56.29
CA SER S 176 -27.53 10.13 -57.54
C SER S 176 -27.01 9.30 -58.69
N ALA S 177 -27.53 9.58 -59.89
CA ALA S 177 -27.16 8.91 -61.13
C ALA S 177 -27.22 9.99 -62.18
N VAL S 178 -26.44 9.85 -63.25
CA VAL S 178 -26.32 10.86 -64.29
C VAL S 178 -26.70 10.26 -65.61
N ALA S 179 -27.34 11.08 -66.47
CA ALA S 179 -27.73 10.67 -67.81
C ALA S 179 -27.41 11.76 -68.79
N TRP S 180 -27.05 11.39 -70.01
CA TRP S 180 -26.74 12.31 -71.08
C TRP S 180 -26.87 11.62 -72.41
N SER S 181 -26.92 12.42 -73.50
CA SER S 181 -27.03 11.96 -74.88
C SER S 181 -26.46 12.99 -75.85
N ASN S 182 -26.07 12.54 -77.05
CA ASN S 182 -25.54 13.40 -78.11
C ASN S 182 -26.68 13.87 -79.02
N LYS S 183 -27.83 13.17 -78.95
CA LYS S 183 -29.05 13.40 -79.73
C LYS S 183 -29.72 14.76 -79.44
N SER S 184 -30.43 15.31 -80.46
CA SER S 184 -31.16 16.57 -80.41
C SER S 184 -32.50 16.44 -79.67
N ASP S 185 -33.17 15.28 -79.86
CA ASP S 185 -34.47 14.91 -79.27
C ASP S 185 -34.43 14.73 -77.74
N PHE S 186 -33.21 14.58 -77.17
CA PHE S 186 -32.89 14.34 -75.77
C PHE S 186 -33.52 15.36 -74.78
N ALA S 187 -34.37 14.83 -73.86
CA ALA S 187 -35.08 15.57 -72.81
C ALA S 187 -34.98 14.80 -71.49
N CYS S 188 -34.60 15.51 -70.40
CA CYS S 188 -34.42 14.94 -69.05
C CYS S 188 -35.64 14.36 -68.43
N ALA S 189 -36.79 15.05 -68.60
CA ALA S 189 -38.09 14.72 -68.00
C ALA S 189 -38.40 13.23 -67.88
N ASN S 190 -38.11 12.49 -68.96
CA ASN S 190 -38.33 11.06 -69.16
C ASN S 190 -37.03 10.22 -69.33
N ALA S 191 -35.85 10.80 -69.02
CA ALA S 191 -34.55 10.12 -69.18
C ALA S 191 -34.37 8.89 -68.28
N PHE S 192 -34.75 9.00 -67.01
CA PHE S 192 -34.64 7.93 -66.03
C PHE S 192 -35.93 7.07 -65.93
N ASN S 193 -36.93 7.32 -66.83
CA ASN S 193 -38.25 6.66 -66.82
C ASN S 193 -38.54 5.77 -68.08
N ASN S 194 -37.48 5.30 -68.76
CA ASN S 194 -37.57 4.43 -69.95
C ASN S 194 -36.66 3.17 -69.75
N SER S 195 -36.72 2.60 -68.53
CA SER S 195 -35.94 1.43 -68.09
C SER S 195 -36.10 0.19 -68.97
N ILE S 196 -35.08 -0.71 -68.97
CA ILE S 196 -35.09 -1.95 -69.77
C ILE S 196 -36.07 -2.99 -69.22
N ILE S 197 -36.55 -3.85 -70.13
CA ILE S 197 -37.50 -4.95 -69.99
C ILE S 197 -36.91 -6.21 -70.71
N PRO S 198 -37.32 -7.49 -70.45
CA PRO S 198 -36.72 -8.62 -71.17
C PRO S 198 -36.89 -8.64 -72.69
N GLU S 199 -37.79 -7.79 -73.24
CA GLU S 199 -38.09 -7.62 -74.69
C GLU S 199 -38.45 -8.94 -75.39
N ALA T 1 1.43 -1.02 -48.26
CA ALA T 1 2.11 -0.77 -46.99
C ALA T 1 3.48 -1.49 -46.89
N VAL T 2 3.53 -2.77 -46.47
CA VAL T 2 4.80 -3.47 -46.29
C VAL T 2 5.25 -4.25 -47.57
N VAL T 3 4.35 -4.46 -48.58
CA VAL T 3 4.70 -5.16 -49.84
C VAL T 3 4.32 -4.22 -50.96
N SER T 4 5.20 -4.02 -51.93
CA SER T 4 4.84 -3.14 -53.03
C SER T 4 5.12 -3.78 -54.36
N GLN T 5 4.61 -3.19 -55.41
CA GLN T 5 4.84 -3.65 -56.80
C GLN T 5 5.18 -2.47 -57.67
N HIS T 6 5.86 -2.74 -58.77
CA HIS T 6 6.18 -1.77 -59.80
C HIS T 6 6.20 -2.48 -61.14
N PRO T 7 5.58 -1.94 -62.21
CA PRO T 7 4.74 -0.72 -62.26
C PRO T 7 3.36 -0.97 -61.69
N SER T 8 2.57 0.06 -61.48
CA SER T 8 1.21 -0.14 -60.98
C SER T 8 0.21 -0.28 -62.15
N ARG T 9 0.62 0.17 -63.35
CA ARG T 9 -0.16 0.13 -64.59
C ARG T 9 0.72 0.10 -65.82
N VAL T 10 0.33 -0.74 -66.78
CA VAL T 10 1.06 -0.95 -68.03
C VAL T 10 0.10 -0.96 -69.18
N ILE T 11 0.38 -0.14 -70.19
CA ILE T 11 -0.31 -0.17 -71.48
C ILE T 11 0.76 -0.54 -72.48
N CYS T 12 0.58 -1.68 -73.16
CA CYS T 12 1.61 -2.09 -74.12
C CYS T 12 1.02 -2.74 -75.36
N LYS T 13 1.81 -2.74 -76.43
CA LYS T 13 1.44 -3.36 -77.68
C LYS T 13 1.72 -4.86 -77.57
N SER T 14 0.94 -5.66 -78.31
CA SER T 14 1.11 -7.10 -78.37
C SER T 14 2.55 -7.46 -78.78
N GLY T 15 3.05 -8.57 -78.23
CA GLY T 15 4.40 -9.03 -78.51
C GLY T 15 5.46 -8.55 -77.53
N THR T 16 5.16 -7.49 -76.75
CA THR T 16 6.13 -6.98 -75.78
C THR T 16 6.21 -7.87 -74.51
N SER T 17 7.34 -7.83 -73.84
CA SER T 17 7.54 -8.55 -72.59
C SER T 17 7.35 -7.55 -71.43
N VAL T 18 6.53 -7.91 -70.44
CA VAL T 18 6.26 -7.02 -69.32
C VAL T 18 6.77 -7.62 -68.00
N LYS T 19 7.72 -6.94 -67.36
CA LYS T 19 8.31 -7.34 -66.08
C LYS T 19 7.60 -6.58 -64.96
N ILE T 20 7.13 -7.32 -63.95
CA ILE T 20 6.43 -6.73 -62.79
C ILE T 20 7.23 -7.17 -61.58
N GLU T 21 7.56 -6.22 -60.71
CA GLU T 21 8.33 -6.44 -59.48
C GLU T 21 7.41 -6.56 -58.29
N CYS T 22 7.77 -7.43 -57.36
CA CYS T 22 7.09 -7.58 -56.08
C CYS T 22 8.21 -7.42 -55.04
N ARG T 23 8.08 -6.45 -54.13
CA ARG T 23 9.11 -6.17 -53.13
C ARG T 23 8.58 -6.14 -51.71
N SER T 24 9.25 -6.87 -50.80
CA SER T 24 8.91 -6.78 -49.39
C SER T 24 9.77 -5.59 -48.87
N LEU T 25 9.10 -4.51 -48.51
CA LEU T 25 9.77 -3.25 -48.15
C LEU T 25 10.46 -3.22 -46.79
N ASP T 26 9.98 -4.02 -45.83
CA ASP T 26 10.60 -3.98 -44.51
C ASP T 26 10.82 -5.35 -43.87
N PHE T 27 10.90 -6.40 -44.68
CA PHE T 27 11.14 -7.75 -44.17
C PHE T 27 11.74 -8.59 -45.26
N GLN T 28 12.42 -9.69 -44.88
CA GLN T 28 13.01 -10.65 -45.81
C GLN T 28 11.98 -11.75 -46.09
N ALA T 29 11.80 -12.10 -47.35
CA ALA T 29 10.84 -13.12 -47.77
C ALA T 29 11.51 -14.19 -48.60
N THR T 30 11.42 -15.45 -48.15
CA THR T 30 11.95 -16.62 -48.87
C THR T 30 10.91 -17.03 -49.94
N THR T 31 9.69 -16.46 -49.90
CA THR T 31 8.63 -16.89 -50.81
C THR T 31 7.67 -15.75 -51.10
N MET T 32 7.23 -15.67 -52.34
CA MET T 32 6.22 -14.72 -52.79
C MET T 32 5.21 -15.44 -53.67
N PHE T 33 3.97 -14.98 -53.64
CA PHE T 33 2.86 -15.60 -54.36
C PHE T 33 2.35 -14.63 -55.37
N TRP T 34 2.11 -15.11 -56.61
CA TRP T 34 1.61 -14.30 -57.70
C TRP T 34 0.22 -14.75 -58.06
N TYR T 35 -0.71 -13.80 -58.12
CA TYR T 35 -2.12 -13.99 -58.43
C TYR T 35 -2.52 -13.15 -59.62
N ARG T 36 -3.64 -13.57 -60.25
CA ARG T 36 -4.29 -12.89 -61.36
C ARG T 36 -5.74 -12.70 -60.93
N GLN T 37 -6.28 -11.52 -61.16
CA GLN T 37 -7.69 -11.24 -60.89
C GLN T 37 -8.29 -10.72 -62.17
N PHE T 38 -8.93 -11.60 -62.96
CA PHE T 38 -9.55 -11.30 -64.27
C PHE T 38 -10.94 -10.62 -64.02
N PRO T 39 -11.97 -10.56 -64.93
CA PRO T 39 -13.25 -9.91 -64.53
C PRO T 39 -13.86 -10.48 -63.24
N LYS T 40 -13.44 -11.72 -62.90
CA LYS T 40 -13.83 -12.46 -61.70
C LYS T 40 -13.19 -11.83 -60.45
N GLN T 41 -13.97 -11.76 -59.38
CA GLN T 41 -13.52 -11.21 -58.10
C GLN T 41 -12.53 -12.12 -57.39
N SER T 42 -12.44 -13.41 -57.74
CA SER T 42 -11.62 -14.32 -56.95
C SER T 42 -10.11 -14.25 -57.28
N LEU T 43 -9.28 -14.56 -56.28
CA LEU T 43 -7.83 -14.54 -56.36
C LEU T 43 -7.35 -15.85 -56.94
N MET T 44 -6.86 -15.81 -58.17
CA MET T 44 -6.37 -16.99 -58.85
C MET T 44 -4.84 -17.12 -58.67
N LEU T 45 -4.38 -18.08 -57.85
CA LEU T 45 -2.94 -18.32 -57.68
C LEU T 45 -2.34 -18.82 -58.97
N MET T 46 -1.31 -18.14 -59.46
CA MET T 46 -0.61 -18.56 -60.69
C MET T 46 0.66 -19.32 -60.36
N ALA T 47 1.47 -18.80 -59.44
CA ALA T 47 2.76 -19.39 -59.09
C ALA T 47 3.26 -18.92 -57.75
N THR T 48 4.21 -19.68 -57.22
CA THR T 48 4.90 -19.45 -55.97
C THR T 48 6.37 -19.32 -56.33
N SER T 49 6.94 -18.16 -56.01
CA SER T 49 8.33 -17.77 -56.19
C SER T 49 9.08 -18.27 -54.97
N ASN T 50 10.15 -19.02 -55.16
CA ASN T 50 10.93 -19.60 -54.04
C ASN T 50 12.35 -19.16 -54.06
N GLU T 51 12.83 -18.64 -52.96
CA GLU T 51 14.26 -18.30 -52.91
C GLU T 51 15.06 -19.64 -52.84
N GLY T 52 16.06 -19.90 -53.66
CA GLY T 52 16.44 -19.29 -54.92
C GLY T 52 15.95 -20.28 -55.97
N SER T 53 15.43 -21.51 -55.49
CA SER T 53 14.80 -22.65 -56.20
C SER T 53 13.88 -22.18 -57.33
N LYS T 54 13.54 -23.07 -58.28
CA LYS T 54 12.64 -22.73 -59.39
C LYS T 54 11.20 -22.56 -58.88
N ALA T 55 10.44 -21.71 -59.58
CA ALA T 55 9.06 -21.40 -59.23
C ALA T 55 8.17 -22.64 -59.31
N THR T 56 7.11 -22.67 -58.50
CA THR T 56 6.10 -23.72 -58.44
C THR T 56 4.89 -23.12 -59.14
N TYR T 57 4.56 -23.62 -60.33
CA TYR T 57 3.41 -23.16 -61.10
C TYR T 57 2.15 -23.93 -60.79
N GLU T 58 1.00 -23.23 -60.80
CA GLU T 58 -0.29 -23.86 -60.60
C GLU T 58 -0.72 -24.54 -61.91
N GLN T 59 -1.68 -25.50 -61.81
CA GLN T 59 -2.20 -26.25 -62.95
C GLN T 59 -2.83 -25.34 -63.99
N GLY T 60 -2.36 -25.49 -65.23
CA GLY T 60 -2.87 -24.72 -66.37
C GLY T 60 -2.25 -23.36 -66.56
N VAL T 61 -1.08 -23.11 -65.95
CA VAL T 61 -0.34 -21.86 -66.08
C VAL T 61 0.88 -22.17 -66.93
N GLU T 62 1.00 -21.54 -68.11
CA GLU T 62 2.15 -21.80 -68.97
C GLU T 62 3.43 -21.18 -68.44
N LYS T 63 4.41 -22.04 -68.12
CA LYS T 63 5.71 -21.66 -67.57
C LYS T 63 6.48 -20.72 -68.51
N ASP T 64 6.31 -20.90 -69.83
CA ASP T 64 6.97 -20.10 -70.85
C ASP T 64 6.33 -18.75 -71.04
N LYS T 65 5.02 -18.63 -70.75
CA LYS T 65 4.31 -17.36 -70.86
C LYS T 65 4.61 -16.44 -69.64
N PHE T 66 4.62 -17.03 -68.43
CA PHE T 66 4.83 -16.30 -67.18
C PHE T 66 6.12 -16.71 -66.49
N LEU T 67 7.21 -15.97 -66.72
CA LEU T 67 8.49 -16.27 -66.10
C LEU T 67 8.56 -15.69 -64.67
N ILE T 68 8.83 -16.54 -63.67
CA ILE T 68 8.95 -16.12 -62.29
C ILE T 68 10.39 -16.26 -61.82
N ASN T 69 10.96 -15.18 -61.29
CA ASN T 69 12.33 -15.16 -60.77
C ASN T 69 12.34 -14.60 -59.35
N HIS T 70 12.86 -15.40 -58.40
CA HIS T 70 13.02 -14.94 -57.03
C HIS T 70 14.43 -14.46 -57.01
N ALA T 71 14.57 -13.15 -57.22
CA ALA T 71 15.83 -12.43 -57.36
C ALA T 71 16.67 -12.34 -56.09
N SER T 72 16.04 -12.15 -54.92
CA SER T 72 16.72 -12.00 -53.63
C SER T 72 15.71 -12.25 -52.49
N LEU T 73 16.12 -12.03 -51.22
CA LEU T 73 15.22 -12.17 -50.07
C LEU T 73 14.26 -11.00 -49.98
N THR T 74 14.15 -10.20 -51.01
CA THR T 74 13.27 -9.02 -50.96
C THR T 74 12.47 -8.79 -52.28
N LEU T 75 12.94 -9.38 -53.36
CA LEU T 75 12.35 -9.18 -54.66
C LEU T 75 12.07 -10.47 -55.43
N SER T 76 10.90 -10.51 -56.03
CA SER T 76 10.42 -11.53 -56.94
C SER T 76 9.90 -10.77 -58.18
N THR T 77 10.12 -11.31 -59.37
CA THR T 77 9.58 -10.66 -60.58
C THR T 77 8.75 -11.67 -61.36
N LEU T 78 7.71 -11.19 -62.00
CA LEU T 78 6.85 -11.96 -62.91
C LEU T 78 7.05 -11.28 -64.27
N THR T 79 7.43 -12.04 -65.29
CA THR T 79 7.56 -11.53 -66.65
C THR T 79 6.48 -12.18 -67.56
N VAL T 80 5.62 -11.37 -68.16
CA VAL T 80 4.61 -11.85 -69.11
C VAL T 80 5.28 -11.71 -70.48
N THR T 81 5.70 -12.82 -71.07
CA THR T 81 6.41 -12.81 -72.36
C THR T 81 5.45 -12.74 -73.53
N SER T 82 5.84 -12.08 -74.64
CA SER T 82 5.01 -11.89 -75.85
C SER T 82 3.54 -11.63 -75.47
N ALA T 83 3.30 -10.50 -74.82
CA ALA T 83 1.98 -10.14 -74.33
C ALA T 83 0.94 -10.13 -75.43
N HIS T 84 -0.27 -10.67 -75.16
CA HIS T 84 -1.38 -10.62 -76.11
C HIS T 84 -2.63 -10.08 -75.40
N PRO T 85 -3.62 -9.49 -76.11
CA PRO T 85 -4.79 -8.90 -75.41
C PRO T 85 -5.45 -9.77 -74.33
N GLU T 86 -5.47 -11.11 -74.52
CA GLU T 86 -6.05 -12.06 -73.58
C GLU T 86 -5.29 -12.11 -72.22
N ASP T 87 -4.04 -11.58 -72.18
CA ASP T 87 -3.18 -11.53 -71.00
C ASP T 87 -3.50 -10.32 -70.13
N SER T 88 -4.34 -9.37 -70.64
CA SER T 88 -4.72 -8.16 -69.91
C SER T 88 -5.44 -8.59 -68.65
N SER T 89 -5.00 -8.07 -67.49
CA SER T 89 -5.56 -8.45 -66.20
C SER T 89 -4.92 -7.64 -65.07
N PHE T 90 -5.33 -7.91 -63.84
CA PHE T 90 -4.83 -7.31 -62.62
C PHE T 90 -3.90 -8.39 -61.98
N TYR T 91 -2.59 -8.14 -61.98
CA TYR T 91 -1.60 -9.04 -61.42
C TYR T 91 -1.20 -8.56 -60.05
N ILE T 92 -1.36 -9.40 -59.05
CA ILE T 92 -1.10 -8.98 -57.67
C ILE T 92 -0.27 -10.03 -56.92
N CYS T 93 0.71 -9.58 -56.13
CA CYS T 93 1.58 -10.47 -55.38
C CYS T 93 1.28 -10.37 -53.89
N SER T 94 1.77 -11.36 -53.12
CA SER T 94 1.69 -11.34 -51.68
C SER T 94 3.00 -11.96 -51.12
N ALA T 95 3.44 -11.50 -49.94
CA ALA T 95 4.61 -12.02 -49.23
C ALA T 95 4.36 -11.81 -47.74
N GLY T 96 5.07 -12.57 -46.94
CA GLY T 96 4.98 -12.49 -45.49
C GLY T 96 6.31 -12.90 -44.89
N PRO T 97 6.60 -12.46 -43.64
CA PRO T 97 7.90 -12.75 -43.02
C PRO T 97 8.14 -14.18 -42.55
N THR T 98 7.06 -14.94 -42.35
CA THR T 98 7.17 -16.33 -41.92
C THR T 98 7.27 -17.27 -43.15
N SER T 99 8.24 -18.20 -43.10
CA SER T 99 8.47 -19.23 -44.12
C SER T 99 7.76 -20.54 -43.67
N GLY T 100 7.77 -21.56 -44.51
CA GLY T 100 7.12 -22.83 -44.17
C GLY T 100 5.61 -22.68 -44.40
N ARG T 101 4.80 -23.41 -43.60
CA ARG T 101 3.34 -23.38 -43.74
C ARG T 101 2.89 -21.92 -43.66
N THR T 102 2.27 -21.43 -44.74
CA THR T 102 1.95 -20.04 -44.94
C THR T 102 1.22 -19.41 -43.76
N ASP T 103 1.69 -18.22 -43.38
CA ASP T 103 1.11 -17.48 -42.29
C ASP T 103 0.63 -16.14 -42.84
N THR T 104 0.70 -15.06 -42.07
CA THR T 104 0.23 -13.73 -42.50
C THR T 104 0.84 -13.31 -43.80
N GLN T 105 -0.02 -12.96 -44.77
CA GLN T 105 0.38 -12.51 -46.09
C GLN T 105 -0.05 -11.09 -46.33
N TYR T 106 0.84 -10.30 -46.90
CA TYR T 106 0.63 -8.90 -47.19
C TYR T 106 0.67 -8.73 -48.68
N PHE T 107 -0.41 -8.17 -49.23
CA PHE T 107 -0.53 -8.00 -50.67
C PHE T 107 0.10 -6.72 -51.15
N GLY T 108 0.62 -6.78 -52.37
CA GLY T 108 1.12 -5.60 -53.07
C GLY T 108 -0.09 -4.81 -53.59
N PRO T 109 0.12 -3.62 -54.23
CA PRO T 109 -1.05 -2.83 -54.67
C PRO T 109 -1.76 -3.37 -55.94
N GLY T 110 -1.09 -4.27 -56.65
CA GLY T 110 -1.58 -4.84 -57.89
C GLY T 110 -1.04 -4.07 -59.07
N THR T 111 -1.00 -4.68 -60.26
CA THR T 111 -0.55 -4.05 -61.52
C THR T 111 -1.63 -4.27 -62.55
N ARG T 112 -2.24 -3.20 -63.05
CA ARG T 112 -3.25 -3.31 -64.12
C ARG T 112 -2.48 -3.40 -65.44
N LEU T 113 -2.51 -4.55 -66.11
CA LEU T 113 -1.84 -4.72 -67.40
C LEU T 113 -2.88 -4.70 -68.53
N THR T 114 -2.69 -3.79 -69.50
CA THR T 114 -3.58 -3.69 -70.66
C THR T 114 -2.75 -3.91 -71.92
N VAL T 115 -3.01 -5.00 -72.63
CA VAL T 115 -2.32 -5.33 -73.87
C VAL T 115 -3.24 -4.99 -75.06
N LEU T 116 -2.74 -4.16 -76.00
CA LEU T 116 -3.49 -3.73 -77.19
C LEU T 116 -2.81 -4.18 -78.46
N GLU T 117 -3.60 -4.59 -79.46
CA GLU T 117 -3.08 -5.02 -80.78
C GLU T 117 -2.49 -3.82 -81.53
N ASP T 118 -3.13 -2.65 -81.45
CA ASP T 118 -2.58 -1.43 -82.05
C ASP T 118 -2.81 -0.23 -81.16
N LEU T 119 -1.72 0.50 -80.83
CA LEU T 119 -1.77 1.67 -79.96
C LEU T 119 -2.48 2.88 -80.62
N LYS T 120 -2.88 2.71 -81.90
CA LYS T 120 -3.60 3.66 -82.74
C LYS T 120 -4.91 4.11 -82.09
N ASN T 121 -5.68 3.17 -81.51
CA ASN T 121 -6.99 3.42 -80.89
C ASN T 121 -6.94 3.96 -79.43
N VAL T 122 -5.74 4.37 -78.95
CA VAL T 122 -5.56 4.98 -77.63
C VAL T 122 -5.97 6.46 -77.79
N PHE T 123 -6.88 6.93 -76.92
CA PHE T 123 -7.40 8.30 -76.94
C PHE T 123 -7.47 8.90 -75.53
N PRO T 124 -7.08 10.18 -75.35
CA PRO T 124 -7.23 10.80 -74.02
C PRO T 124 -8.68 11.26 -73.78
N PRO T 125 -9.11 11.59 -72.54
CA PRO T 125 -10.49 12.04 -72.37
C PRO T 125 -10.70 13.52 -72.68
N GLU T 126 -11.97 13.87 -72.99
CA GLU T 126 -12.48 15.24 -73.11
C GLU T 126 -13.22 15.38 -71.78
N VAL T 127 -13.00 16.47 -71.07
CA VAL T 127 -13.64 16.64 -69.76
C VAL T 127 -14.51 17.91 -69.75
N ALA T 128 -15.70 17.84 -69.13
CA ALA T 128 -16.64 18.95 -68.99
C ALA T 128 -17.27 18.99 -67.61
N VAL T 129 -17.48 20.20 -67.07
CA VAL T 129 -18.13 20.42 -65.78
C VAL T 129 -19.51 21.05 -66.09
N PHE T 130 -20.55 20.53 -65.45
CA PHE T 130 -21.93 20.95 -65.60
C PHE T 130 -22.34 21.61 -64.30
N GLU T 131 -22.80 22.85 -64.41
CA GLU T 131 -23.15 23.74 -63.31
C GLU T 131 -24.44 23.33 -62.62
N PRO T 132 -24.56 23.50 -61.28
CA PRO T 132 -25.80 23.09 -60.60
C PRO T 132 -27.07 23.80 -61.06
N SER T 133 -28.21 23.09 -61.02
CA SER T 133 -29.51 23.60 -61.40
C SER T 133 -30.07 24.58 -60.37
N GLU T 134 -30.74 25.64 -60.86
CA GLU T 134 -31.40 26.65 -60.02
C GLU T 134 -32.52 25.98 -59.19
N ALA T 135 -33.24 25.05 -59.83
CA ALA T 135 -34.31 24.24 -59.21
C ALA T 135 -33.76 23.46 -58.01
N GLU T 136 -32.53 22.91 -58.13
CA GLU T 136 -31.89 22.19 -57.01
C GLU T 136 -31.55 23.13 -55.87
N ILE T 137 -30.87 24.26 -56.19
CA ILE T 137 -30.50 25.30 -55.22
C ILE T 137 -31.73 25.80 -54.44
N SER T 138 -32.83 26.16 -55.17
CA SER T 138 -34.09 26.67 -54.60
C SER T 138 -34.72 25.67 -53.65
N HIS T 139 -34.85 24.39 -54.12
CA HIS T 139 -35.47 23.32 -53.35
C HIS T 139 -34.66 22.80 -52.17
N THR T 140 -33.34 22.55 -52.38
CA THR T 140 -32.52 21.86 -51.37
C THR T 140 -31.58 22.72 -50.53
N GLN T 141 -31.14 23.89 -51.06
CA GLN T 141 -30.13 24.76 -50.42
C GLN T 141 -28.75 24.04 -50.51
N LYS T 142 -28.60 23.19 -51.54
CA LYS T 142 -27.41 22.45 -51.92
C LYS T 142 -27.24 22.58 -53.42
N ALA T 143 -26.01 22.42 -53.90
CA ALA T 143 -25.69 22.55 -55.30
C ALA T 143 -24.73 21.44 -55.73
N THR T 144 -25.14 20.66 -56.72
CA THR T 144 -24.38 19.55 -57.26
C THR T 144 -23.76 19.90 -58.61
N LEU T 145 -22.42 19.81 -58.67
CA LEU T 145 -21.70 19.99 -59.91
C LEU T 145 -21.48 18.60 -60.45
N VAL T 146 -21.50 18.44 -61.77
CA VAL T 146 -21.26 17.15 -62.36
C VAL T 146 -20.11 17.25 -63.34
N CYS T 147 -19.12 16.36 -63.18
CA CYS T 147 -18.02 16.26 -64.11
C CYS T 147 -18.25 15.06 -65.02
N LEU T 148 -17.92 15.20 -66.29
CA LEU T 148 -18.05 14.14 -67.27
C LEU T 148 -16.79 14.02 -68.13
N ALA T 149 -16.14 12.84 -68.10
CA ALA T 149 -14.94 12.52 -68.88
C ALA T 149 -15.41 11.52 -69.95
N THR T 150 -15.15 11.82 -71.24
CA THR T 150 -15.64 11.03 -72.36
C THR T 150 -14.60 10.74 -73.44
N GLY T 151 -14.87 9.71 -74.24
CA GLY T 151 -14.04 9.32 -75.38
C GLY T 151 -12.64 8.83 -75.10
N PHE T 152 -12.39 8.27 -73.90
CA PHE T 152 -11.06 7.77 -73.57
C PHE T 152 -10.91 6.26 -73.75
N TYR T 153 -9.71 5.83 -74.16
CA TYR T 153 -9.33 4.43 -74.34
C TYR T 153 -7.82 4.26 -74.09
N PRO T 154 -7.34 3.38 -73.15
CA PRO T 154 -8.07 2.42 -72.29
C PRO T 154 -8.77 3.12 -71.12
N ASP T 155 -9.24 2.35 -70.11
CA ASP T 155 -10.00 2.91 -68.99
C ASP T 155 -9.13 3.24 -67.74
N HIS T 156 -7.85 3.57 -67.97
CA HIS T 156 -6.91 3.95 -66.91
C HIS T 156 -6.99 5.47 -66.70
N VAL T 157 -7.93 5.89 -65.85
CA VAL T 157 -8.18 7.29 -65.48
C VAL T 157 -8.39 7.39 -63.96
N GLU T 158 -8.01 8.54 -63.40
CA GLU T 158 -8.20 8.87 -61.99
C GLU T 158 -8.79 10.27 -61.95
N LEU T 159 -9.96 10.41 -61.33
CA LEU T 159 -10.70 11.67 -61.27
C LEU T 159 -10.65 12.28 -59.88
N SER T 160 -10.41 13.60 -59.80
CA SER T 160 -10.41 14.34 -58.54
C SER T 160 -11.07 15.71 -58.67
N TRP T 161 -11.57 16.24 -57.52
CA TRP T 161 -12.20 17.56 -57.43
C TRP T 161 -11.31 18.54 -56.66
N TRP T 162 -11.12 19.72 -57.25
CA TRP T 162 -10.29 20.78 -56.71
C TRP T 162 -11.10 22.05 -56.51
N VAL T 163 -11.30 22.44 -55.24
CA VAL T 163 -11.99 23.66 -54.90
C VAL T 163 -10.96 24.71 -54.43
N ASN T 164 -10.86 25.82 -55.20
CA ASN T 164 -9.94 26.93 -54.92
C ASN T 164 -8.46 26.47 -54.79
N GLY T 165 -8.03 25.62 -55.74
CA GLY T 165 -6.69 25.05 -55.82
C GLY T 165 -6.37 23.92 -54.86
N LYS T 166 -7.33 23.54 -54.00
CA LYS T 166 -7.17 22.45 -53.02
C LYS T 166 -8.11 21.24 -53.29
N GLU T 167 -7.58 20.01 -53.18
CA GLU T 167 -8.34 18.79 -53.42
C GLU T 167 -9.33 18.54 -52.31
N VAL T 168 -10.55 18.16 -52.70
CA VAL T 168 -11.64 17.86 -51.75
C VAL T 168 -12.09 16.39 -51.83
N HIS T 169 -12.64 15.87 -50.72
CA HIS T 169 -13.16 14.49 -50.67
C HIS T 169 -14.60 14.45 -50.15
N SER T 170 -14.96 15.41 -49.27
CA SER T 170 -16.32 15.50 -48.72
C SER T 170 -17.30 15.91 -49.84
N GLY T 171 -18.50 15.32 -49.82
CA GLY T 171 -19.55 15.57 -50.81
C GLY T 171 -19.20 15.15 -52.23
N VAL T 172 -18.25 14.21 -52.37
CA VAL T 172 -17.82 13.70 -53.67
C VAL T 172 -18.21 12.22 -53.82
N CYS T 173 -18.57 11.84 -55.07
CA CYS T 173 -18.82 10.47 -55.45
C CYS T 173 -18.65 10.31 -56.97
N THR T 174 -17.75 9.40 -57.34
CA THR T 174 -17.38 9.11 -58.73
C THR T 174 -17.95 7.72 -59.07
N ASP T 175 -18.26 7.50 -60.33
CA ASP T 175 -18.75 6.25 -60.79
C ASP T 175 -17.73 5.16 -60.48
N PRO T 176 -18.17 4.04 -59.97
CA PRO T 176 -17.25 2.96 -59.67
C PRO T 176 -16.57 2.43 -60.92
N GLN T 177 -17.25 2.44 -62.05
CA GLN T 177 -16.67 1.96 -63.29
C GLN T 177 -17.09 2.85 -64.44
N PRO T 178 -16.20 2.95 -65.49
CA PRO T 178 -16.69 3.76 -66.60
C PRO T 178 -17.59 2.92 -67.44
N LEU T 179 -18.34 3.53 -68.33
CA LEU T 179 -19.23 2.80 -69.16
C LEU T 179 -18.74 2.90 -70.56
N LYS T 180 -19.17 1.98 -71.38
CA LYS T 180 -18.79 1.91 -72.76
C LYS T 180 -19.63 2.86 -73.58
N GLU T 181 -19.02 3.53 -74.52
CA GLU T 181 -19.72 4.47 -75.34
C GLU T 181 -20.42 3.76 -76.48
N GLN T 182 -19.80 2.71 -76.97
CA GLN T 182 -20.36 1.91 -78.05
C GLN T 182 -20.24 0.44 -77.63
N PRO T 183 -21.11 -0.07 -76.70
CA PRO T 183 -20.99 -1.49 -76.27
C PRO T 183 -20.99 -2.54 -77.40
N ALA T 184 -21.50 -2.15 -78.60
CA ALA T 184 -21.56 -2.95 -79.83
C ALA T 184 -20.17 -3.47 -80.20
N LEU T 185 -19.22 -2.56 -80.53
CA LEU T 185 -17.83 -2.92 -80.81
C LEU T 185 -17.19 -3.15 -79.44
N ASN T 186 -16.40 -4.23 -79.29
CA ASN T 186 -15.80 -4.58 -78.01
C ASN T 186 -14.46 -3.84 -77.76
N ASP T 187 -14.07 -2.93 -78.68
CA ASP T 187 -12.89 -2.08 -78.57
C ASP T 187 -13.31 -0.58 -78.48
N SER T 188 -14.47 -0.36 -77.82
CA SER T 188 -15.15 0.90 -77.57
C SER T 188 -14.43 1.84 -76.57
N ARG T 189 -14.67 3.13 -76.77
CA ARG T 189 -14.19 4.20 -75.91
C ARG T 189 -15.06 4.28 -74.65
N TYR T 190 -14.56 4.94 -73.61
CA TYR T 190 -15.21 5.00 -72.30
C TYR T 190 -15.66 6.38 -71.87
N ALA T 191 -16.58 6.41 -70.90
CA ALA T 191 -17.07 7.63 -70.29
C ALA T 191 -17.18 7.40 -68.80
N LEU T 192 -16.91 8.41 -68.02
CA LEU T 192 -16.99 8.34 -66.58
C LEU T 192 -17.53 9.68 -66.10
N SER T 193 -18.28 9.66 -64.99
CA SER T 193 -18.83 10.88 -64.42
C SER T 193 -18.60 10.91 -62.92
N SER T 194 -18.69 12.12 -62.34
CA SER T 194 -18.48 12.35 -60.92
C SER T 194 -19.37 13.49 -60.50
N ARG T 195 -19.74 13.54 -59.20
CA ARG T 195 -20.54 14.61 -58.62
C ARG T 195 -19.82 15.20 -57.40
N LEU T 196 -19.92 16.53 -57.25
CA LEU T 196 -19.44 17.26 -56.09
C LEU T 196 -20.63 18.07 -55.60
N ARG T 197 -21.06 17.84 -54.36
CA ARG T 197 -22.18 18.54 -53.78
C ARG T 197 -21.74 19.45 -52.65
N VAL T 198 -22.01 20.74 -52.79
CA VAL T 198 -21.66 21.81 -51.86
C VAL T 198 -22.96 22.52 -51.42
N SER T 199 -22.88 23.41 -50.40
CA SER T 199 -24.05 24.19 -49.98
C SER T 199 -24.34 25.24 -51.07
N ALA T 200 -25.61 25.68 -51.18
CA ALA T 200 -26.01 26.70 -52.16
C ALA T 200 -25.21 27.98 -51.93
N THR T 201 -25.00 28.36 -50.64
CA THR T 201 -24.22 29.54 -50.22
C THR T 201 -22.79 29.49 -50.77
N PHE T 202 -22.16 28.29 -50.77
CA PHE T 202 -20.81 28.10 -51.30
C PHE T 202 -20.75 28.26 -52.82
N TRP T 203 -21.71 27.67 -53.57
CA TRP T 203 -21.72 27.76 -55.05
C TRP T 203 -22.04 29.17 -55.55
N GLN T 204 -23.02 29.83 -54.92
CA GLN T 204 -23.51 31.15 -55.34
C GLN T 204 -22.53 32.31 -55.05
N ASN T 205 -21.24 31.97 -54.78
CA ASN T 205 -20.14 32.92 -54.59
C ASN T 205 -19.27 32.93 -55.87
N PRO T 206 -19.09 34.09 -56.57
CA PRO T 206 -18.29 34.09 -57.80
C PRO T 206 -16.76 34.05 -57.61
N ARG T 207 -16.28 34.03 -56.35
CA ARG T 207 -14.84 33.98 -56.07
C ARG T 207 -14.37 32.51 -56.00
N ASN T 208 -15.32 31.56 -55.85
CA ASN T 208 -15.11 30.13 -55.72
C ASN T 208 -14.95 29.42 -57.06
N HIS T 209 -13.78 28.76 -57.19
CA HIS T 209 -13.33 28.00 -58.36
C HIS T 209 -13.55 26.52 -58.10
N PHE T 210 -14.03 25.84 -59.12
CA PHE T 210 -14.30 24.42 -59.07
C PHE T 210 -13.65 23.79 -60.25
N ARG T 211 -12.78 22.79 -60.01
CA ARG T 211 -12.07 22.11 -61.09
C ARG T 211 -12.21 20.60 -60.96
N CYS T 212 -12.50 19.95 -62.07
CA CYS T 212 -12.54 18.51 -62.16
C CYS T 212 -11.29 18.11 -62.90
N GLN T 213 -10.42 17.27 -62.30
CA GLN T 213 -9.26 16.84 -63.09
C GLN T 213 -9.23 15.35 -63.31
N VAL T 214 -8.95 14.99 -64.55
CA VAL T 214 -8.87 13.63 -64.96
C VAL T 214 -7.44 13.26 -65.37
N GLN T 215 -6.75 12.47 -64.52
CA GLN T 215 -5.42 11.96 -64.84
C GLN T 215 -5.62 10.76 -65.76
N PHE T 216 -5.12 10.87 -66.98
CA PHE T 216 -5.19 9.82 -67.98
C PHE T 216 -3.83 9.15 -68.11
N TYR T 217 -3.83 7.83 -68.23
CA TYR T 217 -2.60 7.04 -68.40
C TYR T 217 -2.63 6.44 -69.80
N GLY T 218 -1.73 6.90 -70.65
CA GLY T 218 -1.66 6.46 -72.02
C GLY T 218 -0.31 5.93 -72.41
N LEU T 219 0.21 6.50 -73.50
CA LEU T 219 1.48 6.17 -74.12
C LEU T 219 2.65 6.82 -73.40
N SER T 220 3.82 6.15 -73.43
CA SER T 220 5.07 6.66 -72.87
C SER T 220 5.73 7.50 -73.96
N GLU T 221 6.37 8.64 -73.58
CA GLU T 221 6.98 9.57 -74.55
C GLU T 221 8.11 8.93 -75.41
N ASN T 222 8.51 7.69 -75.09
CA ASN T 222 9.48 6.95 -75.88
C ASN T 222 8.77 6.09 -76.96
N ASP T 223 7.48 5.69 -76.71
CA ASP T 223 6.66 4.90 -77.64
C ASP T 223 6.51 5.55 -79.03
N GLU T 224 6.30 4.72 -80.06
CA GLU T 224 6.18 5.18 -81.46
C GLU T 224 4.79 5.71 -81.82
N TRP T 225 4.74 6.92 -82.41
CA TRP T 225 3.51 7.55 -82.86
C TRP T 225 3.69 8.08 -84.28
N THR T 226 3.05 7.39 -85.25
CA THR T 226 3.15 7.70 -86.67
C THR T 226 1.87 8.38 -87.23
N GLN T 227 0.84 8.61 -86.37
CA GLN T 227 -0.43 9.22 -86.77
C GLN T 227 -0.41 10.77 -86.84
N ASP T 228 -1.47 11.35 -87.45
CA ASP T 228 -1.68 12.79 -87.67
C ASP T 228 -1.84 13.61 -86.38
N ARG T 229 -2.78 13.19 -85.51
CA ARG T 229 -3.13 13.86 -84.25
C ARG T 229 -2.04 13.74 -83.19
N ALA T 230 -2.21 14.48 -82.08
CA ALA T 230 -1.28 14.49 -80.95
C ALA T 230 -1.20 13.11 -80.30
N LYS T 231 0.02 12.74 -79.87
CA LYS T 231 0.35 11.48 -79.20
C LYS T 231 -0.48 11.35 -77.92
N PRO T 232 -1.30 10.27 -77.77
CA PRO T 232 -2.12 10.13 -76.54
C PRO T 232 -1.32 9.67 -75.32
N VAL T 233 -0.42 10.55 -74.88
CA VAL T 233 0.49 10.38 -73.76
C VAL T 233 -0.25 10.54 -72.42
N THR T 234 0.35 10.01 -71.35
CA THR T 234 -0.12 10.15 -69.97
C THR T 234 -0.22 11.67 -69.72
N GLN T 235 -1.42 12.15 -69.34
CA GLN T 235 -1.69 13.57 -69.16
C GLN T 235 -2.84 13.86 -68.21
N ILE T 236 -2.99 15.13 -67.81
CA ILE T 236 -4.12 15.62 -67.01
C ILE T 236 -4.99 16.47 -67.94
N VAL T 237 -6.30 16.17 -68.00
CA VAL T 237 -7.30 16.93 -68.76
C VAL T 237 -8.30 17.44 -67.73
N SER T 238 -8.48 18.77 -67.69
CA SER T 238 -9.35 19.43 -66.74
C SER T 238 -10.44 20.28 -67.37
N ALA T 239 -11.48 20.53 -66.58
CA ALA T 239 -12.61 21.42 -66.89
C ALA T 239 -12.94 22.09 -65.59
N GLU T 240 -13.35 23.37 -65.69
CA GLU T 240 -13.60 24.22 -64.53
C GLU T 240 -14.84 25.08 -64.67
N ALA T 241 -15.27 25.64 -63.53
CA ALA T 241 -16.44 26.50 -63.41
C ALA T 241 -16.30 27.41 -62.21
N TRP T 242 -16.86 28.63 -62.32
CA TRP T 242 -16.88 29.58 -61.21
C TRP T 242 -18.31 29.72 -60.67
N GLY T 243 -18.43 30.05 -59.39
CA GLY T 243 -19.70 30.29 -58.74
C GLY T 243 -20.56 31.33 -59.44
N ARG T 244 -21.91 31.16 -59.36
CA ARG T 244 -22.97 31.97 -59.99
C ARG T 244 -22.90 31.95 -61.52
#